data_7JZY
#
_entry.id   7JZY
#
_cell.length_a   1.00
_cell.length_b   1.00
_cell.length_c   1.00
_cell.angle_alpha   90.00
_cell.angle_beta   90.00
_cell.angle_gamma   90.00
#
_symmetry.space_group_name_H-M   'P 1'
#
loop_
_entity.id
_entity.type
_entity.pdbx_description
1 polymer 'CRISPR-associated protein Csy1'
2 polymer 'Type I-F CRISPR-associated protein Csy2'
3 polymer 'Type I-F CRISPR-associated endoribonuclease Cas6/Csy4'
4 polymer 'RNA (61-MER)'
5 polymer 'CRISPR type I-F/YPEST-associated protein Csy3'
6 polymer AcrF9
#
loop_
_entity_poly.entity_id
_entity_poly.type
_entity_poly.pdbx_seq_one_letter_code
_entity_poly.pdbx_strand_id
1 'polypeptide(L)'
;MTSPLPTPTWQELRQFIESFIQERLQGKLDKLQPDEDDKRQTLLATHRREAWLADAARRVGQLQLVTHTLKPIHPDARGS
NLHSLPQAPGQPGLAGSHELGDRLVSDVVGNAAALDVFKFLSLQYQGKNLLNWLTEDSAEALQALSDNAEQAREWRQAFI
GITTVKGAPASHSLAKQLYFPLPGSGYHLLAPLFPTSLVHHVHALLREARFGDAAKAAREARSRQESWPHGFSEYPNLAI
QKFGGTKPQNISQLNNERRGENWLLPSLPPNWQRQNVNAPMRHSSVFEHDFGRTPEVSRLTRTLQRFLAKTVHNNLAIRQ
RRAQLVAQICDEALQYAARLRELEPGWSATPGCQLHDAEQLWLDPLRAQTDETFLQRRLRGDWPAEVGNRFANWLNRAVS
SDSQILGSPEAAQWSQELSKELTMFKEILEDERD
;
A
2 'polypeptide(L)'
;MSVTDPEALLLLPRLSIQNANAISSPLTWGFPSPGAFTGFVHALQRRVGISLDIELDGVGIVCHRFEAQISQPAGKRTKV
FNLTRNPLNRDGSTAAIVEEGRAHLEVSLLLGVHGDGLDDHPAQEIARQVQEQAGAMRLAGGSILPWCNERFPAPNAELL
MLGGSDEQRRKNQRRLTRRLLPGFALVSREALLQQHLETLRTTLPEATTLDALLDLCRINFEPPATSSEEEASPPDAAWQ
VRDKPGWLVPIPAGYNALSPLYLPGEVRNARDRETPLRFVENLFGLGEWLSPHRVAALSDLLWYHHAEPDKGLYRWSTPR
FVEHAIA
;
B
3 'polypeptide(L)'
;FTMDHYLDIRLRPDPEFPPAQLMSVLFGKLHQALVAQGGDRIGVSFPDLDESRSRLGERLRIHASADDLRALLARPWLEG
LRDHLQFGEPAVVPHPTPYRQVSRVQAKSNPERLRRRLMRRHDLSEEEARKRIPDTVARALDLPFVTLRSQSTGQHFRLF
IRHGPLQVTAEEGGFTCYGLSKGGFVPWF
;
C
4 'polyribonucleotide' CUAAGAAAUUCACGGCGGGCUUGAUGUCCGCGUCUACCUGAUUCACUGCCGUAUAGGCAGC M
5 'polypeptide(L)'
;MSKPILSTASVLAFERKLDPSDALMSAGAWAQRDASQEWPAVTVREKSVRGTISNRLKTKDRDPAKLDASIQSPNLQTVD
VANLPSDADTLKVRFTLRVLGGAGTPSACNDAAYRDKLLQTVATYVNDQGFAELARRYAHNLANARFLWRNRVGAEAVEV
RINHIRQGEVARAWRFDALAIGLRDFKADAELDALAELIASGLSGSGHVLLEVVAFARIGDGQEVFPSQELILDKGDKKG
QKSKTLYSVRDAAAIHSQKIGNALRTIDTWYPDEDGLGPIAVEPYGSVTSQGKAYRQPKQKLDFYTLLDNWVLRDEAPAV
EQQHYVIANLIRGGVFGEAEEK
;
D,E,F,G,H,I
6 'polypeptide(L)' MKAAYIIKEVQNINSEREGTQIEATSLSQAKRIASKEQCFHGTVMRIETVNGLWLAYKEDGKRWVDCQ J,K
#
# COMPACT_ATOMS: atom_id res chain seq x y z
N PRO A 8 30.24 -31.08 -60.45
CA PRO A 8 30.93 -30.33 -61.49
C PRO A 8 30.48 -30.74 -62.88
N THR A 9 30.07 -32.00 -63.00
CA THR A 9 29.67 -32.54 -64.30
C THR A 9 28.26 -32.06 -64.64
N TRP A 10 28.06 -31.75 -65.93
CA TRP A 10 26.77 -31.22 -66.36
C TRP A 10 25.72 -32.33 -66.48
N GLN A 11 26.16 -33.58 -66.64
CA GLN A 11 25.21 -34.68 -66.76
C GLN A 11 24.52 -34.95 -65.43
N GLU A 12 25.26 -34.86 -64.32
CA GLU A 12 24.67 -35.02 -63.00
C GLU A 12 23.71 -33.87 -62.69
N LEU A 13 24.06 -32.66 -63.13
CA LEU A 13 23.17 -31.51 -62.96
C LEU A 13 21.90 -31.68 -63.78
N ARG A 14 22.03 -32.24 -64.98
CA ARG A 14 20.87 -32.49 -65.83
C ARG A 14 19.97 -33.55 -65.23
N GLN A 15 20.56 -34.63 -64.67
CA GLN A 15 19.78 -35.65 -64.00
C GLN A 15 19.10 -35.11 -62.75
N PHE A 16 19.75 -34.20 -62.03
CA PHE A 16 19.12 -33.56 -60.87
C PHE A 16 17.94 -32.69 -61.28
N ILE A 17 18.09 -31.97 -62.41
CA ILE A 17 17.01 -31.13 -62.92
C ILE A 17 15.82 -31.99 -63.35
N GLU A 18 16.09 -33.09 -64.07
CA GLU A 18 15.02 -33.98 -64.50
C GLU A 18 14.35 -34.66 -63.31
N SER A 19 15.14 -34.99 -62.28
CA SER A 19 14.60 -35.59 -61.06
C SER A 19 13.68 -34.62 -60.33
N PHE A 20 14.06 -33.34 -60.27
CA PHE A 20 13.22 -32.36 -59.58
C PHE A 20 11.93 -32.08 -60.35
N ILE A 21 12.01 -31.98 -61.69
CA ILE A 21 10.82 -31.74 -62.50
C ILE A 21 9.88 -32.95 -62.44
N GLN A 22 10.45 -34.15 -62.44
CA GLN A 22 9.64 -35.36 -62.27
C GLN A 22 9.04 -35.44 -60.87
N GLU A 23 9.78 -34.94 -59.86
CA GLU A 23 9.27 -34.93 -58.49
C GLU A 23 8.06 -34.02 -58.37
N ARG A 24 8.12 -32.86 -59.01
CA ARG A 24 6.97 -31.97 -58.99
C ARG A 24 5.83 -32.52 -59.85
N LEU A 25 6.17 -33.31 -60.87
CA LEU A 25 5.14 -33.99 -61.65
C LEU A 25 4.39 -35.04 -60.83
N GLN A 26 5.11 -35.89 -60.11
CA GLN A 26 4.43 -36.92 -59.32
C GLN A 26 3.71 -36.31 -58.13
N GLY A 27 4.22 -35.19 -57.60
CA GLY A 27 3.47 -34.45 -56.60
C GLY A 27 2.16 -33.89 -57.15
N LYS A 28 2.20 -33.37 -58.38
CA LYS A 28 0.97 -32.85 -58.99
C LYS A 28 -0.01 -33.97 -59.32
N LEU A 29 0.49 -35.12 -59.79
CA LEU A 29 -0.37 -36.26 -60.09
C LEU A 29 -0.96 -36.84 -58.81
N ASP A 30 -0.21 -36.80 -57.70
CA ASP A 30 -0.71 -37.30 -56.44
C ASP A 30 -1.76 -36.34 -55.86
N LYS A 31 -1.54 -35.04 -56.02
CA LYS A 31 -2.45 -34.04 -55.46
C LYS A 31 -3.57 -33.68 -56.43
N LEU A 32 -3.61 -34.37 -57.57
CA LEU A 32 -4.67 -34.18 -58.54
C LEU A 32 -5.96 -34.92 -58.20
N GLN A 33 -5.86 -36.11 -57.57
CA GLN A 33 -6.95 -37.03 -57.23
C GLN A 33 -7.78 -37.35 -58.47
N PRO A 34 -7.14 -37.66 -59.60
CA PRO A 34 -7.87 -37.84 -60.85
C PRO A 34 -8.27 -39.28 -61.12
N ASP A 35 -9.40 -39.44 -61.80
CA ASP A 35 -9.87 -40.74 -62.24
C ASP A 35 -10.28 -40.79 -63.71
N GLU A 36 -10.51 -39.64 -64.34
CA GLU A 36 -10.90 -39.58 -65.74
C GLU A 36 -10.35 -38.28 -66.33
N ASP A 37 -10.85 -37.92 -67.51
CA ASP A 37 -10.64 -36.67 -68.27
C ASP A 37 -9.24 -36.56 -68.87
N ASP A 38 -8.33 -37.49 -68.59
CA ASP A 38 -7.00 -37.59 -69.22
C ASP A 38 -6.15 -36.34 -69.01
N LYS A 39 -6.01 -35.92 -67.76
CA LYS A 39 -5.18 -34.78 -67.42
C LYS A 39 -3.71 -35.13 -67.25
N ARG A 40 -3.38 -36.42 -67.13
CA ARG A 40 -2.00 -36.84 -66.95
C ARG A 40 -1.17 -36.65 -68.22
N GLN A 41 -1.82 -36.68 -69.39
CA GLN A 41 -1.10 -36.39 -70.63
C GLN A 41 -0.68 -34.93 -70.72
N THR A 42 -1.57 -34.01 -70.34
CA THR A 42 -1.21 -32.59 -70.30
C THR A 42 -0.21 -32.32 -69.17
N LEU A 43 -0.30 -33.09 -68.09
CA LEU A 43 0.69 -32.98 -67.02
C LEU A 43 2.08 -33.42 -67.46
N LEU A 44 2.20 -34.56 -68.13
CA LEU A 44 3.48 -35.04 -68.62
C LEU A 44 3.94 -34.32 -69.88
N ALA A 45 3.08 -33.52 -70.52
CA ALA A 45 3.53 -32.71 -71.63
C ALA A 45 3.98 -31.32 -71.21
N THR A 46 3.31 -30.73 -70.22
CA THR A 46 3.63 -29.36 -69.77
C THR A 46 4.58 -29.36 -68.59
N HIS A 47 4.42 -30.32 -67.67
CA HIS A 47 5.23 -30.33 -66.45
C HIS A 47 6.25 -31.47 -66.39
N ARG A 48 6.69 -32.01 -67.52
CA ARG A 48 7.73 -33.04 -67.48
C ARG A 48 8.88 -32.77 -68.44
N ARG A 49 8.61 -32.14 -69.58
CA ARG A 49 9.62 -31.99 -70.62
C ARG A 49 10.58 -30.87 -70.26
N GLU A 50 11.47 -30.52 -71.18
CA GLU A 50 12.33 -29.37 -71.01
C GLU A 50 11.68 -28.09 -71.47
N ALA A 51 10.40 -28.15 -71.87
CA ALA A 51 9.55 -26.97 -71.95
C ALA A 51 9.17 -26.45 -70.57
N TRP A 52 9.37 -27.25 -69.52
CA TRP A 52 9.22 -26.75 -68.15
C TRP A 52 10.16 -25.60 -67.89
N LEU A 53 11.42 -25.71 -68.33
CA LEU A 53 12.36 -24.61 -68.13
C LEU A 53 12.04 -23.43 -69.04
N ALA A 54 11.41 -23.67 -70.19
CA ALA A 54 10.97 -22.56 -71.04
C ALA A 54 9.84 -21.78 -70.38
N ASP A 55 8.84 -22.49 -69.86
CA ASP A 55 7.76 -21.82 -69.13
C ASP A 55 8.24 -21.28 -67.79
N ALA A 56 9.33 -21.84 -67.24
CA ALA A 56 9.92 -21.30 -66.04
C ALA A 56 10.63 -19.99 -66.31
N ALA A 57 11.31 -19.90 -67.46
CA ALA A 57 11.89 -18.63 -67.88
C ALA A 57 10.80 -17.61 -68.19
N ARG A 58 9.64 -18.08 -68.62
CA ARG A 58 8.48 -17.20 -68.71
C ARG A 58 8.04 -16.73 -67.32
N ARG A 59 8.06 -17.63 -66.33
CA ARG A 59 7.60 -17.28 -64.99
C ARG A 59 8.59 -16.43 -64.21
N VAL A 60 9.85 -16.42 -64.64
CA VAL A 60 10.93 -15.63 -64.03
C VAL A 60 10.60 -14.15 -63.93
N GLY A 61 9.98 -13.57 -64.95
CA GLY A 61 9.79 -12.12 -64.98
C GLY A 61 8.77 -11.62 -63.98
N GLN A 62 7.99 -12.54 -63.40
CA GLN A 62 7.08 -12.16 -62.32
C GLN A 62 7.78 -12.17 -60.98
N LEU A 63 8.80 -13.00 -60.82
CA LEU A 63 9.51 -13.10 -59.56
C LEU A 63 10.54 -11.98 -59.41
N GLN A 64 11.03 -11.83 -58.19
CA GLN A 64 12.10 -10.87 -57.89
C GLN A 64 12.75 -11.23 -56.56
N LEU A 65 14.07 -11.41 -56.56
CA LEU A 65 14.78 -11.55 -55.30
C LEU A 65 14.96 -10.18 -54.67
N VAL A 66 14.54 -10.03 -53.42
CA VAL A 66 14.56 -8.74 -52.74
C VAL A 66 15.04 -8.91 -51.31
N THR A 67 15.72 -7.88 -50.80
CA THR A 67 15.96 -7.73 -49.39
C THR A 67 15.17 -6.59 -48.78
N HIS A 68 14.52 -5.77 -49.59
CA HIS A 68 13.78 -4.60 -49.12
C HIS A 68 12.47 -4.49 -49.91
N THR A 69 11.42 -5.10 -49.38
CA THR A 69 10.13 -5.16 -50.06
C THR A 69 9.32 -3.92 -49.70
N LEU A 70 8.38 -3.56 -50.58
CA LEU A 70 7.54 -2.39 -50.32
C LEU A 70 6.21 -2.79 -49.68
N LYS A 71 5.69 -3.94 -50.05
CA LYS A 71 4.39 -4.48 -49.62
C LYS A 71 4.06 -4.48 -48.13
N PRO A 72 5.03 -4.53 -47.18
CA PRO A 72 4.66 -4.24 -45.79
C PRO A 72 4.08 -2.86 -45.57
N ILE A 73 4.59 -1.85 -46.26
CA ILE A 73 3.85 -0.60 -46.36
C ILE A 73 2.63 -0.88 -47.22
N HIS A 74 1.52 -0.13 -46.98
CA HIS A 74 0.11 -0.39 -47.27
C HIS A 74 -0.13 -1.19 -48.54
N PRO A 75 -0.80 -2.35 -48.45
CA PRO A 75 -0.60 -3.42 -49.42
C PRO A 75 -1.13 -3.16 -50.83
N ASP A 76 -1.79 -2.03 -51.08
CA ASP A 76 -2.09 -1.65 -52.47
C ASP A 76 -1.05 -0.63 -52.94
N ALA A 77 0.21 -1.04 -52.88
CA ALA A 77 1.31 -0.16 -53.24
C ALA A 77 2.18 -0.86 -54.29
N ARG A 78 2.12 -0.38 -55.52
CA ARG A 78 2.88 -0.94 -56.62
C ARG A 78 4.05 -0.03 -56.95
N GLY A 79 5.16 -0.26 -56.25
CA GLY A 79 6.37 0.51 -56.43
C GLY A 79 7.56 -0.34 -56.77
N SER A 80 8.74 0.16 -56.43
CA SER A 80 10.00 -0.52 -56.72
C SER A 80 10.38 -1.41 -55.55
N ASN A 81 11.21 -2.40 -55.82
CA ASN A 81 11.67 -3.36 -54.83
C ASN A 81 13.10 -3.76 -55.15
N LEU A 82 13.93 -3.77 -54.12
CA LEU A 82 15.38 -3.73 -54.32
C LEU A 82 16.03 -4.98 -53.74
N HIS A 83 17.17 -5.37 -54.33
CA HIS A 83 18.08 -6.34 -53.74
C HIS A 83 19.46 -5.70 -53.61
N SER A 84 19.68 -5.04 -52.49
CA SER A 84 20.92 -4.33 -52.28
C SER A 84 21.36 -4.43 -50.83
N LEU A 85 22.66 -4.64 -50.64
CA LEU A 85 23.29 -4.54 -49.34
C LEU A 85 24.07 -3.24 -49.28
N PRO A 86 23.82 -2.37 -48.33
CA PRO A 86 24.53 -1.09 -48.30
C PRO A 86 25.95 -1.26 -47.84
N GLN A 87 26.75 -0.22 -48.07
CA GLN A 87 28.09 -0.18 -47.50
C GLN A 87 28.00 0.10 -46.01
N ALA A 88 29.05 -0.26 -45.30
CA ALA A 88 29.09 -0.02 -43.86
C ALA A 88 29.29 1.47 -43.61
N PRO A 89 28.59 2.07 -42.65
CA PRO A 89 28.90 3.44 -42.23
C PRO A 89 30.29 3.52 -41.63
N GLY A 90 30.94 4.66 -41.84
CA GLY A 90 32.23 4.88 -41.23
C GLY A 90 32.12 5.18 -39.75
N GLN A 91 30.99 5.73 -39.33
CA GLN A 91 30.82 6.08 -37.93
C GLN A 91 30.59 4.82 -37.11
N PRO A 92 31.16 4.73 -35.92
CA PRO A 92 31.05 3.50 -35.14
C PRO A 92 29.76 3.44 -34.35
N GLY A 93 29.43 2.23 -33.89
CA GLY A 93 28.23 2.08 -33.10
C GLY A 93 27.06 1.49 -33.85
N LEU A 94 26.18 2.38 -34.31
CA LEU A 94 24.92 2.02 -34.96
C LEU A 94 25.11 1.12 -36.17
N ALA A 95 24.10 0.29 -36.46
CA ALA A 95 24.14 -0.63 -37.59
C ALA A 95 22.77 -1.15 -37.98
N GLY A 96 22.67 -1.53 -39.25
CA GLY A 96 21.54 -2.26 -39.80
C GLY A 96 21.75 -2.49 -41.28
N SER A 97 21.49 -3.70 -41.77
CA SER A 97 21.57 -4.21 -43.15
C SER A 97 23.00 -4.38 -43.69
N HIS A 98 24.01 -3.92 -42.99
CA HIS A 98 25.38 -4.13 -43.42
C HIS A 98 26.15 -5.05 -42.50
N GLU A 99 25.45 -5.86 -41.70
CA GLU A 99 26.14 -6.81 -40.83
C GLU A 99 26.13 -8.21 -41.44
N LEU A 100 25.08 -8.56 -42.17
CA LEU A 100 24.91 -9.89 -42.70
C LEU A 100 25.87 -10.13 -43.87
N GLY A 101 26.83 -11.02 -43.69
CA GLY A 101 27.74 -11.35 -44.76
C GLY A 101 27.31 -12.59 -45.51
N ASP A 102 26.95 -13.63 -44.78
CA ASP A 102 26.55 -14.90 -45.35
C ASP A 102 25.10 -15.26 -45.06
N ARG A 103 24.50 -14.65 -44.05
CA ARG A 103 23.22 -15.06 -43.51
C ARG A 103 22.05 -14.36 -44.18
N LEU A 104 22.18 -14.02 -45.46
CA LEU A 104 21.06 -13.43 -46.19
C LEU A 104 20.04 -14.49 -46.52
N VAL A 105 18.78 -14.20 -46.21
CA VAL A 105 17.71 -15.15 -46.53
C VAL A 105 17.19 -14.94 -47.94
N SER A 106 17.36 -13.73 -48.48
CA SER A 106 17.03 -13.38 -49.88
C SER A 106 15.56 -13.64 -50.20
N ASP A 107 14.71 -12.80 -49.62
CA ASP A 107 13.27 -12.90 -49.78
C ASP A 107 12.83 -12.76 -51.23
N VAL A 108 11.69 -13.37 -51.54
CA VAL A 108 11.16 -13.49 -52.88
C VAL A 108 9.82 -12.77 -52.92
N VAL A 109 9.63 -11.90 -53.89
CA VAL A 109 8.35 -11.26 -54.11
C VAL A 109 7.92 -11.58 -55.54
N GLY A 110 6.61 -11.61 -55.76
CA GLY A 110 6.05 -11.80 -57.08
C GLY A 110 4.82 -12.68 -57.03
N ASN A 111 4.55 -13.35 -58.14
CA ASN A 111 3.43 -14.28 -58.23
C ASN A 111 3.77 -15.55 -57.45
N ALA A 112 2.90 -15.91 -56.51
CA ALA A 112 3.16 -17.05 -55.64
C ALA A 112 3.04 -18.38 -56.35
N ALA A 113 2.29 -18.44 -57.46
CA ALA A 113 2.19 -19.68 -58.20
C ALA A 113 3.46 -19.97 -59.00
N ALA A 114 4.33 -18.99 -59.17
CA ALA A 114 5.59 -19.16 -59.89
C ALA A 114 6.75 -19.41 -58.93
N LEU A 115 6.47 -19.91 -57.73
CA LEU A 115 7.49 -20.21 -56.72
C LEU A 115 8.32 -21.45 -57.06
N ASP A 116 7.90 -22.21 -58.06
CA ASP A 116 8.63 -23.40 -58.48
C ASP A 116 9.97 -23.05 -59.09
N VAL A 117 10.07 -21.89 -59.74
CA VAL A 117 11.34 -21.46 -60.31
C VAL A 117 12.34 -21.15 -59.19
N PHE A 118 11.86 -20.54 -58.09
CA PHE A 118 12.73 -20.22 -56.96
C PHE A 118 13.16 -21.49 -56.24
N LYS A 119 12.25 -22.44 -56.05
CA LYS A 119 12.67 -23.69 -55.42
C LYS A 119 13.52 -24.53 -56.38
N PHE A 120 13.43 -24.27 -57.68
CA PHE A 120 14.31 -24.92 -58.65
C PHE A 120 15.72 -24.36 -58.56
N LEU A 121 15.85 -23.04 -58.44
CA LEU A 121 17.18 -22.44 -58.43
C LEU A 121 17.81 -22.49 -57.04
N SER A 122 17.01 -22.72 -56.00
CA SER A 122 17.51 -22.54 -54.64
C SER A 122 18.31 -23.73 -54.12
N LEU A 123 18.49 -24.78 -54.91
CA LEU A 123 19.16 -25.97 -54.42
C LEU A 123 20.67 -25.77 -54.34
N GLN A 124 21.37 -26.73 -53.74
CA GLN A 124 22.78 -26.55 -53.43
C GLN A 124 23.68 -27.52 -54.20
N TYR A 125 23.22 -27.98 -55.37
CA TYR A 125 23.55 -29.24 -56.09
C TYR A 125 25.03 -29.62 -56.00
N GLN A 126 25.96 -28.73 -56.36
CA GLN A 126 27.37 -29.12 -56.25
C GLN A 126 27.99 -28.69 -54.93
N GLY A 127 28.10 -27.38 -54.71
CA GLY A 127 28.58 -26.87 -53.43
C GLY A 127 27.96 -25.53 -53.07
N LYS A 128 27.11 -25.02 -53.95
CA LYS A 128 26.66 -23.64 -53.88
C LYS A 128 25.33 -23.51 -54.61
N ASN A 129 24.88 -22.27 -54.75
CA ASN A 129 23.54 -22.02 -55.27
C ASN A 129 23.55 -22.09 -56.79
N LEU A 130 22.40 -22.47 -57.36
CA LEU A 130 22.30 -22.66 -58.80
C LEU A 130 22.30 -21.32 -59.52
N LEU A 131 21.69 -20.31 -58.92
CA LEU A 131 21.79 -18.94 -59.42
C LEU A 131 23.21 -18.44 -59.30
N ASN A 132 23.91 -18.88 -58.25
CA ASN A 132 25.32 -18.54 -58.11
C ASN A 132 26.16 -19.23 -59.18
N TRP A 133 25.68 -20.37 -59.69
CA TRP A 133 26.35 -21.00 -60.83
C TRP A 133 26.06 -20.26 -62.13
N LEU A 134 24.81 -19.87 -62.35
CA LEU A 134 24.47 -19.24 -63.62
C LEU A 134 24.96 -17.80 -63.71
N THR A 135 25.26 -17.18 -62.58
CA THR A 135 25.77 -15.80 -62.61
C THR A 135 27.22 -15.76 -63.08
N GLU A 136 28.00 -16.80 -62.79
CA GLU A 136 29.40 -16.85 -63.21
C GLU A 136 29.52 -17.67 -64.49
N ASP A 137 30.34 -17.19 -65.41
CA ASP A 137 30.61 -17.93 -66.64
C ASP A 137 31.49 -19.13 -66.34
N SER A 138 30.92 -20.33 -66.53
CA SER A 138 31.64 -21.55 -66.25
C SER A 138 31.29 -22.59 -67.30
N ALA A 139 32.16 -23.60 -67.42
CA ALA A 139 31.93 -24.65 -68.40
C ALA A 139 30.81 -25.59 -67.97
N GLU A 140 30.63 -25.74 -66.66
CA GLU A 140 29.48 -26.50 -66.17
C GLU A 140 28.19 -25.71 -66.37
N ALA A 141 28.26 -24.39 -66.22
CA ALA A 141 27.11 -23.54 -66.47
C ALA A 141 26.89 -23.36 -67.97
N LEU A 142 25.70 -22.88 -68.32
CA LEU A 142 25.25 -22.53 -69.67
C LEU A 142 25.21 -23.71 -70.63
N GLN A 143 25.33 -24.94 -70.15
CA GLN A 143 25.32 -26.09 -71.04
C GLN A 143 24.42 -27.22 -70.56
N ALA A 144 24.21 -27.31 -69.24
CA ALA A 144 23.43 -28.42 -68.69
C ALA A 144 21.96 -28.31 -69.05
N LEU A 145 21.42 -27.09 -69.02
CA LEU A 145 20.01 -26.89 -69.45
C LEU A 145 20.05 -26.49 -70.92
N SER A 146 20.66 -27.34 -71.77
CA SER A 146 20.84 -26.95 -73.15
C SER A 146 21.11 -28.10 -74.12
N ASP A 147 20.70 -27.91 -75.36
CA ASP A 147 21.24 -28.59 -76.53
C ASP A 147 21.81 -27.62 -77.54
N ASN A 148 21.42 -26.34 -77.45
CA ASN A 148 21.95 -25.27 -78.27
C ASN A 148 22.37 -24.13 -77.36
N ALA A 149 23.31 -23.30 -77.83
CA ALA A 149 23.94 -22.31 -76.97
C ALA A 149 23.07 -21.05 -76.82
N GLU A 150 22.30 -20.71 -77.84
CA GLU A 150 21.59 -19.43 -77.84
C GLU A 150 20.37 -19.47 -76.92
N GLN A 151 19.67 -20.61 -76.87
CA GLN A 151 18.56 -20.75 -75.95
C GLN A 151 19.05 -20.88 -74.50
N ALA A 152 20.26 -21.42 -74.32
CA ALA A 152 20.90 -21.42 -73.01
C ALA A 152 21.27 -20.01 -72.57
N ARG A 153 21.78 -19.20 -73.51
CA ARG A 153 22.06 -17.79 -73.21
C ARG A 153 20.79 -17.03 -72.87
N GLU A 154 19.69 -17.35 -73.55
CA GLU A 154 18.41 -16.70 -73.27
C GLU A 154 17.85 -17.12 -71.91
N TRP A 155 17.93 -18.42 -71.58
CA TRP A 155 17.43 -18.91 -70.29
C TRP A 155 18.26 -18.36 -69.14
N ARG A 156 19.58 -18.27 -69.31
CA ARG A 156 20.42 -17.72 -68.26
C ARG A 156 20.24 -16.22 -68.12
N GLN A 157 20.05 -15.51 -69.25
CA GLN A 157 19.80 -14.07 -69.21
C GLN A 157 18.45 -13.77 -68.55
N ALA A 158 17.50 -14.69 -68.66
CA ALA A 158 16.30 -14.59 -67.84
C ALA A 158 16.61 -14.84 -66.37
N PHE A 159 17.31 -15.95 -66.07
CA PHE A 159 17.42 -16.43 -64.70
C PHE A 159 18.27 -15.52 -63.82
N ILE A 160 19.20 -14.77 -64.41
CA ILE A 160 20.04 -13.92 -63.58
C ILE A 160 19.38 -12.57 -63.29
N GLY A 161 18.31 -12.24 -64.00
CA GLY A 161 17.68 -10.94 -63.88
C GLY A 161 16.66 -10.82 -62.76
N ILE A 162 16.51 -11.85 -61.93
CA ILE A 162 15.54 -11.78 -60.84
C ILE A 162 16.06 -10.87 -59.73
N THR A 163 17.37 -10.71 -59.66
CA THR A 163 18.00 -9.92 -58.61
C THR A 163 18.08 -8.44 -58.94
N THR A 164 17.52 -8.01 -60.07
CA THR A 164 17.57 -6.62 -60.50
C THR A 164 16.19 -6.01 -60.41
N VAL A 165 16.14 -4.69 -60.23
CA VAL A 165 14.86 -4.00 -60.17
C VAL A 165 14.30 -3.84 -61.58
N LYS A 166 13.01 -4.14 -61.74
CA LYS A 166 12.39 -4.18 -63.06
C LYS A 166 11.52 -2.95 -63.24
N GLY A 167 11.88 -2.12 -64.21
CA GLY A 167 11.15 -0.90 -64.48
C GLY A 167 11.88 0.34 -64.03
N ALA A 168 11.22 1.47 -64.23
CA ALA A 168 11.71 2.72 -63.68
C ALA A 168 11.57 2.70 -62.16
N PRO A 169 12.47 3.35 -61.42
CA PRO A 169 12.31 3.44 -59.98
C PRO A 169 11.09 4.29 -59.64
N ALA A 170 10.30 3.80 -58.68
CA ALA A 170 9.05 4.46 -58.30
C ALA A 170 8.61 3.98 -56.93
N SER A 171 8.04 4.91 -56.17
CA SER A 171 7.34 4.58 -54.94
C SER A 171 5.91 5.09 -55.08
N HIS A 172 4.95 4.29 -54.63
CA HIS A 172 3.55 4.66 -54.75
C HIS A 172 3.21 5.84 -53.86
N SER A 173 2.00 6.36 -54.06
CA SER A 173 1.48 7.43 -53.19
C SER A 173 1.29 6.93 -51.77
N LEU A 174 1.07 5.62 -51.61
CA LEU A 174 0.89 5.08 -50.27
C LEU A 174 2.21 4.62 -49.68
N ALA A 175 3.31 4.76 -50.42
CA ALA A 175 4.62 4.54 -49.85
C ALA A 175 5.11 5.81 -49.15
N LYS A 176 6.03 5.64 -48.22
CA LYS A 176 6.51 6.75 -47.39
C LYS A 176 7.75 7.37 -48.03
N GLN A 177 7.91 8.68 -47.88
CA GLN A 177 9.07 9.40 -48.39
C GLN A 177 9.21 10.74 -47.66
N LEU A 178 10.42 11.03 -47.19
CA LEU A 178 10.65 11.96 -46.11
C LEU A 178 11.77 12.94 -46.43
N TYR A 179 11.47 14.23 -46.36
CA TYR A 179 12.47 15.27 -46.57
C TYR A 179 13.55 15.21 -45.49
N PHE A 180 14.80 15.33 -45.90
CA PHE A 180 15.92 15.39 -44.97
C PHE A 180 16.71 16.66 -45.24
N PRO A 181 16.92 17.52 -44.24
CA PRO A 181 17.65 18.77 -44.48
C PRO A 181 19.14 18.51 -44.67
N LEU A 182 19.64 18.90 -45.84
CA LEU A 182 21.08 18.89 -46.09
C LEU A 182 21.74 20.00 -45.27
N PRO A 183 23.04 19.84 -44.94
CA PRO A 183 23.70 20.84 -44.07
C PRO A 183 23.83 22.22 -44.69
N GLY A 184 24.13 22.28 -45.98
CA GLY A 184 24.18 23.57 -46.64
C GLY A 184 22.80 24.16 -46.82
N SER A 185 22.03 23.58 -47.74
CA SER A 185 20.63 23.90 -47.96
C SER A 185 20.04 22.78 -48.79
N GLY A 186 18.72 22.83 -49.00
CA GLY A 186 18.05 21.87 -49.83
C GLY A 186 17.81 20.55 -49.11
N TYR A 187 17.12 19.65 -49.81
CA TYR A 187 16.66 18.43 -49.18
C TYR A 187 16.89 17.25 -50.09
N HIS A 188 16.76 16.06 -49.52
CA HIS A 188 16.70 14.80 -50.25
C HIS A 188 15.38 14.15 -49.90
N LEU A 189 14.95 13.16 -50.69
CA LEU A 189 13.57 12.75 -50.54
C LEU A 189 13.40 11.47 -49.73
N LEU A 190 14.37 10.57 -49.76
CA LEU A 190 14.53 9.45 -48.81
C LEU A 190 13.30 8.55 -48.72
N ALA A 191 13.05 7.79 -49.77
CA ALA A 191 11.98 6.81 -49.65
C ALA A 191 12.52 5.54 -49.01
N PRO A 192 12.07 5.15 -47.82
CA PRO A 192 12.60 3.93 -47.20
C PRO A 192 11.75 2.73 -47.55
N LEU A 193 12.29 1.56 -47.24
CA LEU A 193 11.68 0.29 -47.55
C LEU A 193 11.65 -0.58 -46.31
N PHE A 194 10.98 -1.72 -46.41
CA PHE A 194 10.90 -2.63 -45.29
C PHE A 194 11.98 -3.70 -45.43
N PRO A 195 12.97 -3.73 -44.56
CA PRO A 195 14.03 -4.72 -44.70
C PRO A 195 13.57 -6.10 -44.27
N THR A 196 13.28 -6.99 -45.21
CA THR A 196 12.73 -8.28 -44.85
C THR A 196 13.80 -9.28 -44.45
N SER A 197 15.02 -9.14 -44.97
CA SER A 197 16.11 -9.96 -44.48
C SER A 197 16.44 -9.64 -43.04
N LEU A 198 16.30 -8.38 -42.65
CA LEU A 198 16.62 -7.99 -41.28
C LEU A 198 15.57 -8.51 -40.33
N VAL A 199 14.30 -8.35 -40.69
CA VAL A 199 13.22 -8.81 -39.84
C VAL A 199 13.26 -10.34 -39.74
N HIS A 200 13.63 -11.02 -40.83
CA HIS A 200 13.70 -12.47 -40.76
C HIS A 200 14.88 -12.95 -39.94
N HIS A 201 16.02 -12.25 -40.01
CA HIS A 201 17.16 -12.66 -39.19
C HIS A 201 16.92 -12.38 -37.71
N VAL A 202 16.39 -11.21 -37.37
CA VAL A 202 16.08 -10.90 -35.98
C VAL A 202 14.95 -11.80 -35.49
N HIS A 203 14.05 -12.20 -36.39
CA HIS A 203 12.97 -13.11 -36.02
C HIS A 203 13.50 -14.50 -35.70
N ALA A 204 14.49 -14.98 -36.47
CA ALA A 204 15.10 -16.26 -36.17
C ALA A 204 15.87 -16.22 -34.86
N LEU A 205 16.57 -15.11 -34.59
CA LEU A 205 17.32 -14.99 -33.35
C LEU A 205 16.39 -14.91 -32.13
N LEU A 206 15.27 -14.19 -32.27
CA LEU A 206 14.32 -14.08 -31.17
C LEU A 206 13.59 -15.39 -30.93
N ARG A 207 13.27 -16.12 -32.00
CA ARG A 207 12.65 -17.43 -31.84
C ARG A 207 13.61 -18.43 -31.23
N GLU A 208 14.91 -18.30 -31.50
CA GLU A 208 15.89 -19.13 -30.82
C GLU A 208 15.97 -18.77 -29.34
N ALA A 209 15.96 -17.49 -29.01
CA ALA A 209 16.12 -17.11 -27.61
C ALA A 209 14.86 -17.32 -26.79
N ARG A 210 13.70 -17.43 -27.42
CA ARG A 210 12.45 -17.59 -26.69
C ARG A 210 11.94 -19.03 -26.69
N PHE A 211 12.05 -19.74 -27.81
CA PHE A 211 11.53 -21.09 -27.88
C PHE A 211 12.59 -22.14 -28.08
N GLY A 212 13.86 -21.77 -28.04
CA GLY A 212 14.92 -22.73 -28.29
C GLY A 212 15.11 -23.68 -27.13
N ASP A 213 15.56 -24.89 -27.48
CA ASP A 213 15.76 -25.92 -26.47
C ASP A 213 16.98 -25.63 -25.62
N ALA A 214 18.02 -25.04 -26.22
CA ALA A 214 19.22 -24.70 -25.47
C ALA A 214 18.97 -23.59 -24.46
N ALA A 215 17.95 -22.76 -24.66
CA ALA A 215 17.56 -21.78 -23.67
C ALA A 215 16.52 -22.31 -22.70
N LYS A 216 15.64 -23.21 -23.16
CA LYS A 216 14.64 -23.79 -22.27
C LYS A 216 15.28 -24.71 -21.25
N ALA A 217 16.41 -25.33 -21.60
CA ALA A 217 17.15 -26.13 -20.64
C ALA A 217 17.68 -25.28 -19.48
N ALA A 218 18.27 -24.13 -19.79
CA ALA A 218 18.73 -23.24 -18.73
C ALA A 218 17.56 -22.59 -18.01
N ARG A 219 16.44 -22.41 -18.70
CA ARG A 219 15.24 -21.86 -18.07
C ARG A 219 14.69 -22.81 -17.03
N GLU A 220 14.74 -24.12 -17.30
CA GLU A 220 14.37 -25.11 -16.28
C GLU A 220 15.45 -25.26 -15.23
N ALA A 221 16.70 -25.07 -15.61
CA ALA A 221 17.81 -25.19 -14.66
C ALA A 221 17.84 -24.04 -13.67
N ARG A 222 17.26 -22.90 -14.02
CA ARG A 222 17.09 -21.82 -13.06
C ARG A 222 16.03 -22.18 -12.03
N SER A 223 14.95 -22.84 -12.48
CA SER A 223 13.91 -23.26 -11.56
C SER A 223 14.40 -24.35 -10.61
N ARG A 224 15.25 -25.25 -11.12
CA ARG A 224 15.87 -26.23 -10.22
C ARG A 224 16.99 -25.61 -9.41
N GLN A 225 17.39 -24.38 -9.75
CA GLN A 225 18.53 -23.64 -9.21
C GLN A 225 19.85 -24.41 -9.34
N GLU A 226 19.99 -25.21 -10.39
CA GLU A 226 21.22 -25.93 -10.68
C GLU A 226 22.24 -25.00 -11.34
N SER A 227 23.37 -25.59 -11.72
CA SER A 227 24.43 -24.86 -12.41
C SER A 227 24.54 -25.37 -13.84
N TRP A 228 24.14 -24.56 -14.76
CA TRP A 228 24.17 -24.81 -16.18
C TRP A 228 25.33 -24.03 -16.79
N PRO A 229 25.91 -24.48 -17.93
CA PRO A 229 27.07 -23.77 -18.52
C PRO A 229 26.83 -22.35 -19.01
N HIS A 230 25.70 -22.09 -19.66
CA HIS A 230 25.43 -20.77 -20.22
C HIS A 230 24.13 -20.20 -19.67
N GLY A 231 23.98 -18.88 -19.80
CA GLY A 231 22.75 -18.27 -19.37
C GLY A 231 21.71 -18.19 -20.47
N PHE A 232 20.68 -17.39 -20.28
CA PHE A 232 19.66 -17.16 -21.30
C PHE A 232 19.04 -15.80 -21.07
N SER A 233 18.13 -15.42 -21.96
CA SER A 233 17.52 -14.10 -21.92
C SER A 233 16.01 -14.20 -22.13
N GLU A 234 15.31 -13.10 -21.91
CA GLU A 234 13.86 -13.19 -21.78
C GLU A 234 13.06 -12.30 -22.72
N TYR A 235 13.55 -11.10 -23.08
CA TYR A 235 12.91 -10.15 -24.00
C TYR A 235 11.49 -9.80 -23.61
N PRO A 236 11.27 -9.00 -22.56
CA PRO A 236 9.90 -8.63 -22.22
C PRO A 236 9.37 -7.53 -23.11
N ASN A 237 8.03 -7.39 -23.09
CA ASN A 237 7.30 -6.27 -23.70
C ASN A 237 7.45 -6.24 -25.22
N LEU A 238 7.45 -7.39 -25.87
CA LEU A 238 7.39 -7.41 -27.32
C LEU A 238 5.98 -7.06 -27.78
N ALA A 239 5.89 -6.51 -28.98
CA ALA A 239 4.60 -6.23 -29.60
C ALA A 239 4.53 -6.96 -30.93
N ILE A 240 3.31 -7.25 -31.36
CA ILE A 240 3.12 -8.01 -32.60
C ILE A 240 2.41 -7.12 -33.60
N GLN A 241 2.93 -7.08 -34.83
CA GLN A 241 2.32 -6.36 -35.94
C GLN A 241 2.25 -7.33 -37.10
N LYS A 242 1.09 -7.41 -37.74
CA LYS A 242 0.90 -8.34 -38.83
C LYS A 242 0.51 -7.60 -40.10
N PHE A 243 1.16 -7.98 -41.20
CA PHE A 243 1.04 -7.26 -42.47
C PHE A 243 -0.01 -7.88 -43.37
N GLY A 244 0.11 -9.17 -43.69
CA GLY A 244 -0.99 -9.86 -44.33
C GLY A 244 -2.16 -9.98 -43.36
N GLY A 245 -3.23 -9.26 -43.67
CA GLY A 245 -4.37 -9.14 -42.78
C GLY A 245 -5.08 -10.46 -42.54
N THR A 246 -5.59 -11.06 -43.59
CA THR A 246 -6.09 -12.43 -43.55
C THR A 246 -5.36 -13.35 -44.51
N LYS A 247 -4.61 -12.79 -45.47
CA LYS A 247 -3.88 -13.56 -46.47
C LYS A 247 -2.41 -13.18 -46.39
N PRO A 248 -1.65 -13.81 -45.51
CA PRO A 248 -0.22 -13.47 -45.37
C PRO A 248 0.65 -13.95 -46.52
N GLN A 249 0.09 -14.65 -47.50
CA GLN A 249 0.89 -15.16 -48.60
C GLN A 249 1.09 -14.11 -49.68
N ASN A 250 0.15 -13.17 -49.81
CA ASN A 250 0.17 -12.19 -50.88
C ASN A 250 1.26 -11.16 -50.73
N ILE A 251 1.76 -10.93 -49.52
CA ILE A 251 2.77 -9.90 -49.30
C ILE A 251 4.13 -10.38 -49.78
N SER A 252 4.57 -11.54 -49.31
CA SER A 252 5.93 -11.97 -49.56
C SER A 252 6.03 -13.48 -49.42
N GLN A 253 7.26 -13.99 -49.53
CA GLN A 253 7.48 -15.42 -49.31
C GLN A 253 7.97 -15.67 -47.90
N LEU A 254 8.79 -14.77 -47.37
CA LEU A 254 9.18 -14.91 -45.97
C LEU A 254 8.08 -14.52 -45.01
N ASN A 255 7.01 -13.89 -45.50
CA ASN A 255 5.81 -13.70 -44.71
C ASN A 255 4.94 -14.96 -44.65
N ASN A 256 5.43 -16.09 -45.19
CA ASN A 256 4.81 -17.38 -44.97
C ASN A 256 5.51 -18.17 -43.88
N GLU A 257 6.80 -17.91 -43.67
CA GLU A 257 7.49 -18.53 -42.53
C GLU A 257 7.01 -17.91 -41.23
N ARG A 258 7.13 -16.60 -41.11
CA ARG A 258 6.48 -15.87 -40.03
C ARG A 258 5.13 -15.37 -40.53
N ARG A 259 4.05 -15.90 -39.96
CA ARG A 259 2.71 -15.54 -40.38
C ARG A 259 2.37 -14.16 -39.83
N GLY A 260 2.70 -13.12 -40.60
CA GLY A 260 2.64 -11.78 -40.04
C GLY A 260 3.78 -11.66 -39.04
N GLU A 261 3.42 -11.25 -37.82
CA GLU A 261 4.25 -11.40 -36.62
C GLU A 261 5.59 -10.66 -36.75
N ASN A 262 5.50 -9.34 -36.76
CA ASN A 262 6.69 -8.53 -36.93
C ASN A 262 7.64 -8.63 -35.75
N TRP A 263 7.11 -8.86 -34.54
CA TRP A 263 7.87 -9.02 -33.29
C TRP A 263 8.73 -7.78 -33.00
N LEU A 264 8.05 -6.68 -32.74
CA LEU A 264 8.74 -5.42 -32.50
C LEU A 264 9.37 -5.41 -31.12
N LEU A 265 10.62 -4.99 -31.05
CA LEU A 265 11.28 -4.81 -29.77
C LEU A 265 10.73 -3.58 -29.07
N PRO A 266 10.73 -3.57 -27.76
CA PRO A 266 10.26 -2.38 -27.05
C PRO A 266 11.30 -1.28 -27.00
N SER A 267 10.89 -0.07 -27.29
CA SER A 267 11.69 1.13 -27.06
C SER A 267 10.86 2.08 -26.21
N LEU A 268 10.87 1.85 -24.91
CA LEU A 268 9.89 2.54 -24.09
C LEU A 268 10.56 3.45 -23.08
N PRO A 269 9.95 4.58 -22.75
CA PRO A 269 10.44 5.39 -21.65
C PRO A 269 10.21 4.69 -20.34
N PRO A 270 10.95 5.04 -19.29
CA PRO A 270 10.76 4.32 -18.02
C PRO A 270 9.48 4.67 -17.30
N ASN A 271 8.89 5.82 -17.58
CA ASN A 271 7.62 6.20 -16.98
C ASN A 271 6.46 5.86 -17.90
N TRP A 272 6.43 4.64 -18.41
CA TRP A 272 5.33 4.27 -19.27
C TRP A 272 4.21 3.57 -18.52
N GLN A 273 4.50 2.97 -17.38
CA GLN A 273 3.47 2.48 -16.47
C GLN A 273 3.08 3.65 -15.59
N ARG A 274 1.79 4.01 -15.62
CA ARG A 274 1.31 5.11 -14.81
C ARG A 274 1.31 4.70 -13.36
N GLN A 275 2.11 5.37 -12.54
CA GLN A 275 2.08 5.20 -11.11
C GLN A 275 1.34 6.39 -10.53
N ASN A 276 0.18 6.13 -9.94
CA ASN A 276 -0.60 7.20 -9.37
C ASN A 276 0.01 7.63 -8.04
N VAL A 277 -0.47 8.76 -7.52
CA VAL A 277 0.17 9.44 -6.40
C VAL A 277 -0.60 9.14 -5.11
N ASN A 278 0.14 8.91 -4.04
CA ASN A 278 -0.41 8.57 -2.74
C ASN A 278 0.19 9.50 -1.68
N ALA A 279 -0.65 10.30 -1.05
CA ALA A 279 -0.19 11.27 -0.07
C ALA A 279 -0.50 10.80 1.35
N PRO A 280 0.36 11.13 2.33
CA PRO A 280 0.08 10.72 3.71
C PRO A 280 -0.96 11.62 4.37
N MET A 281 -1.95 11.00 5.00
CA MET A 281 -3.05 11.71 5.66
C MET A 281 -3.02 11.54 7.18
N ARG A 282 -3.12 10.31 7.65
CA ARG A 282 -3.17 10.01 9.07
C ARG A 282 -1.77 9.68 9.58
N HIS A 283 -1.72 9.18 10.81
CA HIS A 283 -0.45 8.80 11.42
C HIS A 283 0.14 7.56 10.75
N SER A 284 -0.67 6.52 10.56
CA SER A 284 -0.20 5.31 9.89
C SER A 284 0.14 5.59 8.44
N SER A 285 -0.58 6.51 7.81
CA SER A 285 -0.18 7.00 6.51
C SER A 285 1.11 7.81 6.58
N VAL A 286 1.38 8.45 7.71
CA VAL A 286 2.63 9.21 7.85
C VAL A 286 3.82 8.28 8.03
N PHE A 287 3.58 7.09 8.57
CA PHE A 287 4.68 6.13 8.66
C PHE A 287 4.83 5.33 7.38
N GLU A 288 3.74 5.10 6.65
CA GLU A 288 3.85 4.34 5.41
C GLU A 288 4.36 5.18 4.25
N HIS A 289 3.86 6.42 4.11
CA HIS A 289 4.16 7.27 2.96
C HIS A 289 5.24 8.30 3.26
N ASP A 290 6.04 8.09 4.31
CA ASP A 290 7.22 8.94 4.51
C ASP A 290 8.29 8.61 3.49
N PHE A 291 8.63 7.33 3.34
CA PHE A 291 9.41 6.93 2.19
C PHE A 291 8.51 6.78 0.96
N GLY A 292 7.36 6.11 1.12
CA GLY A 292 6.36 5.87 0.08
C GLY A 292 6.92 5.28 -1.20
N ARG A 293 7.37 4.03 -1.15
CA ARG A 293 8.33 3.53 -2.12
C ARG A 293 7.71 2.56 -3.12
N THR A 294 8.05 2.78 -4.39
CA THR A 294 7.57 2.02 -5.53
C THR A 294 8.27 0.65 -5.55
N PRO A 295 7.81 -0.29 -6.39
CA PRO A 295 8.63 -1.48 -6.65
C PRO A 295 9.94 -1.21 -7.39
N GLU A 296 10.09 -0.06 -8.04
CA GLU A 296 11.31 0.23 -8.78
C GLU A 296 12.50 0.43 -7.84
N VAL A 297 12.32 1.16 -6.75
CA VAL A 297 13.40 1.31 -5.78
C VAL A 297 13.64 0.01 -5.03
N SER A 298 12.61 -0.84 -4.91
CA SER A 298 12.82 -2.16 -4.32
C SER A 298 13.73 -2.99 -5.20
N ARG A 299 13.48 -2.99 -6.51
CA ARG A 299 14.36 -3.64 -7.46
C ARG A 299 15.75 -3.02 -7.47
N LEU A 300 15.84 -1.71 -7.25
CA LEU A 300 17.14 -1.05 -7.26
C LEU A 300 17.97 -1.39 -6.03
N THR A 301 17.39 -1.33 -4.83
CA THR A 301 18.14 -1.65 -3.62
C THR A 301 18.34 -3.14 -3.42
N ARG A 302 17.52 -3.99 -4.06
CA ARG A 302 17.79 -5.42 -4.02
C ARG A 302 19.10 -5.75 -4.73
N THR A 303 19.38 -5.06 -5.84
CA THR A 303 20.68 -5.22 -6.49
C THR A 303 21.78 -4.51 -5.74
N LEU A 304 21.44 -3.55 -4.89
CA LEU A 304 22.44 -2.98 -4.00
C LEU A 304 22.84 -3.98 -2.93
N GLN A 305 21.89 -4.79 -2.44
CA GLN A 305 22.20 -5.81 -1.45
C GLN A 305 23.12 -6.89 -1.99
N ARG A 306 23.12 -7.10 -3.30
CA ARG A 306 23.96 -8.12 -3.92
C ARG A 306 25.37 -7.62 -4.22
N PHE A 307 25.81 -6.54 -3.56
CA PHE A 307 27.14 -5.98 -3.75
C PHE A 307 27.91 -5.98 -2.45
N LEU A 308 27.95 -7.11 -1.75
CA LEU A 308 28.65 -7.25 -0.49
C LEU A 308 30.05 -7.83 -0.65
N ALA A 309 30.15 -9.03 -1.22
CA ALA A 309 31.44 -9.67 -1.43
C ALA A 309 32.18 -9.00 -2.58
N LYS A 310 33.49 -8.86 -2.43
CA LYS A 310 34.26 -8.08 -3.40
C LYS A 310 35.72 -8.47 -3.35
N THR A 311 36.28 -8.76 -4.52
CA THR A 311 37.71 -8.77 -4.76
C THR A 311 38.09 -7.49 -5.48
N VAL A 312 39.28 -6.95 -5.16
CA VAL A 312 39.62 -5.55 -5.41
C VAL A 312 39.64 -5.22 -6.90
N HIS A 313 40.20 -6.13 -7.72
CA HIS A 313 40.27 -5.89 -9.16
C HIS A 313 38.89 -5.92 -9.81
N ASN A 314 37.95 -6.66 -9.21
CA ASN A 314 36.55 -6.49 -9.56
C ASN A 314 35.85 -5.43 -8.71
N ASN A 315 36.36 -5.15 -7.50
CA ASN A 315 35.67 -4.22 -6.62
C ASN A 315 35.81 -2.77 -7.06
N LEU A 316 36.79 -2.45 -7.90
CA LEU A 316 36.78 -1.15 -8.58
C LEU A 316 35.50 -0.95 -9.37
N ALA A 317 35.21 -1.87 -10.29
CA ALA A 317 34.02 -1.80 -11.13
C ALA A 317 32.74 -1.96 -10.32
N ILE A 318 32.79 -2.77 -9.26
CA ILE A 318 31.66 -2.88 -8.34
C ILE A 318 31.41 -1.54 -7.63
N ARG A 319 32.48 -0.80 -7.29
CA ARG A 319 32.32 0.49 -6.66
C ARG A 319 31.74 1.54 -7.60
N GLN A 320 32.19 1.57 -8.86
CA GLN A 320 31.58 2.51 -9.80
C GLN A 320 30.12 2.15 -10.08
N ARG A 321 29.79 0.86 -10.12
CA ARG A 321 28.40 0.46 -10.29
C ARG A 321 27.58 0.83 -9.07
N ARG A 322 28.19 0.78 -7.87
CA ARG A 322 27.51 1.24 -6.67
C ARG A 322 27.26 2.74 -6.72
N ALA A 323 28.21 3.49 -7.27
CA ALA A 323 28.04 4.93 -7.43
C ALA A 323 26.89 5.24 -8.37
N GLN A 324 26.80 4.51 -9.49
CA GLN A 324 25.70 4.69 -10.42
C GLN A 324 24.37 4.27 -9.81
N LEU A 325 24.39 3.25 -8.95
CA LEU A 325 23.15 2.78 -8.34
C LEU A 325 22.62 3.75 -7.31
N VAL A 326 23.49 4.31 -6.47
CA VAL A 326 23.02 5.29 -5.50
C VAL A 326 22.66 6.60 -6.21
N ALA A 327 23.28 6.86 -7.37
CA ALA A 327 22.87 8.00 -8.19
C ALA A 327 21.46 7.81 -8.72
N GLN A 328 21.15 6.62 -9.21
CA GLN A 328 19.81 6.34 -9.70
C GLN A 328 18.79 6.35 -8.55
N ILE A 329 19.23 5.98 -7.36
CA ILE A 329 18.36 6.03 -6.18
C ILE A 329 17.98 7.46 -5.86
N CYS A 330 18.95 8.38 -5.83
CA CYS A 330 18.59 9.75 -5.50
C CYS A 330 17.86 10.45 -6.65
N ASP A 331 18.09 10.00 -7.89
CA ASP A 331 17.29 10.53 -9.00
C ASP A 331 15.84 10.10 -8.89
N GLU A 332 15.58 8.83 -8.56
CA GLU A 332 14.21 8.40 -8.43
C GLU A 332 13.54 9.02 -7.21
N ALA A 333 14.32 9.26 -6.14
CA ALA A 333 13.78 9.97 -4.99
C ALA A 333 13.39 11.40 -5.35
N LEU A 334 14.21 12.07 -6.16
CA LEU A 334 13.90 13.45 -6.54
C LEU A 334 12.72 13.51 -7.50
N GLN A 335 12.63 12.57 -8.44
CA GLN A 335 11.48 12.54 -9.34
C GLN A 335 10.19 12.18 -8.62
N TYR A 336 10.28 11.29 -7.63
CA TYR A 336 9.12 10.95 -6.81
C TYR A 336 8.65 12.17 -6.05
N ALA A 337 9.60 12.94 -5.50
CA ALA A 337 9.24 14.20 -4.85
C ALA A 337 8.62 15.18 -5.84
N ALA A 338 9.12 15.18 -7.08
CA ALA A 338 8.64 16.12 -8.08
C ALA A 338 7.20 15.84 -8.48
N ARG A 339 6.89 14.58 -8.82
CA ARG A 339 5.53 14.27 -9.22
C ARG A 339 4.58 14.28 -8.04
N LEU A 340 5.07 13.95 -6.84
CA LEU A 340 4.21 14.01 -5.67
C LEU A 340 3.90 15.44 -5.27
N ARG A 341 4.84 16.36 -5.49
CA ARG A 341 4.63 17.74 -5.09
C ARG A 341 3.90 18.55 -6.16
N GLU A 342 4.04 18.18 -7.42
CA GLU A 342 3.40 18.93 -8.49
C GLU A 342 2.23 18.19 -9.13
N LEU A 343 1.83 17.05 -8.59
CA LEU A 343 0.73 16.32 -9.21
C LEU A 343 -0.62 16.77 -8.68
N GLU A 344 -0.85 16.60 -7.38
CA GLU A 344 -2.13 16.86 -6.76
C GLU A 344 -1.98 17.78 -5.56
N PRO A 345 -3.10 18.26 -5.02
CA PRO A 345 -3.03 19.11 -3.82
C PRO A 345 -3.09 18.28 -2.54
N GLY A 346 -2.87 16.97 -2.67
CA GLY A 346 -3.03 16.02 -1.58
C GLY A 346 -2.05 16.15 -0.44
N TRP A 347 -0.95 16.88 -0.62
CA TRP A 347 -0.11 17.21 0.53
C TRP A 347 -0.75 18.27 1.42
N SER A 348 -1.66 19.07 0.86
CA SER A 348 -2.42 20.06 1.60
C SER A 348 -3.90 19.70 1.58
N ALA A 349 -4.20 18.41 1.76
CA ALA A 349 -5.58 17.94 1.70
C ALA A 349 -6.25 17.92 3.06
N THR A 350 -5.67 17.21 4.04
CA THR A 350 -6.23 17.25 5.39
C THR A 350 -5.11 17.25 6.42
N PRO A 351 -5.19 18.15 7.41
CA PRO A 351 -4.20 18.18 8.47
C PRO A 351 -4.48 17.16 9.55
N GLY A 352 -3.56 17.05 10.47
CA GLY A 352 -3.69 16.17 11.62
C GLY A 352 -2.64 16.49 12.64
N CYS A 353 -2.10 15.43 13.25
CA CYS A 353 -0.99 15.53 14.19
C CYS A 353 0.29 14.92 13.65
N GLN A 354 0.19 13.87 12.83
CA GLN A 354 1.34 13.18 12.28
C GLN A 354 1.24 13.19 10.75
N LEU A 355 2.14 13.94 10.12
CA LEU A 355 2.33 13.87 8.67
C LEU A 355 3.82 13.85 8.33
N HIS A 356 4.69 13.77 9.33
CA HIS A 356 6.13 14.08 9.25
C HIS A 356 6.33 15.44 8.58
N ASP A 357 5.73 16.46 9.19
CA ASP A 357 5.64 17.79 8.61
C ASP A 357 6.94 18.58 8.70
N ALA A 358 8.04 17.98 9.14
CA ALA A 358 9.36 18.54 8.97
C ALA A 358 9.90 18.32 7.55
N GLU A 359 9.18 17.55 6.73
CA GLU A 359 9.58 17.26 5.37
C GLU A 359 9.60 18.51 4.51
N GLN A 360 8.42 19.08 4.24
CA GLN A 360 8.20 20.33 3.50
C GLN A 360 8.75 20.33 2.08
N LEU A 361 9.18 19.17 1.56
CA LEU A 361 9.62 19.01 0.18
C LEU A 361 8.56 18.38 -0.69
N TRP A 362 7.73 17.51 -0.13
CA TRP A 362 6.58 16.95 -0.83
C TRP A 362 5.36 17.88 -0.80
N LEU A 363 5.52 19.10 -0.28
CA LEU A 363 4.43 20.06 -0.22
C LEU A 363 4.94 21.45 -0.58
N ASP A 364 5.67 21.53 -1.71
CA ASP A 364 6.36 22.77 -2.05
C ASP A 364 5.40 23.89 -2.41
N PRO A 365 4.57 23.77 -3.45
CA PRO A 365 3.53 24.79 -3.68
C PRO A 365 2.31 24.64 -2.80
N LEU A 366 2.27 23.59 -1.97
CA LEU A 366 1.12 23.37 -1.09
C LEU A 366 1.12 24.29 0.11
N ARG A 367 2.27 24.83 0.51
CA ARG A 367 2.36 25.73 1.65
C ARG A 367 2.60 27.18 1.27
N ALA A 368 2.80 27.47 -0.01
CA ALA A 368 3.09 28.83 -0.46
C ALA A 368 1.96 29.46 -1.26
N GLN A 369 1.30 28.69 -2.12
CA GLN A 369 0.29 29.24 -3.03
C GLN A 369 -0.98 29.68 -2.32
N THR A 370 -1.33 29.08 -1.19
CA THR A 370 -2.48 29.49 -0.40
C THR A 370 -2.08 30.34 0.80
N ASP A 371 -1.12 29.86 1.59
CA ASP A 371 -0.55 30.65 2.68
C ASP A 371 0.67 31.40 2.15
N GLU A 372 0.53 32.71 2.02
CA GLU A 372 1.58 33.56 1.47
C GLU A 372 2.48 34.17 2.53
N THR A 373 1.98 34.29 3.76
CA THR A 373 2.76 34.86 4.86
C THR A 373 3.01 33.88 5.99
N PHE A 374 2.19 32.85 6.14
CA PHE A 374 2.29 31.96 7.29
C PHE A 374 3.45 30.99 7.17
N LEU A 375 3.42 30.12 6.16
CA LEU A 375 4.43 29.10 6.00
C LEU A 375 5.47 29.44 4.95
N GLN A 376 5.21 30.44 4.10
CA GLN A 376 6.16 30.82 3.06
C GLN A 376 7.43 31.40 3.64
N ARG A 377 7.30 32.19 4.72
CA ARG A 377 8.48 32.61 5.46
C ARG A 377 9.09 31.48 6.26
N ARG A 378 8.28 30.47 6.63
CA ARG A 378 8.76 29.29 7.35
C ARG A 378 9.45 28.31 6.43
N LEU A 379 9.37 28.52 5.11
CA LEU A 379 10.08 27.70 4.14
C LEU A 379 11.21 28.43 3.45
N ARG A 380 11.06 29.71 3.16
CA ARG A 380 12.12 30.48 2.53
C ARG A 380 13.29 30.76 3.46
N GLY A 381 13.02 30.98 4.75
CA GLY A 381 14.08 31.29 5.69
C GLY A 381 14.68 30.05 6.31
N ASP A 382 13.87 29.00 6.45
CA ASP A 382 14.38 27.75 7.02
C ASP A 382 15.22 27.00 6.00
N TRP A 383 14.81 27.04 4.71
CA TRP A 383 15.33 26.26 3.59
C TRP A 383 15.31 24.79 3.95
N PRO A 384 14.13 24.13 3.96
CA PRO A 384 14.03 22.80 4.59
C PRO A 384 14.77 21.73 3.81
N ALA A 385 15.95 21.39 4.30
CA ALA A 385 16.86 20.49 3.63
C ALA A 385 17.42 19.43 4.56
N GLU A 386 16.85 19.30 5.76
CA GLU A 386 17.28 18.27 6.70
C GLU A 386 16.76 16.89 6.35
N VAL A 387 15.93 16.76 5.31
CA VAL A 387 15.35 15.49 4.92
C VAL A 387 16.40 14.53 4.38
N GLY A 388 17.53 15.05 3.92
CA GLY A 388 18.60 14.20 3.42
C GLY A 388 19.19 13.30 4.49
N ASN A 389 19.17 13.75 5.75
CA ASN A 389 19.70 12.91 6.83
C ASN A 389 18.78 11.74 7.13
N ARG A 390 17.47 11.98 7.16
CA ARG A 390 16.52 10.87 7.36
C ARG A 390 16.52 9.96 6.15
N PHE A 391 16.69 10.51 4.95
CA PHE A 391 16.80 9.69 3.75
C PHE A 391 18.09 8.87 3.77
N ALA A 392 19.16 9.43 4.32
CA ALA A 392 20.41 8.70 4.45
C ALA A 392 20.27 7.55 5.44
N ASN A 393 19.56 7.81 6.55
CA ASN A 393 19.27 6.75 7.51
C ASN A 393 18.37 5.69 6.90
N TRP A 394 17.51 6.08 5.95
CA TRP A 394 16.74 5.12 5.19
C TRP A 394 17.67 4.30 4.29
N LEU A 395 18.71 4.92 3.74
CA LEU A 395 19.66 4.16 2.90
C LEU A 395 20.54 3.23 3.71
N ASN A 396 20.77 3.53 4.99
CA ASN A 396 21.71 2.70 5.77
C ASN A 396 21.08 1.37 6.17
N ARG A 397 19.81 1.16 5.85
CA ARG A 397 19.23 -0.17 6.03
C ARG A 397 19.49 -1.05 4.81
N ALA A 398 19.87 -0.43 3.70
CA ALA A 398 20.11 -1.19 2.47
C ALA A 398 21.42 -1.96 2.54
N VAL A 399 22.41 -1.43 3.26
CA VAL A 399 23.64 -2.19 3.50
C VAL A 399 23.34 -3.28 4.53
N SER A 400 23.88 -4.47 4.28
CA SER A 400 23.69 -5.56 5.22
C SER A 400 24.51 -5.32 6.49
N SER A 401 23.82 -5.27 7.62
CA SER A 401 24.44 -4.92 8.90
C SER A 401 25.22 -6.13 9.43
N ASP A 402 26.37 -6.35 8.81
CA ASP A 402 27.28 -7.44 9.18
C ASP A 402 28.53 -6.83 9.78
N SER A 403 29.15 -7.55 10.72
CA SER A 403 30.35 -7.06 11.37
C SER A 403 31.55 -7.11 10.43
N GLN A 404 31.54 -8.03 9.46
CA GLN A 404 32.67 -8.17 8.56
C GLN A 404 32.73 -7.03 7.55
N ILE A 405 31.58 -6.64 6.99
CA ILE A 405 31.54 -5.52 6.06
C ILE A 405 31.64 -4.20 6.82
N LEU A 406 31.36 -4.22 8.13
CA LEU A 406 31.57 -3.03 8.95
C LEU A 406 33.04 -2.85 9.31
N GLY A 407 33.75 -3.97 9.52
CA GLY A 407 35.12 -3.87 10.00
C GLY A 407 36.11 -3.58 8.89
N SER A 408 35.80 -4.00 7.67
CA SER A 408 36.69 -3.79 6.54
C SER A 408 36.57 -2.34 6.07
N PRO A 409 37.40 -1.94 5.09
CA PRO A 409 37.32 -0.56 4.57
C PRO A 409 36.13 -0.31 3.66
N GLU A 410 35.34 -1.36 3.36
CA GLU A 410 34.16 -1.19 2.52
C GLU A 410 33.13 -0.29 3.18
N ALA A 411 33.08 -0.27 4.51
CA ALA A 411 32.22 0.67 5.21
C ALA A 411 32.65 2.11 4.98
N ALA A 412 33.96 2.37 4.95
CA ALA A 412 34.45 3.72 4.72
C ALA A 412 34.23 4.15 3.29
N GLN A 413 34.47 3.25 2.33
CA GLN A 413 34.22 3.55 0.92
C GLN A 413 32.73 3.79 0.65
N TRP A 414 31.88 2.97 1.28
CA TRP A 414 30.43 3.10 1.14
C TRP A 414 29.94 4.41 1.75
N SER A 415 30.45 4.76 2.93
CA SER A 415 30.05 6.02 3.55
C SER A 415 30.56 7.23 2.77
N GLN A 416 31.70 7.06 2.09
CA GLN A 416 32.23 8.11 1.22
C GLN A 416 31.31 8.37 0.04
N GLU A 417 30.88 7.31 -0.66
CA GLU A 417 30.04 7.55 -1.83
C GLU A 417 28.63 8.00 -1.45
N LEU A 418 28.12 7.53 -0.30
CA LEU A 418 26.85 8.05 0.18
C LEU A 418 26.94 9.52 0.54
N SER A 419 28.06 9.95 1.11
CA SER A 419 28.21 11.36 1.46
C SER A 419 28.31 12.23 0.21
N LYS A 420 28.96 11.72 -0.84
CA LYS A 420 29.04 12.46 -2.09
C LYS A 420 27.68 12.63 -2.74
N GLU A 421 26.94 11.53 -2.91
CA GLU A 421 25.64 11.63 -3.56
C GLU A 421 24.62 12.28 -2.65
N LEU A 422 24.84 12.23 -1.34
CA LEU A 422 23.99 12.95 -0.41
C LEU A 422 24.22 14.44 -0.51
N THR A 423 25.47 14.85 -0.75
CA THR A 423 25.77 16.26 -0.98
C THR A 423 25.09 16.75 -2.25
N MET A 424 25.07 15.89 -3.27
CA MET A 424 24.34 16.21 -4.50
C MET A 424 22.84 16.39 -4.24
N PHE A 425 22.25 15.44 -3.50
CA PHE A 425 20.83 15.52 -3.16
C PHE A 425 20.53 16.75 -2.33
N LYS A 426 21.44 17.10 -1.41
CA LYS A 426 21.26 18.28 -0.57
C LYS A 426 21.30 19.57 -1.39
N GLU A 427 22.28 19.69 -2.30
CA GLU A 427 22.41 20.95 -3.02
C GLU A 427 21.33 21.10 -4.07
N ILE A 428 20.73 19.99 -4.54
CA ILE A 428 19.61 20.14 -5.46
C ILE A 428 18.33 20.43 -4.68
N LEU A 429 18.20 19.85 -3.48
CA LEU A 429 17.05 20.17 -2.64
C LEU A 429 17.10 21.61 -2.14
N GLU A 430 18.31 22.18 -2.06
CA GLU A 430 18.49 23.51 -1.49
C GLU A 430 17.84 24.58 -2.35
N ASP A 431 18.13 24.58 -3.64
CA ASP A 431 17.59 25.60 -4.54
C ASP A 431 16.20 25.21 -5.02
N GLU A 432 15.25 25.30 -4.09
CA GLU A 432 13.85 25.11 -4.40
C GLU A 432 13.05 26.41 -4.35
N ARG A 433 13.60 27.46 -3.76
CA ARG A 433 12.87 28.70 -3.58
C ARG A 433 12.89 29.57 -4.82
N ASP A 434 13.92 29.44 -5.65
CA ASP A 434 14.01 30.20 -6.90
C ASP A 434 12.99 29.71 -7.92
N VAL B 3 26.55 20.63 -33.79
CA VAL B 3 27.41 21.39 -34.70
C VAL B 3 27.67 22.76 -34.10
N THR B 4 26.63 23.58 -34.05
CA THR B 4 26.77 24.96 -33.59
C THR B 4 26.24 25.09 -32.17
N ASP B 5 26.99 25.75 -31.31
CA ASP B 5 26.53 26.03 -29.96
C ASP B 5 25.35 27.01 -30.02
N PRO B 6 24.20 26.66 -29.44
CA PRO B 6 23.07 27.59 -29.45
C PRO B 6 23.29 28.75 -28.49
N GLU B 7 22.98 29.96 -28.96
CA GLU B 7 23.09 31.13 -28.09
C GLU B 7 21.92 31.21 -27.13
N ALA B 8 20.81 30.56 -27.45
CA ALA B 8 19.67 30.49 -26.56
C ALA B 8 19.05 29.11 -26.62
N LEU B 9 18.32 28.77 -25.57
CA LEU B 9 17.75 27.44 -25.40
C LEU B 9 16.29 27.60 -25.03
N LEU B 10 15.40 27.56 -26.02
CA LEU B 10 13.99 27.84 -25.80
C LEU B 10 13.30 26.56 -25.38
N LEU B 11 12.37 26.67 -24.43
CA LEU B 11 11.68 25.52 -23.86
C LEU B 11 10.21 25.57 -24.26
N LEU B 12 9.81 24.63 -25.10
CA LEU B 12 8.39 24.36 -25.25
C LEU B 12 7.91 23.54 -24.06
N PRO B 13 6.76 23.88 -23.50
CA PRO B 13 6.29 23.19 -22.29
C PRO B 13 5.73 21.81 -22.58
N ARG B 14 5.06 21.22 -21.60
CA ARG B 14 4.39 19.93 -21.78
C ARG B 14 3.37 19.98 -22.92
N LEU B 15 3.60 19.16 -23.93
CA LEU B 15 2.73 19.09 -25.09
C LEU B 15 1.93 17.80 -25.05
N SER B 16 0.62 17.90 -25.22
CA SER B 16 -0.23 16.73 -25.24
C SER B 16 -0.48 16.34 -26.69
N ILE B 17 -0.09 15.12 -27.04
CA ILE B 17 -0.17 14.61 -28.41
C ILE B 17 -1.00 13.35 -28.34
N GLN B 18 -2.05 13.27 -29.15
CA GLN B 18 -3.02 12.23 -28.81
C GLN B 18 -2.83 10.94 -29.60
N ASN B 19 -2.40 10.98 -30.85
CA ASN B 19 -2.18 9.73 -31.59
C ASN B 19 -0.82 9.74 -32.28
N ALA B 20 0.23 9.44 -31.54
CA ALA B 20 1.53 9.42 -32.17
C ALA B 20 1.79 8.04 -32.79
N ASN B 21 2.67 8.01 -33.77
CA ASN B 21 3.03 6.76 -34.42
C ASN B 21 3.94 5.98 -33.49
N ALA B 22 3.41 4.95 -32.84
CA ALA B 22 4.22 4.21 -31.88
C ALA B 22 5.14 3.21 -32.56
N ILE B 23 4.96 2.97 -33.85
CA ILE B 23 5.87 2.11 -34.60
C ILE B 23 7.04 2.99 -35.04
N SER B 24 8.10 3.02 -34.24
CA SER B 24 9.21 3.91 -34.53
C SER B 24 10.01 3.43 -35.74
N SER B 25 10.08 2.14 -35.92
CA SER B 25 10.95 1.54 -36.90
C SER B 25 10.38 0.17 -37.23
N PRO B 26 10.90 -0.54 -38.24
CA PRO B 26 10.48 -1.94 -38.42
C PRO B 26 10.98 -2.89 -37.35
N LEU B 27 11.82 -2.45 -36.41
CA LEU B 27 12.29 -3.31 -35.35
C LEU B 27 11.90 -2.84 -33.95
N THR B 28 11.52 -1.57 -33.78
CA THR B 28 11.20 -1.05 -32.47
C THR B 28 9.80 -0.45 -32.44
N TRP B 29 9.04 -0.78 -31.41
CA TRP B 29 7.84 -0.03 -31.08
C TRP B 29 8.10 0.72 -29.80
N GLY B 30 7.24 1.70 -29.51
CA GLY B 30 7.37 2.43 -28.28
C GLY B 30 7.31 3.92 -28.48
N PHE B 31 8.30 4.63 -27.97
CA PHE B 31 8.35 6.06 -28.16
C PHE B 31 8.69 6.35 -29.62
N PRO B 32 8.13 7.40 -30.21
CA PRO B 32 8.40 7.69 -31.62
C PRO B 32 9.85 8.11 -31.84
N SER B 33 10.25 8.06 -33.10
CA SER B 33 11.63 8.21 -33.50
C SER B 33 12.13 9.62 -33.20
N PRO B 34 13.43 9.77 -32.90
CA PRO B 34 14.00 11.11 -32.76
C PRO B 34 13.93 11.94 -34.02
N GLY B 35 13.95 11.28 -35.18
CA GLY B 35 13.77 11.95 -36.45
C GLY B 35 12.46 12.69 -36.57
N ALA B 36 11.41 12.22 -35.90
CA ALA B 36 10.16 12.95 -35.85
C ALA B 36 10.32 14.29 -35.15
N PHE B 37 11.09 14.32 -34.07
CA PHE B 37 11.26 15.57 -33.34
C PHE B 37 12.18 16.52 -34.08
N THR B 38 13.23 15.99 -34.71
CA THR B 38 14.09 16.86 -35.51
C THR B 38 13.36 17.40 -36.74
N GLY B 39 12.50 16.59 -37.35
CA GLY B 39 11.68 17.09 -38.43
C GLY B 39 10.66 18.10 -37.97
N PHE B 40 10.15 17.94 -36.75
CA PHE B 40 9.23 18.92 -36.20
C PHE B 40 9.90 20.26 -36.00
N VAL B 41 11.14 20.26 -35.50
CA VAL B 41 11.77 21.55 -35.29
C VAL B 41 12.27 22.12 -36.61
N HIS B 42 12.52 21.28 -37.62
CA HIS B 42 12.86 21.84 -38.91
C HIS B 42 11.63 22.41 -39.61
N ALA B 43 10.46 21.83 -39.39
CA ALA B 43 9.24 22.45 -39.90
C ALA B 43 8.92 23.74 -39.15
N LEU B 44 9.24 23.80 -37.86
CA LEU B 44 9.11 25.05 -37.13
C LEU B 44 10.05 26.12 -37.68
N GLN B 45 11.28 25.73 -38.03
CA GLN B 45 12.23 26.64 -38.64
C GLN B 45 11.74 27.10 -40.00
N ARG B 46 11.22 26.17 -40.80
CA ARG B 46 10.65 26.47 -42.10
C ARG B 46 9.46 27.41 -42.03
N ARG B 47 8.69 27.38 -40.93
CA ARG B 47 7.47 28.18 -40.90
C ARG B 47 7.57 29.48 -40.12
N VAL B 48 8.35 29.56 -39.04
CA VAL B 48 8.52 30.85 -38.38
C VAL B 48 9.98 31.24 -38.21
N GLY B 49 10.89 30.28 -38.41
CA GLY B 49 12.30 30.58 -38.25
C GLY B 49 12.85 31.51 -39.31
N ILE B 50 12.15 31.62 -40.44
CA ILE B 50 12.49 32.62 -41.45
C ILE B 50 11.92 33.99 -41.11
N SER B 51 10.68 34.04 -40.60
CA SER B 51 10.01 35.30 -40.31
C SER B 51 10.59 36.03 -39.12
N LEU B 52 11.23 35.32 -38.20
CA LEU B 52 11.79 35.96 -37.02
C LEU B 52 13.30 36.08 -37.05
N ASP B 53 13.93 35.70 -38.17
CA ASP B 53 15.37 35.76 -38.38
C ASP B 53 16.13 34.98 -37.31
N ILE B 54 15.82 33.69 -37.21
CA ILE B 54 16.46 32.80 -36.25
C ILE B 54 16.81 31.50 -36.97
N GLU B 55 17.38 30.57 -36.21
CA GLU B 55 17.68 29.23 -36.70
C GLU B 55 17.45 28.25 -35.56
N LEU B 56 16.25 27.70 -35.51
CA LEU B 56 15.90 26.69 -34.51
C LEU B 56 16.63 25.40 -34.86
N ASP B 57 17.37 24.84 -33.91
CA ASP B 57 18.23 23.71 -34.22
C ASP B 57 18.45 22.89 -32.96
N GLY B 58 18.22 21.58 -33.06
CA GLY B 58 18.36 20.69 -31.92
C GLY B 58 17.12 20.64 -31.06
N VAL B 59 16.79 19.47 -30.51
CA VAL B 59 15.62 19.33 -29.66
C VAL B 59 15.98 18.55 -28.40
N GLY B 60 15.42 18.97 -27.28
CA GLY B 60 15.52 18.19 -26.07
C GLY B 60 14.22 17.47 -25.80
N ILE B 61 14.24 16.15 -25.83
CA ILE B 61 13.05 15.32 -25.64
C ILE B 61 12.95 14.99 -24.16
N VAL B 62 11.74 15.03 -23.61
CA VAL B 62 11.55 14.86 -22.18
C VAL B 62 10.60 13.74 -21.81
N CYS B 63 9.40 13.67 -22.42
CA CYS B 63 8.43 12.57 -22.26
C CYS B 63 8.02 12.38 -20.80
N HIS B 64 7.22 13.33 -20.32
CA HIS B 64 6.67 13.22 -18.97
C HIS B 64 5.77 12.00 -18.82
N ARG B 65 4.88 11.78 -19.77
CA ARG B 65 3.84 10.76 -19.65
C ARG B 65 3.67 10.06 -20.98
N PHE B 66 3.61 8.73 -20.93
CA PHE B 66 3.46 7.92 -22.14
C PHE B 66 2.41 6.86 -21.87
N GLU B 67 1.40 6.80 -22.72
CA GLU B 67 0.34 5.80 -22.60
C GLU B 67 0.06 5.25 -23.98
N ALA B 68 0.54 4.04 -24.24
CA ALA B 68 0.37 3.42 -25.53
C ALA B 68 -0.99 2.75 -25.60
N GLN B 69 -1.59 2.75 -26.78
CA GLN B 69 -2.85 2.06 -26.99
C GLN B 69 -2.56 0.63 -27.44
N ILE B 70 -2.20 -0.19 -26.46
CA ILE B 70 -1.95 -1.60 -26.68
C ILE B 70 -2.88 -2.40 -25.78
N SER B 71 -2.84 -3.72 -25.95
CA SER B 71 -3.61 -4.61 -25.11
C SER B 71 -2.95 -5.98 -25.17
N GLN B 72 -2.79 -6.61 -24.01
CA GLN B 72 -2.17 -7.91 -23.96
C GLN B 72 -3.24 -8.96 -24.18
N PRO B 73 -3.13 -9.82 -25.19
CA PRO B 73 -4.13 -10.86 -25.39
C PRO B 73 -4.01 -11.92 -24.31
N ALA B 74 -5.09 -12.67 -24.10
CA ALA B 74 -5.11 -13.61 -22.99
C ALA B 74 -4.24 -14.82 -23.30
N GLY B 75 -3.30 -15.09 -22.41
CA GLY B 75 -2.46 -16.26 -22.54
C GLY B 75 -1.19 -16.06 -23.35
N LYS B 76 -0.84 -14.83 -23.70
CA LYS B 76 0.40 -14.55 -24.42
C LYS B 76 1.22 -13.59 -23.58
N ARG B 77 2.53 -13.56 -23.84
CA ARG B 77 3.40 -12.62 -23.14
C ARG B 77 3.51 -11.30 -23.89
N THR B 78 3.47 -11.36 -25.22
CA THR B 78 3.61 -10.18 -26.05
C THR B 78 2.29 -9.42 -26.13
N LYS B 79 2.32 -8.30 -26.85
CA LYS B 79 1.20 -7.38 -26.91
C LYS B 79 0.78 -7.13 -28.35
N VAL B 80 -0.44 -6.63 -28.53
CA VAL B 80 -0.96 -6.23 -29.83
C VAL B 80 -1.46 -4.80 -29.73
N PHE B 81 -1.88 -4.26 -30.87
CA PHE B 81 -2.27 -2.86 -30.98
C PHE B 81 -3.76 -2.72 -31.18
N ASN B 82 -4.34 -1.70 -30.58
CA ASN B 82 -5.74 -1.36 -30.81
C ASN B 82 -5.84 -0.49 -32.06
N LEU B 83 -6.67 -0.90 -33.00
CA LEU B 83 -6.72 -0.25 -34.30
C LEU B 83 -7.92 0.67 -34.41
N THR B 84 -8.13 1.16 -35.62
CA THR B 84 -9.23 2.06 -35.99
C THR B 84 -10.03 1.40 -37.10
N ARG B 85 -11.28 1.80 -37.24
CA ARG B 85 -12.17 1.22 -38.24
C ARG B 85 -12.13 2.08 -39.49
N ASN B 86 -11.67 1.49 -40.59
CA ASN B 86 -11.59 2.17 -41.86
C ASN B 86 -12.99 2.24 -42.48
N PRO B 87 -13.24 3.17 -43.40
CA PRO B 87 -14.49 3.12 -44.16
C PRO B 87 -14.47 1.97 -45.14
N LEU B 88 -15.64 1.67 -45.69
CA LEU B 88 -15.74 0.57 -46.63
C LEU B 88 -15.22 1.00 -48.00
N ASN B 89 -15.08 0.03 -48.89
CA ASN B 89 -14.75 0.33 -50.27
C ASN B 89 -16.03 0.73 -51.01
N ARG B 90 -15.97 0.80 -52.34
CA ARG B 90 -17.12 1.27 -53.09
C ARG B 90 -18.15 0.18 -53.27
N ASP B 91 -17.83 -1.05 -52.88
CA ASP B 91 -18.81 -2.12 -53.00
C ASP B 91 -19.46 -2.49 -51.68
N GLY B 92 -18.87 -2.09 -50.56
CA GLY B 92 -19.39 -2.44 -49.26
C GLY B 92 -18.60 -3.47 -48.49
N SER B 93 -17.55 -4.03 -49.10
CA SER B 93 -16.68 -4.93 -48.38
C SER B 93 -15.77 -4.15 -47.45
N THR B 94 -15.21 -4.81 -46.45
CA THR B 94 -14.31 -4.13 -45.54
C THR B 94 -12.92 -4.05 -46.16
N ALA B 95 -12.23 -2.95 -45.88
CA ALA B 95 -10.87 -2.79 -46.39
C ALA B 95 -9.91 -3.67 -45.60
N ALA B 96 -8.83 -4.07 -46.25
CA ALA B 96 -7.79 -4.82 -45.56
C ALA B 96 -7.07 -3.92 -44.58
N ILE B 97 -7.00 -4.35 -43.33
CA ILE B 97 -6.52 -3.48 -42.26
C ILE B 97 -5.00 -3.47 -42.26
N VAL B 98 -4.44 -2.27 -42.10
CA VAL B 98 -3.00 -2.09 -41.87
C VAL B 98 -2.83 -1.64 -40.43
N GLU B 99 -2.08 -2.41 -39.66
CA GLU B 99 -1.93 -2.13 -38.24
C GLU B 99 -1.02 -0.93 -38.05
N GLU B 100 -1.55 0.14 -37.47
CA GLU B 100 -0.77 1.30 -37.10
C GLU B 100 -0.93 1.54 -35.61
N GLY B 101 0.18 1.58 -34.89
CA GLY B 101 0.16 1.76 -33.46
C GLY B 101 -0.05 3.23 -33.12
N ARG B 102 -0.90 3.48 -32.14
CA ARG B 102 -1.13 4.84 -31.66
C ARG B 102 -0.66 4.93 -30.23
N ALA B 103 -0.43 6.14 -29.75
CA ALA B 103 0.02 6.37 -28.39
C ALA B 103 -0.27 7.80 -28.00
N HIS B 104 -0.44 8.03 -26.71
CA HIS B 104 -0.70 9.36 -26.19
C HIS B 104 0.52 9.84 -25.43
N LEU B 105 1.14 10.90 -25.90
CA LEU B 105 2.40 11.37 -25.36
C LEU B 105 2.19 12.57 -24.46
N GLU B 106 3.23 12.89 -23.69
CA GLU B 106 3.33 14.19 -23.03
C GLU B 106 4.81 14.51 -22.94
N VAL B 107 5.31 15.27 -23.92
CA VAL B 107 6.71 15.62 -24.01
C VAL B 107 6.87 17.10 -23.76
N SER B 108 8.06 17.51 -23.38
CA SER B 108 8.48 18.90 -23.37
C SER B 108 9.68 19.04 -24.29
N LEU B 109 9.69 20.08 -25.10
CA LEU B 109 10.72 20.21 -26.12
C LEU B 109 11.66 21.36 -25.77
N LEU B 110 12.93 21.03 -25.61
CA LEU B 110 14.00 22.00 -25.43
C LEU B 110 14.66 22.23 -26.77
N LEU B 111 14.25 23.28 -27.47
CA LEU B 111 14.79 23.56 -28.80
C LEU B 111 15.78 24.71 -28.71
N GLY B 112 16.95 24.51 -29.32
CA GLY B 112 18.00 25.51 -29.22
C GLY B 112 17.91 26.50 -30.35
N VAL B 113 17.80 27.78 -30.01
CA VAL B 113 17.59 28.83 -30.99
C VAL B 113 18.80 29.76 -30.97
N HIS B 114 19.31 30.09 -32.15
CA HIS B 114 20.42 31.02 -32.29
C HIS B 114 20.28 31.78 -33.59
N GLY B 115 20.70 33.04 -33.59
CA GLY B 115 20.57 33.88 -34.76
C GLY B 115 20.51 35.33 -34.36
N ASP B 116 20.39 36.20 -35.35
CA ASP B 116 20.36 37.64 -35.12
C ASP B 116 19.00 38.14 -34.66
N GLY B 117 18.01 37.26 -34.52
CA GLY B 117 16.68 37.71 -34.13
C GLY B 117 16.50 37.79 -32.64
N LEU B 118 17.56 37.49 -31.87
CA LEU B 118 17.44 37.51 -30.42
C LEU B 118 17.33 38.94 -29.88
N ASP B 119 18.06 39.89 -30.47
CA ASP B 119 18.01 41.26 -29.98
C ASP B 119 16.92 42.08 -30.65
N ASP B 120 16.39 41.59 -31.77
CA ASP B 120 15.35 42.33 -32.48
C ASP B 120 14.03 42.28 -31.73
N HIS B 121 13.74 41.14 -31.11
CA HIS B 121 12.47 40.89 -30.45
C HIS B 121 12.71 40.63 -28.97
N PRO B 122 11.69 40.82 -28.13
CA PRO B 122 11.77 40.31 -26.76
C PRO B 122 11.70 38.81 -26.78
N ALA B 123 12.30 38.19 -25.75
CA ALA B 123 12.36 36.74 -25.67
C ALA B 123 10.98 36.14 -25.44
N GLN B 124 10.14 36.83 -24.66
CA GLN B 124 8.81 36.31 -24.39
C GLN B 124 7.92 36.39 -25.62
N GLU B 125 8.13 37.39 -26.47
CA GLU B 125 7.31 37.52 -27.67
C GLU B 125 7.66 36.44 -28.69
N ILE B 126 8.95 36.15 -28.86
CA ILE B 126 9.34 35.14 -29.83
C ILE B 126 8.98 33.75 -29.31
N ALA B 127 9.02 33.54 -27.98
CA ALA B 127 8.56 32.28 -27.42
C ALA B 127 7.04 32.13 -27.56
N ARG B 128 6.30 33.22 -27.40
CA ARG B 128 4.85 33.17 -27.57
C ARG B 128 4.47 32.91 -29.02
N GLN B 129 5.22 33.48 -29.96
CA GLN B 129 4.92 33.27 -31.37
C GLN B 129 5.27 31.85 -31.79
N VAL B 130 6.36 31.29 -31.27
CA VAL B 130 6.70 29.93 -31.64
C VAL B 130 5.76 28.93 -30.95
N GLN B 131 5.17 29.30 -29.80
CA GLN B 131 4.17 28.40 -29.23
C GLN B 131 2.85 28.46 -29.98
N GLU B 132 2.47 29.64 -30.47
CA GLU B 132 1.27 29.71 -31.29
C GLU B 132 1.45 29.00 -32.62
N GLN B 133 2.68 28.94 -33.14
CA GLN B 133 2.87 28.14 -34.33
C GLN B 133 2.93 26.64 -34.02
N ALA B 134 3.46 26.27 -32.86
CA ALA B 134 3.46 24.87 -32.46
C ALA B 134 2.07 24.35 -32.17
N GLY B 135 1.15 25.21 -31.76
CA GLY B 135 -0.19 24.78 -31.44
C GLY B 135 -1.02 24.29 -32.61
N ALA B 136 -0.59 24.52 -33.85
CA ALA B 136 -1.33 24.09 -35.02
C ALA B 136 -0.53 23.14 -35.89
N MET B 137 0.25 22.27 -35.27
CA MET B 137 1.08 21.33 -36.01
C MET B 137 0.81 19.91 -35.54
N ARG B 138 1.67 18.98 -35.94
CA ARG B 138 1.57 17.61 -35.47
C ARG B 138 2.99 17.08 -35.29
N LEU B 139 3.16 16.21 -34.30
CA LEU B 139 4.49 15.87 -33.83
C LEU B 139 5.04 14.57 -34.40
N ALA B 140 4.31 13.48 -34.32
CA ALA B 140 4.76 12.26 -34.97
C ALA B 140 3.59 11.61 -35.66
N GLY B 141 2.64 12.44 -36.08
CA GLY B 141 1.38 11.96 -36.60
C GLY B 141 0.20 12.24 -35.70
N GLY B 142 0.42 12.91 -34.57
CA GLY B 142 -0.63 13.13 -33.59
C GLY B 142 -0.91 14.60 -33.42
N SER B 143 -2.18 14.92 -33.19
CA SER B 143 -2.58 16.31 -32.99
C SER B 143 -2.04 16.83 -31.67
N ILE B 144 -1.49 18.03 -31.70
CA ILE B 144 -0.94 18.66 -30.51
C ILE B 144 -2.10 19.33 -29.77
N LEU B 145 -2.46 18.77 -28.63
CA LEU B 145 -3.62 19.29 -27.90
C LEU B 145 -3.26 20.60 -27.21
N PRO B 146 -4.00 21.67 -27.49
CA PRO B 146 -3.54 23.03 -27.14
C PRO B 146 -3.93 23.56 -25.77
N TRP B 147 -4.31 22.72 -24.80
CA TRP B 147 -4.47 23.09 -23.39
C TRP B 147 -5.54 24.16 -23.17
N CYS B 148 -6.79 23.76 -23.30
CA CYS B 148 -7.89 24.67 -23.00
C CYS B 148 -8.56 24.30 -21.68
N ASN B 149 -8.97 25.34 -20.94
CA ASN B 149 -9.86 25.29 -19.78
C ASN B 149 -9.33 24.37 -18.67
N GLU B 150 -8.02 24.27 -18.58
CA GLU B 150 -7.40 23.52 -17.50
C GLU B 150 -7.12 24.47 -16.34
N ARG B 151 -6.23 24.04 -15.45
CA ARG B 151 -5.88 24.87 -14.28
C ARG B 151 -5.19 26.15 -14.70
N PHE B 152 -4.06 26.04 -15.39
CA PHE B 152 -3.31 27.20 -15.85
C PHE B 152 -2.41 26.74 -16.99
N PRO B 153 -2.33 27.53 -18.07
CA PRO B 153 -1.47 27.12 -19.20
C PRO B 153 0.00 27.31 -18.87
N ALA B 154 0.83 26.36 -19.29
CA ALA B 154 2.25 26.47 -19.02
C ALA B 154 2.89 27.38 -20.06
N PRO B 155 3.43 28.53 -19.66
CA PRO B 155 4.05 29.43 -20.64
C PRO B 155 5.47 29.02 -20.96
N ASN B 156 6.08 29.67 -21.92
CA ASN B 156 7.42 29.27 -22.34
C ASN B 156 8.48 30.05 -21.58
N ALA B 157 9.73 29.68 -21.82
CA ALA B 157 10.88 30.33 -21.22
C ALA B 157 12.06 30.14 -22.16
N GLU B 158 12.54 31.23 -22.74
CA GLU B 158 13.75 31.18 -23.57
C GLU B 158 14.92 31.54 -22.68
N LEU B 159 15.70 30.53 -22.32
CA LEU B 159 16.90 30.75 -21.53
C LEU B 159 18.00 31.23 -22.47
N LEU B 160 18.53 32.42 -22.22
CA LEU B 160 19.73 32.84 -22.93
C LEU B 160 20.91 32.05 -22.42
N MET B 161 21.55 31.29 -23.31
CA MET B 161 22.61 30.38 -22.88
C MET B 161 23.87 31.16 -22.51
N LEU B 162 24.06 32.33 -23.12
CA LEU B 162 25.21 33.16 -22.78
C LEU B 162 24.98 33.81 -21.43
N GLY B 163 25.61 33.27 -20.40
CA GLY B 163 25.40 33.74 -19.05
C GLY B 163 26.46 34.75 -18.64
N GLY B 164 26.05 35.66 -17.76
CA GLY B 164 27.00 36.62 -17.23
C GLY B 164 28.04 35.96 -16.35
N SER B 165 27.64 34.95 -15.60
CA SER B 165 28.58 34.17 -14.80
C SER B 165 28.33 32.70 -15.05
N ASP B 166 29.28 31.88 -14.60
CA ASP B 166 29.06 30.45 -14.59
C ASP B 166 28.10 30.07 -13.47
N GLU B 167 28.10 30.85 -12.38
CA GLU B 167 27.09 30.67 -11.35
C GLU B 167 25.71 31.03 -11.87
N GLN B 168 25.60 32.11 -12.64
CA GLN B 168 24.33 32.50 -13.24
C GLN B 168 23.86 31.47 -14.27
N ARG B 169 24.80 30.91 -15.03
CA ARG B 169 24.47 29.88 -16.00
C ARG B 169 23.98 28.61 -15.31
N ARG B 170 24.66 28.18 -14.24
CA ARG B 170 24.23 27.02 -13.50
C ARG B 170 22.92 27.26 -12.77
N LYS B 171 22.69 28.50 -12.32
CA LYS B 171 21.45 28.86 -11.64
C LYS B 171 20.27 28.77 -12.60
N ASN B 172 20.42 29.34 -13.79
CA ASN B 172 19.30 29.37 -14.71
C ASN B 172 19.07 27.99 -15.32
N GLN B 173 20.15 27.21 -15.46
CA GLN B 173 20.03 25.80 -15.83
C GLN B 173 19.26 25.00 -14.78
N ARG B 174 19.54 25.24 -13.50
CA ARG B 174 18.81 24.55 -12.44
C ARG B 174 17.36 25.00 -12.38
N ARG B 175 17.09 26.26 -12.70
CA ARG B 175 15.72 26.75 -12.75
C ARG B 175 14.94 26.11 -13.90
N LEU B 176 15.64 25.75 -14.97
CA LEU B 176 14.98 25.04 -16.06
C LEU B 176 14.78 23.56 -15.71
N THR B 177 15.77 22.95 -15.05
CA THR B 177 15.71 21.53 -14.73
C THR B 177 14.62 21.25 -13.71
N ARG B 178 14.36 22.21 -12.81
CA ARG B 178 13.20 22.11 -11.94
C ARG B 178 11.90 22.19 -12.72
N ARG B 179 11.90 22.92 -13.84
CA ARG B 179 10.69 23.07 -14.63
C ARG B 179 10.38 21.83 -15.45
N LEU B 180 11.39 21.07 -15.87
CA LEU B 180 11.14 19.88 -16.67
C LEU B 180 11.55 18.60 -15.94
N LEU B 181 11.30 18.54 -14.64
CA LEU B 181 11.83 17.48 -13.80
C LEU B 181 11.12 16.11 -13.86
N PRO B 182 9.75 15.98 -13.85
CA PRO B 182 9.17 14.63 -13.78
C PRO B 182 9.36 13.74 -15.00
N GLY B 183 10.00 14.23 -16.05
CA GLY B 183 10.24 13.48 -17.26
C GLY B 183 11.52 12.69 -17.23
N PHE B 184 12.01 12.34 -18.42
CA PHE B 184 13.18 11.50 -18.57
C PHE B 184 13.81 11.84 -19.91
N ALA B 185 14.92 12.56 -19.92
CA ALA B 185 15.48 13.00 -21.19
C ALA B 185 16.11 11.83 -21.95
N LEU B 186 16.00 11.87 -23.28
CA LEU B 186 16.49 10.81 -24.14
C LEU B 186 17.71 11.30 -24.91
N VAL B 187 18.83 10.59 -24.77
CA VAL B 187 20.06 10.90 -25.48
C VAL B 187 20.51 9.65 -26.22
N SER B 188 21.44 9.85 -27.15
CA SER B 188 22.03 8.78 -27.93
C SER B 188 23.40 8.44 -27.39
N ARG B 189 23.65 7.15 -27.20
CA ARG B 189 24.90 6.66 -26.62
C ARG B 189 25.46 5.62 -27.58
N GLU B 190 26.29 6.06 -28.52
CA GLU B 190 26.77 5.15 -29.54
C GLU B 190 28.19 4.64 -29.26
N ALA B 191 29.01 5.43 -28.57
CA ALA B 191 30.34 4.95 -28.21
C ALA B 191 30.26 3.84 -27.18
N LEU B 192 29.23 3.89 -26.32
CA LEU B 192 28.98 2.79 -25.39
C LEU B 192 28.63 1.52 -26.13
N LEU B 193 27.82 1.62 -27.18
CA LEU B 193 27.53 0.46 -28.03
C LEU B 193 28.78 -0.03 -28.73
N GLN B 194 29.65 0.90 -29.13
CA GLN B 194 30.89 0.50 -29.82
C GLN B 194 31.83 -0.26 -28.90
N GLN B 195 32.02 0.22 -27.68
CA GLN B 195 32.90 -0.50 -26.77
C GLN B 195 32.25 -1.78 -26.27
N HIS B 196 30.92 -1.85 -26.23
CA HIS B 196 30.28 -3.11 -25.90
C HIS B 196 30.46 -4.13 -27.02
N LEU B 197 30.44 -3.65 -28.28
CA LEU B 197 30.83 -4.49 -29.41
C LEU B 197 32.24 -5.00 -29.25
N GLU B 198 33.16 -4.12 -28.79
CA GLU B 198 34.55 -4.52 -28.59
C GLU B 198 34.67 -5.62 -27.55
N THR B 199 33.95 -5.47 -26.44
CA THR B 199 34.02 -6.47 -25.38
C THR B 199 33.39 -7.80 -25.83
N LEU B 200 32.28 -7.73 -26.56
CA LEU B 200 31.62 -8.95 -26.98
C LEU B 200 32.40 -9.63 -28.09
N ARG B 201 33.19 -8.87 -28.85
CA ARG B 201 34.05 -9.49 -29.85
C ARG B 201 35.34 -10.00 -29.22
N THR B 202 35.71 -9.47 -28.06
CA THR B 202 36.76 -10.09 -27.28
C THR B 202 36.30 -11.46 -26.78
N THR B 203 35.04 -11.55 -26.32
CA THR B 203 34.51 -12.84 -25.88
C THR B 203 34.36 -13.81 -27.04
N LEU B 204 33.64 -13.41 -28.08
CA LEU B 204 33.38 -14.27 -29.22
C LEU B 204 33.52 -13.47 -30.51
N PRO B 205 34.30 -13.95 -31.47
CA PRO B 205 34.61 -13.12 -32.65
C PRO B 205 33.44 -13.03 -33.61
N GLU B 206 33.73 -12.39 -34.76
CA GLU B 206 32.81 -12.14 -35.89
C GLU B 206 31.47 -11.53 -35.47
N ALA B 207 31.48 -10.79 -34.38
CA ALA B 207 30.26 -10.33 -33.73
C ALA B 207 29.70 -9.13 -34.48
N THR B 208 28.41 -9.16 -34.76
CA THR B 208 27.73 -7.98 -35.24
C THR B 208 27.43 -7.07 -34.06
N THR B 209 27.23 -5.78 -34.37
CA THR B 209 26.74 -4.87 -33.34
C THR B 209 25.22 -4.81 -33.34
N LEU B 210 24.57 -5.48 -34.29
CA LEU B 210 23.17 -5.81 -34.08
C LEU B 210 23.03 -6.76 -32.90
N ASP B 211 23.95 -7.70 -32.78
CA ASP B 211 23.97 -8.60 -31.63
C ASP B 211 24.25 -7.83 -30.34
N ALA B 212 25.10 -6.79 -30.42
CA ALA B 212 25.40 -6.01 -29.23
C ALA B 212 24.19 -5.17 -28.82
N LEU B 213 23.46 -4.64 -29.81
CA LEU B 213 22.24 -3.90 -29.52
C LEU B 213 21.17 -4.82 -28.92
N LEU B 214 21.10 -6.05 -29.43
CA LEU B 214 20.18 -7.03 -28.87
C LEU B 214 20.57 -7.42 -27.46
N ASP B 215 21.87 -7.50 -27.19
CA ASP B 215 22.33 -7.88 -25.87
C ASP B 215 22.10 -6.76 -24.86
N LEU B 216 22.23 -5.51 -25.29
CA LEU B 216 21.98 -4.42 -24.38
C LEU B 216 20.49 -4.11 -24.25
N CYS B 217 19.68 -4.64 -25.16
CA CYS B 217 18.25 -4.46 -25.03
C CYS B 217 17.64 -5.43 -24.02
N ARG B 218 17.97 -6.72 -24.13
CA ARG B 218 17.28 -7.75 -23.38
C ARG B 218 17.68 -7.75 -21.91
N ILE B 219 16.99 -8.57 -21.12
CA ILE B 219 17.45 -8.89 -19.77
C ILE B 219 17.91 -10.34 -19.79
N ASN B 220 19.10 -10.59 -19.23
CA ASN B 220 19.71 -11.90 -19.37
C ASN B 220 20.30 -12.37 -18.05
N PHE B 221 20.06 -13.64 -17.73
CA PHE B 221 20.51 -14.23 -16.48
C PHE B 221 21.84 -14.94 -16.68
N GLU B 222 22.60 -15.08 -15.60
CA GLU B 222 23.91 -15.69 -15.64
C GLU B 222 23.98 -16.83 -14.64
N PRO B 223 24.74 -17.89 -14.92
CA PRO B 223 24.92 -18.96 -13.95
C PRO B 223 25.75 -18.47 -12.76
N PRO B 224 25.65 -19.12 -11.61
CA PRO B 224 26.45 -18.68 -10.47
C PRO B 224 27.92 -19.06 -10.59
N TRP B 239 21.32 -18.00 -9.63
CA TRP B 239 21.14 -17.23 -10.84
C TRP B 239 20.90 -15.76 -10.51
N GLN B 240 21.52 -14.88 -11.27
CA GLN B 240 21.38 -13.44 -11.09
C GLN B 240 21.25 -12.78 -12.45
N VAL B 241 20.56 -11.64 -12.50
CA VAL B 241 20.48 -10.89 -13.74
C VAL B 241 21.80 -10.18 -13.98
N ARG B 242 22.09 -9.87 -15.24
CA ARG B 242 23.29 -9.10 -15.54
C ARG B 242 22.95 -7.62 -15.57
N ASP B 243 23.76 -6.83 -14.86
CA ASP B 243 23.44 -5.42 -14.67
C ASP B 243 23.69 -4.62 -15.95
N LYS B 244 22.83 -3.64 -16.17
CA LYS B 244 22.96 -2.65 -17.22
C LYS B 244 23.01 -1.28 -16.59
N PRO B 245 23.92 -0.42 -17.03
CA PRO B 245 23.94 0.94 -16.50
C PRO B 245 22.84 1.81 -17.10
N GLY B 246 21.82 2.11 -16.30
CA GLY B 246 20.76 3.00 -16.76
C GLY B 246 19.70 2.28 -17.56
N TRP B 247 18.86 3.11 -18.20
CA TRP B 247 17.74 2.61 -19.00
C TRP B 247 18.12 2.67 -20.48
N LEU B 248 18.68 1.57 -20.97
CA LEU B 248 19.10 1.51 -22.36
C LEU B 248 17.96 1.00 -23.23
N VAL B 249 17.74 1.68 -24.35
CA VAL B 249 16.70 1.30 -25.31
C VAL B 249 17.31 1.25 -26.70
N PRO B 250 16.74 0.49 -27.64
CA PRO B 250 17.14 0.64 -29.04
C PRO B 250 16.30 1.69 -29.74
N ILE B 251 16.95 2.51 -30.55
CA ILE B 251 16.24 3.55 -31.28
C ILE B 251 16.69 3.55 -32.73
N PRO B 252 15.86 3.98 -33.66
CA PRO B 252 16.31 4.17 -35.04
C PRO B 252 17.18 5.42 -35.16
N ALA B 253 18.45 5.21 -35.50
CA ALA B 253 19.40 6.30 -35.66
C ALA B 253 19.63 6.62 -37.13
N GLY B 254 18.60 7.14 -37.78
CA GLY B 254 18.74 7.66 -39.11
C GLY B 254 18.72 6.61 -40.19
N TYR B 255 19.10 7.04 -41.39
CA TYR B 255 18.94 6.23 -42.59
C TYR B 255 20.28 5.96 -43.24
N ASN B 256 20.31 4.90 -44.04
CA ASN B 256 21.48 4.51 -44.82
C ASN B 256 21.04 4.25 -46.25
N ALA B 257 21.92 4.53 -47.20
CA ALA B 257 21.54 4.54 -48.60
C ALA B 257 21.41 3.13 -49.16
N LEU B 258 20.51 2.96 -50.12
CA LEU B 258 20.49 1.75 -50.93
C LEU B 258 20.81 2.02 -52.39
N SER B 259 20.02 2.86 -53.04
CA SER B 259 20.21 3.22 -54.43
C SER B 259 21.07 4.47 -54.49
N PRO B 260 21.77 4.69 -55.60
CA PRO B 260 22.38 6.00 -55.83
C PRO B 260 21.32 7.07 -55.97
N LEU B 261 21.73 8.31 -55.73
CA LEU B 261 20.83 9.44 -55.78
C LEU B 261 20.34 9.67 -57.20
N TYR B 262 19.05 9.92 -57.35
CA TYR B 262 18.45 10.17 -58.66
C TYR B 262 18.25 11.67 -58.86
N LEU B 263 17.96 12.03 -60.10
CA LEU B 263 17.69 13.42 -60.42
C LEU B 263 16.30 13.81 -59.92
N PRO B 264 16.09 15.13 -59.62
CA PRO B 264 14.81 15.57 -59.05
C PRO B 264 13.56 15.27 -59.86
N GLY B 265 13.63 15.32 -61.17
CA GLY B 265 12.45 15.01 -61.95
C GLY B 265 12.48 13.63 -62.55
N GLU B 266 13.14 12.68 -61.90
CA GLU B 266 13.39 11.40 -62.53
C GLU B 266 12.56 10.25 -61.98
N VAL B 267 12.32 10.21 -60.70
CA VAL B 267 11.62 9.09 -60.09
C VAL B 267 10.14 9.27 -60.28
N ARG B 268 9.45 8.19 -60.63
CA ARG B 268 8.02 8.22 -60.84
C ARG B 268 7.28 8.24 -59.50
N ASN B 269 6.28 9.13 -59.41
CA ASN B 269 5.41 9.31 -58.24
C ASN B 269 6.18 9.73 -57.00
N ALA B 270 6.98 10.78 -57.13
CA ALA B 270 7.69 11.30 -55.98
C ALA B 270 6.79 12.23 -55.18
N ARG B 271 7.27 12.63 -54.02
CA ARG B 271 6.54 13.64 -53.25
C ARG B 271 6.73 15.02 -53.88
N ASP B 272 7.91 15.27 -54.43
CA ASP B 272 8.21 16.52 -55.10
C ASP B 272 9.10 16.20 -56.29
N ARG B 273 9.00 17.02 -57.34
CA ARG B 273 9.83 16.84 -58.52
C ARG B 273 10.94 17.88 -58.60
N GLU B 274 11.18 18.61 -57.51
CA GLU B 274 12.30 19.52 -57.42
C GLU B 274 13.41 19.01 -56.51
N THR B 275 13.21 17.86 -55.88
CA THR B 275 14.09 17.36 -54.85
C THR B 275 14.56 15.96 -55.20
N PRO B 276 15.86 15.68 -55.11
CA PRO B 276 16.36 14.36 -55.51
C PRO B 276 15.91 13.27 -54.54
N LEU B 277 15.66 12.08 -55.08
CA LEU B 277 15.20 10.96 -54.30
C LEU B 277 16.28 9.91 -54.18
N ARG B 278 16.27 9.18 -53.07
CA ARG B 278 17.23 8.10 -52.85
C ARG B 278 16.59 7.06 -51.97
N PHE B 279 16.53 5.82 -52.45
CA PHE B 279 15.94 4.73 -51.68
C PHE B 279 16.85 4.40 -50.50
N VAL B 280 16.30 4.48 -49.28
CA VAL B 280 17.11 4.29 -48.10
C VAL B 280 16.55 3.19 -47.21
N GLU B 281 17.18 3.00 -46.06
CA GLU B 281 16.79 1.99 -45.11
C GLU B 281 17.28 2.41 -43.73
N ASN B 282 16.68 1.82 -42.71
CA ASN B 282 16.87 2.29 -41.35
C ASN B 282 18.26 1.96 -40.82
N LEU B 283 18.63 2.65 -39.74
CA LEU B 283 19.83 2.37 -38.98
C LEU B 283 19.45 2.38 -37.51
N PHE B 284 19.71 1.28 -36.82
CA PHE B 284 19.27 1.11 -35.45
C PHE B 284 20.44 1.34 -34.50
N GLY B 285 20.40 2.45 -33.77
CA GLY B 285 21.44 2.74 -32.82
C GLY B 285 21.02 2.42 -31.41
N LEU B 286 21.62 3.11 -30.44
CA LEU B 286 21.28 2.88 -29.05
C LEU B 286 21.03 4.22 -28.37
N GLY B 287 19.88 4.33 -27.72
CA GLY B 287 19.55 5.49 -26.92
C GLY B 287 19.53 5.12 -25.45
N GLU B 288 19.28 6.13 -24.63
CA GLU B 288 19.25 5.94 -23.19
C GLU B 288 18.33 6.99 -22.60
N TRP B 289 17.58 6.62 -21.56
CA TRP B 289 16.72 7.57 -20.87
C TRP B 289 17.34 7.92 -19.54
N LEU B 290 17.77 9.17 -19.39
CA LEU B 290 18.35 9.67 -18.17
C LEU B 290 17.46 10.71 -17.54
N SER B 291 17.59 10.87 -16.24
CA SER B 291 16.95 11.99 -15.56
C SER B 291 17.69 13.27 -15.93
N PRO B 292 16.98 14.39 -16.10
CA PRO B 292 17.60 15.55 -16.76
C PRO B 292 18.67 16.26 -15.97
N HIS B 293 18.74 16.09 -14.65
CA HIS B 293 19.81 16.75 -13.90
C HIS B 293 21.11 15.95 -13.94
N ARG B 294 21.08 14.75 -14.51
CA ARG B 294 22.26 13.89 -14.51
C ARG B 294 23.28 14.37 -15.53
N VAL B 295 22.84 15.09 -16.56
CA VAL B 295 23.77 15.47 -17.61
C VAL B 295 24.64 16.63 -17.16
N ALA B 296 24.12 17.48 -16.27
CA ALA B 296 24.72 18.71 -15.73
C ALA B 296 25.12 19.70 -16.80
N ALA B 297 24.55 19.64 -18.01
CA ALA B 297 24.73 20.65 -19.05
C ALA B 297 23.56 20.54 -20.01
N LEU B 298 22.66 21.51 -19.99
CA LEU B 298 21.53 21.47 -20.90
C LEU B 298 21.82 22.12 -22.25
N SER B 299 23.03 22.64 -22.44
CA SER B 299 23.39 23.19 -23.74
C SER B 299 23.57 22.08 -24.76
N ASP B 300 23.99 20.90 -24.31
CA ASP B 300 23.93 19.69 -25.12
C ASP B 300 22.56 19.06 -24.91
N LEU B 301 22.43 17.77 -25.32
CA LEU B 301 21.26 16.84 -25.21
C LEU B 301 20.25 17.18 -26.31
N LEU B 302 20.69 18.02 -27.23
CA LEU B 302 19.87 18.41 -28.36
C LEU B 302 20.21 17.51 -29.54
N TRP B 303 19.18 17.13 -30.31
CA TRP B 303 19.36 16.19 -31.41
C TRP B 303 19.51 16.96 -32.71
N TYR B 304 20.63 16.80 -33.38
CA TYR B 304 20.90 17.49 -34.63
C TYR B 304 20.86 16.50 -35.80
N HIS B 305 20.98 17.07 -37.00
CA HIS B 305 21.04 16.30 -38.23
C HIS B 305 22.49 16.19 -38.68
N HIS B 306 22.88 15.00 -39.12
CA HIS B 306 24.18 14.78 -39.74
C HIS B 306 23.97 14.08 -41.07
N ALA B 307 24.13 14.81 -42.16
CA ALA B 307 23.75 14.21 -43.43
C ALA B 307 24.92 13.52 -44.08
N GLU B 308 25.94 14.28 -44.47
CA GLU B 308 27.02 13.83 -45.34
C GLU B 308 26.45 13.03 -46.52
N PRO B 309 25.79 13.70 -47.47
CA PRO B 309 24.93 12.97 -48.41
C PRO B 309 25.66 12.12 -49.43
N ASP B 310 26.97 12.28 -49.56
CA ASP B 310 27.71 11.60 -50.63
C ASP B 310 27.86 10.12 -50.36
N LYS B 311 27.75 9.71 -49.10
CA LYS B 311 27.81 8.30 -48.72
C LYS B 311 26.51 7.79 -48.14
N GLY B 312 25.39 8.44 -48.44
CA GLY B 312 24.18 8.14 -47.69
C GLY B 312 24.31 8.71 -46.29
N LEU B 313 24.10 7.86 -45.28
CA LEU B 313 24.39 8.16 -43.87
C LEU B 313 23.64 9.37 -43.34
N TYR B 314 22.44 9.59 -43.87
CA TYR B 314 21.55 10.60 -43.30
C TYR B 314 21.12 10.10 -41.93
N ARG B 315 21.70 10.68 -40.88
CA ARG B 315 21.51 10.16 -39.55
C ARG B 315 21.42 11.30 -38.55
N TRP B 316 20.80 11.00 -37.42
CA TRP B 316 20.66 11.95 -36.33
C TRP B 316 21.28 11.34 -35.08
N SER B 317 21.76 12.21 -34.21
CA SER B 317 22.33 11.80 -32.94
C SER B 317 22.35 13.01 -32.03
N THR B 318 23.05 12.89 -30.92
CA THR B 318 23.40 14.08 -30.14
C THR B 318 24.89 14.11 -29.86
N PRO B 319 25.66 14.92 -30.56
CA PRO B 319 27.02 15.23 -30.13
C PRO B 319 27.00 16.20 -28.95
N ARG B 320 28.20 16.48 -28.46
CA ARG B 320 28.47 17.35 -27.31
C ARG B 320 27.91 16.80 -25.99
N PHE B 321 27.40 15.56 -25.99
CA PHE B 321 26.78 15.03 -24.79
C PHE B 321 27.82 14.59 -23.76
N VAL B 322 28.63 13.59 -24.10
CA VAL B 322 29.63 13.13 -23.16
C VAL B 322 30.98 13.64 -23.61
N MET C 3 14.10 75.91 21.65
CA MET C 3 14.79 74.65 21.93
C MET C 3 15.99 74.49 21.01
N ASP C 4 17.11 75.07 21.42
CA ASP C 4 18.35 75.01 20.66
C ASP C 4 19.32 73.99 21.22
N HIS C 5 18.92 73.25 22.24
CA HIS C 5 19.79 72.28 22.87
C HIS C 5 19.27 70.86 22.63
N TYR C 6 20.21 69.92 22.63
CA TYR C 6 19.89 68.54 22.32
C TYR C 6 20.77 67.62 23.16
N LEU C 7 20.34 66.36 23.25
CA LEU C 7 21.07 65.30 23.93
C LEU C 7 20.81 64.00 23.22
N ASP C 8 21.87 63.39 22.68
CA ASP C 8 21.75 62.15 21.94
C ASP C 8 21.87 60.96 22.88
N ILE C 9 21.02 59.96 22.66
CA ILE C 9 21.05 58.71 23.40
C ILE C 9 21.08 57.57 22.39
N ARG C 10 22.12 56.73 22.50
CA ARG C 10 22.30 55.60 21.60
C ARG C 10 22.23 54.30 22.38
N LEU C 11 21.51 53.33 21.83
CA LEU C 11 21.37 52.04 22.48
C LEU C 11 22.67 51.27 22.42
N ARG C 12 23.15 50.89 23.60
CA ARG C 12 24.30 49.99 23.56
C ARG C 12 23.86 48.62 23.06
N PRO C 13 24.71 47.91 22.33
CA PRO C 13 24.37 46.55 21.93
C PRO C 13 24.32 45.62 23.14
N ASP C 14 23.31 44.77 23.14
CA ASP C 14 23.02 43.93 24.29
C ASP C 14 22.88 42.50 23.80
N PRO C 15 23.55 41.54 24.43
CA PRO C 15 23.33 40.14 24.04
C PRO C 15 21.99 39.61 24.50
N GLU C 16 21.34 40.31 25.42
CA GLU C 16 20.08 39.85 25.99
C GLU C 16 18.88 40.29 25.17
N PHE C 17 18.95 41.46 24.55
CA PHE C 17 17.76 42.15 24.05
C PHE C 17 17.93 42.54 22.59
N PRO C 18 16.84 42.70 21.83
CA PRO C 18 16.91 43.38 20.56
C PRO C 18 16.82 44.88 20.77
N PRO C 19 17.24 45.68 19.79
CA PRO C 19 17.20 47.14 20.00
C PRO C 19 15.80 47.71 20.05
N ALA C 20 14.83 47.05 19.42
CA ALA C 20 13.47 47.56 19.40
C ALA C 20 12.84 47.52 20.79
N GLN C 21 13.12 46.45 21.54
CA GLN C 21 12.61 46.30 22.90
C GLN C 21 13.18 47.38 23.81
N LEU C 22 14.48 47.64 23.67
CA LEU C 22 15.14 48.66 24.46
C LEU C 22 14.65 50.05 24.11
N MET C 23 14.39 50.28 22.81
CA MET C 23 13.88 51.57 22.38
C MET C 23 12.47 51.80 22.91
N SER C 24 11.65 50.75 22.96
CA SER C 24 10.29 50.90 23.45
C SER C 24 10.25 51.15 24.94
N VAL C 25 11.12 50.47 25.71
CA VAL C 25 11.08 50.70 27.16
C VAL C 25 11.69 52.06 27.49
N LEU C 26 12.65 52.51 26.67
CA LEU C 26 13.21 53.85 26.85
C LEU C 26 12.17 54.92 26.55
N PHE C 27 11.37 54.71 25.50
CA PHE C 27 10.34 55.68 25.15
C PHE C 27 9.24 55.72 26.18
N GLY C 28 8.89 54.56 26.74
CA GLY C 28 7.93 54.53 27.82
C GLY C 28 8.42 55.25 29.07
N LYS C 29 9.71 55.08 29.38
CA LYS C 29 10.22 55.73 30.57
C LYS C 29 10.40 57.24 30.37
N LEU C 30 10.65 57.64 29.13
CA LEU C 30 10.75 59.08 28.79
C LEU C 30 9.35 59.69 28.92
N HIS C 31 8.33 58.97 28.46
CA HIS C 31 6.93 59.39 28.56
C HIS C 31 6.50 59.53 30.02
N GLN C 32 6.86 58.55 30.85
CA GLN C 32 6.56 58.64 32.28
C GLN C 32 7.33 59.78 32.93
N ALA C 33 8.54 60.05 32.45
CA ALA C 33 9.31 61.18 32.96
C ALA C 33 8.66 62.51 32.58
N LEU C 34 8.00 62.56 31.42
CA LEU C 34 7.40 63.81 31.00
C LEU C 34 6.05 64.03 31.71
N VAL C 35 5.30 62.95 31.98
CA VAL C 35 4.09 63.11 32.79
C VAL C 35 4.45 63.44 34.23
N ALA C 36 5.63 62.98 34.68
CA ALA C 36 6.13 63.41 35.99
C ALA C 36 6.58 64.86 35.95
N GLN C 37 7.06 65.32 34.80
CA GLN C 37 7.61 66.67 34.71
C GLN C 37 6.53 67.71 34.41
N GLY C 38 5.62 67.38 33.50
CA GLY C 38 4.61 68.35 33.09
C GLY C 38 5.15 69.33 32.04
N GLY C 39 4.22 69.93 31.32
CA GLY C 39 4.56 70.84 30.24
C GLY C 39 4.53 70.19 28.87
N ASP C 40 4.85 71.01 27.86
CA ASP C 40 4.74 70.61 26.46
C ASP C 40 5.98 71.00 25.67
N ARG C 41 7.11 71.12 26.35
CA ARG C 41 8.31 71.73 25.78
C ARG C 41 9.39 70.71 25.40
N ILE C 42 9.06 69.43 25.41
CA ILE C 42 10.05 68.37 25.26
C ILE C 42 9.79 67.66 23.94
N GLY C 43 10.76 67.71 23.04
CA GLY C 43 10.60 67.08 21.75
C GLY C 43 11.59 65.97 21.51
N VAL C 44 11.23 64.97 20.70
CA VAL C 44 12.06 63.80 20.46
C VAL C 44 12.33 63.67 18.97
N SER C 45 13.28 62.81 18.63
CA SER C 45 13.62 62.53 17.24
C SER C 45 14.33 61.19 17.14
N PHE C 46 14.56 60.76 15.90
CA PHE C 46 15.23 59.49 15.60
C PHE C 46 16.24 59.75 14.49
N PRO C 47 17.51 59.97 14.84
CA PRO C 47 18.49 60.42 13.84
C PRO C 47 18.91 59.36 12.84
N ASP C 48 18.99 58.09 13.23
CA ASP C 48 19.40 57.04 12.31
C ASP C 48 18.20 56.32 11.71
N LEU C 49 17.13 57.05 11.42
CA LEU C 49 15.90 56.52 10.89
C LEU C 49 16.09 55.83 9.55
N ASP C 50 15.27 54.81 9.30
CA ASP C 50 15.18 54.13 8.02
C ASP C 50 13.72 54.13 7.60
N GLU C 51 13.34 55.04 6.69
CA GLU C 51 11.96 55.10 6.23
C GLU C 51 11.62 53.91 5.34
N SER C 52 12.62 53.37 4.64
CA SER C 52 12.36 52.31 3.66
C SER C 52 12.05 50.99 4.33
N ARG C 53 12.80 50.65 5.39
CA ARG C 53 12.62 49.40 6.10
C ARG C 53 11.74 49.54 7.34
N SER C 54 11.19 50.73 7.56
CA SER C 54 10.38 51.10 8.75
C SER C 54 11.07 50.72 10.06
N ARG C 55 12.31 51.20 10.20
CA ARG C 55 13.12 50.96 11.38
C ARG C 55 13.45 52.29 12.04
N LEU C 56 13.38 52.33 13.37
CA LEU C 56 13.68 53.56 14.08
C LEU C 56 15.16 53.87 14.11
N GLY C 57 16.01 52.87 13.89
CA GLY C 57 17.44 53.04 14.03
C GLY C 57 17.94 52.55 15.39
N GLU C 58 19.03 53.14 15.84
CA GLU C 58 19.58 52.81 17.15
C GLU C 58 19.86 54.04 18.00
N ARG C 59 19.38 55.20 17.58
CA ARG C 59 19.60 56.45 18.30
C ARG C 59 18.28 57.11 18.62
N LEU C 60 18.27 57.89 19.68
CA LEU C 60 17.16 58.77 20.02
C LEU C 60 17.76 60.09 20.48
N ARG C 61 17.09 61.19 20.18
CA ARG C 61 17.57 62.53 20.49
C ARG C 61 16.44 63.37 21.05
N ILE C 62 16.66 63.98 22.21
CA ILE C 62 15.66 64.81 22.87
C ILE C 62 15.95 66.27 22.50
N HIS C 63 14.88 67.05 22.31
CA HIS C 63 14.99 68.46 21.98
C HIS C 63 14.32 69.30 23.05
N ALA C 64 15.14 70.07 23.78
CA ALA C 64 14.64 70.89 24.88
C ALA C 64 15.62 71.99 25.24
N SER C 65 15.37 72.69 26.33
CA SER C 65 16.36 73.59 26.90
C SER C 65 17.31 72.80 27.78
N ALA C 66 18.44 73.45 28.12
CA ALA C 66 19.56 72.76 28.76
C ALA C 66 19.23 72.32 30.19
N ASP C 67 18.40 73.08 30.89
CA ASP C 67 18.00 72.72 32.26
C ASP C 67 17.15 71.46 32.25
N ASP C 68 16.32 71.28 31.23
CA ASP C 68 15.55 70.05 31.06
C ASP C 68 16.47 68.87 30.80
N LEU C 69 17.53 69.07 30.01
CA LEU C 69 18.46 67.99 29.73
C LEU C 69 19.24 67.59 30.98
N ARG C 70 19.72 68.56 31.76
CA ARG C 70 20.48 68.19 32.95
C ARG C 70 19.58 67.64 34.04
N ALA C 71 18.30 68.03 34.04
CA ALA C 71 17.35 67.42 34.98
C ALA C 71 17.04 65.99 34.58
N LEU C 72 16.87 65.73 33.28
CA LEU C 72 16.46 64.40 32.85
C LEU C 72 17.62 63.42 32.78
N LEU C 73 18.85 63.95 32.88
CA LEU C 73 20.08 63.10 32.80
C LEU C 73 20.41 62.47 34.16
N ALA C 74 19.79 62.96 35.24
CA ALA C 74 20.02 62.44 36.58
C ALA C 74 18.76 61.97 37.28
N ARG C 75 17.59 62.25 36.72
CA ARG C 75 16.34 61.85 37.32
C ARG C 75 16.15 60.34 37.20
N PRO C 76 15.41 59.72 38.13
CA PRO C 76 15.39 58.24 38.18
C PRO C 76 14.62 57.56 37.06
N TRP C 77 14.22 58.27 36.01
CA TRP C 77 13.69 57.59 34.83
C TRP C 77 14.79 56.90 34.04
N LEU C 78 16.05 57.28 34.28
CA LEU C 78 17.17 56.57 33.68
C LEU C 78 17.74 55.49 34.60
N GLU C 79 17.08 55.19 35.71
CA GLU C 79 17.54 54.14 36.61
C GLU C 79 17.31 52.78 35.98
N GLY C 80 18.34 51.94 35.98
CA GLY C 80 18.24 50.62 35.40
C GLY C 80 18.51 50.55 33.93
N LEU C 81 18.73 51.69 33.27
CA LEU C 81 19.05 51.69 31.85
C LEU C 81 20.44 52.23 31.55
N ARG C 82 21.15 52.73 32.58
CA ARG C 82 22.46 53.32 32.35
C ARG C 82 23.49 52.26 31.98
N ASP C 83 23.19 51.00 32.28
CA ASP C 83 23.96 49.88 31.78
C ASP C 83 23.56 49.47 30.37
N HIS C 84 22.35 49.82 29.95
CA HIS C 84 21.88 49.56 28.60
C HIS C 84 22.17 50.70 27.63
N LEU C 85 22.56 51.87 28.15
CA LEU C 85 22.60 53.09 27.37
C LEU C 85 23.95 53.77 27.53
N GLN C 86 24.42 54.36 26.43
CA GLN C 86 25.53 55.30 26.46
C GLN C 86 24.99 56.67 26.08
N PHE C 87 25.64 57.70 26.59
CA PHE C 87 25.08 59.05 26.55
C PHE C 87 26.02 60.00 25.84
N GLY C 88 25.47 61.13 25.40
CA GLY C 88 26.26 62.28 25.04
C GLY C 88 26.25 63.33 26.14
N GLU C 89 26.51 64.58 25.73
CA GLU C 89 26.50 65.71 26.64
C GLU C 89 25.46 66.74 26.21
N PRO C 90 24.84 67.44 27.16
CA PRO C 90 23.84 68.46 26.79
C PRO C 90 24.48 69.65 26.10
N ALA C 91 24.24 69.76 24.79
CA ALA C 91 24.94 70.74 23.97
C ALA C 91 23.99 71.40 22.99
N VAL C 92 24.49 72.43 22.32
CA VAL C 92 23.70 73.20 21.36
C VAL C 92 23.71 72.50 20.01
N VAL C 93 22.57 72.55 19.32
CA VAL C 93 22.39 71.89 18.03
C VAL C 93 23.26 72.55 16.96
N PRO C 94 23.61 71.85 15.89
CA PRO C 94 24.22 72.52 14.74
C PRO C 94 23.17 73.20 13.88
N HIS C 95 23.66 74.00 12.94
CA HIS C 95 22.84 74.75 12.00
C HIS C 95 23.70 74.99 10.77
N PRO C 96 23.12 75.07 9.56
CA PRO C 96 21.69 75.06 9.20
C PRO C 96 21.06 73.68 9.15
N THR C 97 19.83 73.60 9.65
CA THR C 97 19.12 72.35 9.74
C THR C 97 17.70 72.50 9.20
N PRO C 98 17.22 71.51 8.46
CA PRO C 98 15.79 71.46 8.12
C PRO C 98 14.98 71.06 9.35
N TYR C 99 13.72 71.48 9.34
CA TYR C 99 12.84 71.24 10.47
C TYR C 99 11.65 70.39 10.05
N ARG C 100 11.30 69.43 10.90
CA ARG C 100 10.23 68.49 10.60
C ARG C 100 9.49 68.18 11.87
N GLN C 101 8.31 67.58 11.72
CA GLN C 101 7.45 67.25 12.85
C GLN C 101 7.49 65.76 13.12
N VAL C 102 7.37 65.40 14.40
CA VAL C 102 7.28 64.00 14.80
C VAL C 102 5.91 63.78 15.43
N SER C 103 5.02 63.13 14.72
CA SER C 103 3.63 63.06 15.12
C SER C 103 3.17 61.61 15.25
N ARG C 104 2.32 61.35 16.24
CA ARG C 104 1.72 60.04 16.38
C ARG C 104 0.57 59.88 15.39
N VAL C 105 0.67 58.87 14.55
CA VAL C 105 -0.38 58.55 13.59
C VAL C 105 -1.16 57.34 14.10
N GLN C 106 -2.48 57.47 14.09
CA GLN C 106 -3.38 56.39 14.46
C GLN C 106 -4.17 55.97 13.24
N ALA C 107 -4.46 54.67 13.16
CA ALA C 107 -5.21 54.13 12.04
C ALA C 107 -6.42 53.39 12.55
N LYS C 108 -7.50 53.41 11.76
CA LYS C 108 -8.70 52.67 12.11
C LYS C 108 -8.46 51.18 11.86
N SER C 109 -7.72 50.54 12.75
CA SER C 109 -7.17 49.22 12.50
C SER C 109 -8.11 48.08 12.86
N ASN C 110 -9.15 48.33 13.66
CA ASN C 110 -10.09 47.29 14.05
C ASN C 110 -11.49 47.75 13.64
N PRO C 111 -12.13 47.07 12.70
CA PRO C 111 -13.48 47.49 12.30
C PRO C 111 -14.52 47.29 13.39
N GLU C 112 -14.31 46.30 14.26
CA GLU C 112 -15.32 45.94 15.23
C GLU C 112 -15.42 46.96 16.37
N ARG C 113 -14.30 47.60 16.71
CA ARG C 113 -14.31 48.62 17.76
C ARG C 113 -15.05 49.87 17.31
N LEU C 114 -14.81 50.30 16.07
CA LEU C 114 -15.59 51.39 15.51
C LEU C 114 -17.04 50.99 15.29
N ARG C 115 -17.29 49.70 15.04
CA ARG C 115 -18.67 49.20 14.98
C ARG C 115 -19.36 49.32 16.33
N ARG C 116 -18.64 48.98 17.41
CA ARG C 116 -19.22 49.10 18.74
C ARG C 116 -19.39 50.55 19.14
N ARG C 117 -18.53 51.44 18.64
CA ARG C 117 -18.73 52.87 18.85
C ARG C 117 -19.95 53.39 18.11
N LEU C 118 -20.16 52.93 16.87
CA LEU C 118 -21.35 53.28 16.11
C LEU C 118 -22.61 52.70 16.75
N MET C 119 -22.48 51.54 17.39
CA MET C 119 -23.62 50.96 18.09
C MET C 119 -23.91 51.72 19.38
N ARG C 120 -22.86 52.25 20.01
CA ARG C 120 -23.06 53.04 21.22
C ARG C 120 -23.63 54.41 20.90
N ARG C 121 -23.30 54.96 19.73
CA ARG C 121 -23.69 56.31 19.36
C ARG C 121 -24.85 56.38 18.37
N HIS C 122 -25.38 55.23 17.92
CA HIS C 122 -26.53 55.24 17.03
C HIS C 122 -27.54 54.16 17.37
N ASP C 123 -27.28 53.39 18.45
CA ASP C 123 -28.21 52.38 19.00
C ASP C 123 -28.56 51.28 18.00
N LEU C 124 -27.65 50.99 17.07
CA LEU C 124 -27.87 49.95 16.09
C LEU C 124 -27.45 48.59 16.66
N SER C 125 -27.82 47.53 15.96
CA SER C 125 -27.41 46.20 16.35
C SER C 125 -26.07 45.87 15.71
N GLU C 126 -25.65 44.61 15.89
CA GLU C 126 -24.38 44.16 15.32
C GLU C 126 -24.47 44.08 13.81
N GLU C 127 -25.62 43.67 13.28
CA GLU C 127 -25.73 43.46 11.85
C GLU C 127 -25.84 44.79 11.11
N GLU C 128 -26.46 45.79 11.73
CA GLU C 128 -26.48 47.13 11.14
C GLU C 128 -25.09 47.76 11.18
N ALA C 129 -24.30 47.41 12.18
CA ALA C 129 -22.93 47.90 12.27
C ALA C 129 -22.03 47.22 11.24
N ARG C 130 -22.30 45.94 10.96
CA ARG C 130 -21.55 45.25 9.92
C ARG C 130 -21.99 45.68 8.53
N LYS C 131 -23.25 46.10 8.39
CA LYS C 131 -23.72 46.62 7.11
C LYS C 131 -23.18 48.02 6.84
N ARG C 132 -23.17 48.87 7.86
CA ARG C 132 -22.66 50.22 7.70
C ARG C 132 -21.14 50.28 7.65
N ILE C 133 -20.44 49.34 8.29
CA ILE C 133 -18.97 49.36 8.32
C ILE C 133 -18.43 48.00 7.87
N PRO C 134 -17.80 47.92 6.70
CA PRO C 134 -17.25 46.65 6.24
C PRO C 134 -15.84 46.41 6.80
N ASP C 135 -15.22 45.35 6.28
CA ASP C 135 -13.88 44.96 6.71
C ASP C 135 -12.78 45.54 5.84
N THR C 136 -13.13 46.20 4.73
CA THR C 136 -12.15 46.89 3.91
C THR C 136 -11.65 48.17 4.60
N VAL C 137 -12.44 48.72 5.52
CA VAL C 137 -12.15 49.94 6.28
C VAL C 137 -10.83 49.85 7.05
N ALA C 138 -10.43 48.65 7.49
CA ALA C 138 -9.24 48.47 8.29
C ALA C 138 -7.97 48.84 7.53
N ARG C 139 -7.25 49.84 8.04
CA ARG C 139 -6.08 50.38 7.38
C ARG C 139 -4.84 50.07 8.21
N ALA C 140 -3.80 49.57 7.53
CA ALA C 140 -2.53 49.23 8.16
C ALA C 140 -1.47 50.19 7.69
N LEU C 141 -0.73 50.76 8.63
CA LEU C 141 0.27 51.78 8.32
C LEU C 141 1.60 51.12 7.95
N ASP C 142 2.26 51.68 6.94
CA ASP C 142 3.63 51.28 6.60
C ASP C 142 4.62 52.27 7.21
N LEU C 143 4.67 52.28 8.53
CA LEU C 143 5.46 53.22 9.30
C LEU C 143 6.10 52.51 10.49
N PRO C 144 7.26 52.97 10.96
CA PRO C 144 7.87 52.37 12.14
C PRO C 144 7.09 52.71 13.41
N PHE C 145 7.35 51.95 14.46
CA PHE C 145 6.49 51.96 15.64
C PHE C 145 7.25 51.47 16.86
N VAL C 146 6.83 51.97 18.02
CA VAL C 146 7.22 51.41 19.31
C VAL C 146 6.00 50.70 19.89
N THR C 147 6.24 49.77 20.81
CA THR C 147 5.19 49.04 21.49
C THR C 147 5.16 49.48 22.96
N LEU C 148 3.98 49.82 23.45
CA LEU C 148 3.87 50.47 24.75
C LEU C 148 2.79 49.86 25.62
N ARG C 149 3.12 49.72 26.90
CA ARG C 149 2.23 49.19 27.91
C ARG C 149 1.54 50.35 28.62
N SER C 150 0.23 50.44 28.47
CA SER C 150 -0.52 51.46 29.16
C SER C 150 -0.62 51.13 30.65
N GLN C 151 -0.68 52.18 31.48
CA GLN C 151 -0.83 51.99 32.92
C GLN C 151 -2.23 52.36 33.40
N SER C 152 -2.92 53.27 32.69
CA SER C 152 -4.31 53.55 33.01
C SER C 152 -5.19 52.36 32.68
N THR C 153 -5.29 52.03 31.40
CA THR C 153 -5.85 50.76 30.98
C THR C 153 -4.72 49.74 30.85
N GLY C 154 -5.07 48.47 30.66
CA GLY C 154 -4.07 47.43 30.67
C GLY C 154 -3.58 46.94 29.33
N GLN C 155 -3.70 47.75 28.29
CA GLN C 155 -3.44 47.22 26.96
C GLN C 155 -1.99 47.46 26.53
N HIS C 156 -1.54 46.64 25.60
CA HIS C 156 -0.28 46.82 24.91
C HIS C 156 -0.56 47.16 23.46
N PHE C 157 -0.15 48.35 23.04
CA PHE C 157 -0.48 48.84 21.72
C PHE C 157 0.77 49.33 21.01
N ARG C 158 0.75 49.24 19.69
CA ARG C 158 1.81 49.79 18.85
C ARG C 158 1.55 51.27 18.65
N LEU C 159 2.56 52.09 18.90
CA LEU C 159 2.48 53.54 18.75
C LEU C 159 3.25 53.92 17.50
N PHE C 160 2.53 54.22 16.43
CA PHE C 160 3.14 54.52 15.15
C PHE C 160 3.53 56.00 15.07
N ILE C 161 4.78 56.23 14.67
CA ILE C 161 5.38 57.55 14.64
C ILE C 161 5.56 57.96 13.18
N ARG C 162 5.46 59.25 12.90
CA ARG C 162 5.77 59.78 11.58
C ARG C 162 6.66 61.00 11.72
N HIS C 163 7.83 60.94 11.11
CA HIS C 163 8.68 62.12 10.93
C HIS C 163 8.15 62.90 9.73
N GLY C 164 7.78 64.16 9.98
CA GLY C 164 7.11 64.95 8.98
C GLY C 164 8.04 65.45 7.90
N PRO C 165 7.50 66.31 7.03
CA PRO C 165 8.30 66.81 5.91
C PRO C 165 9.35 67.80 6.39
N LEU C 166 10.49 67.80 5.72
CA LEU C 166 11.56 68.72 6.06
C LEU C 166 11.18 70.13 5.60
N GLN C 167 11.42 71.11 6.45
CA GLN C 167 11.06 72.49 6.20
C GLN C 167 12.23 73.40 6.55
N VAL C 168 12.30 74.54 5.89
CA VAL C 168 13.46 75.42 6.05
C VAL C 168 13.34 76.22 7.34
N THR C 169 12.15 76.30 7.91
CA THR C 169 11.94 77.04 9.14
C THR C 169 11.07 76.23 10.11
N ALA C 170 11.21 76.57 11.38
CA ALA C 170 10.44 75.96 12.45
C ALA C 170 9.34 76.91 12.92
N GLU C 171 8.32 76.33 13.55
CA GLU C 171 7.21 77.11 14.08
C GLU C 171 6.99 76.77 15.53
N GLU C 172 6.17 77.59 16.20
CA GLU C 172 5.88 77.37 17.60
C GLU C 172 4.85 76.25 17.77
N GLY C 173 4.59 75.91 19.02
CA GLY C 173 3.66 74.84 19.33
C GLY C 173 4.14 74.08 20.54
N GLY C 174 3.29 73.15 20.98
CA GLY C 174 3.67 72.30 22.08
C GLY C 174 4.02 70.89 21.65
N PHE C 175 4.19 70.01 22.64
CA PHE C 175 4.41 68.60 22.36
C PHE C 175 3.57 67.81 23.34
N THR C 176 3.24 66.57 22.97
CA THR C 176 2.50 65.72 23.89
C THR C 176 3.43 65.17 24.95
N CYS C 177 2.87 64.37 25.84
CA CYS C 177 3.63 63.75 26.92
CA CYS C 177 3.64 63.76 26.92
C CYS C 177 4.53 62.62 26.43
N TYR C 178 4.38 62.20 25.18
CA TYR C 178 5.31 61.29 24.55
C TYR C 178 6.42 62.04 23.84
N GLY C 179 6.42 63.38 23.89
CA GLY C 179 7.40 64.16 23.19
C GLY C 179 7.12 64.35 21.72
N LEU C 180 5.98 63.89 21.23
CA LEU C 180 5.64 64.00 19.83
C LEU C 180 4.94 65.32 19.54
N SER C 181 5.04 65.74 18.29
CA SER C 181 4.59 67.08 17.91
C SER C 181 3.08 67.14 17.84
N LYS C 182 2.52 68.05 18.62
CA LYS C 182 1.14 68.52 18.45
C LYS C 182 1.17 69.95 17.93
N GLY C 183 2.24 70.31 17.22
CA GLY C 183 2.44 71.65 16.73
C GLY C 183 3.89 72.08 16.74
N GLY C 184 4.70 71.46 17.60
CA GLY C 184 6.09 71.84 17.70
C GLY C 184 6.93 71.31 16.55
N PHE C 185 8.12 71.85 16.40
CA PHE C 185 9.08 71.45 15.37
C PHE C 185 10.44 71.20 16.00
N VAL C 186 11.21 70.33 15.36
CA VAL C 186 12.54 69.96 15.86
C VAL C 186 13.59 70.15 14.77
N PRO C 187 14.83 70.48 15.12
CA PRO C 187 15.90 70.46 14.11
C PRO C 187 16.28 69.05 13.74
N TRP C 188 16.40 68.81 12.44
CA TRP C 188 16.70 67.49 11.90
C TRP C 188 18.11 67.48 11.34
N PHE C 189 19.02 66.83 12.07
CA PHE C 189 20.41 66.68 11.63
C PHE C 189 20.95 65.27 11.92
N ILE E 5 50.48 9.41 20.03
CA ILE E 5 50.18 10.59 19.22
C ILE E 5 49.24 11.52 20.00
N LEU E 6 48.44 10.91 20.88
CA LEU E 6 47.43 11.59 21.71
C LEU E 6 46.44 12.35 20.83
N SER E 7 45.65 11.58 20.10
CA SER E 7 44.49 12.15 19.45
C SER E 7 43.40 12.44 20.48
N THR E 8 42.46 13.30 20.11
CA THR E 8 41.37 13.62 21.01
C THR E 8 40.39 12.45 21.07
N ALA E 9 39.69 12.34 22.20
CA ALA E 9 38.77 11.23 22.39
C ALA E 9 37.49 11.46 21.60
N SER E 10 36.75 10.37 21.36
CA SER E 10 35.55 10.46 20.55
C SER E 10 34.43 11.18 21.28
N VAL E 11 34.10 10.74 22.50
CA VAL E 11 33.03 11.34 23.28
C VAL E 11 33.62 11.95 24.54
N LEU E 12 33.10 13.11 24.92
CA LEU E 12 33.35 13.70 26.24
C LEU E 12 32.01 14.20 26.72
N ALA E 13 31.71 13.97 27.98
CA ALA E 13 30.46 14.42 28.57
C ALA E 13 30.79 15.12 29.88
N PHE E 14 30.60 16.43 29.91
CA PHE E 14 30.86 17.20 31.11
C PHE E 14 29.54 17.55 31.76
N GLU E 15 29.35 17.08 32.99
CA GLU E 15 28.13 17.35 33.73
C GLU E 15 28.04 18.83 34.05
N ARG E 16 26.81 19.30 34.17
CA ARG E 16 26.57 20.70 34.49
C ARG E 16 27.02 20.97 35.92
N LYS E 17 28.09 21.73 36.06
CA LYS E 17 28.34 22.37 37.33
C LYS E 17 27.58 23.67 37.37
N LEU E 18 27.49 24.27 38.55
CA LEU E 18 26.67 25.45 38.84
C LEU E 18 25.22 25.21 38.43
N ASP E 19 24.59 24.30 39.15
CA ASP E 19 23.23 23.84 38.88
C ASP E 19 22.23 24.78 39.54
N PRO E 20 21.43 25.51 38.77
CA PRO E 20 20.39 26.35 39.36
C PRO E 20 19.06 25.60 39.42
N SER E 21 18.08 26.27 40.03
CA SER E 21 16.73 25.74 40.13
C SER E 21 15.80 26.61 39.31
N ASP E 22 14.52 26.23 39.29
CA ASP E 22 13.55 27.02 38.58
C ASP E 22 13.18 28.25 39.39
N ALA E 23 13.23 29.41 38.76
CA ALA E 23 13.06 30.69 39.43
C ALA E 23 11.57 30.95 39.59
N LEU E 24 11.03 30.59 40.76
CA LEU E 24 9.63 30.91 41.07
C LEU E 24 9.48 32.39 41.33
N MET E 25 8.50 33.02 40.67
CA MET E 25 8.25 34.44 40.86
C MET E 25 6.97 34.64 41.64
N SER E 26 7.07 35.28 42.79
CA SER E 26 5.93 35.74 43.58
C SER E 26 5.98 37.25 43.67
N ALA E 27 4.97 37.84 44.29
CA ALA E 27 4.88 39.29 44.37
C ALA E 27 4.56 39.71 45.80
N GLY E 28 4.67 41.01 46.03
CA GLY E 28 4.36 41.56 47.33
C GLY E 28 4.54 43.06 47.31
N ALA E 29 4.85 43.61 48.48
CA ALA E 29 5.03 45.05 48.63
C ALA E 29 6.41 45.36 49.18
N TRP E 30 6.94 46.51 48.77
CA TRP E 30 8.24 46.96 49.25
C TRP E 30 8.14 47.40 50.72
N ALA E 31 9.31 47.60 51.33
CA ALA E 31 9.54 47.98 52.72
C ALA E 31 9.03 46.94 53.71
N GLN E 32 8.74 45.73 53.26
CA GLN E 32 8.52 44.58 54.13
C GLN E 32 9.16 43.34 53.53
N ARG E 33 10.34 43.53 52.94
CA ARG E 33 11.03 42.43 52.26
C ARG E 33 11.56 41.38 53.23
N ASP E 34 11.64 41.69 54.51
CA ASP E 34 12.01 40.70 55.50
C ASP E 34 10.83 39.88 55.99
N ALA E 35 9.63 40.16 55.49
CA ALA E 35 8.44 39.36 55.76
C ALA E 35 8.08 38.49 54.57
N SER E 36 9.03 38.25 53.67
CA SER E 36 8.75 37.62 52.39
C SER E 36 8.92 36.11 52.45
N GLN E 37 8.10 35.43 53.25
CA GLN E 37 8.08 33.99 53.24
C GLN E 37 6.72 33.41 52.92
N GLU E 38 5.67 34.22 53.02
CA GLU E 38 4.31 33.79 52.74
C GLU E 38 3.66 34.68 51.70
N TRP E 39 4.46 35.20 50.78
CA TRP E 39 3.94 36.09 49.76
C TRP E 39 3.15 35.30 48.72
N PRO E 40 2.05 35.85 48.21
CA PRO E 40 1.25 35.11 47.23
C PRO E 40 1.95 35.04 45.90
N ALA E 41 1.58 34.04 45.11
CA ALA E 41 2.29 33.78 43.87
C ALA E 41 1.71 34.58 42.72
N VAL E 42 2.53 34.75 41.69
CA VAL E 42 2.10 35.41 40.47
C VAL E 42 1.61 34.34 39.51
N THR E 43 0.29 34.21 39.38
CA THR E 43 -0.29 33.17 38.56
C THR E 43 -0.30 33.59 37.10
N VAL E 44 -0.38 32.61 36.22
CA VAL E 44 -0.52 32.85 34.80
C VAL E 44 -1.98 32.66 34.41
N ARG E 45 -2.56 33.68 33.79
CA ARG E 45 -3.96 33.68 33.42
C ARG E 45 -4.05 33.86 31.91
N GLU E 46 -5.21 33.53 31.35
CA GLU E 46 -5.44 33.77 29.94
C GLU E 46 -6.20 35.06 29.74
N LYS E 47 -5.85 35.81 28.70
CA LYS E 47 -6.54 37.02 28.32
C LYS E 47 -6.75 37.03 26.81
N SER E 48 -7.99 37.26 26.40
CA SER E 48 -8.36 37.20 24.99
C SER E 48 -8.09 38.55 24.33
N VAL E 49 -7.33 38.54 23.24
CA VAL E 49 -7.04 39.74 22.49
C VAL E 49 -7.59 39.61 21.08
N GLN E 77 -7.65 36.23 19.37
CA GLN E 77 -6.75 35.15 19.75
C GLN E 77 -6.74 34.94 21.26
N THR E 78 -5.89 34.02 21.70
CA THR E 78 -5.78 33.65 23.11
C THR E 78 -4.30 33.64 23.50
N VAL E 79 -3.89 34.57 24.34
CA VAL E 79 -2.52 34.66 24.80
C VAL E 79 -2.48 34.44 26.31
N ASP E 80 -1.29 34.12 26.81
CA ASP E 80 -1.08 34.03 28.25
C ASP E 80 -0.26 35.23 28.72
N VAL E 81 -0.75 35.91 29.74
CA VAL E 81 -0.07 37.09 30.28
C VAL E 81 -0.12 36.99 31.80
N ALA E 82 0.88 37.57 32.46
CA ALA E 82 1.01 37.48 33.91
C ALA E 82 1.39 38.84 34.46
N ASN E 83 0.63 39.32 35.43
CA ASN E 83 0.86 40.61 36.05
C ASN E 83 0.92 40.46 37.57
N LEU E 84 1.47 41.47 38.21
CA LEU E 84 1.36 41.59 39.65
C LEU E 84 -0.09 41.93 40.01
N PRO E 85 -0.52 41.63 41.23
CA PRO E 85 -1.84 42.09 41.68
C PRO E 85 -1.88 43.60 41.83
N SER E 86 -3.08 44.13 41.92
CA SER E 86 -3.30 45.57 41.94
C SER E 86 -2.92 46.24 43.26
N ASP E 87 -2.42 45.49 44.24
CA ASP E 87 -1.89 46.06 45.47
C ASP E 87 -0.46 45.59 45.72
N ALA E 88 0.28 45.31 44.66
CA ALA E 88 1.63 44.76 44.78
C ALA E 88 2.54 45.47 43.79
N ASP E 89 3.73 45.86 44.25
CA ASP E 89 4.62 46.68 43.43
C ASP E 89 6.03 46.11 43.33
N THR E 90 6.28 44.92 43.85
CA THR E 90 7.60 44.32 43.71
C THR E 90 7.48 42.84 43.40
N LEU E 91 8.51 42.30 42.76
CA LEU E 91 8.52 40.92 42.29
C LEU E 91 9.57 40.15 43.07
N LYS E 92 9.18 39.00 43.62
CA LYS E 92 10.09 38.13 44.36
C LYS E 92 10.37 36.91 43.51
N VAL E 93 11.52 36.90 42.85
CA VAL E 93 12.01 35.75 42.10
C VAL E 93 12.96 34.99 43.01
N ARG E 94 12.69 33.70 43.20
CA ARG E 94 13.44 32.88 44.13
C ARG E 94 13.93 31.61 43.45
N PHE E 95 15.20 31.28 43.64
CA PHE E 95 15.75 30.02 43.18
C PHE E 95 16.96 29.69 44.04
N THR E 96 17.32 28.42 44.06
CA THR E 96 18.52 27.97 44.76
C THR E 96 19.54 27.52 43.73
N LEU E 97 20.81 27.70 44.08
CA LEU E 97 21.90 27.41 43.17
C LEU E 97 22.89 26.51 43.89
N ARG E 98 23.15 25.34 43.33
CA ARG E 98 24.08 24.39 43.90
C ARG E 98 25.34 24.35 43.05
N VAL E 99 26.47 24.56 43.69
CA VAL E 99 27.78 24.55 43.04
C VAL E 99 28.45 23.23 43.36
N LEU E 100 28.88 22.51 42.33
CA LEU E 100 29.32 21.12 42.53
C LEU E 100 30.82 21.02 42.77
N GLY E 101 31.61 21.44 41.80
CA GLY E 101 33.03 21.26 41.96
C GLY E 101 33.51 20.00 41.26
N GLY E 102 34.81 19.97 40.97
CA GLY E 102 35.35 18.92 40.14
C GLY E 102 35.09 19.25 38.69
N ALA E 103 35.55 20.42 38.27
CA ALA E 103 35.17 20.98 36.97
C ALA E 103 35.83 20.26 35.80
N GLY E 104 37.05 19.78 35.97
CA GLY E 104 37.72 19.18 34.83
C GLY E 104 37.34 17.75 34.54
N THR E 105 36.82 17.04 35.53
CA THR E 105 36.65 15.60 35.41
C THR E 105 35.46 15.26 34.52
N PRO E 106 35.68 14.60 33.38
CA PRO E 106 34.56 14.20 32.54
C PRO E 106 33.89 12.96 33.08
N SER E 107 32.63 12.79 32.69
CA SER E 107 31.85 11.64 33.13
C SER E 107 31.72 10.56 32.07
N ALA E 108 32.23 10.80 30.86
CA ALA E 108 32.28 9.78 29.83
C ALA E 108 33.41 10.14 28.88
N CYS E 109 34.27 9.17 28.57
CA CYS E 109 35.40 9.39 27.68
C CYS E 109 35.94 8.04 27.22
N ASN E 110 36.44 7.99 25.99
CA ASN E 110 37.00 6.74 25.48
C ASN E 110 38.50 6.64 25.71
N ASP E 111 39.27 7.57 25.13
CA ASP E 111 40.72 7.53 25.20
C ASP E 111 41.17 7.91 26.59
N ALA E 112 41.69 6.92 27.33
CA ALA E 112 42.14 7.16 28.69
C ALA E 112 43.31 8.13 28.75
N ALA E 113 44.20 8.08 27.75
CA ALA E 113 45.34 9.00 27.70
C ALA E 113 44.88 10.44 27.56
N TYR E 114 43.83 10.67 26.77
CA TYR E 114 43.23 12.00 26.70
C TYR E 114 42.65 12.41 28.04
N ARG E 115 42.11 11.46 28.79
CA ARG E 115 41.53 11.77 30.09
C ARG E 115 42.61 12.20 31.08
N ASP E 116 43.74 11.48 31.08
CA ASP E 116 44.84 11.86 31.96
C ASP E 116 45.44 13.20 31.56
N LYS E 117 45.55 13.46 30.26
CA LYS E 117 46.10 14.75 29.82
C LYS E 117 45.17 15.91 30.17
N LEU E 118 43.86 15.71 30.02
CA LEU E 118 42.92 16.76 30.37
C LEU E 118 42.89 16.98 31.88
N LEU E 119 42.99 15.90 32.65
CA LEU E 119 43.04 16.03 34.11
C LEU E 119 44.28 16.77 34.57
N GLN E 120 45.44 16.46 33.97
CA GLN E 120 46.66 17.16 34.32
C GLN E 120 46.62 18.62 33.86
N THR E 121 45.94 18.90 32.75
CA THR E 121 45.84 20.26 32.26
C THR E 121 45.00 21.13 33.19
N VAL E 122 43.84 20.62 33.61
CA VAL E 122 43.00 21.39 34.53
C VAL E 122 43.65 21.47 35.91
N ALA E 123 44.40 20.42 36.29
CA ALA E 123 45.15 20.48 37.54
C ALA E 123 46.25 21.53 37.50
N THR E 124 46.93 21.64 36.35
CA THR E 124 47.94 22.69 36.17
C THR E 124 47.30 24.06 36.23
N TYR E 125 46.12 24.21 35.64
CA TYR E 125 45.40 25.49 35.67
C TYR E 125 45.04 25.88 37.09
N VAL E 126 44.41 24.96 37.84
CA VAL E 126 43.94 25.32 39.18
C VAL E 126 45.12 25.44 40.15
N ASN E 127 46.24 24.78 39.86
CA ASN E 127 47.41 24.92 40.72
C ASN E 127 48.12 26.25 40.45
N ASP E 128 48.13 26.70 39.21
CA ASP E 128 48.69 28.01 38.89
C ASP E 128 47.83 29.12 39.47
N GLN E 129 46.52 29.01 39.29
CA GLN E 129 45.58 29.99 39.81
C GLN E 129 44.25 29.30 40.00
N GLY E 130 43.72 29.34 41.22
CA GLY E 130 42.44 28.73 41.49
C GLY E 130 41.30 29.48 40.82
N PHE E 131 40.10 28.96 41.02
CA PHE E 131 38.91 29.58 40.44
C PHE E 131 38.63 30.88 41.19
N ALA E 132 39.40 31.91 40.85
CA ALA E 132 39.34 33.19 41.54
C ALA E 132 38.77 34.29 40.66
N GLU E 133 39.14 34.31 39.38
CA GLU E 133 38.52 35.25 38.47
C GLU E 133 37.14 34.76 38.04
N LEU E 134 37.02 33.45 37.79
CA LEU E 134 35.74 32.89 37.37
C LEU E 134 34.71 32.97 38.48
N ALA E 135 35.14 32.74 39.72
CA ALA E 135 34.21 32.87 40.82
C ALA E 135 33.84 34.31 41.07
N ARG E 136 34.76 35.25 40.82
CA ARG E 136 34.42 36.65 40.95
C ARG E 136 33.40 37.07 39.90
N ARG E 137 33.51 36.55 38.69
CA ARG E 137 32.55 36.89 37.66
C ARG E 137 31.21 36.21 37.88
N TYR E 138 31.19 34.99 38.39
CA TYR E 138 29.93 34.35 38.76
C TYR E 138 29.27 35.06 39.91
N ALA E 139 30.07 35.52 40.89
CA ALA E 139 29.51 36.27 42.00
C ALA E 139 28.98 37.62 41.55
N HIS E 140 29.58 38.21 40.53
CA HIS E 140 29.05 39.44 39.98
C HIS E 140 27.74 39.20 39.25
N ASN E 141 27.68 38.12 38.47
CA ASN E 141 26.44 37.81 37.76
C ASN E 141 25.33 37.37 38.70
N LEU E 142 25.67 36.88 39.89
CA LEU E 142 24.67 36.69 40.92
C LEU E 142 24.35 38.01 41.62
N ALA E 143 25.32 38.91 41.69
CA ALA E 143 25.15 40.14 42.44
C ALA E 143 24.21 41.10 41.73
N ASN E 144 24.55 41.48 40.50
CA ASN E 144 23.58 42.16 39.66
C ASN E 144 22.54 41.15 39.23
N ALA E 145 21.28 41.55 39.21
CA ALA E 145 20.19 40.61 38.95
C ALA E 145 20.04 40.40 37.44
N ARG E 146 21.05 39.78 36.85
CA ARG E 146 20.95 39.45 35.44
C ARG E 146 20.09 38.23 35.21
N PHE E 147 19.81 37.45 36.25
CA PHE E 147 18.84 36.37 36.12
C PHE E 147 17.42 36.91 36.05
N LEU E 148 17.16 38.10 36.58
CA LEU E 148 15.97 38.82 36.16
C LEU E 148 16.22 39.33 34.75
N TRP E 149 15.62 38.68 33.77
CA TRP E 149 15.96 39.01 32.39
C TRP E 149 15.29 40.31 31.95
N ARG E 150 13.97 40.31 31.82
CA ARG E 150 13.27 41.49 31.38
C ARG E 150 12.66 42.25 32.54
N ASN E 151 12.61 41.63 33.72
CA ASN E 151 12.01 42.28 34.88
C ASN E 151 12.94 43.29 35.54
N ARG E 152 14.14 43.47 35.00
CA ARG E 152 15.13 44.36 35.57
C ARG E 152 15.21 45.71 34.88
N VAL E 153 14.93 45.75 33.56
CA VAL E 153 15.28 46.91 32.76
C VAL E 153 14.39 48.12 33.06
N GLY E 154 13.22 47.92 33.66
CA GLY E 154 12.37 49.04 33.98
C GLY E 154 12.27 49.24 35.47
N ALA E 155 13.10 48.52 36.21
CA ALA E 155 13.06 48.58 37.66
C ALA E 155 13.75 49.83 38.15
N GLU E 156 13.23 50.39 39.24
CA GLU E 156 13.88 51.56 39.83
C GLU E 156 14.82 51.16 40.95
N ALA E 157 14.62 49.98 41.54
CA ALA E 157 15.46 49.51 42.63
C ALA E 157 15.39 47.99 42.69
N VAL E 158 16.55 47.34 42.70
CA VAL E 158 16.66 45.89 42.79
C VAL E 158 17.54 45.56 43.99
N GLU E 159 17.13 44.58 44.78
CA GLU E 159 17.90 44.11 45.92
C GLU E 159 17.94 42.59 45.91
N VAL E 160 19.14 42.02 45.92
CA VAL E 160 19.34 40.58 45.83
C VAL E 160 19.87 40.08 47.15
N ARG E 161 19.20 39.10 47.74
CA ARG E 161 19.64 38.48 48.98
C ARG E 161 20.13 37.07 48.68
N ILE E 162 21.35 36.78 49.11
CA ILE E 162 21.98 35.48 48.90
C ILE E 162 22.30 34.89 50.27
N ASN E 163 21.72 33.74 50.57
CA ASN E 163 21.93 33.06 51.84
C ASN E 163 22.65 31.75 51.58
N HIS E 164 23.88 31.63 52.05
CA HIS E 164 24.55 30.35 52.02
C HIS E 164 23.93 29.44 53.07
N ILE E 165 23.39 28.32 52.63
CA ILE E 165 22.66 27.42 53.51
C ILE E 165 23.49 26.17 53.70
N ARG E 166 23.99 25.98 54.92
CA ARG E 166 24.60 24.73 55.34
C ARG E 166 23.81 24.24 56.54
N GLN E 167 23.52 22.94 56.58
CA GLN E 167 22.78 22.24 57.64
C GLN E 167 21.31 22.68 57.71
N GLY E 168 20.88 23.61 56.87
CA GLY E 168 19.47 23.86 56.70
C GLY E 168 18.97 25.22 57.13
N GLU E 169 19.68 25.93 58.02
CA GLU E 169 19.15 27.19 58.52
C GLU E 169 19.78 28.42 57.84
N VAL E 170 21.09 28.64 57.99
CA VAL E 170 21.84 29.74 57.39
C VAL E 170 23.31 29.43 57.68
N ALA E 171 24.22 29.97 56.88
CA ALA E 171 25.62 29.95 57.26
C ALA E 171 26.20 31.35 57.20
N ARG E 172 25.78 32.11 56.20
CA ARG E 172 26.27 33.47 55.99
C ARG E 172 25.30 34.17 55.05
N ALA E 173 24.82 35.35 55.43
CA ALA E 173 23.79 36.06 54.67
C ALA E 173 24.41 37.23 53.93
N TRP E 174 23.94 37.47 52.71
CA TRP E 174 24.38 38.60 51.91
C TRP E 174 23.19 39.44 51.49
N ARG E 175 23.47 40.69 51.12
CA ARG E 175 22.45 41.63 50.68
C ARG E 175 23.11 42.71 49.84
N PHE E 176 22.66 42.88 48.61
CA PHE E 176 23.30 43.78 47.67
C PHE E 176 22.31 44.77 47.08
N ASP E 177 22.85 45.77 46.39
CA ASP E 177 22.08 46.61 45.49
C ASP E 177 22.52 46.24 44.09
N ALA E 178 21.64 45.57 43.35
CA ALA E 178 22.00 45.06 42.04
C ALA E 178 22.08 46.15 40.98
N LEU E 179 21.54 47.34 41.25
CA LEU E 179 21.65 48.42 40.29
C LEU E 179 22.96 49.19 40.41
N ALA E 180 23.58 49.19 41.59
CA ALA E 180 24.89 49.81 41.73
C ALA E 180 25.95 49.02 40.98
N ILE E 181 25.91 47.69 41.07
CA ILE E 181 26.82 46.84 40.32
C ILE E 181 26.24 46.71 38.92
N GLY E 182 26.83 47.40 37.96
CA GLY E 182 26.31 47.39 36.61
C GLY E 182 26.55 46.06 35.92
N LEU E 183 25.91 45.90 34.76
CA LEU E 183 26.03 44.64 34.04
C LEU E 183 27.32 44.58 33.24
N ARG E 184 27.93 45.72 32.96
CA ARG E 184 29.05 45.74 32.03
C ARG E 184 30.38 45.52 32.75
N ASP E 185 30.56 46.12 33.91
CA ASP E 185 31.85 46.20 34.58
C ASP E 185 31.96 45.13 35.65
N PHE E 186 33.20 44.75 35.98
CA PHE E 186 33.48 43.88 37.11
C PHE E 186 34.32 44.67 38.13
N LYS E 187 33.71 45.02 39.25
CA LYS E 187 34.32 45.89 40.25
C LYS E 187 34.53 45.11 41.54
N ALA E 188 35.71 45.26 42.13
CA ALA E 188 36.03 44.57 43.37
C ALA E 188 35.29 45.18 44.56
N ASP E 189 35.17 44.39 45.62
CA ASP E 189 34.37 44.75 46.78
C ASP E 189 34.85 43.92 47.97
N ALA E 190 34.31 44.21 49.14
CA ALA E 190 34.60 43.39 50.30
C ALA E 190 33.73 42.15 50.35
N GLU E 191 32.42 42.32 50.21
CA GLU E 191 31.51 41.19 50.33
C GLU E 191 31.50 40.36 49.06
N LEU E 192 31.70 40.99 47.90
CA LEU E 192 31.72 40.25 46.64
C LEU E 192 32.92 39.32 46.57
N ASP E 193 34.04 39.72 47.17
CA ASP E 193 35.16 38.80 47.21
C ASP E 193 34.95 37.70 48.23
N ALA E 194 34.13 37.94 49.25
CA ALA E 194 33.77 36.86 50.17
C ALA E 194 32.89 35.83 49.48
N LEU E 195 31.91 36.31 48.71
CA LEU E 195 31.06 35.43 47.91
C LEU E 195 31.88 34.70 46.86
N ALA E 196 32.88 35.38 46.27
CA ALA E 196 33.76 34.73 45.32
C ALA E 196 34.62 33.66 46.00
N GLU E 197 35.01 33.91 47.25
CA GLU E 197 35.75 32.89 47.99
C GLU E 197 34.88 31.68 48.29
N LEU E 198 33.60 31.89 48.56
CA LEU E 198 32.69 30.78 48.79
C LEU E 198 32.49 29.95 47.52
N ILE E 199 32.25 30.62 46.40
CA ILE E 199 32.06 29.90 45.14
C ILE E 199 33.38 29.25 44.69
N ALA E 200 34.51 29.88 45.01
CA ALA E 200 35.81 29.29 44.76
C ALA E 200 36.03 28.02 45.56
N SER E 201 35.63 28.05 46.83
CA SER E 201 35.71 26.87 47.67
C SER E 201 34.80 25.76 47.16
N GLY E 202 33.66 26.15 46.58
CA GLY E 202 32.79 25.14 45.99
C GLY E 202 33.38 24.49 44.77
N LEU E 203 33.85 25.30 43.83
CA LEU E 203 34.32 24.76 42.55
C LEU E 203 35.63 24.00 42.68
N SER E 204 36.39 24.27 43.74
CA SER E 204 37.62 23.54 43.95
C SER E 204 37.40 22.14 44.50
N GLY E 205 36.18 21.81 44.93
CA GLY E 205 35.93 20.56 45.59
C GLY E 205 36.26 20.56 47.06
N SER E 206 36.33 21.73 47.70
CA SER E 206 36.79 21.84 49.07
C SER E 206 35.69 22.20 50.06
N GLY E 207 34.43 22.09 49.66
CA GLY E 207 33.35 22.40 50.59
C GLY E 207 31.99 22.49 49.94
N HIS E 208 30.98 21.87 50.57
CA HIS E 208 29.65 21.84 50.01
C HIS E 208 28.99 23.20 50.17
N VAL E 209 28.54 23.78 49.07
CA VAL E 209 27.92 25.10 49.08
C VAL E 209 26.54 24.99 48.42
N LEU E 210 25.54 25.48 49.12
CA LEU E 210 24.18 25.58 48.60
C LEU E 210 23.69 26.98 48.90
N LEU E 211 23.32 27.72 47.87
CA LEU E 211 22.87 29.10 48.03
C LEU E 211 21.38 29.19 47.84
N GLU E 212 20.80 30.23 48.40
CA GLU E 212 19.41 30.58 48.15
C GLU E 212 19.39 32.00 47.64
N VAL E 213 18.93 32.20 46.41
CA VAL E 213 19.01 33.49 45.77
C VAL E 213 17.61 34.06 45.63
N VAL E 214 17.35 35.15 46.34
CA VAL E 214 16.06 35.83 46.30
C VAL E 214 16.29 37.25 45.82
N ALA E 215 15.44 37.73 44.92
CA ALA E 215 15.58 39.07 44.37
C ALA E 215 14.27 39.82 44.42
N PHE E 216 14.32 41.08 44.86
CA PHE E 216 13.17 41.96 44.89
C PHE E 216 13.37 43.11 43.93
N ALA E 217 12.37 43.41 43.12
CA ALA E 217 12.49 44.41 42.07
C ALA E 217 11.25 45.29 42.01
N ARG E 218 11.42 46.58 42.23
CA ARG E 218 10.33 47.55 42.14
C ARG E 218 9.96 47.74 40.68
N ILE E 219 8.90 47.09 40.23
CA ILE E 219 8.47 47.15 38.84
C ILE E 219 7.33 48.14 38.66
N GLY E 220 6.38 48.14 39.60
CA GLY E 220 5.22 49.01 39.53
C GLY E 220 3.99 48.30 40.04
N ASP E 221 2.96 49.05 40.37
CA ASP E 221 1.74 48.43 40.87
C ASP E 221 0.97 47.82 39.72
N GLY E 222 0.87 46.49 39.72
CA GLY E 222 0.13 45.80 38.69
C GLY E 222 0.80 45.78 37.33
N GLN E 223 2.12 45.92 37.28
CA GLN E 223 2.81 45.92 36.00
C GLN E 223 2.92 44.52 35.43
N GLU E 224 3.54 44.43 34.26
CA GLU E 224 3.70 43.14 33.60
C GLU E 224 5.03 42.53 34.00
N VAL E 225 4.99 41.27 34.43
CA VAL E 225 6.20 40.50 34.63
C VAL E 225 6.35 39.58 33.43
N PHE E 226 7.54 39.02 33.27
CA PHE E 226 7.89 38.25 32.09
C PHE E 226 8.50 36.93 32.54
N PRO E 227 7.69 35.90 32.70
CA PRO E 227 8.24 34.57 32.98
C PRO E 227 8.81 33.95 31.71
N SER E 228 9.23 32.69 31.84
CA SER E 228 9.72 31.98 30.68
C SER E 228 8.55 31.63 29.78
N GLN E 229 8.84 31.41 28.51
CA GLN E 229 7.81 31.27 27.51
C GLN E 229 7.77 29.86 26.96
N GLU E 230 6.64 29.20 27.14
CA GLU E 230 6.49 27.81 26.78
C GLU E 230 6.01 27.67 25.34
N LEU E 231 6.42 26.59 24.70
CA LEU E 231 6.04 26.32 23.32
C LEU E 231 4.58 25.91 23.20
N LYS E 242 -4.03 29.76 20.57
CA LYS E 242 -3.10 29.75 21.69
C LYS E 242 -1.65 29.65 21.21
N SER E 243 -1.13 30.77 20.72
CA SER E 243 0.27 30.78 20.29
C SER E 243 1.23 30.89 21.46
N LYS E 244 0.89 31.65 22.49
CA LYS E 244 1.81 31.95 23.58
C LYS E 244 1.35 31.26 24.84
N THR E 245 2.28 30.60 25.51
CA THR E 245 2.03 29.93 26.78
C THR E 245 3.17 30.23 27.73
N LEU E 246 2.85 30.52 28.97
CA LEU E 246 3.86 30.90 29.94
C LEU E 246 4.11 29.78 30.93
N TYR E 247 5.39 29.59 31.25
CA TYR E 247 5.85 28.50 32.07
C TYR E 247 5.39 28.67 33.51
N SER E 248 5.00 27.57 34.15
CA SER E 248 4.53 27.58 35.52
C SER E 248 4.65 26.18 36.08
N VAL E 249 5.15 26.06 37.31
CA VAL E 249 5.36 24.73 37.87
C VAL E 249 4.09 24.21 38.55
N ARG E 250 3.44 25.04 39.38
CA ARG E 250 2.14 24.68 39.95
C ARG E 250 1.38 25.98 40.18
N ASP E 251 0.62 26.40 39.16
CA ASP E 251 -0.28 27.55 39.21
C ASP E 251 0.45 28.84 39.60
N ALA E 252 1.72 28.94 39.21
CA ALA E 252 2.58 30.03 39.64
C ALA E 252 3.70 30.15 38.62
N ALA E 253 3.86 31.34 38.04
CA ALA E 253 4.76 31.52 36.92
C ALA E 253 6.21 31.36 37.36
N ALA E 254 7.08 31.10 36.38
CA ALA E 254 8.46 30.79 36.70
C ALA E 254 9.33 30.99 35.47
N ILE E 255 10.64 31.01 35.71
CA ILE E 255 11.64 31.07 34.66
C ILE E 255 12.25 29.69 34.53
N HIS E 256 12.67 29.33 33.32
CA HIS E 256 13.36 28.07 33.11
C HIS E 256 14.69 28.05 33.85
N SER E 257 15.16 26.86 34.17
CA SER E 257 16.45 26.75 34.84
C SER E 257 17.59 27.06 33.89
N GLN E 258 17.44 26.72 32.61
CA GLN E 258 18.51 27.01 31.66
C GLN E 258 18.61 28.49 31.36
N LYS E 259 17.54 29.26 31.56
CA LYS E 259 17.63 30.71 31.38
C LYS E 259 18.45 31.34 32.49
N ILE E 260 18.25 30.89 33.72
CA ILE E 260 19.07 31.36 34.83
C ILE E 260 20.51 30.90 34.67
N GLY E 261 20.68 29.67 34.16
CA GLY E 261 22.03 29.18 33.91
C GLY E 261 22.73 29.91 32.79
N ASN E 262 21.97 30.43 31.82
CA ASN E 262 22.56 31.25 30.77
C ASN E 262 22.88 32.64 31.27
N ALA E 263 22.07 33.18 32.18
CA ALA E 263 22.34 34.50 32.72
C ALA E 263 23.54 34.46 33.66
N LEU E 264 23.78 33.32 34.30
CA LEU E 264 24.93 33.23 35.20
C LEU E 264 26.23 33.07 34.42
N ARG E 265 26.16 32.64 33.17
CA ARG E 265 27.36 32.41 32.38
C ARG E 265 27.79 33.60 31.55
N THR E 266 27.19 34.78 31.75
CA THR E 266 27.60 35.98 31.02
C THR E 266 28.86 36.55 31.66
N ILE E 267 29.97 35.85 31.46
CA ILE E 267 31.26 36.26 31.98
C ILE E 267 32.29 36.49 30.89
N ASP E 268 31.99 36.14 29.64
CA ASP E 268 32.99 36.15 28.58
C ASP E 268 33.22 37.58 28.13
N THR E 269 34.35 38.14 28.56
CA THR E 269 34.82 39.43 28.09
C THR E 269 36.06 39.31 27.23
N TRP E 270 36.42 38.09 26.83
CA TRP E 270 37.73 37.83 26.24
C TRP E 270 37.61 37.44 24.77
N TYR E 271 36.47 37.73 24.17
CA TYR E 271 36.28 37.55 22.74
C TYR E 271 36.84 38.76 22.00
N PRO E 272 37.03 38.67 20.66
CA PRO E 272 37.36 39.89 19.91
C PRO E 272 36.23 40.89 19.96
N ASP E 273 36.45 41.96 20.72
CA ASP E 273 35.38 42.87 21.12
C ASP E 273 35.30 44.03 20.14
N GLU E 274 34.13 44.19 19.53
CA GLU E 274 33.83 45.35 18.74
C GLU E 274 32.43 45.81 19.09
N ASP E 275 32.07 47.01 18.60
CA ASP E 275 30.75 47.63 18.70
C ASP E 275 30.38 48.02 20.14
N GLY E 276 31.28 47.82 21.09
CA GLY E 276 30.98 48.19 22.47
C GLY E 276 30.06 47.22 23.17
N LEU E 277 30.13 45.94 22.81
CA LEU E 277 29.32 44.93 23.45
C LEU E 277 29.97 44.52 24.78
N GLY E 278 29.13 44.18 25.75
CA GLY E 278 29.60 43.79 27.05
C GLY E 278 29.97 42.33 27.13
N PRO E 279 29.85 41.75 28.32
CA PRO E 279 30.12 40.31 28.46
C PRO E 279 28.98 39.49 27.88
N ILE E 280 29.34 38.40 27.21
CA ILE E 280 28.37 37.52 26.63
C ILE E 280 28.39 36.20 27.40
N ALA E 281 27.40 35.35 27.14
CA ALA E 281 27.34 34.04 27.75
C ALA E 281 28.38 33.12 27.14
N VAL E 282 29.01 32.32 27.99
CA VAL E 282 30.10 31.44 27.59
C VAL E 282 29.52 30.32 26.73
N GLU E 283 30.08 30.14 25.54
CA GLU E 283 29.61 29.16 24.58
C GLU E 283 30.74 28.81 23.62
N PRO E 284 30.86 27.56 23.22
CA PRO E 284 31.73 27.23 22.08
C PRO E 284 31.20 27.87 20.83
N TYR E 285 32.09 28.54 20.09
CA TYR E 285 31.74 29.53 19.07
C TYR E 285 30.74 30.52 19.65
N GLY E 286 31.23 31.29 20.62
CA GLY E 286 30.39 32.14 21.46
C GLY E 286 29.55 33.12 20.69
N SER E 287 28.27 32.80 20.58
CA SER E 287 27.38 33.39 19.61
C SER E 287 26.22 34.04 20.32
N VAL E 288 25.62 35.04 19.68
CA VAL E 288 24.42 35.68 20.17
C VAL E 288 23.32 35.47 19.13
N THR E 289 22.31 34.69 19.50
CA THR E 289 21.19 34.46 18.61
C THR E 289 20.35 35.70 18.40
N SER E 290 20.13 36.49 19.47
CA SER E 290 19.35 37.71 19.36
C SER E 290 20.06 38.75 18.51
N GLN E 291 21.39 38.73 18.51
CA GLN E 291 22.14 39.59 17.60
C GLN E 291 22.40 38.93 16.25
N GLY E 292 22.32 37.61 16.18
CA GLY E 292 22.61 36.93 14.94
C GLY E 292 24.08 36.93 14.54
N LYS E 293 24.97 37.20 15.48
CA LYS E 293 26.39 37.32 15.21
C LYS E 293 27.15 36.26 15.99
N ALA E 294 28.18 35.71 15.37
CA ALA E 294 28.95 34.62 15.96
C ALA E 294 30.37 35.10 16.22
N TYR E 295 30.61 35.61 17.42
CA TYR E 295 31.97 35.90 17.82
C TYR E 295 32.70 34.60 18.11
N ARG E 296 34.02 34.69 18.15
CA ARG E 296 34.93 33.54 18.30
C ARG E 296 34.68 32.49 17.22
N GLN E 297 34.72 32.95 15.97
CA GLN E 297 34.54 32.07 14.83
C GLN E 297 35.76 31.18 14.65
N PRO E 298 35.60 30.00 14.04
CA PRO E 298 36.74 29.10 13.86
C PRO E 298 37.71 29.50 12.75
N LYS E 299 37.42 30.56 11.99
CA LYS E 299 38.42 31.11 11.10
C LYS E 299 39.57 31.73 11.89
N GLN E 300 39.24 32.53 12.89
CA GLN E 300 40.20 32.90 13.91
C GLN E 300 40.44 31.71 14.83
N LYS E 301 41.54 31.76 15.56
CA LYS E 301 41.83 30.67 16.50
C LYS E 301 41.36 31.02 17.90
N LEU E 302 40.10 31.42 18.05
CA LEU E 302 39.61 31.82 19.36
C LEU E 302 38.30 31.14 19.77
N ASP E 303 37.92 30.05 19.10
CA ASP E 303 36.77 29.27 19.55
C ASP E 303 37.18 28.37 20.70
N PHE E 304 36.22 27.59 21.20
CA PHE E 304 36.54 26.70 22.31
C PHE E 304 37.33 25.49 21.84
N TYR E 305 36.98 24.93 20.69
CA TYR E 305 37.47 23.61 20.32
C TYR E 305 38.93 23.61 19.90
N THR E 306 39.32 24.55 19.04
CA THR E 306 40.73 24.65 18.67
C THR E 306 41.59 25.09 19.85
N LEU E 307 41.04 25.92 20.75
CA LEU E 307 41.78 26.30 21.94
C LEU E 307 42.00 25.11 22.86
N LEU E 308 40.99 24.25 23.00
CA LEU E 308 41.13 23.10 23.87
C LEU E 308 42.07 22.07 23.26
N ASP E 309 41.97 21.85 21.95
CA ASP E 309 42.91 20.96 21.27
C ASP E 309 44.35 21.46 21.33
N ASN E 310 44.55 22.78 21.26
CA ASN E 310 45.87 23.33 21.44
C ASN E 310 46.37 23.24 22.86
N TRP E 311 45.49 23.41 23.86
CA TRP E 311 45.96 23.39 25.23
C TRP E 311 46.24 21.97 25.72
N VAL E 312 45.48 20.99 25.25
CA VAL E 312 45.64 19.64 25.77
C VAL E 312 46.58 18.81 24.92
N LEU E 313 46.37 18.76 23.60
CA LEU E 313 47.11 17.81 22.78
C LEU E 313 48.52 18.30 22.49
N ARG E 314 48.64 19.41 21.75
CA ARG E 314 49.94 19.88 21.30
C ARG E 314 50.58 20.85 22.29
N ASP E 315 50.07 20.91 23.52
CA ASP E 315 50.69 21.61 24.67
C ASP E 315 50.89 23.10 24.42
N GLU E 316 50.03 23.72 23.64
CA GLU E 316 50.12 25.15 23.37
C GLU E 316 49.16 25.87 24.31
N ALA E 317 49.70 26.35 25.42
CA ALA E 317 48.88 27.06 26.39
C ALA E 317 48.51 28.44 25.86
N PRO E 318 47.24 28.80 25.86
CA PRO E 318 46.87 30.16 25.46
C PRO E 318 47.09 31.16 26.59
N ALA E 319 46.63 32.38 26.40
CA ALA E 319 46.74 33.38 27.45
C ALA E 319 45.81 33.03 28.62
N VAL E 320 45.94 33.80 29.69
CA VAL E 320 45.19 33.51 30.91
C VAL E 320 43.70 33.74 30.71
N GLU E 321 43.32 34.67 29.84
CA GLU E 321 41.91 34.91 29.61
C GLU E 321 41.29 33.81 28.75
N GLN E 322 42.04 33.28 27.79
CA GLN E 322 41.48 32.22 26.96
C GLN E 322 41.43 30.90 27.71
N GLN E 323 42.36 30.64 28.60
CA GLN E 323 42.23 29.46 29.43
C GLN E 323 41.17 29.63 30.50
N HIS E 324 40.95 30.87 30.98
CA HIS E 324 39.75 31.19 31.75
C HIS E 324 38.49 30.82 30.98
N TYR E 325 38.46 31.15 29.69
CA TYR E 325 37.28 30.89 28.87
C TYR E 325 37.03 29.41 28.67
N VAL E 326 38.08 28.62 28.44
CA VAL E 326 37.86 27.20 28.21
C VAL E 326 37.53 26.48 29.51
N ILE E 327 38.00 27.01 30.65
CA ILE E 327 37.59 26.40 31.91
C ILE E 327 36.15 26.79 32.24
N ALA E 328 35.72 27.99 31.81
CA ALA E 328 34.31 28.34 31.93
C ALA E 328 33.43 27.47 31.04
N ASN E 329 33.93 27.07 29.86
CA ASN E 329 33.20 26.11 29.05
C ASN E 329 33.15 24.72 29.70
N LEU E 330 34.21 24.31 30.37
CA LEU E 330 34.16 23.04 31.07
C LEU E 330 33.22 23.10 32.27
N ILE E 331 33.10 24.26 32.89
CA ILE E 331 32.14 24.42 33.98
C ILE E 331 30.72 24.41 33.46
N ARG E 332 30.48 25.01 32.29
CA ARG E 332 29.16 25.03 31.68
C ARG E 332 28.69 23.63 31.29
N GLY E 333 29.60 22.77 30.88
CA GLY E 333 29.27 21.40 30.55
C GLY E 333 28.89 21.24 29.10
N GLY E 334 28.55 20.01 28.74
CA GLY E 334 28.13 19.73 27.40
C GLY E 334 28.68 18.42 26.88
N VAL E 335 28.45 18.19 25.60
CA VAL E 335 29.06 17.07 24.91
C VAL E 335 30.02 17.60 23.85
N PHE E 336 31.28 17.25 23.96
CA PHE E 336 32.31 17.71 23.05
C PHE E 336 33.03 16.51 22.48
N GLY E 337 33.26 16.51 21.18
CA GLY E 337 33.93 15.40 20.55
C GLY E 337 33.24 15.03 19.26
N GLU E 338 34.01 14.46 18.35
CA GLU E 338 33.53 14.24 17.00
C GLU E 338 32.77 12.92 16.90
N ALA E 339 32.46 12.52 15.68
CA ALA E 339 31.84 11.23 15.43
C ALA E 339 32.90 10.20 15.07
N ILE F 5 34.41 -36.51 27.94
CA ILE F 5 35.19 -35.38 27.47
C ILE F 5 34.67 -34.10 28.14
N LEU F 6 33.34 -34.06 28.35
CA LEU F 6 32.65 -32.98 29.06
C LEU F 6 32.89 -31.62 28.39
N SER F 7 32.33 -31.49 27.20
CA SER F 7 32.26 -30.18 26.59
C SER F 7 31.23 -29.32 27.30
N THR F 8 31.27 -28.02 27.03
CA THR F 8 30.34 -27.10 27.66
C THR F 8 28.95 -27.26 27.06
N ALA F 9 27.94 -26.84 27.81
CA ALA F 9 26.57 -27.04 27.38
C ALA F 9 26.20 -26.05 26.29
N SER F 10 25.17 -26.39 25.52
CA SER F 10 24.74 -25.51 24.44
C SER F 10 24.00 -24.30 24.99
N VAL F 11 23.03 -24.51 25.85
CA VAL F 11 22.32 -23.39 26.46
C VAL F 11 22.56 -23.41 27.98
N LEU F 12 22.56 -22.22 28.55
CA LEU F 12 22.66 -22.02 29.99
C LEU F 12 21.91 -20.73 30.29
N ALA F 13 21.15 -20.70 31.35
CA ALA F 13 20.35 -19.53 31.66
C ALA F 13 20.15 -19.46 33.16
N PHE F 14 20.79 -18.51 33.80
CA PHE F 14 20.70 -18.39 35.25
C PHE F 14 19.75 -17.25 35.58
N GLU F 15 18.82 -17.50 36.50
CA GLU F 15 17.87 -16.49 36.91
C GLU F 15 18.57 -15.37 37.65
N ARG F 16 17.99 -14.19 37.57
CA ARG F 16 18.51 -13.04 38.28
C ARG F 16 18.20 -13.19 39.75
N LYS F 17 19.22 -13.49 40.55
CA LYS F 17 19.09 -13.30 41.97
C LYS F 17 19.31 -11.82 42.30
N LEU F 18 18.99 -11.45 43.53
CA LEU F 18 18.96 -10.06 43.99
C LEU F 18 18.06 -9.21 43.10
N ASP F 19 16.79 -9.56 43.11
CA ASP F 19 15.78 -8.83 42.36
C ASP F 19 15.47 -7.50 43.05
N PRO F 20 15.70 -6.37 42.41
CA PRO F 20 15.21 -5.10 42.96
C PRO F 20 13.87 -4.71 42.34
N SER F 21 13.34 -3.62 42.83
CA SER F 21 12.09 -3.07 42.33
C SER F 21 12.35 -1.73 41.69
N ASP F 22 11.33 -1.19 41.04
CA ASP F 22 11.46 0.12 40.42
C ASP F 22 11.46 1.20 41.51
N ALA F 23 12.57 1.92 41.61
CA ALA F 23 12.82 2.79 42.75
C ALA F 23 11.99 4.05 42.62
N LEU F 24 10.88 4.09 43.34
CA LEU F 24 10.01 5.26 43.36
C LEU F 24 10.70 6.41 44.07
N MET F 25 10.57 7.62 43.54
CA MET F 25 11.16 8.77 44.21
C MET F 25 10.07 9.77 44.61
N SER F 26 9.98 10.03 45.91
CA SER F 26 9.17 11.08 46.48
C SER F 26 10.06 12.10 47.17
N ALA F 27 9.45 13.13 47.73
CA ALA F 27 10.21 14.26 48.21
C ALA F 27 9.60 14.79 49.50
N GLY F 28 10.45 15.47 50.27
CA GLY F 28 9.99 16.05 51.52
C GLY F 28 11.11 16.84 52.15
N ALA F 29 10.87 17.28 53.38
CA ALA F 29 11.84 18.07 54.11
C ALA F 29 12.64 17.15 55.02
N TRP F 30 13.90 17.51 55.25
CA TRP F 30 14.71 16.79 56.24
C TRP F 30 14.19 17.09 57.64
N ALA F 31 14.64 16.27 58.59
CA ALA F 31 14.28 16.25 60.01
C ALA F 31 12.83 15.87 60.23
N GLN F 32 12.09 15.49 59.20
CA GLN F 32 10.86 14.73 59.34
C GLN F 32 10.94 13.48 58.49
N ARG F 33 12.12 12.87 58.46
CA ARG F 33 12.34 11.65 57.71
C ARG F 33 11.61 10.46 58.31
N ASP F 34 11.23 10.53 59.58
CA ASP F 34 10.58 9.40 60.21
C ASP F 34 9.12 9.28 59.85
N ALA F 35 8.50 10.37 59.40
CA ALA F 35 7.12 10.36 58.94
C ALA F 35 7.03 10.30 57.42
N SER F 36 8.01 9.67 56.79
CA SER F 36 8.10 9.64 55.33
C SER F 36 7.40 8.44 54.75
N GLN F 37 6.11 8.29 55.03
CA GLN F 37 5.29 7.33 54.31
C GLN F 37 4.19 7.98 53.51
N GLU F 38 3.85 9.23 53.80
CA GLU F 38 2.84 9.97 53.05
C GLU F 38 3.47 11.17 52.34
N TRP F 39 4.73 11.03 51.94
CA TRP F 39 5.39 12.10 51.20
C TRP F 39 4.88 12.11 49.76
N PRO F 40 4.59 13.28 49.21
CA PRO F 40 4.09 13.33 47.83
C PRO F 40 5.22 13.04 46.85
N ALA F 41 4.85 12.48 45.70
CA ALA F 41 5.86 11.96 44.80
C ALA F 41 6.36 13.05 43.86
N VAL F 42 7.53 12.78 43.28
CA VAL F 42 8.12 13.69 42.30
C VAL F 42 7.53 13.38 40.94
N THR F 43 6.75 14.32 40.41
CA THR F 43 6.04 14.11 39.16
C THR F 43 6.88 14.62 38.00
N VAL F 44 6.86 13.87 36.91
CA VAL F 44 7.58 14.21 35.69
C VAL F 44 6.73 15.23 34.93
N ARG F 45 7.29 16.40 34.68
CA ARG F 45 6.61 17.43 33.91
C ARG F 45 7.49 17.83 32.73
N GLU F 46 6.95 18.69 31.88
CA GLU F 46 7.62 19.08 30.65
C GLU F 46 7.95 20.56 30.66
N LYS F 47 9.04 20.89 29.98
CA LYS F 47 9.40 22.28 29.71
C LYS F 47 10.07 22.31 28.36
N SER F 48 10.12 23.51 27.76
CA SER F 48 10.70 23.67 26.44
C SER F 48 12.04 24.35 26.55
N VAL F 49 12.99 23.93 25.73
CA VAL F 49 14.33 24.49 25.73
C VAL F 49 14.62 25.04 24.34
N ARG F 50 15.55 26.00 24.28
CA ARG F 50 15.97 26.58 23.01
C ARG F 50 17.49 26.61 22.98
N GLY F 51 18.08 25.79 22.12
CA GLY F 51 19.51 25.59 22.13
C GLY F 51 20.18 26.19 20.92
N THR F 52 21.37 26.69 21.14
CA THR F 52 22.24 27.07 20.04
C THR F 52 23.02 25.85 19.58
N ILE F 53 23.59 25.93 18.40
CA ILE F 53 24.48 24.86 17.97
C ILE F 53 25.79 25.00 18.73
N SER F 54 26.34 23.86 19.15
CA SER F 54 27.53 23.88 19.97
C SER F 54 28.54 22.81 19.63
N ASN F 55 28.19 21.82 18.82
CA ASN F 55 29.08 20.70 18.60
C ASN F 55 30.19 21.08 17.61
N ARG F 56 31.11 20.15 17.43
CA ARG F 56 32.24 20.37 16.53
C ARG F 56 31.77 20.42 15.08
N LEU F 57 32.53 21.13 14.26
CA LEU F 57 32.22 21.27 12.86
C LEU F 57 33.25 20.52 12.02
N LYS F 58 32.76 19.79 11.02
CA LYS F 58 33.59 18.88 10.23
C LYS F 58 34.20 19.56 9.00
N THR F 59 34.84 20.72 9.19
CA THR F 59 35.79 21.36 8.27
C THR F 59 35.14 21.86 6.97
N LYS F 60 33.85 21.60 6.78
CA LYS F 60 33.13 22.11 5.63
C LYS F 60 32.14 23.18 6.02
N ASP F 61 31.47 22.98 7.15
CA ASP F 61 30.53 23.93 7.73
C ASP F 61 31.23 24.99 8.56
N ARG F 62 32.56 25.11 8.43
CA ARG F 62 33.35 26.13 9.10
C ARG F 62 33.31 27.47 8.38
N ASP F 63 32.42 27.63 7.41
CA ASP F 63 32.21 28.93 6.80
C ASP F 63 31.55 29.87 7.81
N PRO F 64 31.95 31.13 7.85
CA PRO F 64 31.33 32.05 8.80
C PRO F 64 29.88 32.36 8.47
N ALA F 65 29.55 32.49 7.18
CA ALA F 65 28.18 32.79 6.79
C ALA F 65 27.26 31.62 7.07
N LYS F 66 27.72 30.41 6.79
CA LYS F 66 26.92 29.22 7.11
C LYS F 66 26.79 29.03 8.61
N LEU F 67 27.80 29.43 9.38
CA LEU F 67 27.71 29.34 10.83
C LEU F 67 26.68 30.32 11.38
N ASP F 68 26.67 31.55 10.86
CA ASP F 68 25.69 32.51 11.34
C ASP F 68 24.30 32.16 10.83
N ALA F 69 24.21 31.51 9.67
CA ALA F 69 22.93 31.01 9.20
C ALA F 69 22.42 29.87 10.08
N SER F 70 23.31 29.06 10.64
CA SER F 70 22.86 28.04 11.57
C SER F 70 22.44 28.64 12.90
N ILE F 71 23.20 29.62 13.42
CA ILE F 71 22.81 30.23 14.70
C ILE F 71 21.64 31.18 14.58
N GLN F 72 21.19 31.50 13.37
CA GLN F 72 19.96 32.25 13.23
C GLN F 72 18.71 31.37 13.36
N SER F 73 18.86 30.05 13.29
CA SER F 73 17.74 29.12 13.41
C SER F 73 18.01 28.10 14.51
N PRO F 74 17.59 28.37 15.74
CA PRO F 74 17.84 27.42 16.83
C PRO F 74 16.86 26.27 16.79
N ASN F 75 17.20 25.20 17.50
CA ASN F 75 16.31 24.06 17.61
C ASN F 75 15.35 24.26 18.78
N LEU F 76 14.19 23.64 18.68
CA LEU F 76 13.22 23.65 19.76
C LEU F 76 12.99 22.23 20.23
N GLN F 77 12.94 22.04 21.55
CA GLN F 77 12.63 20.75 22.11
C GLN F 77 11.61 20.93 23.21
N THR F 78 11.05 19.82 23.65
CA THR F 78 10.21 19.77 24.85
C THR F 78 10.72 18.61 25.69
N VAL F 79 11.56 18.90 26.66
CA VAL F 79 12.19 17.86 27.47
C VAL F 79 11.27 17.56 28.65
N ASP F 80 11.38 16.36 29.18
CA ASP F 80 10.82 16.05 30.49
C ASP F 80 11.83 16.43 31.55
N VAL F 81 11.40 17.09 32.60
CA VAL F 81 12.27 17.43 33.71
C VAL F 81 11.54 17.06 34.99
N ALA F 82 12.30 16.70 36.02
CA ALA F 82 11.75 16.32 37.31
C ALA F 82 12.50 17.08 38.39
N ASN F 83 11.77 17.89 39.15
CA ASN F 83 12.36 18.69 40.20
C ASN F 83 11.68 18.39 41.52
N LEU F 84 12.42 18.63 42.60
CA LEU F 84 11.81 18.62 43.92
C LEU F 84 10.88 19.81 44.05
N PRO F 85 9.88 19.73 44.91
CA PRO F 85 9.07 20.92 45.20
C PRO F 85 9.91 21.98 45.88
N SER F 86 9.46 23.23 45.76
CA SER F 86 10.21 24.37 46.25
C SER F 86 10.30 24.43 47.77
N ASP F 87 9.51 23.65 48.49
CA ASP F 87 9.56 23.61 49.94
C ASP F 87 9.95 22.22 50.43
N ALA F 88 10.98 21.63 49.83
CA ALA F 88 11.44 20.30 50.21
C ALA F 88 12.89 20.16 49.78
N ASP F 89 13.74 19.65 50.67
CA ASP F 89 15.16 19.52 50.37
C ASP F 89 15.67 18.09 50.56
N THR F 90 14.81 17.10 50.43
CA THR F 90 15.23 15.72 50.61
C THR F 90 14.52 14.85 49.60
N LEU F 91 15.29 14.05 48.88
CA LEU F 91 14.75 13.10 47.92
C LEU F 91 14.70 11.72 48.56
N LYS F 92 13.53 11.09 48.55
CA LYS F 92 13.36 9.75 49.13
C LYS F 92 13.20 8.74 48.01
N VAL F 93 14.18 7.86 47.85
CA VAL F 93 14.15 6.82 46.84
C VAL F 93 13.89 5.50 47.55
N ARG F 94 12.79 4.85 47.20
CA ARG F 94 12.34 3.65 47.90
C ARG F 94 12.22 2.50 46.92
N PHE F 95 12.83 1.37 47.26
CA PHE F 95 12.68 0.15 46.50
C PHE F 95 12.88 -1.02 47.44
N THR F 96 12.41 -2.19 47.01
CA THR F 96 12.57 -3.41 47.78
C THR F 96 13.47 -4.36 47.03
N LEU F 97 14.27 -5.10 47.80
CA LEU F 97 15.25 -6.02 47.23
C LEU F 97 14.94 -7.42 47.76
N ARG F 98 14.90 -8.39 46.88
CA ARG F 98 14.57 -9.76 47.25
C ARG F 98 15.70 -10.69 46.85
N VAL F 99 16.28 -11.36 47.83
CA VAL F 99 17.43 -12.25 47.63
C VAL F 99 16.90 -13.67 47.61
N LEU F 100 17.25 -14.42 46.57
CA LEU F 100 16.58 -15.71 46.32
C LEU F 100 17.43 -16.91 46.75
N GLY F 101 18.64 -17.01 46.22
CA GLY F 101 19.43 -18.14 46.63
C GLY F 101 19.21 -19.34 45.74
N GLY F 102 20.20 -20.22 45.72
CA GLY F 102 20.24 -21.29 44.74
C GLY F 102 20.96 -20.83 43.50
N ALA F 103 22.10 -20.17 43.69
CA ALA F 103 22.77 -19.45 42.62
C ALA F 103 23.45 -20.39 41.63
N GLY F 104 23.75 -21.61 42.02
CA GLY F 104 24.45 -22.50 41.12
C GLY F 104 23.58 -23.25 40.13
N THR F 105 22.32 -23.48 40.46
CA THR F 105 21.46 -24.28 39.62
C THR F 105 20.96 -23.46 38.45
N PRO F 106 21.15 -23.89 37.21
CA PRO F 106 20.63 -23.14 36.08
C PRO F 106 19.16 -23.43 35.86
N SER F 107 18.50 -22.54 35.14
CA SER F 107 17.15 -22.82 34.69
C SER F 107 17.12 -23.76 33.50
N ALA F 108 17.96 -23.51 32.51
CA ALA F 108 17.94 -24.30 31.29
C ALA F 108 19.34 -24.80 31.03
N CYS F 109 19.47 -26.08 30.75
CA CYS F 109 20.77 -26.66 30.46
C CYS F 109 20.55 -27.98 29.74
N ASN F 110 21.36 -28.25 28.72
CA ASN F 110 21.24 -29.50 27.99
C ASN F 110 22.02 -30.64 28.63
N ASP F 111 23.33 -30.45 28.78
CA ASP F 111 24.24 -31.50 29.20
C ASP F 111 23.99 -31.78 30.68
N ALA F 112 23.60 -33.02 30.98
CA ALA F 112 23.43 -33.42 32.38
C ALA F 112 24.77 -33.47 33.11
N ALA F 113 25.83 -33.95 32.45
CA ALA F 113 27.12 -34.06 33.11
C ALA F 113 27.72 -32.69 33.38
N TYR F 114 27.50 -31.73 32.48
CA TYR F 114 27.92 -30.36 32.74
C TYR F 114 27.15 -29.76 33.90
N ARG F 115 25.87 -30.10 34.02
CA ARG F 115 25.05 -29.62 35.12
C ARG F 115 25.56 -30.16 36.45
N ASP F 116 25.94 -31.44 36.48
CA ASP F 116 26.49 -32.02 37.71
C ASP F 116 27.85 -31.45 38.05
N LYS F 117 28.70 -31.24 37.05
CA LYS F 117 30.02 -30.68 37.31
C LYS F 117 29.93 -29.24 37.79
N LEU F 118 29.00 -28.47 37.23
CA LEU F 118 28.82 -27.09 37.65
C LEU F 118 28.22 -27.01 39.04
N LEU F 119 27.28 -27.88 39.36
CA LEU F 119 26.69 -27.89 40.69
C LEU F 119 27.71 -28.31 41.72
N GLN F 120 28.56 -29.27 41.37
CA GLN F 120 29.64 -29.70 42.26
C GLN F 120 30.65 -28.57 42.47
N THR F 121 30.93 -27.82 41.42
CA THR F 121 31.88 -26.71 41.52
C THR F 121 31.38 -25.61 42.44
N VAL F 122 30.11 -25.23 42.27
CA VAL F 122 29.54 -24.19 43.14
C VAL F 122 29.39 -24.71 44.56
N ALA F 123 29.16 -26.03 44.71
CA ALA F 123 29.11 -26.62 46.04
C ALA F 123 30.46 -26.57 46.75
N THR F 124 31.54 -26.87 46.05
CA THR F 124 32.87 -26.74 46.65
C THR F 124 33.20 -25.29 46.96
N TYR F 125 32.71 -24.36 46.13
CA TYR F 125 32.90 -22.95 46.44
C TYR F 125 32.21 -22.58 47.74
N VAL F 126 30.93 -22.92 47.89
CA VAL F 126 30.18 -22.45 49.05
C VAL F 126 30.58 -23.22 50.30
N ASN F 127 31.17 -24.40 50.13
CA ASN F 127 31.63 -25.15 51.29
C ASN F 127 32.98 -24.64 51.77
N ASP F 128 33.86 -24.25 50.85
CA ASP F 128 35.16 -23.72 51.27
C ASP F 128 35.01 -22.32 51.87
N GLN F 129 34.11 -21.52 51.29
CA GLN F 129 33.82 -20.20 51.83
C GLN F 129 32.40 -19.83 51.45
N GLY F 130 31.60 -19.42 52.43
CA GLY F 130 30.25 -19.03 52.16
C GLY F 130 30.20 -17.70 51.43
N PHE F 131 28.97 -17.26 51.14
CA PHE F 131 28.76 -15.96 50.52
C PHE F 131 29.04 -14.88 51.57
N ALA F 132 30.30 -14.65 51.83
CA ALA F 132 30.73 -13.75 52.88
C ALA F 132 31.38 -12.49 52.35
N GLU F 133 32.28 -12.64 51.39
CA GLU F 133 32.86 -11.48 50.73
C GLU F 133 31.85 -10.82 49.81
N LEU F 134 31.12 -11.64 49.04
CA LEU F 134 30.15 -11.11 48.09
C LEU F 134 29.01 -10.42 48.80
N ALA F 135 28.53 -11.02 49.90
CA ALA F 135 27.45 -10.38 50.64
C ALA F 135 27.93 -9.14 51.37
N ARG F 136 29.21 -9.11 51.76
CA ARG F 136 29.77 -7.92 52.36
C ARG F 136 29.80 -6.77 51.36
N ARG F 137 30.19 -7.06 50.11
CA ARG F 137 30.22 -6.01 49.11
C ARG F 137 28.82 -5.60 48.66
N TYR F 138 27.87 -6.54 48.61
CA TYR F 138 26.49 -6.18 48.29
C TYR F 138 25.89 -5.33 49.39
N ALA F 139 26.20 -5.64 50.64
CA ALA F 139 25.73 -4.81 51.75
C ALA F 139 26.41 -3.47 51.74
N HIS F 140 27.63 -3.39 51.22
CA HIS F 140 28.29 -2.11 51.07
C HIS F 140 27.57 -1.24 50.05
N ASN F 141 27.28 -1.81 48.87
CA ASN F 141 26.58 -1.06 47.84
C ASN F 141 25.14 -0.76 48.21
N LEU F 142 24.58 -1.50 49.15
CA LEU F 142 23.31 -1.09 49.75
C LEU F 142 23.54 0.03 50.76
N ALA F 143 24.68 0.04 51.44
CA ALA F 143 24.91 1.01 52.49
C ALA F 143 25.21 2.39 51.94
N ASN F 144 26.27 2.52 51.16
CA ASN F 144 26.50 3.76 50.43
C ASN F 144 25.50 3.80 49.29
N ALA F 145 24.77 4.90 49.18
CA ALA F 145 23.66 4.96 48.24
C ALA F 145 24.20 5.12 46.82
N ARG F 146 24.76 4.03 46.30
CA ARG F 146 25.25 4.08 44.94
C ARG F 146 24.11 3.96 43.94
N PHE F 147 22.99 3.35 44.34
CA PHE F 147 21.82 3.27 43.47
C PHE F 147 21.22 4.64 43.19
N LEU F 148 21.41 5.58 44.10
CA LEU F 148 21.28 6.99 43.77
C LEU F 148 22.42 7.30 42.82
N TRP F 149 22.14 7.40 41.52
CA TRP F 149 23.26 7.46 40.58
C TRP F 149 23.83 8.87 40.50
N ARG F 150 23.05 9.82 40.02
CA ARG F 150 23.51 11.20 39.93
C ARG F 150 22.83 12.09 40.95
N ASN F 151 21.88 11.56 41.70
CA ASN F 151 21.31 12.29 42.83
C ASN F 151 22.23 12.30 44.03
N ARG F 152 23.31 11.54 43.99
CA ARG F 152 24.26 11.42 45.08
C ARG F 152 25.40 12.42 45.00
N VAL F 153 25.78 12.87 43.79
CA VAL F 153 27.04 13.56 43.60
C VAL F 153 27.08 14.96 44.19
N GLY F 154 25.94 15.56 44.48
CA GLY F 154 25.97 16.89 45.03
C GLY F 154 25.31 16.94 46.38
N ALA F 155 25.13 15.76 46.97
CA ALA F 155 24.33 15.64 48.17
C ALA F 155 25.10 16.12 49.39
N GLU F 156 24.39 16.79 50.30
CA GLU F 156 25.01 17.27 51.52
C GLU F 156 25.14 16.16 52.55
N ALA F 157 24.11 15.34 52.69
CA ALA F 157 24.12 14.25 53.66
C ALA F 157 23.15 13.18 53.17
N VAL F 158 23.62 11.94 53.06
CA VAL F 158 22.84 10.83 52.57
C VAL F 158 22.64 9.85 53.71
N GLU F 159 21.40 9.39 53.89
CA GLU F 159 21.08 8.42 54.93
C GLU F 159 20.26 7.29 54.34
N VAL F 160 20.68 6.06 54.58
CA VAL F 160 20.06 4.87 54.01
C VAL F 160 19.47 4.04 55.13
N ARG F 161 18.17 3.77 55.07
CA ARG F 161 17.48 2.95 56.05
C ARG F 161 17.04 1.65 55.40
N ILE F 162 17.47 0.53 55.96
CA ILE F 162 17.18 -0.79 55.41
C ILE F 162 16.39 -1.57 56.44
N ASN F 163 15.21 -2.04 56.06
CA ASN F 163 14.35 -2.81 56.96
C ASN F 163 14.21 -4.22 56.41
N HIS F 164 14.60 -5.20 57.20
CA HIS F 164 14.31 -6.60 56.88
C HIS F 164 12.87 -6.87 57.25
N ILE F 165 12.03 -7.14 56.25
CA ILE F 165 10.59 -7.27 56.46
C ILE F 165 10.25 -8.75 56.58
N ARG F 166 9.79 -9.14 57.77
CA ARG F 166 9.22 -10.45 58.01
C ARG F 166 7.70 -10.35 57.79
N GLN F 167 6.96 -11.37 58.26
CA GLN F 167 5.60 -11.75 57.89
C GLN F 167 4.63 -10.63 57.55
N GLY F 168 4.66 -9.55 58.32
CA GLY F 168 3.94 -8.37 57.91
C GLY F 168 4.63 -7.07 58.26
N GLU F 169 5.80 -7.15 58.89
CA GLU F 169 6.41 -5.97 59.49
C GLU F 169 7.92 -6.13 59.49
N VAL F 170 8.60 -5.13 60.05
CA VAL F 170 10.06 -5.11 60.07
C VAL F 170 10.56 -5.99 61.21
N ALA F 171 11.54 -6.85 60.92
CA ALA F 171 12.17 -7.65 61.96
C ALA F 171 13.47 -7.05 62.47
N ARG F 172 14.26 -6.45 61.58
CA ARG F 172 15.54 -5.88 61.98
C ARG F 172 15.78 -4.65 61.13
N ALA F 173 15.89 -3.50 61.76
CA ALA F 173 16.04 -2.23 61.05
C ALA F 173 17.48 -1.76 61.15
N TRP F 174 18.02 -1.29 60.03
CA TRP F 174 19.33 -0.68 59.99
C TRP F 174 19.20 0.82 59.73
N ARG F 175 20.34 1.50 59.82
CA ARG F 175 20.43 2.91 59.47
C ARG F 175 21.89 3.21 59.22
N PHE F 176 22.18 3.92 58.14
CA PHE F 176 23.56 4.16 57.74
C PHE F 176 23.79 5.62 57.37
N ASP F 177 25.05 5.99 57.32
CA ASP F 177 25.49 7.25 56.75
C ASP F 177 26.24 6.92 55.47
N ALA F 178 25.64 7.26 54.33
CA ALA F 178 26.22 6.82 53.07
C ALA F 178 27.39 7.67 52.63
N LEU F 179 27.63 8.80 53.28
CA LEU F 179 28.82 9.57 52.99
C LEU F 179 29.99 9.18 53.88
N ALA F 180 29.73 8.55 55.02
CA ALA F 180 30.80 8.01 55.82
C ALA F 180 31.46 6.82 55.14
N ILE F 181 30.68 6.03 54.43
CA ILE F 181 31.19 4.90 53.66
C ILE F 181 31.56 5.41 52.28
N GLY F 182 32.80 5.18 51.87
CA GLY F 182 33.24 5.63 50.58
C GLY F 182 32.64 4.80 49.46
N LEU F 183 32.77 5.30 48.25
CA LEU F 183 32.28 4.59 47.09
C LEU F 183 33.34 3.68 46.49
N ARG F 184 34.50 3.55 47.13
CA ARG F 184 35.56 2.72 46.57
C ARG F 184 36.28 1.84 47.57
N ASP F 185 35.88 1.80 48.84
CA ASP F 185 36.60 1.06 49.86
C ASP F 185 35.65 0.15 50.60
N PHE F 186 36.00 -1.13 50.71
CA PHE F 186 35.19 -2.11 51.41
C PHE F 186 35.83 -2.39 52.77
N LYS F 187 35.41 -1.62 53.76
CA LYS F 187 35.92 -1.76 55.12
C LYS F 187 35.07 -2.77 55.87
N ALA F 188 35.26 -2.84 57.20
CA ALA F 188 34.48 -3.71 58.06
C ALA F 188 33.77 -2.88 59.11
N ASP F 189 32.60 -3.34 59.55
CA ASP F 189 31.76 -2.55 60.43
C ASP F 189 30.93 -3.49 61.29
N ALA F 190 30.20 -2.90 62.23
CA ALA F 190 29.32 -3.63 63.14
C ALA F 190 27.99 -3.97 62.48
N GLU F 191 27.27 -2.94 62.03
CA GLU F 191 25.97 -3.16 61.41
C GLU F 191 26.09 -3.78 60.04
N LEU F 192 27.15 -3.43 59.31
CA LEU F 192 27.36 -4.00 57.98
C LEU F 192 27.65 -5.48 58.03
N ASP F 193 28.25 -5.95 59.14
CA ASP F 193 28.49 -7.38 59.25
C ASP F 193 27.19 -8.14 59.48
N ALA F 194 26.26 -7.56 60.24
CA ALA F 194 24.96 -8.20 60.41
C ALA F 194 24.17 -8.19 59.12
N LEU F 195 24.27 -7.11 58.35
CA LEU F 195 23.62 -7.05 57.05
C LEU F 195 24.21 -8.05 56.07
N ALA F 196 25.53 -8.24 56.11
CA ALA F 196 26.17 -9.21 55.25
C ALA F 196 25.80 -10.63 55.65
N GLU F 197 25.61 -10.87 56.96
CA GLU F 197 25.15 -12.18 57.37
C GLU F 197 23.70 -12.43 56.97
N LEU F 198 22.88 -11.39 56.95
CA LEU F 198 21.49 -11.56 56.49
C LEU F 198 21.45 -11.87 55.00
N ILE F 199 22.22 -11.14 54.20
CA ILE F 199 22.25 -11.42 52.76
C ILE F 199 22.94 -12.75 52.50
N ALA F 200 23.86 -13.17 53.38
CA ALA F 200 24.45 -14.50 53.26
C ALA F 200 23.44 -15.59 53.54
N SER F 201 22.58 -15.38 54.53
CA SER F 201 21.51 -16.34 54.81
C SER F 201 20.47 -16.34 53.70
N GLY F 202 20.35 -15.23 52.96
CA GLY F 202 19.51 -15.23 51.79
C GLY F 202 20.10 -16.04 50.65
N LEU F 203 21.35 -15.74 50.28
CA LEU F 203 21.95 -16.32 49.09
C LEU F 203 22.26 -17.78 49.25
N SER F 204 22.47 -18.25 50.48
CA SER F 204 22.82 -19.63 50.70
C SER F 204 21.62 -20.56 50.60
N GLY F 205 20.41 -20.03 50.63
CA GLY F 205 19.22 -20.84 50.60
C GLY F 205 18.71 -21.25 51.94
N SER F 206 19.03 -20.51 53.00
CA SER F 206 18.63 -20.85 54.35
C SER F 206 17.54 -19.94 54.90
N GLY F 207 16.84 -19.20 54.06
CA GLY F 207 15.80 -18.35 54.59
C GLY F 207 15.22 -17.37 53.59
N HIS F 208 14.12 -16.73 53.95
CA HIS F 208 13.48 -15.75 53.09
C HIS F 208 13.95 -14.35 53.50
N VAL F 209 14.52 -13.62 52.56
CA VAL F 209 15.06 -12.29 52.80
C VAL F 209 14.32 -11.30 51.92
N LEU F 210 13.72 -10.30 52.54
CA LEU F 210 13.09 -9.20 51.81
C LEU F 210 13.44 -7.90 52.52
N LEU F 211 14.27 -7.09 51.88
CA LEU F 211 14.70 -5.83 52.44
C LEU F 211 13.94 -4.70 51.77
N GLU F 212 13.65 -3.66 52.53
CA GLU F 212 13.05 -2.44 52.00
C GLU F 212 14.07 -1.33 52.14
N VAL F 213 14.61 -0.86 51.02
CA VAL F 213 15.74 0.05 51.03
C VAL F 213 15.26 1.46 50.71
N VAL F 214 15.40 2.36 51.68
CA VAL F 214 14.95 3.74 51.56
C VAL F 214 16.16 4.64 51.73
N ALA F 215 16.34 5.57 50.79
CA ALA F 215 17.52 6.43 50.79
C ALA F 215 17.10 7.89 50.72
N PHE F 216 17.57 8.67 51.68
CA PHE F 216 17.31 10.10 51.73
C PHE F 216 18.56 10.85 51.31
N ALA F 217 18.38 11.96 50.59
CA ALA F 217 19.51 12.74 50.11
C ALA F 217 19.19 14.22 50.22
N ARG F 218 20.01 14.95 50.96
CA ARG F 218 19.90 16.41 51.02
C ARG F 218 20.42 16.98 49.71
N ILE F 219 19.52 17.37 48.82
CA ILE F 219 19.90 17.98 47.57
C ILE F 219 19.69 19.48 47.61
N GLY F 220 18.56 19.93 48.14
CA GLY F 220 18.28 21.34 48.20
C GLY F 220 16.86 21.64 47.78
N ASP F 221 16.39 22.85 48.04
CA ASP F 221 15.00 23.19 47.77
C ASP F 221 14.79 23.36 46.28
N GLY F 222 14.10 22.41 45.67
CA GLY F 222 13.72 22.56 44.28
C GLY F 222 14.80 22.29 43.27
N GLN F 223 15.80 21.48 43.63
CA GLN F 223 16.82 21.13 42.66
C GLN F 223 16.32 20.04 41.72
N GLU F 224 17.20 19.59 40.84
CA GLU F 224 16.82 18.64 39.82
C GLU F 224 17.22 17.23 40.22
N VAL F 225 16.24 16.33 40.26
CA VAL F 225 16.48 14.93 40.48
C VAL F 225 16.61 14.25 39.13
N PHE F 226 17.17 13.05 39.13
CA PHE F 226 17.53 12.37 37.89
C PHE F 226 16.93 10.97 37.83
N PRO F 227 15.67 10.86 37.44
CA PRO F 227 15.10 9.54 37.18
C PRO F 227 15.66 8.98 35.89
N SER F 228 15.37 7.72 35.65
CA SER F 228 15.92 7.03 34.50
C SER F 228 15.23 7.52 33.24
N GLN F 229 15.87 7.27 32.10
CA GLN F 229 15.47 7.87 30.85
C GLN F 229 14.90 6.83 29.89
N GLU F 230 13.70 7.11 29.39
CA GLU F 230 13.09 6.29 28.36
C GLU F 230 13.54 6.76 26.99
N LEU F 231 13.53 5.85 26.01
CA LEU F 231 13.78 6.24 24.64
C LEU F 231 12.47 6.66 23.98
N ILE F 232 12.58 7.51 22.97
CA ILE F 232 11.44 8.10 22.32
C ILE F 232 11.25 7.42 20.97
N LEU F 233 10.02 7.46 20.44
CA LEU F 233 9.66 6.77 19.21
C LEU F 233 10.10 7.51 17.95
N ASP F 234 10.40 8.81 18.07
CA ASP F 234 10.86 9.68 16.97
C ASP F 234 9.85 9.71 15.82
N LYS F 235 8.68 10.27 16.12
CA LYS F 235 7.58 10.27 15.16
C LYS F 235 7.20 11.66 14.65
N GLY F 236 7.60 12.74 15.30
CA GLY F 236 7.04 14.03 14.98
C GLY F 236 8.03 15.09 14.52
N ASP F 237 7.55 16.33 14.42
CA ASP F 237 8.35 17.44 13.94
C ASP F 237 9.40 17.85 14.96
N LYS F 238 10.38 18.64 14.51
CA LYS F 238 11.50 19.04 15.34
C LYS F 238 11.25 20.30 16.13
N LYS F 239 10.00 20.71 16.32
CA LYS F 239 9.66 21.76 17.27
C LYS F 239 8.98 21.21 18.51
N GLY F 240 8.16 20.18 18.35
CA GLY F 240 7.64 19.41 19.47
C GLY F 240 8.34 18.07 19.53
N GLN F 241 9.68 18.09 19.40
CA GLN F 241 10.47 16.89 19.14
C GLN F 241 10.44 15.89 20.29
N LYS F 242 10.22 16.36 21.52
CA LYS F 242 10.19 15.55 22.73
C LYS F 242 11.50 14.77 22.89
N SER F 243 12.56 15.53 23.10
CA SER F 243 13.90 14.96 23.02
C SER F 243 14.25 14.07 24.20
N LYS F 244 13.64 14.27 25.36
CA LYS F 244 13.98 13.48 26.53
C LYS F 244 12.71 13.05 27.23
N THR F 245 12.57 11.74 27.47
CA THR F 245 11.41 11.18 28.13
C THR F 245 11.85 10.41 29.37
N LEU F 246 11.30 10.77 30.52
CA LEU F 246 11.71 10.20 31.79
C LEU F 246 10.74 9.13 32.23
N TYR F 247 11.28 8.11 32.88
CA TYR F 247 10.51 6.96 33.33
C TYR F 247 9.61 7.34 34.49
N SER F 248 8.41 6.78 34.51
CA SER F 248 7.47 7.04 35.58
C SER F 248 6.47 5.88 35.63
N VAL F 249 6.14 5.42 36.83
CA VAL F 249 5.24 4.28 36.95
C VAL F 249 3.78 4.73 36.97
N ARG F 250 3.38 5.53 37.95
CA ARG F 250 2.03 6.06 37.94
C ARG F 250 2.10 7.48 38.50
N ASP F 251 2.33 8.44 37.60
CA ASP F 251 2.43 9.86 37.90
C ASP F 251 3.48 10.13 38.99
N ALA F 252 4.60 9.43 38.88
CA ALA F 252 5.63 9.47 39.91
C ALA F 252 6.92 8.99 39.27
N ALA F 253 7.97 9.80 39.33
CA ALA F 253 9.22 9.47 38.67
C ALA F 253 9.86 8.26 39.33
N ALA F 254 10.65 7.54 38.55
CA ALA F 254 11.22 6.31 39.06
C ALA F 254 12.48 5.97 38.29
N ILE F 255 13.40 5.33 38.97
CA ILE F 255 14.59 4.77 38.35
C ILE F 255 14.23 3.38 37.88
N HIS F 256 14.79 2.95 36.75
CA HIS F 256 14.58 1.60 36.27
C HIS F 256 15.16 0.60 37.26
N SER F 257 14.59 -0.59 37.29
CA SER F 257 15.08 -1.60 38.23
C SER F 257 16.40 -2.17 37.79
N GLN F 258 16.66 -2.18 36.49
CA GLN F 258 17.95 -2.71 36.04
C GLN F 258 19.07 -1.75 36.33
N LYS F 259 18.77 -0.45 36.52
CA LYS F 259 19.81 0.49 36.92
C LYS F 259 20.21 0.26 38.37
N ILE F 260 19.23 -0.01 39.24
CA ILE F 260 19.52 -0.38 40.62
C ILE F 260 20.28 -1.69 40.66
N GLY F 261 19.93 -2.62 39.78
CA GLY F 261 20.64 -3.90 39.74
C GLY F 261 22.06 -3.76 39.23
N ASN F 262 22.31 -2.83 38.33
CA ASN F 262 23.68 -2.56 37.91
C ASN F 262 24.44 -1.84 39.01
N ALA F 263 23.77 -1.01 39.79
CA ALA F 263 24.47 -0.29 40.84
C ALA F 263 24.85 -1.20 41.99
N LEU F 264 24.01 -2.19 42.31
CA LEU F 264 24.38 -3.10 43.39
C LEU F 264 25.49 -4.05 42.97
N ARG F 265 25.71 -4.25 41.68
CA ARG F 265 26.73 -5.19 41.24
C ARG F 265 28.10 -4.58 41.10
N THR F 266 28.32 -3.32 41.52
CA THR F 266 29.65 -2.71 41.41
C THR F 266 30.52 -3.19 42.56
N ILE F 267 30.92 -4.45 42.48
CA ILE F 267 31.81 -5.05 43.47
C ILE F 267 33.12 -5.52 42.88
N ASP F 268 33.27 -5.51 41.56
CA ASP F 268 34.42 -6.09 40.89
C ASP F 268 35.62 -5.17 41.08
N THR F 269 36.42 -5.47 42.10
CA THR F 269 37.66 -4.77 42.36
C THR F 269 38.83 -5.56 41.78
N TRP F 270 38.57 -6.77 41.30
CA TRP F 270 39.60 -7.73 40.94
C TRP F 270 39.86 -7.80 39.45
N TYR F 271 39.77 -6.67 38.76
CA TYR F 271 40.10 -6.67 37.34
C TYR F 271 41.56 -6.28 37.16
N PRO F 272 42.23 -6.78 36.10
CA PRO F 272 43.69 -6.67 36.00
C PRO F 272 44.23 -5.26 35.80
N ASP F 273 43.40 -4.24 35.63
CA ASP F 273 43.91 -2.89 35.50
C ASP F 273 44.06 -2.29 36.91
N GLU F 274 44.27 -0.98 36.96
CA GLU F 274 44.60 -0.32 38.22
C GLU F 274 43.36 -0.17 39.09
N ASP F 275 43.53 -0.47 40.38
CA ASP F 275 42.45 -0.41 41.35
C ASP F 275 42.13 1.02 41.81
N GLY F 276 42.95 2.00 41.43
CA GLY F 276 42.62 3.39 41.72
C GLY F 276 41.43 3.93 40.96
N LEU F 277 41.03 3.24 39.89
CA LEU F 277 39.84 3.56 39.12
C LEU F 277 38.56 3.15 39.84
N GLY F 278 38.66 2.34 40.89
CA GLY F 278 37.51 1.93 41.65
C GLY F 278 36.94 0.60 41.20
N PRO F 279 35.97 0.07 41.93
CA PRO F 279 35.32 -1.17 41.52
C PRO F 279 34.32 -0.92 40.40
N ILE F 280 34.14 -1.93 39.55
CA ILE F 280 33.20 -1.84 38.45
C ILE F 280 32.11 -2.89 38.64
N ALA F 281 31.10 -2.83 37.77
CA ALA F 281 29.98 -3.75 37.85
C ALA F 281 30.34 -5.10 37.26
N VAL F 282 29.89 -6.15 37.92
CA VAL F 282 30.25 -7.52 37.55
C VAL F 282 29.54 -7.86 36.25
N GLU F 283 30.31 -7.97 35.17
CA GLU F 283 29.81 -8.38 33.88
C GLU F 283 30.84 -9.28 33.22
N PRO F 284 30.41 -10.23 32.40
CA PRO F 284 31.37 -10.91 31.53
C PRO F 284 31.92 -9.90 30.56
N TYR F 285 33.24 -9.97 30.35
CA TYR F 285 34.03 -8.92 29.69
C TYR F 285 33.78 -7.58 30.37
N GLY F 286 34.23 -7.51 31.62
CA GLY F 286 33.81 -6.48 32.57
C GLY F 286 34.04 -5.06 32.10
N SER F 287 32.95 -4.43 31.69
CA SER F 287 33.01 -3.22 30.90
C SER F 287 32.07 -2.19 31.48
N VAL F 288 32.58 -0.99 31.70
CA VAL F 288 31.76 0.15 32.02
C VAL F 288 31.42 0.84 30.71
N THR F 289 30.15 1.11 30.50
CA THR F 289 29.77 1.76 29.25
C THR F 289 29.94 3.26 29.30
N SER F 290 30.11 3.84 30.49
CA SER F 290 30.42 5.26 30.57
C SER F 290 31.84 5.52 30.12
N GLN F 291 32.77 4.66 30.52
CA GLN F 291 34.16 4.84 30.15
C GLN F 291 34.51 4.13 28.86
N GLY F 292 33.57 3.41 28.26
CA GLY F 292 33.75 2.85 26.94
C GLY F 292 34.76 1.73 26.82
N LYS F 293 35.34 1.30 27.92
CA LYS F 293 36.44 0.34 27.90
C LYS F 293 35.93 -1.01 28.38
N ALA F 294 36.62 -2.06 27.96
CA ALA F 294 36.28 -3.43 28.32
C ALA F 294 37.45 -4.04 29.07
N TYR F 295 37.49 -3.86 30.38
CA TYR F 295 38.41 -4.63 31.19
C TYR F 295 38.02 -6.10 31.17
N ARG F 296 39.00 -6.95 31.48
CA ARG F 296 38.93 -8.39 31.26
C ARG F 296 38.56 -8.69 29.81
N GLN F 297 39.43 -8.25 28.92
CA GLN F 297 39.31 -8.63 27.53
C GLN F 297 39.61 -10.13 27.38
N PRO F 298 39.12 -10.77 26.31
CA PRO F 298 39.43 -12.20 26.11
C PRO F 298 40.88 -12.48 25.79
N LYS F 299 41.69 -11.45 25.47
CA LYS F 299 43.12 -11.67 25.30
C LYS F 299 43.77 -12.06 26.61
N GLN F 300 43.46 -11.36 27.69
CA GLN F 300 43.81 -11.84 29.00
C GLN F 300 42.88 -12.98 29.37
N LYS F 301 43.36 -13.86 30.24
CA LYS F 301 42.52 -14.98 30.68
C LYS F 301 41.79 -14.61 31.96
N LEU F 302 41.08 -13.50 31.94
CA LEU F 302 40.38 -13.05 33.14
C LEU F 302 38.94 -12.64 32.88
N ASP F 303 38.34 -13.00 31.75
CA ASP F 303 36.93 -12.77 31.57
C ASP F 303 36.12 -13.86 32.27
N PHE F 304 34.80 -13.79 32.17
CA PHE F 304 33.97 -14.77 32.84
C PHE F 304 34.05 -16.12 32.15
N TYR F 305 34.10 -16.12 30.82
CA TYR F 305 33.86 -17.35 30.09
C TYR F 305 35.05 -18.29 30.13
N THR F 306 36.26 -17.77 29.97
CA THR F 306 37.43 -18.65 30.05
C THR F 306 37.68 -19.10 31.48
N LEU F 307 37.37 -18.26 32.46
CA LEU F 307 37.50 -18.66 33.86
C LEU F 307 36.53 -19.77 34.19
N LEU F 308 35.28 -19.66 33.74
CA LEU F 308 34.31 -20.72 34.01
C LEU F 308 34.66 -21.98 33.25
N ASP F 309 35.11 -21.85 32.00
CA ASP F 309 35.49 -23.01 31.21
C ASP F 309 36.73 -23.71 31.74
N ASN F 310 37.63 -23.00 32.41
CA ASN F 310 38.73 -23.67 33.05
C ASN F 310 38.38 -24.23 34.41
N TRP F 311 37.48 -23.58 35.14
CA TRP F 311 37.11 -24.07 36.47
C TRP F 311 36.24 -25.32 36.38
N VAL F 312 35.38 -25.40 35.38
CA VAL F 312 34.44 -26.50 35.30
C VAL F 312 35.00 -27.66 34.49
N LEU F 313 35.49 -27.39 33.29
CA LEU F 313 35.86 -28.47 32.39
C LEU F 313 37.19 -29.11 32.78
N ARG F 314 38.23 -28.30 32.96
CA ARG F 314 39.55 -28.85 33.26
C ARG F 314 40.00 -28.56 34.69
N ASP F 315 39.07 -28.21 35.58
CA ASP F 315 39.26 -28.18 37.04
C ASP F 315 40.32 -27.17 37.48
N GLU F 316 40.65 -26.20 36.64
CA GLU F 316 41.68 -25.22 36.96
C GLU F 316 41.03 -24.12 37.78
N ALA F 317 41.02 -24.31 39.09
CA ALA F 317 40.42 -23.33 39.97
C ALA F 317 41.30 -22.08 40.04
N PRO F 318 40.73 -20.91 39.88
CA PRO F 318 41.53 -19.68 39.92
C PRO F 318 41.86 -19.25 41.34
N ALA F 319 42.41 -18.05 41.48
CA ALA F 319 42.52 -17.43 42.79
C ALA F 319 41.12 -17.11 43.33
N VAL F 320 41.06 -16.81 44.63
CA VAL F 320 39.76 -16.63 45.29
C VAL F 320 39.07 -15.36 44.82
N GLU F 321 39.82 -14.40 44.28
CA GLU F 321 39.21 -13.19 43.77
C GLU F 321 38.52 -13.43 42.44
N GLN F 322 39.15 -14.22 41.57
CA GLN F 322 38.51 -14.53 40.30
C GLN F 322 37.29 -15.43 40.48
N GLN F 323 37.32 -16.34 41.44
CA GLN F 323 36.12 -17.12 41.64
C GLN F 323 35.06 -16.35 42.40
N HIS F 324 35.44 -15.35 43.20
CA HIS F 324 34.47 -14.38 43.69
C HIS F 324 33.77 -13.67 42.54
N TYR F 325 34.54 -13.27 41.53
CA TYR F 325 33.97 -12.62 40.36
C TYR F 325 33.05 -13.56 39.59
N VAL F 326 33.41 -14.84 39.52
CA VAL F 326 32.62 -15.80 38.75
C VAL F 326 31.29 -16.08 39.45
N ILE F 327 31.32 -16.25 40.77
CA ILE F 327 30.07 -16.48 41.48
C ILE F 327 29.21 -15.21 41.52
N ALA F 328 29.84 -14.03 41.47
CA ALA F 328 29.04 -12.83 41.32
C ALA F 328 28.40 -12.75 39.95
N ASN F 329 29.05 -13.28 38.92
CA ASN F 329 28.41 -13.36 37.62
C ASN F 329 27.28 -14.35 37.59
N LEU F 330 27.41 -15.47 38.29
CA LEU F 330 26.31 -16.43 38.34
C LEU F 330 25.13 -15.89 39.13
N ILE F 331 25.40 -15.09 40.16
CA ILE F 331 24.33 -14.41 40.87
C ILE F 331 23.68 -13.37 39.98
N ARG F 332 24.47 -12.72 39.13
CA ARG F 332 23.96 -11.69 38.22
C ARG F 332 22.97 -12.25 37.20
N GLY F 333 23.17 -13.49 36.78
CA GLY F 333 22.29 -14.08 35.79
C GLY F 333 22.83 -13.90 34.39
N GLY F 334 22.05 -14.36 33.42
CA GLY F 334 22.38 -14.14 32.04
C GLY F 334 22.05 -15.33 31.19
N VAL F 335 22.22 -15.15 29.89
CA VAL F 335 22.17 -16.27 28.98
C VAL F 335 23.58 -16.58 28.51
N PHE F 336 24.06 -17.76 28.87
CA PHE F 336 25.40 -18.21 28.53
C PHE F 336 25.27 -19.43 27.63
N GLY F 337 26.24 -19.63 26.77
CA GLY F 337 26.21 -20.76 25.87
C GLY F 337 26.29 -20.27 24.43
N GLU F 338 26.91 -21.08 23.60
CA GLU F 338 27.18 -20.73 22.22
C GLU F 338 25.97 -21.06 21.35
N ALA F 339 26.17 -21.06 20.04
CA ALA F 339 25.11 -21.44 19.11
C ALA F 339 25.15 -22.94 18.87
N ILE G 5 -6.84 -58.67 11.74
CA ILE G 5 -5.45 -58.52 12.15
C ILE G 5 -5.33 -57.35 13.13
N LEU G 6 -6.31 -56.43 13.04
CA LEU G 6 -6.44 -55.25 13.89
C LEU G 6 -5.20 -54.36 13.83
N SER G 7 -5.00 -53.76 12.67
CA SER G 7 -4.03 -52.69 12.55
C SER G 7 -4.55 -51.45 13.26
N THR G 8 -3.63 -50.56 13.62
CA THR G 8 -4.03 -49.33 14.30
C THR G 8 -4.70 -48.38 13.31
N ALA G 9 -5.45 -47.42 13.83
CA ALA G 9 -6.20 -46.52 12.98
C ALA G 9 -5.26 -45.54 12.31
N SER G 10 -5.67 -45.02 11.15
CA SER G 10 -4.85 -44.01 10.50
C SER G 10 -5.03 -42.64 11.15
N VAL G 11 -6.26 -42.27 11.48
CA VAL G 11 -6.48 -41.05 12.23
C VAL G 11 -6.97 -41.40 13.62
N LEU G 12 -6.59 -40.56 14.58
CA LEU G 12 -7.06 -40.60 15.97
C LEU G 12 -6.93 -39.19 16.49
N ALA G 13 -7.95 -38.71 17.16
CA ALA G 13 -7.90 -37.39 17.77
C ALA G 13 -8.68 -37.46 19.06
N PHE G 14 -8.02 -37.23 20.17
CA PHE G 14 -8.66 -37.25 21.47
C PHE G 14 -8.82 -35.82 21.95
N GLU G 15 -10.04 -35.44 22.26
CA GLU G 15 -10.29 -34.10 22.74
C GLU G 15 -9.69 -33.90 24.12
N ARG G 16 -9.55 -32.65 24.51
CA ARG G 16 -8.83 -32.30 25.72
C ARG G 16 -9.81 -32.29 26.89
N LYS G 17 -9.67 -33.26 27.78
CA LYS G 17 -10.26 -33.16 29.10
C LYS G 17 -9.34 -32.30 29.96
N LEU G 18 -9.83 -31.90 31.12
CA LEU G 18 -9.17 -30.93 32.01
C LEU G 18 -8.87 -29.62 31.27
N ASP G 19 -9.95 -28.91 30.95
CA ASP G 19 -9.86 -27.61 30.27
C ASP G 19 -9.64 -26.49 31.26
N PRO G 20 -8.47 -25.86 31.30
CA PRO G 20 -8.30 -24.67 32.13
C PRO G 20 -8.68 -23.42 31.36
N SER G 21 -8.61 -22.29 32.05
CA SER G 21 -8.83 -21.03 31.39
C SER G 21 -7.58 -20.19 31.48
N ASP G 22 -7.63 -19.00 30.91
CA ASP G 22 -6.51 -18.07 31.05
C ASP G 22 -6.48 -17.53 32.46
N ALA G 23 -5.32 -17.57 33.08
CA ALA G 23 -5.18 -17.24 34.49
C ALA G 23 -4.94 -15.75 34.64
N LEU G 24 -5.98 -15.01 34.96
CA LEU G 24 -5.87 -13.59 35.22
C LEU G 24 -5.10 -13.34 36.51
N MET G 25 -4.18 -12.39 36.50
CA MET G 25 -3.46 -12.03 37.72
C MET G 25 -3.82 -10.60 38.12
N SER G 26 -4.06 -10.41 39.41
CA SER G 26 -4.33 -9.13 40.02
C SER G 26 -3.53 -9.01 41.31
N ALA G 27 -3.56 -7.84 41.93
CA ALA G 27 -2.65 -7.56 43.02
C ALA G 27 -3.36 -6.89 44.16
N GLY G 28 -2.86 -7.15 45.36
CA GLY G 28 -3.46 -6.58 46.55
C GLY G 28 -2.58 -6.86 47.75
N ALA G 29 -3.10 -6.55 48.92
CA ALA G 29 -2.35 -6.71 50.16
C ALA G 29 -2.77 -7.98 50.87
N TRP G 30 -1.79 -8.67 51.46
CA TRP G 30 -2.04 -9.85 52.27
C TRP G 30 -2.83 -9.48 53.52
N ALA G 31 -3.40 -10.50 54.15
CA ALA G 31 -4.32 -10.47 55.28
C ALA G 31 -5.62 -9.75 54.96
N GLN G 32 -5.91 -9.51 53.69
CA GLN G 32 -7.27 -9.27 53.24
C GLN G 32 -7.50 -10.02 51.94
N ARG G 33 -7.02 -11.25 51.91
CA ARG G 33 -7.30 -12.17 50.81
C ARG G 33 -8.76 -12.58 50.75
N ASP G 34 -9.49 -12.46 51.86
CA ASP G 34 -10.90 -12.82 51.84
C ASP G 34 -11.75 -11.76 51.16
N ALA G 35 -11.24 -10.54 51.02
CA ALA G 35 -11.93 -9.48 50.31
C ALA G 35 -11.36 -9.29 48.91
N SER G 36 -10.81 -10.34 48.33
CA SER G 36 -10.10 -10.23 47.07
C SER G 36 -11.00 -10.44 45.87
N GLN G 37 -12.05 -9.63 45.76
CA GLN G 37 -12.84 -9.61 44.54
C GLN G 37 -12.67 -8.33 43.75
N GLU G 38 -12.45 -7.20 44.42
CA GLU G 38 -12.27 -5.92 43.75
C GLU G 38 -10.80 -5.57 43.64
N TRP G 39 -9.93 -6.57 43.61
CA TRP G 39 -8.51 -6.31 43.53
C TRP G 39 -8.14 -5.88 42.11
N PRO G 40 -7.42 -4.77 41.96
CA PRO G 40 -7.11 -4.25 40.64
C PRO G 40 -6.06 -5.11 39.94
N ALA G 41 -6.16 -5.16 38.62
CA ALA G 41 -5.35 -6.08 37.84
C ALA G 41 -3.94 -5.56 37.66
N VAL G 42 -3.02 -6.48 37.38
CA VAL G 42 -1.63 -6.14 37.16
C VAL G 42 -1.46 -5.72 35.71
N THR G 43 -1.06 -4.48 35.49
CA THR G 43 -1.03 -3.88 34.17
C THR G 43 0.33 -4.12 33.55
N VAL G 44 0.33 -4.61 32.31
CA VAL G 44 1.54 -4.73 31.52
C VAL G 44 1.88 -3.35 30.97
N ARG G 45 3.06 -2.85 31.27
CA ARG G 45 3.54 -1.59 30.73
C ARG G 45 4.93 -1.80 30.14
N GLU G 46 5.49 -0.73 29.59
CA GLU G 46 6.73 -0.80 28.83
C GLU G 46 7.83 -0.01 29.50
N LYS G 47 9.05 -0.51 29.37
CA LYS G 47 10.23 0.19 29.82
C LYS G 47 11.34 -0.13 28.84
N SER G 48 12.37 0.72 28.82
CA SER G 48 13.43 0.60 27.84
C SER G 48 14.75 0.28 28.51
N VAL G 49 15.48 -0.68 27.95
CA VAL G 49 16.72 -1.14 28.55
C VAL G 49 17.88 -0.90 27.59
N ARG G 50 19.09 -0.79 28.15
CA ARG G 50 20.33 -0.89 27.39
C ARG G 50 21.01 -2.20 27.72
N GLY G 51 21.93 -2.62 26.87
CA GLY G 51 22.64 -3.85 27.11
C GLY G 51 24.06 -3.75 26.60
N THR G 52 24.99 -4.15 27.46
CA THR G 52 26.32 -4.47 26.98
C THR G 52 26.30 -5.92 26.52
N ILE G 53 27.19 -6.25 25.59
CA ILE G 53 27.21 -7.61 25.06
C ILE G 53 27.76 -8.56 26.11
N SER G 54 27.04 -9.65 26.32
CA SER G 54 27.44 -10.65 27.28
C SER G 54 27.38 -12.06 26.71
N ASN G 55 27.43 -12.22 25.40
CA ASN G 55 27.37 -13.54 24.81
C ASN G 55 28.75 -14.05 24.46
N ARG G 56 28.85 -15.35 24.26
CA ARG G 56 30.13 -15.95 23.91
C ARG G 56 30.52 -15.62 22.49
N LEU G 57 31.65 -14.95 22.33
CA LEU G 57 32.15 -14.59 21.02
C LEU G 57 32.80 -15.79 20.36
N LYS G 58 32.79 -15.79 19.03
CA LYS G 58 33.18 -16.95 18.25
C LYS G 58 34.63 -16.89 17.77
N THR G 59 35.51 -16.31 18.60
CA THR G 59 36.97 -16.22 18.52
C THR G 59 37.43 -15.23 17.44
N LYS G 60 36.53 -14.86 16.53
CA LYS G 60 36.84 -13.86 15.52
C LYS G 60 36.58 -12.45 16.03
N ASP G 61 35.61 -12.30 16.94
CA ASP G 61 35.32 -11.03 17.57
C ASP G 61 36.05 -10.85 18.89
N ARG G 62 37.15 -11.57 19.10
CA ARG G 62 37.94 -11.45 20.33
C ARG G 62 39.07 -10.46 20.20
N ASP G 63 39.03 -9.60 19.20
CA ASP G 63 39.96 -8.48 19.15
C ASP G 63 39.55 -7.45 20.20
N PRO G 64 40.50 -6.78 20.85
CA PRO G 64 40.12 -5.73 21.81
C PRO G 64 39.42 -4.55 21.18
N ALA G 65 39.87 -4.10 20.02
CA ALA G 65 39.28 -2.90 19.42
C ALA G 65 37.87 -3.18 18.91
N LYS G 66 37.63 -4.38 18.36
CA LYS G 66 36.28 -4.74 17.94
C LYS G 66 35.34 -4.86 19.13
N LEU G 67 35.85 -5.36 20.26
CA LEU G 67 35.04 -5.45 21.46
C LEU G 67 34.69 -4.07 22.00
N ASP G 68 35.65 -3.15 21.99
CA ASP G 68 35.36 -1.80 22.46
C ASP G 68 34.43 -1.07 21.49
N ALA G 69 34.55 -1.37 20.19
CA ALA G 69 33.63 -0.82 19.22
C ALA G 69 32.22 -1.34 19.42
N SER G 70 32.08 -2.61 19.82
CA SER G 70 30.76 -3.16 20.10
C SER G 70 30.17 -2.57 21.37
N ILE G 71 30.97 -2.39 22.41
CA ILE G 71 30.42 -1.84 23.65
C ILE G 71 30.29 -0.34 23.63
N GLN G 72 30.77 0.33 22.59
CA GLN G 72 30.48 1.76 22.48
C GLN G 72 29.12 2.05 21.87
N SER G 73 28.60 1.13 21.05
CA SER G 73 27.29 1.28 20.43
C SER G 73 26.36 0.22 21.01
N PRO G 74 25.66 0.49 22.09
CA PRO G 74 24.86 -0.54 22.73
C PRO G 74 23.50 -0.68 22.08
N ASN G 75 22.89 -1.84 22.29
CA ASN G 75 21.55 -2.07 21.78
C ASN G 75 20.53 -1.42 22.69
N LEU G 76 19.54 -0.78 22.08
CA LEU G 76 18.42 -0.19 22.81
C LEU G 76 17.21 -1.06 22.55
N GLN G 77 16.57 -1.49 23.62
CA GLN G 77 15.34 -2.25 23.50
C GLN G 77 14.21 -1.51 24.17
N THR G 78 13.01 -1.99 23.93
CA THR G 78 11.88 -1.75 24.80
C THR G 78 11.39 -3.11 25.20
N VAL G 79 11.09 -3.29 26.48
CA VAL G 79 10.58 -4.56 26.97
C VAL G 79 9.26 -4.30 27.67
N ASP G 80 8.37 -5.28 27.64
CA ASP G 80 7.20 -5.24 28.49
C ASP G 80 7.59 -5.76 29.86
N VAL G 81 7.11 -5.11 30.90
CA VAL G 81 7.39 -5.53 32.26
C VAL G 81 6.05 -5.53 32.99
N ALA G 82 5.89 -6.42 33.96
CA ALA G 82 4.70 -6.45 34.79
C ALA G 82 5.13 -6.48 36.24
N ASN G 83 4.69 -5.48 37.00
CA ASN G 83 5.07 -5.36 38.39
C ASN G 83 3.84 -5.21 39.25
N LEU G 84 3.95 -5.66 40.50
CA LEU G 84 2.97 -5.31 41.51
C LEU G 84 3.04 -3.81 41.78
N PRO G 85 1.96 -3.21 42.24
CA PRO G 85 2.03 -1.81 42.65
C PRO G 85 2.90 -1.64 43.88
N SER G 86 3.27 -0.40 44.15
CA SER G 86 4.19 -0.12 45.24
C SER G 86 3.51 -0.13 46.61
N ASP G 87 2.30 -0.64 46.73
CA ASP G 87 1.63 -0.74 48.02
C ASP G 87 0.86 -2.05 48.13
N ALA G 88 1.42 -3.14 47.59
CA ALA G 88 0.75 -4.42 47.61
C ALA G 88 1.79 -5.51 47.49
N ASP G 89 1.56 -6.64 48.16
CA ASP G 89 2.55 -7.71 48.20
C ASP G 89 1.94 -9.07 47.94
N THR G 90 0.77 -9.14 47.33
CA THR G 90 0.11 -10.40 47.07
C THR G 90 -0.34 -10.44 45.62
N LEU G 91 0.05 -11.49 44.92
CA LEU G 91 -0.35 -11.71 43.54
C LEU G 91 -1.46 -12.76 43.50
N LYS G 92 -2.61 -12.40 42.94
CA LYS G 92 -3.77 -13.30 42.92
C LYS G 92 -3.97 -13.83 41.50
N VAL G 93 -3.63 -15.09 41.29
CA VAL G 93 -3.80 -15.74 40.00
C VAL G 93 -5.08 -16.56 40.06
N ARG G 94 -6.03 -16.26 39.20
CA ARG G 94 -7.37 -16.81 39.30
C ARG G 94 -7.79 -17.41 37.97
N PHE G 95 -8.21 -18.67 37.99
CA PHE G 95 -8.68 -19.33 36.78
C PHE G 95 -9.65 -20.41 37.17
N THR G 96 -10.44 -20.85 36.20
CA THR G 96 -11.42 -21.91 36.41
C THR G 96 -10.96 -23.16 35.68
N LEU G 97 -11.29 -24.32 36.24
CA LEU G 97 -10.90 -25.59 35.66
C LEU G 97 -12.13 -26.45 35.51
N ARG G 98 -12.36 -26.94 34.30
CA ARG G 98 -13.48 -27.79 33.98
C ARG G 98 -12.95 -29.15 33.57
N VAL G 99 -13.42 -30.20 34.26
CA VAL G 99 -13.01 -31.58 33.97
C VAL G 99 -14.19 -32.26 33.29
N LEU G 100 -13.94 -32.89 32.14
CA LEU G 100 -15.04 -33.34 31.29
C LEU G 100 -15.39 -34.81 31.51
N GLY G 101 -14.46 -35.70 31.26
CA GLY G 101 -14.83 -37.09 31.41
C GLY G 101 -15.24 -37.71 30.09
N GLY G 102 -15.09 -39.01 29.99
CA GLY G 102 -15.19 -39.69 28.72
C GLY G 102 -13.83 -39.76 28.08
N ALA G 103 -12.86 -40.27 28.84
CA ALA G 103 -11.46 -40.12 28.47
C ALA G 103 -11.04 -41.05 27.34
N GLY G 104 -11.77 -42.11 27.10
CA GLY G 104 -11.34 -43.04 26.08
C GLY G 104 -11.86 -42.79 24.70
N THR G 105 -13.03 -42.16 24.57
CA THR G 105 -13.71 -42.06 23.29
C THR G 105 -13.02 -41.03 22.41
N PRO G 106 -12.48 -41.42 21.26
CA PRO G 106 -11.81 -40.46 20.39
C PRO G 106 -12.81 -39.62 19.63
N SER G 107 -12.35 -38.45 19.19
CA SER G 107 -13.19 -37.57 18.39
C SER G 107 -13.08 -37.83 16.90
N ALA G 108 -12.17 -38.72 16.48
CA ALA G 108 -12.04 -39.11 15.09
C ALA G 108 -11.35 -40.45 15.04
N CYS G 109 -11.84 -41.35 14.18
CA CYS G 109 -11.26 -42.67 14.04
C CYS G 109 -11.75 -43.29 12.74
N ASN G 110 -10.84 -43.77 11.91
CA ASN G 110 -11.31 -44.48 10.72
C ASN G 110 -11.80 -45.88 11.05
N ASP G 111 -10.91 -46.71 11.59
CA ASP G 111 -11.20 -48.11 11.86
C ASP G 111 -12.21 -48.19 12.99
N ALA G 112 -13.30 -48.92 12.75
CA ALA G 112 -14.29 -49.11 13.80
C ALA G 112 -13.84 -50.15 14.81
N ALA G 113 -13.18 -51.22 14.34
CA ALA G 113 -12.78 -52.30 15.22
C ALA G 113 -11.70 -51.87 16.19
N TYR G 114 -10.77 -51.02 15.73
CA TYR G 114 -9.80 -50.41 16.63
C TYR G 114 -10.48 -49.56 17.68
N ARG G 115 -11.55 -48.86 17.29
CA ARG G 115 -12.26 -48.02 18.24
C ARG G 115 -12.95 -48.85 19.31
N ASP G 116 -13.53 -50.00 18.92
CA ASP G 116 -14.14 -50.88 19.91
C ASP G 116 -13.09 -51.48 20.84
N LYS G 117 -11.95 -51.88 20.28
CA LYS G 117 -10.89 -52.45 21.13
C LYS G 117 -10.30 -51.43 22.07
N LEU G 118 -10.15 -50.18 21.63
CA LEU G 118 -9.62 -49.14 22.49
C LEU G 118 -10.61 -48.76 23.58
N LEU G 119 -11.89 -48.71 23.26
CA LEU G 119 -12.90 -48.44 24.28
C LEU G 119 -12.99 -49.58 25.28
N GLN G 120 -12.80 -50.81 24.82
CA GLN G 120 -12.79 -51.96 25.71
C GLN G 120 -11.59 -51.90 26.65
N THR G 121 -10.43 -51.51 26.14
CA THR G 121 -9.23 -51.44 26.96
C THR G 121 -9.34 -50.35 28.02
N VAL G 122 -9.87 -49.19 27.63
CA VAL G 122 -10.04 -48.09 28.57
C VAL G 122 -11.10 -48.45 29.63
N ALA G 123 -12.15 -49.14 29.22
CA ALA G 123 -13.16 -49.56 30.20
C ALA G 123 -12.63 -50.61 31.15
N THR G 124 -11.73 -51.49 30.66
CA THR G 124 -11.05 -52.44 31.53
C THR G 124 -10.21 -51.74 32.57
N TYR G 125 -9.47 -50.70 32.16
CA TYR G 125 -8.67 -49.94 33.12
C TYR G 125 -9.55 -49.21 34.13
N VAL G 126 -10.67 -48.64 33.67
CA VAL G 126 -11.55 -47.91 34.56
C VAL G 126 -12.22 -48.86 35.56
N ASN G 127 -12.56 -50.07 35.12
CA ASN G 127 -13.17 -51.04 36.03
C ASN G 127 -12.17 -51.59 37.03
N ASP G 128 -10.93 -51.86 36.59
CA ASP G 128 -9.94 -52.44 37.49
C ASP G 128 -9.47 -51.44 38.52
N GLN G 129 -9.15 -50.23 38.09
CA GLN G 129 -8.71 -49.18 38.98
C GLN G 129 -9.09 -47.84 38.38
N GLY G 130 -10.07 -47.17 38.98
CA GLY G 130 -10.61 -45.96 38.42
C GLY G 130 -9.60 -44.82 38.47
N PHE G 131 -10.06 -43.65 38.04
CA PHE G 131 -9.19 -42.47 38.01
C PHE G 131 -8.91 -41.99 39.43
N ALA G 132 -8.10 -42.76 40.14
CA ALA G 132 -7.82 -42.51 41.54
C ALA G 132 -6.38 -42.09 41.79
N GLU G 133 -5.44 -42.68 41.09
CA GLU G 133 -4.08 -42.19 41.14
C GLU G 133 -3.96 -40.86 40.41
N LEU G 134 -4.54 -40.80 39.21
CA LEU G 134 -4.41 -39.61 38.37
C LEU G 134 -5.13 -38.42 38.99
N ALA G 135 -6.29 -38.65 39.59
CA ALA G 135 -6.98 -37.54 40.20
C ALA G 135 -6.29 -37.09 41.47
N ARG G 136 -5.60 -38.00 42.15
CA ARG G 136 -4.77 -37.61 43.28
C ARG G 136 -3.62 -36.72 42.85
N ARG G 137 -2.96 -37.08 41.74
CA ARG G 137 -1.83 -36.26 41.31
C ARG G 137 -2.27 -34.94 40.68
N TYR G 138 -3.40 -34.92 39.99
CA TYR G 138 -3.94 -33.64 39.52
C TYR G 138 -4.38 -32.76 40.69
N ALA G 139 -4.88 -33.38 41.76
CA ALA G 139 -5.24 -32.60 42.93
C ALA G 139 -4.01 -32.08 43.64
N HIS G 140 -2.90 -32.81 43.57
CA HIS G 140 -1.65 -32.26 44.11
C HIS G 140 -1.15 -31.09 43.30
N ASN G 141 -1.24 -31.18 41.98
CA ASN G 141 -0.82 -30.06 41.16
C ASN G 141 -1.76 -28.87 41.28
N LEU G 142 -3.00 -29.09 41.70
CA LEU G 142 -3.87 -27.97 42.04
C LEU G 142 -3.62 -27.49 43.45
N ALA G 143 -3.09 -28.35 44.31
CA ALA G 143 -2.92 -27.99 45.71
C ALA G 143 -1.70 -27.09 45.90
N ASN G 144 -0.51 -27.60 45.59
CA ASN G 144 0.66 -26.74 45.52
C ASN G 144 0.50 -25.87 44.28
N ALA G 145 0.86 -24.60 44.39
CA ALA G 145 0.64 -23.68 43.29
C ALA G 145 1.73 -23.83 42.24
N ARG G 146 1.72 -24.97 41.57
CA ARG G 146 2.70 -25.20 40.52
C ARG G 146 2.37 -24.40 39.28
N PHE G 147 1.11 -24.04 39.09
CA PHE G 147 0.72 -23.23 37.95
C PHE G 147 1.22 -21.81 38.06
N LEU G 148 1.43 -21.32 39.28
CA LEU G 148 2.29 -20.18 39.50
C LEU G 148 3.69 -20.63 39.11
N TRP G 149 4.17 -20.22 37.96
CA TRP G 149 5.39 -20.85 37.44
C TRP G 149 6.64 -20.25 38.06
N ARG G 150 6.89 -18.97 37.80
CA ARG G 150 8.04 -18.33 38.38
C ARG G 150 7.63 -17.36 39.46
N ASN G 151 6.33 -17.14 39.63
CA ASN G 151 5.86 -16.35 40.76
C ASN G 151 5.87 -17.14 42.07
N ARG G 152 6.36 -18.37 42.04
CA ARG G 152 6.41 -19.25 43.19
C ARG G 152 7.79 -19.38 43.78
N VAL G 153 8.85 -19.22 42.98
CA VAL G 153 10.18 -19.65 43.37
C VAL G 153 10.80 -18.79 44.45
N GLY G 154 10.30 -17.58 44.67
CA GLY G 154 10.89 -16.74 45.69
C GLY G 154 9.83 -16.26 46.66
N ALA G 155 8.73 -16.98 46.70
CA ALA G 155 7.57 -16.51 47.44
C ALA G 155 7.72 -16.84 48.92
N GLU G 156 7.19 -15.95 49.75
CA GLU G 156 7.28 -16.18 51.20
C GLU G 156 6.20 -17.13 51.67
N ALA G 157 4.96 -16.91 51.27
CA ALA G 157 3.84 -17.71 51.75
C ALA G 157 2.78 -17.78 50.67
N VAL G 158 2.51 -18.99 50.19
CA VAL G 158 1.56 -19.21 49.10
C VAL G 158 0.34 -19.92 49.66
N GLU G 159 -0.85 -19.44 49.32
CA GLU G 159 -2.09 -20.03 49.77
C GLU G 159 -3.02 -20.21 48.58
N VAL G 160 -3.51 -21.44 48.39
CA VAL G 160 -4.35 -21.80 47.25
C VAL G 160 -5.77 -22.06 47.76
N ARG G 161 -6.76 -21.46 47.10
CA ARG G 161 -8.16 -21.65 47.45
C ARG G 161 -8.90 -22.22 46.26
N ILE G 162 -9.51 -23.38 46.44
CA ILE G 162 -10.20 -24.09 45.38
C ILE G 162 -11.66 -24.21 45.76
N ASN G 163 -12.56 -23.76 44.89
CA ASN G 163 -13.99 -23.79 45.14
C ASN G 163 -14.68 -24.63 44.09
N HIS G 164 -15.40 -25.65 44.52
CA HIS G 164 -16.23 -26.41 43.60
C HIS G 164 -17.54 -25.64 43.40
N ILE G 165 -17.89 -25.36 42.16
CA ILE G 165 -18.99 -24.46 41.86
C ILE G 165 -20.16 -25.27 41.33
N ARG G 166 -21.26 -25.26 42.08
CA ARG G 166 -22.52 -25.85 41.67
C ARG G 166 -23.31 -24.76 40.94
N GLN G 167 -24.64 -24.92 40.83
CA GLN G 167 -25.55 -24.17 39.95
C GLN G 167 -25.36 -22.67 39.89
N GLY G 168 -25.11 -22.04 41.03
CA GLY G 168 -24.75 -20.64 40.97
C GLY G 168 -23.72 -20.22 41.99
N GLU G 169 -23.29 -21.14 42.83
CA GLU G 169 -22.44 -20.78 43.96
C GLU G 169 -21.61 -21.99 44.35
N VAL G 170 -20.82 -21.80 45.41
CA VAL G 170 -19.85 -22.81 45.83
C VAL G 170 -20.59 -23.96 46.51
N ALA G 171 -20.10 -25.17 46.31
CA ALA G 171 -20.67 -26.32 46.97
C ALA G 171 -19.73 -26.89 48.02
N ARG G 172 -18.44 -26.88 47.75
CA ARG G 172 -17.45 -27.36 48.72
C ARG G 172 -16.15 -26.65 48.42
N ALA G 173 -15.63 -25.92 49.39
CA ALA G 173 -14.45 -25.09 49.23
C ALA G 173 -13.28 -25.71 49.96
N TRP G 174 -12.11 -25.65 49.36
CA TRP G 174 -10.88 -26.10 50.00
C TRP G 174 -9.99 -24.91 50.31
N ARG G 175 -8.91 -25.17 51.03
CA ARG G 175 -7.90 -24.16 51.32
C ARG G 175 -6.61 -24.88 51.68
N PHE G 176 -5.57 -24.68 50.90
CA PHE G 176 -4.32 -25.38 51.08
C PHE G 176 -3.19 -24.42 51.42
N ASP G 177 -2.11 -24.97 51.94
CA ASP G 177 -0.83 -24.27 52.05
C ASP G 177 0.08 -24.88 51.00
N ALA G 178 0.41 -24.10 49.98
CA ALA G 178 1.10 -24.65 48.83
C ALA G 178 2.57 -24.90 49.07
N LEU G 179 3.15 -24.34 50.13
CA LEU G 179 4.55 -24.57 50.39
C LEU G 179 4.80 -25.76 51.29
N ALA G 180 3.81 -26.18 52.08
CA ALA G 180 3.93 -27.43 52.81
C ALA G 180 3.83 -28.61 51.88
N ILE G 181 2.88 -28.58 50.95
CA ILE G 181 2.73 -29.60 49.93
C ILE G 181 3.84 -29.37 48.92
N GLY G 182 4.87 -30.19 48.95
CA GLY G 182 6.04 -29.96 48.13
C GLY G 182 5.77 -30.21 46.66
N LEU G 183 6.72 -29.75 45.84
CA LEU G 183 6.61 -29.91 44.41
C LEU G 183 7.08 -31.26 43.91
N ARG G 184 7.42 -32.19 44.80
CA ARG G 184 7.98 -33.45 44.32
C ARG G 184 7.50 -34.71 45.01
N ASP G 185 6.71 -34.65 46.06
CA ASP G 185 6.20 -35.85 46.72
C ASP G 185 4.68 -35.87 46.64
N PHE G 186 4.11 -37.04 46.37
CA PHE G 186 2.67 -37.21 46.34
C PHE G 186 2.25 -37.97 47.61
N LYS G 187 2.08 -37.22 48.68
CA LYS G 187 1.68 -37.77 49.96
C LYS G 187 0.14 -37.81 50.04
N ALA G 188 -0.40 -38.04 51.23
CA ALA G 188 -1.82 -38.11 51.45
C ALA G 188 -2.27 -36.98 52.37
N ASP G 189 -3.57 -36.75 52.44
CA ASP G 189 -4.14 -35.68 53.26
C ASP G 189 -5.61 -36.01 53.50
N ALA G 190 -6.29 -35.14 54.23
CA ALA G 190 -7.71 -35.30 54.49
C ALA G 190 -8.56 -34.44 53.55
N GLU G 191 -8.01 -33.33 53.08
CA GLU G 191 -8.73 -32.51 52.11
C GLU G 191 -8.34 -32.89 50.68
N LEU G 192 -7.09 -33.32 50.49
CA LEU G 192 -6.63 -33.68 49.16
C LEU G 192 -7.35 -34.91 48.63
N ASP G 193 -7.71 -35.86 49.50
CA ASP G 193 -8.47 -36.98 49.01
C ASP G 193 -9.91 -36.62 48.70
N ALA G 194 -10.44 -35.58 49.34
CA ALA G 194 -11.77 -35.10 48.97
C ALA G 194 -11.73 -34.46 47.58
N LEU G 195 -10.73 -33.63 47.34
CA LEU G 195 -10.55 -33.05 46.00
C LEU G 195 -10.24 -34.12 44.96
N ALA G 196 -9.52 -35.17 45.35
CA ALA G 196 -9.21 -36.24 44.42
C ALA G 196 -10.43 -37.06 44.10
N GLU G 197 -11.33 -37.26 45.06
CA GLU G 197 -12.57 -37.94 44.76
C GLU G 197 -13.48 -37.10 43.88
N LEU G 198 -13.42 -35.78 44.04
CA LEU G 198 -14.20 -34.91 43.16
C LEU G 198 -13.70 -34.96 41.72
N ILE G 199 -12.39 -34.87 41.53
CA ILE G 199 -11.84 -34.97 40.18
C ILE G 199 -12.00 -36.39 39.63
N ALA G 200 -12.01 -37.40 40.49
CA ALA G 200 -12.27 -38.77 40.06
C ALA G 200 -13.70 -38.93 39.55
N SER G 201 -14.66 -38.32 40.25
CA SER G 201 -16.03 -38.34 39.76
C SER G 201 -16.16 -37.55 38.47
N GLY G 202 -15.36 -36.50 38.30
CA GLY G 202 -15.39 -35.75 37.07
C GLY G 202 -14.87 -36.54 35.89
N LEU G 203 -13.70 -37.16 36.04
CA LEU G 203 -13.06 -37.84 34.93
C LEU G 203 -13.81 -39.11 34.54
N SER G 204 -14.52 -39.72 35.48
CA SER G 204 -15.29 -40.92 35.19
C SER G 204 -16.56 -40.62 34.43
N GLY G 205 -17.05 -39.38 34.50
CA GLY G 205 -18.27 -39.01 33.84
C GLY G 205 -19.50 -39.02 34.71
N SER G 206 -19.35 -39.32 35.99
CA SER G 206 -20.50 -39.43 36.89
C SER G 206 -20.81 -38.13 37.61
N GLY G 207 -20.54 -36.97 37.00
CA GLY G 207 -20.82 -35.72 37.65
C GLY G 207 -20.22 -34.53 36.92
N HIS G 208 -20.74 -33.34 37.18
CA HIS G 208 -20.20 -32.14 36.58
C HIS G 208 -19.35 -31.40 37.60
N VAL G 209 -18.13 -31.03 37.22
CA VAL G 209 -17.18 -30.39 38.12
C VAL G 209 -16.64 -29.13 37.45
N LEU G 210 -16.69 -28.01 38.18
CA LEU G 210 -16.14 -26.75 37.72
C LEU G 210 -15.46 -26.10 38.91
N LEU G 211 -14.15 -26.25 38.99
CA LEU G 211 -13.36 -25.72 40.10
C LEU G 211 -12.86 -24.34 39.76
N GLU G 212 -13.08 -23.38 40.65
CA GLU G 212 -12.48 -22.07 40.54
C GLU G 212 -11.24 -22.07 41.41
N VAL G 213 -10.07 -21.88 40.79
CA VAL G 213 -8.79 -21.99 41.48
C VAL G 213 -8.20 -20.60 41.63
N VAL G 214 -7.93 -20.21 42.86
CA VAL G 214 -7.30 -18.93 43.18
C VAL G 214 -6.02 -19.24 43.93
N ALA G 215 -4.94 -18.53 43.62
CA ALA G 215 -3.68 -18.72 44.33
C ALA G 215 -3.07 -17.38 44.68
N PHE G 216 -2.74 -17.19 45.95
CA PHE G 216 -2.13 -15.96 46.43
C PHE G 216 -0.65 -16.22 46.68
N ALA G 217 0.19 -15.24 46.36
CA ALA G 217 1.62 -15.39 46.50
C ALA G 217 2.20 -14.19 47.24
N ARG G 218 2.91 -14.44 48.33
CA ARG G 218 3.63 -13.38 49.05
C ARG G 218 4.95 -13.15 48.35
N ILE G 219 5.01 -12.15 47.49
CA ILE G 219 6.23 -11.84 46.77
C ILE G 219 6.93 -10.63 47.36
N GLY G 220 6.21 -9.54 47.53
CA GLY G 220 6.81 -8.35 48.09
C GLY G 220 6.20 -7.07 47.53
N ASP G 221 6.57 -5.93 48.09
CA ASP G 221 5.98 -4.66 47.67
C ASP G 221 6.56 -4.26 46.33
N GLY G 222 5.79 -4.47 45.27
CA GLY G 222 6.17 -3.95 43.98
C GLY G 222 7.26 -4.70 43.27
N GLN G 223 7.34 -6.01 43.46
CA GLN G 223 8.35 -6.79 42.78
C GLN G 223 7.93 -7.09 41.35
N GLU G 224 8.62 -8.05 40.76
CA GLU G 224 8.36 -8.42 39.38
C GLU G 224 7.58 -9.73 39.32
N VAL G 225 6.36 -9.65 38.82
CA VAL G 225 5.59 -10.85 38.53
C VAL G 225 5.82 -11.21 37.08
N PHE G 226 5.54 -12.46 36.73
CA PHE G 226 5.93 -13.02 35.44
C PHE G 226 4.72 -13.61 34.73
N PRO G 227 3.97 -12.80 34.00
CA PRO G 227 2.93 -13.35 33.15
C PRO G 227 3.54 -14.03 31.94
N SER G 228 2.71 -14.74 31.20
CA SER G 228 3.21 -15.52 30.08
C SER G 228 3.57 -14.60 28.93
N GLN G 229 4.47 -15.07 28.08
CA GLN G 229 5.17 -14.23 27.13
C GLN G 229 4.78 -14.57 25.71
N GLU G 230 4.33 -13.57 24.96
CA GLU G 230 3.96 -13.78 23.58
C GLU G 230 5.19 -13.79 22.70
N LEU G 231 4.99 -14.02 21.41
CA LEU G 231 6.07 -13.91 20.45
C LEU G 231 5.94 -12.62 19.66
N ILE G 232 6.98 -12.29 18.91
CA ILE G 232 7.15 -10.97 18.38
C ILE G 232 7.15 -11.03 16.86
N LEU G 233 6.58 -10.00 16.23
CA LEU G 233 6.54 -9.89 14.78
C LEU G 233 7.91 -9.62 14.17
N ASP G 234 8.69 -8.72 14.77
CA ASP G 234 10.06 -8.35 14.40
C ASP G 234 10.15 -7.90 12.94
N LYS G 235 9.45 -6.82 12.65
CA LYS G 235 9.58 -6.15 11.36
C LYS G 235 10.17 -4.76 11.47
N GLY G 236 10.43 -4.28 12.67
CA GLY G 236 10.93 -2.93 12.86
C GLY G 236 12.43 -2.86 13.08
N ASP G 237 12.88 -1.74 13.65
CA ASP G 237 14.31 -1.49 13.80
C ASP G 237 14.86 -2.27 14.99
N LYS G 238 16.13 -2.01 15.30
CA LYS G 238 16.83 -2.61 16.43
C LYS G 238 16.99 -1.64 17.59
N LYS G 239 16.38 -0.46 17.52
CA LYS G 239 16.40 0.51 18.61
C LYS G 239 15.04 0.64 19.27
N GLY G 240 13.97 0.57 18.48
CA GLY G 240 12.61 0.45 18.97
C GLY G 240 12.17 -0.99 18.81
N GLN G 241 13.04 -1.89 19.25
CA GLN G 241 12.98 -3.30 18.87
C GLN G 241 11.72 -4.00 19.38
N LYS G 242 11.27 -3.68 20.60
CA LYS G 242 10.21 -4.38 21.33
C LYS G 242 10.54 -5.88 21.43
N SER G 243 11.59 -6.15 22.19
CA SER G 243 12.17 -7.49 22.18
C SER G 243 11.42 -8.50 23.01
N LYS G 244 10.45 -8.08 23.83
CA LYS G 244 9.76 -9.02 24.70
C LYS G 244 8.38 -8.48 25.04
N THR G 245 7.34 -9.21 24.65
CA THR G 245 5.97 -8.81 24.87
C THR G 245 5.26 -9.80 25.77
N LEU G 246 4.37 -9.29 26.62
CA LEU G 246 3.68 -10.10 27.59
C LEU G 246 2.20 -10.21 27.25
N TYR G 247 1.62 -11.33 27.65
CA TYR G 247 0.23 -11.63 27.35
C TYR G 247 -0.69 -10.87 28.28
N SER G 248 -1.78 -10.35 27.74
CA SER G 248 -2.75 -9.65 28.55
C SER G 248 -4.09 -9.72 27.84
N VAL G 249 -5.14 -10.04 28.58
CA VAL G 249 -6.44 -10.23 27.94
C VAL G 249 -7.16 -8.90 27.72
N ARG G 250 -7.43 -8.14 28.78
CA ARG G 250 -8.01 -6.81 28.58
C ARG G 250 -7.43 -5.89 29.65
N ASP G 251 -6.30 -5.27 29.31
CA ASP G 251 -5.54 -4.40 30.21
C ASP G 251 -5.21 -5.09 31.53
N ALA G 252 -4.84 -6.37 31.44
CA ALA G 252 -4.71 -7.21 32.62
C ALA G 252 -3.84 -8.38 32.26
N ALA G 253 -2.68 -8.48 32.90
CA ALA G 253 -1.72 -9.53 32.58
C ALA G 253 -2.31 -10.90 32.89
N ALA G 254 -1.84 -11.90 32.16
CA ALA G 254 -2.41 -13.23 32.32
C ALA G 254 -1.42 -14.27 31.86
N ILE G 255 -1.58 -15.48 32.34
CA ILE G 255 -0.82 -16.63 31.89
C ILE G 255 -1.68 -17.36 30.87
N HIS G 256 -1.04 -17.97 29.88
CA HIS G 256 -1.78 -18.71 28.87
C HIS G 256 -2.46 -19.91 29.48
N SER G 257 -3.52 -20.37 28.82
CA SER G 257 -4.23 -21.53 29.33
C SER G 257 -3.42 -22.80 29.18
N GLN G 258 -2.64 -22.92 28.11
CA GLN G 258 -1.90 -24.16 27.93
C GLN G 258 -0.69 -24.23 28.84
N LYS G 259 -0.22 -23.10 29.38
CA LYS G 259 0.84 -23.19 30.38
C LYS G 259 0.30 -23.68 31.70
N ILE G 260 -0.89 -23.22 32.08
CA ILE G 260 -1.56 -23.78 33.26
C ILE G 260 -1.85 -25.25 33.07
N GLY G 261 -2.22 -25.64 31.85
CA GLY G 261 -2.44 -27.04 31.57
C GLY G 261 -1.19 -27.88 31.60
N ASN G 262 -0.06 -27.31 31.18
CA ASN G 262 1.20 -28.03 31.29
C ASN G 262 1.64 -28.16 32.73
N ALA G 263 1.30 -27.19 33.56
CA ALA G 263 1.62 -27.33 34.98
C ALA G 263 0.75 -28.39 35.63
N LEU G 264 -0.53 -28.45 35.26
CA LEU G 264 -1.43 -29.40 35.89
C LEU G 264 -1.16 -30.83 35.45
N ARG G 265 -0.53 -31.03 34.30
CA ARG G 265 -0.19 -32.37 33.84
C ARG G 265 1.11 -32.89 34.40
N THR G 266 1.81 -32.12 35.23
CA THR G 266 3.11 -32.56 35.74
C THR G 266 2.85 -33.59 36.85
N ILE G 267 2.65 -34.83 36.42
CA ILE G 267 2.36 -35.93 37.33
C ILE G 267 3.28 -37.12 37.10
N ASP G 268 4.04 -37.16 36.02
CA ASP G 268 4.76 -38.35 35.59
C ASP G 268 6.01 -38.53 36.43
N THR G 269 5.98 -39.50 37.34
CA THR G 269 7.18 -39.96 38.02
C THR G 269 7.56 -41.37 37.64
N TRP G 270 7.15 -41.83 36.47
CA TRP G 270 7.35 -43.22 36.06
C TRP G 270 8.31 -43.34 34.90
N TYR G 271 9.06 -42.28 34.60
CA TYR G 271 10.02 -42.38 33.53
C TYR G 271 11.25 -43.15 34.02
N PRO G 272 11.85 -43.98 33.16
CA PRO G 272 12.82 -44.97 33.65
C PRO G 272 14.15 -44.40 34.11
N ASP G 273 14.38 -43.10 33.93
CA ASP G 273 15.61 -42.49 34.41
C ASP G 273 15.38 -42.03 35.86
N GLU G 274 16.29 -41.20 36.35
CA GLU G 274 16.39 -40.85 37.75
C GLU G 274 15.17 -40.10 38.26
N ASP G 275 14.58 -40.62 39.33
CA ASP G 275 13.45 -39.97 40.00
C ASP G 275 13.90 -38.93 41.01
N GLY G 276 15.21 -38.67 41.12
CA GLY G 276 15.71 -37.56 41.90
C GLY G 276 15.48 -36.20 41.26
N LEU G 277 15.02 -36.18 40.03
CA LEU G 277 14.60 -34.94 39.38
C LEU G 277 13.16 -34.58 39.68
N GLY G 278 12.31 -35.55 39.96
CA GLY G 278 10.94 -35.28 40.30
C GLY G 278 10.01 -35.46 39.12
N PRO G 279 8.77 -35.04 39.27
CA PRO G 279 7.77 -35.29 38.23
C PRO G 279 7.94 -34.37 37.03
N ILE G 280 7.61 -34.90 35.86
CA ILE G 280 7.60 -34.14 34.63
C ILE G 280 6.18 -34.19 34.06
N ALA G 281 5.99 -33.50 32.93
CA ALA G 281 4.69 -33.43 32.31
C ALA G 281 4.48 -34.60 31.35
N VAL G 282 3.24 -35.09 31.30
CA VAL G 282 2.95 -36.28 30.52
C VAL G 282 2.87 -35.92 29.04
N GLU G 283 3.94 -36.23 28.31
CA GLU G 283 3.98 -36.03 26.88
C GLU G 283 4.42 -37.32 26.22
N PRO G 284 4.02 -37.56 24.98
CA PRO G 284 4.60 -38.68 24.24
C PRO G 284 6.07 -38.39 23.98
N TYR G 285 6.91 -39.41 24.17
CA TYR G 285 8.35 -39.26 24.30
C TYR G 285 8.66 -38.21 25.36
N GLY G 286 8.33 -38.55 26.60
CA GLY G 286 8.17 -37.60 27.69
C GLY G 286 9.34 -36.70 27.94
N SER G 287 9.18 -35.45 27.53
CA SER G 287 10.29 -34.54 27.30
C SER G 287 10.09 -33.27 28.09
N VAL G 288 11.18 -32.74 28.62
CA VAL G 288 11.19 -31.42 29.22
C VAL G 288 12.08 -30.54 28.35
N THR G 289 11.56 -29.39 27.94
CA THR G 289 12.32 -28.59 26.99
C THR G 289 13.24 -27.61 27.67
N SER G 290 13.02 -27.30 28.96
CA SER G 290 13.99 -26.50 29.68
C SER G 290 15.27 -27.29 29.90
N GLN G 291 15.13 -28.58 30.14
CA GLN G 291 16.32 -29.41 30.30
C GLN G 291 16.75 -30.05 29.00
N GLY G 292 15.93 -29.96 27.95
CA GLY G 292 16.31 -30.41 26.63
C GLY G 292 16.56 -31.89 26.48
N LYS G 293 16.07 -32.69 27.40
CA LYS G 293 16.29 -34.13 27.40
C LYS G 293 14.98 -34.84 27.10
N ALA G 294 15.07 -35.97 26.44
CA ALA G 294 13.90 -36.76 26.10
C ALA G 294 13.94 -38.04 26.93
N TYR G 295 13.26 -38.03 28.07
CA TYR G 295 12.99 -39.28 28.75
C TYR G 295 11.92 -40.04 27.97
N ARG G 296 11.81 -41.33 28.25
CA ARG G 296 10.96 -42.26 27.52
C ARG G 296 11.28 -42.27 26.03
N GLN G 297 12.52 -42.58 25.72
CA GLN G 297 12.92 -42.71 24.33
C GLN G 297 12.31 -43.97 23.74
N PRO G 298 12.07 -44.01 22.43
CA PRO G 298 11.52 -45.22 21.82
C PRO G 298 12.49 -46.37 21.70
N LYS G 299 13.79 -46.15 21.98
CA LYS G 299 14.72 -47.26 22.02
C LYS G 299 14.38 -48.23 23.13
N GLN G 300 14.13 -47.71 24.32
CA GLN G 300 13.45 -48.46 25.35
C GLN G 300 11.97 -48.52 25.03
N LYS G 301 11.28 -49.51 25.57
CA LYS G 301 9.87 -49.66 25.27
C LYS G 301 9.01 -48.86 26.23
N LEU G 302 9.23 -47.55 26.34
CA LEU G 302 8.51 -46.79 27.35
C LEU G 302 7.97 -45.46 26.89
N ASP G 303 7.86 -45.20 25.60
CA ASP G 303 7.18 -43.98 25.16
C ASP G 303 5.67 -44.21 25.18
N PHE G 304 4.93 -43.23 24.67
CA PHE G 304 3.48 -43.38 24.68
C PHE G 304 3.00 -44.34 23.62
N TYR G 305 3.61 -44.28 22.44
CA TYR G 305 3.05 -44.96 21.28
C TYR G 305 3.26 -46.46 21.33
N THR G 306 4.46 -46.93 21.71
CA THR G 306 4.67 -48.36 21.81
C THR G 306 3.86 -48.97 22.93
N LEU G 307 3.70 -48.24 24.03
CA LEU G 307 2.84 -48.71 25.11
C LEU G 307 1.39 -48.81 24.65
N LEU G 308 0.93 -47.84 23.85
CA LEU G 308 -0.45 -47.87 23.39
C LEU G 308 -0.69 -48.99 22.40
N ASP G 309 0.20 -49.15 21.43
CA ASP G 309 0.05 -50.23 20.47
C ASP G 309 0.27 -51.62 21.06
N ASN G 310 1.04 -51.74 22.13
CA ASN G 310 1.12 -53.04 22.77
C ASN G 310 -0.04 -53.30 23.70
N TRP G 311 -0.65 -52.26 24.27
CA TRP G 311 -1.77 -52.46 25.17
C TRP G 311 -3.06 -52.69 24.41
N VAL G 312 -3.19 -52.12 23.23
CA VAL G 312 -4.44 -52.18 22.49
C VAL G 312 -4.44 -53.31 21.47
N LEU G 313 -3.41 -53.37 20.62
CA LEU G 313 -3.43 -54.33 19.52
C LEU G 313 -3.17 -55.75 20.00
N ARG G 314 -1.97 -56.01 20.50
CA ARG G 314 -1.56 -57.36 20.84
C ARG G 314 -1.68 -57.66 22.32
N ASP G 315 -2.44 -56.84 23.05
CA ASP G 315 -2.95 -57.14 24.39
C ASP G 315 -1.86 -57.31 25.43
N GLU G 316 -0.67 -56.75 25.20
CA GLU G 316 0.39 -56.79 26.19
C GLU G 316 0.16 -55.64 27.16
N ALA G 317 -0.50 -55.95 28.26
CA ALA G 317 -0.77 -54.91 29.24
C ALA G 317 0.50 -54.61 30.03
N PRO G 318 0.92 -53.37 30.09
CA PRO G 318 2.10 -53.03 30.91
C PRO G 318 1.76 -52.94 32.38
N ALA G 319 2.72 -52.52 33.20
CA ALA G 319 2.48 -52.34 34.63
C ALA G 319 1.52 -51.20 34.87
N VAL G 320 1.03 -51.10 36.10
CA VAL G 320 -0.02 -50.13 36.39
C VAL G 320 0.51 -48.71 36.36
N GLU G 321 1.82 -48.54 36.54
CA GLU G 321 2.41 -47.21 36.42
C GLU G 321 2.41 -46.74 34.97
N GLN G 322 2.75 -47.63 34.05
CA GLN G 322 2.80 -47.23 32.66
C GLN G 322 1.41 -47.01 32.09
N GLN G 323 0.43 -47.80 32.51
CA GLN G 323 -0.91 -47.52 32.03
C GLN G 323 -1.52 -46.30 32.71
N HIS G 324 -1.08 -45.96 33.92
CA HIS G 324 -1.38 -44.65 34.48
C HIS G 324 -0.85 -43.55 33.59
N TYR G 325 0.38 -43.71 33.08
CA TYR G 325 0.95 -42.71 32.18
C TYR G 325 0.17 -42.62 30.87
N VAL G 326 -0.26 -43.75 30.34
CA VAL G 326 -0.93 -43.76 29.05
C VAL G 326 -2.33 -43.14 29.16
N ILE G 327 -3.04 -43.42 30.26
CA ILE G 327 -4.34 -42.79 30.43
C ILE G 327 -4.20 -41.30 30.74
N ALA G 328 -3.10 -40.90 31.39
CA ALA G 328 -2.84 -39.47 31.52
C ALA G 328 -2.57 -38.81 30.18
N ASN G 329 -1.95 -39.55 29.26
CA ASN G 329 -1.80 -39.03 27.90
C ASN G 329 -3.12 -38.91 27.17
N LEU G 330 -4.03 -39.86 27.37
CA LEU G 330 -5.33 -39.76 26.71
C LEU G 330 -6.16 -38.63 27.31
N ILE G 331 -5.97 -38.34 28.59
CA ILE G 331 -6.63 -37.18 29.19
C ILE G 331 -6.00 -35.90 28.67
N ARG G 332 -4.71 -35.94 28.33
CA ARG G 332 -4.04 -34.76 27.78
C ARG G 332 -4.57 -34.38 26.41
N GLY G 333 -4.89 -35.36 25.57
CA GLY G 333 -5.36 -35.09 24.25
C GLY G 333 -4.28 -35.28 23.21
N GLY G 334 -4.62 -35.01 21.97
CA GLY G 334 -3.63 -34.99 20.91
C GLY G 334 -4.18 -35.58 19.63
N VAL G 335 -3.36 -35.51 18.59
CA VAL G 335 -3.63 -36.26 17.38
C VAL G 335 -2.60 -37.38 17.25
N PHE G 336 -3.08 -38.61 17.22
CA PHE G 336 -2.24 -39.78 17.10
C PHE G 336 -2.65 -40.54 15.85
N GLY G 337 -1.83 -41.50 15.45
CA GLY G 337 -2.11 -42.25 14.24
C GLY G 337 -1.19 -41.77 13.14
N GLU G 338 -0.82 -42.70 12.26
CA GLU G 338 0.15 -42.45 11.21
C GLU G 338 -0.51 -41.79 10.01
N ALA G 339 0.17 -41.78 8.88
CA ALA G 339 -0.44 -41.30 7.65
C ALA G 339 -0.43 -42.41 6.60
N ILE H 5 -39.74 -44.60 -21.72
CA ILE H 5 -38.68 -45.36 -21.08
C ILE H 5 -38.37 -44.73 -19.72
N LEU H 6 -38.52 -43.40 -19.67
CA LEU H 6 -38.32 -42.57 -18.47
C LEU H 6 -36.91 -42.75 -17.91
N SER H 7 -35.95 -42.26 -18.68
CA SER H 7 -34.58 -42.22 -18.20
C SER H 7 -34.42 -41.16 -17.12
N THR H 8 -33.31 -41.23 -16.41
CA THR H 8 -33.01 -40.23 -15.39
C THR H 8 -32.71 -38.90 -16.03
N ALA H 9 -33.07 -37.81 -15.35
CA ALA H 9 -32.79 -36.47 -15.85
C ALA H 9 -31.29 -36.23 -15.85
N SER H 10 -30.81 -35.45 -16.83
CA SER H 10 -29.38 -35.24 -16.94
C SER H 10 -28.86 -34.35 -15.83
N VAL H 11 -29.60 -33.30 -15.50
CA VAL H 11 -29.28 -32.47 -14.34
C VAL H 11 -30.46 -32.52 -13.38
N LEU H 12 -30.17 -32.29 -12.10
CA LEU H 12 -31.18 -32.15 -11.06
C LEU H 12 -30.59 -31.26 -9.98
N ALA H 13 -31.22 -30.15 -9.69
CA ALA H 13 -30.75 -29.27 -8.65
C ALA H 13 -31.94 -28.87 -7.80
N PHE H 14 -31.96 -29.32 -6.56
CA PHE H 14 -33.02 -28.97 -5.63
C PHE H 14 -32.51 -27.87 -4.71
N GLU H 15 -33.28 -26.81 -4.59
CA GLU H 15 -32.89 -25.73 -3.71
C GLU H 15 -33.02 -26.16 -2.26
N ARG H 16 -32.29 -25.50 -1.39
CA ARG H 16 -32.20 -25.88 0.01
C ARG H 16 -33.40 -25.36 0.77
N LYS H 17 -34.15 -26.26 1.39
CA LYS H 17 -35.13 -25.89 2.40
C LYS H 17 -34.44 -25.94 3.76
N LEU H 18 -35.11 -25.35 4.76
CA LEU H 18 -34.55 -25.14 6.10
C LEU H 18 -33.27 -24.31 6.02
N ASP H 19 -33.43 -23.04 5.67
CA ASP H 19 -32.32 -22.10 5.57
C ASP H 19 -31.97 -21.48 6.92
N PRO H 20 -30.81 -21.78 7.50
CA PRO H 20 -30.40 -21.09 8.72
C PRO H 20 -29.50 -19.91 8.41
N SER H 21 -29.22 -19.13 9.43
CA SER H 21 -28.31 -18.02 9.32
C SER H 21 -27.00 -18.38 9.98
N ASP H 22 -26.11 -17.41 10.06
CA ASP H 22 -24.87 -17.60 10.81
C ASP H 22 -25.15 -17.43 12.28
N ALA H 23 -24.79 -18.44 13.06
CA ALA H 23 -25.09 -18.44 14.49
C ALA H 23 -24.10 -17.54 15.19
N LEU H 24 -24.49 -16.30 15.42
CA LEU H 24 -23.71 -15.37 16.25
C LEU H 24 -23.59 -15.92 17.66
N MET H 25 -22.50 -15.60 18.35
CA MET H 25 -22.41 -15.95 19.75
C MET H 25 -21.99 -14.73 20.57
N SER H 26 -22.62 -14.57 21.73
CA SER H 26 -22.30 -13.54 22.69
C SER H 26 -22.15 -14.19 24.06
N ALA H 27 -22.07 -13.37 25.10
CA ALA H 27 -21.72 -13.90 26.42
C ALA H 27 -22.32 -13.05 27.53
N GLY H 28 -22.59 -13.69 28.65
CA GLY H 28 -23.16 -12.99 29.78
C GLY H 28 -23.34 -13.95 30.94
N ALA H 29 -24.13 -13.52 31.92
CA ALA H 29 -24.35 -14.29 33.13
C ALA H 29 -25.71 -14.97 33.12
N TRP H 30 -25.75 -16.22 33.59
CA TRP H 30 -26.99 -16.92 33.83
C TRP H 30 -27.80 -16.22 34.91
N ALA H 31 -29.09 -16.54 34.97
CA ALA H 31 -30.16 -15.93 35.76
C ALA H 31 -30.47 -14.52 35.30
N GLN H 32 -29.88 -14.05 34.22
CA GLN H 32 -30.46 -12.98 33.44
C GLN H 32 -30.41 -13.35 31.97
N ARG H 33 -30.81 -14.59 31.66
CA ARG H 33 -31.04 -14.98 30.28
C ARG H 33 -32.19 -14.21 29.65
N ASP H 34 -33.13 -13.73 30.45
CA ASP H 34 -34.27 -13.00 29.91
C ASP H 34 -33.90 -11.61 29.46
N ALA H 35 -32.83 -11.02 30.00
CA ALA H 35 -32.39 -9.71 29.61
C ALA H 35 -31.22 -9.77 28.64
N SER H 36 -31.16 -10.83 27.84
CA SER H 36 -30.00 -11.09 27.00
C SER H 36 -30.19 -10.56 25.58
N GLN H 37 -30.49 -9.28 25.45
CA GLN H 37 -30.51 -8.66 24.14
C GLN H 37 -29.28 -7.83 23.84
N GLU H 38 -28.56 -7.42 24.87
CA GLU H 38 -27.48 -6.45 24.75
C GLU H 38 -26.19 -7.03 25.31
N TRP H 39 -26.15 -8.36 25.44
CA TRP H 39 -24.96 -9.04 25.92
C TRP H 39 -23.80 -8.84 24.94
N PRO H 40 -22.62 -8.50 25.43
CA PRO H 40 -21.50 -8.20 24.53
C PRO H 40 -21.02 -9.47 23.84
N ALA H 41 -20.58 -9.30 22.60
CA ALA H 41 -20.27 -10.45 21.77
C ALA H 41 -18.90 -11.03 22.12
N VAL H 42 -18.76 -12.32 21.87
CA VAL H 42 -17.49 -13.00 22.09
C VAL H 42 -16.57 -12.64 20.94
N THR H 43 -15.45 -12.01 21.26
CA THR H 43 -14.49 -11.58 20.25
C THR H 43 -13.46 -12.65 20.03
N VAL H 44 -13.01 -12.77 18.79
CA VAL H 44 -11.88 -13.62 18.45
C VAL H 44 -10.63 -12.78 18.68
N ARG H 45 -9.67 -13.33 19.40
CA ARG H 45 -8.38 -12.68 19.58
C ARG H 45 -7.28 -13.68 19.36
N GLU H 46 -6.04 -13.20 19.43
CA GLU H 46 -4.88 -14.00 19.10
C GLU H 46 -4.11 -14.35 20.36
N LYS H 47 -3.44 -15.49 20.32
CA LYS H 47 -2.54 -15.87 21.39
C LYS H 47 -1.46 -16.75 20.79
N SER H 48 -0.31 -16.76 21.44
CA SER H 48 0.86 -17.43 20.92
C SER H 48 1.13 -18.72 21.68
N VAL H 49 1.24 -19.82 20.96
CA VAL H 49 1.46 -21.11 21.59
C VAL H 49 2.83 -21.65 21.17
N ARG H 50 3.47 -22.39 22.06
CA ARG H 50 4.72 -23.06 21.78
C ARG H 50 4.61 -24.50 22.20
N GLY H 51 4.86 -25.42 21.29
CA GLY H 51 4.74 -26.83 21.58
C GLY H 51 5.98 -27.60 21.18
N THR H 52 6.19 -28.71 21.87
CA THR H 52 7.14 -29.70 21.42
C THR H 52 6.40 -30.67 20.50
N ILE H 53 7.06 -31.04 19.39
CA ILE H 53 6.46 -31.93 18.41
C ILE H 53 6.23 -33.30 19.02
N SER H 54 5.01 -33.81 18.90
CA SER H 54 4.60 -34.98 19.64
C SER H 54 4.21 -36.17 18.79
N ASN H 55 3.97 -36.00 17.50
CA ASN H 55 3.40 -37.09 16.72
C ASN H 55 4.46 -38.13 16.40
N ARG H 56 4.02 -39.21 15.76
CA ARG H 56 4.81 -40.43 15.68
C ARG H 56 6.02 -40.25 14.78
N LEU H 57 7.11 -40.87 15.17
CA LEU H 57 8.27 -40.98 14.32
C LEU H 57 7.95 -41.88 13.14
N LYS H 58 8.70 -41.74 12.05
CA LYS H 58 8.49 -42.58 10.90
C LYS H 58 9.62 -43.59 10.69
N THR H 59 10.19 -44.10 11.80
CA THR H 59 10.99 -45.33 11.93
C THR H 59 12.40 -45.18 11.34
N LYS H 60 12.62 -44.11 10.59
CA LYS H 60 13.93 -43.86 10.04
C LYS H 60 14.74 -42.93 10.93
N ASP H 61 14.09 -42.22 11.84
CA ASP H 61 14.73 -41.20 12.63
C ASP H 61 14.55 -41.41 14.14
N ARG H 62 14.63 -42.66 14.60
CA ARG H 62 14.41 -43.01 16.01
C ARG H 62 15.70 -43.01 16.83
N ASP H 63 16.72 -42.28 16.40
CA ASP H 63 17.99 -42.29 17.10
C ASP H 63 17.99 -41.21 18.19
N PRO H 64 18.63 -41.45 19.34
CA PRO H 64 18.37 -40.60 20.52
C PRO H 64 18.88 -39.18 20.41
N ALA H 65 20.05 -38.97 19.80
CA ALA H 65 20.58 -37.61 19.68
C ALA H 65 19.73 -36.78 18.74
N LYS H 66 19.18 -37.40 17.68
CA LYS H 66 18.27 -36.68 16.80
C LYS H 66 16.96 -36.35 17.49
N LEU H 67 16.52 -37.21 18.41
CA LEU H 67 15.31 -36.90 19.17
C LEU H 67 15.54 -35.73 20.12
N ASP H 68 16.71 -35.68 20.77
CA ASP H 68 16.99 -34.56 21.66
C ASP H 68 17.20 -33.27 20.89
N ALA H 69 17.82 -33.35 19.72
CA ALA H 69 17.98 -32.15 18.91
C ALA H 69 16.64 -31.67 18.35
N SER H 70 15.71 -32.58 18.09
CA SER H 70 14.41 -32.14 17.62
C SER H 70 13.58 -31.55 18.75
N ILE H 71 13.69 -32.07 19.97
CA ILE H 71 12.92 -31.49 21.06
C ILE H 71 13.60 -30.30 21.69
N GLN H 72 14.81 -29.95 21.26
CA GLN H 72 15.35 -28.66 21.70
C GLN H 72 14.90 -27.51 20.82
N SER H 73 14.11 -27.76 19.79
CA SER H 73 13.66 -26.72 18.87
C SER H 73 12.14 -26.71 18.82
N PRO H 74 11.47 -26.06 19.75
CA PRO H 74 10.01 -26.06 19.75
C PRO H 74 9.46 -25.08 18.72
N ASN H 75 8.28 -25.38 18.21
CA ASN H 75 7.69 -24.52 17.19
C ASN H 75 6.93 -23.36 17.82
N LEU H 76 6.68 -22.35 17.04
CA LEU H 76 6.02 -21.17 17.54
C LEU H 76 4.88 -20.79 16.61
N GLN H 77 3.67 -20.74 17.15
CA GLN H 77 2.50 -20.41 16.36
C GLN H 77 1.86 -19.16 16.92
N THR H 78 0.83 -18.69 16.22
CA THR H 78 -0.02 -17.62 16.70
C THR H 78 -1.45 -17.99 16.35
N VAL H 79 -2.09 -18.75 17.21
CA VAL H 79 -3.42 -19.28 16.93
C VAL H 79 -4.44 -18.24 17.33
N ASP H 80 -5.68 -18.43 16.87
CA ASP H 80 -6.79 -17.63 17.33
C ASP H 80 -7.57 -18.42 18.36
N VAL H 81 -8.05 -17.74 19.40
CA VAL H 81 -8.88 -18.36 20.41
C VAL H 81 -10.09 -17.48 20.66
N ALA H 82 -11.17 -18.10 21.14
CA ALA H 82 -12.35 -17.39 21.57
C ALA H 82 -12.67 -17.87 22.97
N ASN H 83 -12.64 -16.96 23.93
CA ASN H 83 -12.95 -17.30 25.31
C ASN H 83 -14.07 -16.41 25.79
N LEU H 84 -14.82 -16.91 26.76
CA LEU H 84 -15.77 -16.10 27.48
C LEU H 84 -15.02 -15.05 28.30
N PRO H 85 -15.66 -13.93 28.63
CA PRO H 85 -15.02 -12.98 29.52
C PRO H 85 -14.87 -13.53 30.92
N SER H 86 -14.11 -12.82 31.74
CA SER H 86 -13.80 -13.31 33.07
C SER H 86 -14.96 -13.20 34.05
N ASP H 87 -16.09 -12.61 33.66
CA ASP H 87 -17.21 -12.45 34.57
C ASP H 87 -18.51 -12.91 33.94
N ALA H 88 -18.47 -13.99 33.16
CA ALA H 88 -19.63 -14.47 32.44
C ALA H 88 -19.50 -15.97 32.23
N ASP H 89 -20.60 -16.70 32.37
CA ASP H 89 -20.53 -18.16 32.30
C ASP H 89 -21.51 -18.75 31.32
N THR H 90 -22.16 -17.95 30.48
CA THR H 90 -23.10 -18.49 29.52
C THR H 90 -22.70 -18.09 28.12
N LEU H 91 -22.99 -18.94 27.16
CA LEU H 91 -22.74 -18.68 25.76
C LEU H 91 -24.06 -18.65 25.02
N LYS H 92 -24.49 -17.48 24.60
CA LYS H 92 -25.76 -17.32 23.91
C LYS H 92 -25.51 -17.42 22.41
N VAL H 93 -25.98 -18.50 21.81
CA VAL H 93 -25.82 -18.75 20.37
C VAL H 93 -27.16 -18.51 19.71
N ARG H 94 -27.24 -17.49 18.87
CA ARG H 94 -28.50 -17.04 18.30
C ARG H 94 -28.46 -17.18 16.80
N PHE H 95 -29.52 -17.72 16.21
CA PHE H 95 -29.68 -17.70 14.77
C PHE H 95 -31.15 -17.75 14.44
N THR H 96 -31.49 -17.43 13.19
CA THR H 96 -32.85 -17.53 12.72
C THR H 96 -32.94 -18.60 11.66
N LEU H 97 -34.08 -19.25 11.60
CA LEU H 97 -34.28 -20.38 10.71
C LEU H 97 -35.56 -20.14 9.92
N ARG H 98 -35.48 -20.33 8.62
CA ARG H 98 -36.62 -20.15 7.73
C ARG H 98 -36.90 -21.46 7.03
N VAL H 99 -38.14 -21.93 7.13
CA VAL H 99 -38.56 -23.19 6.52
C VAL H 99 -39.45 -22.85 5.34
N LEU H 100 -39.13 -23.42 4.17
CA LEU H 100 -39.68 -22.89 2.92
C LEU H 100 -40.85 -23.71 2.39
N GLY H 101 -40.64 -24.99 2.14
CA GLY H 101 -41.76 -25.74 1.62
C GLY H 101 -41.82 -25.70 0.11
N GLY H 102 -42.36 -26.76 -0.47
CA GLY H 102 -42.25 -26.97 -1.90
C GLY H 102 -41.07 -27.87 -2.19
N ALA H 103 -41.07 -29.05 -1.57
CA ALA H 103 -39.86 -29.86 -1.46
C ALA H 103 -39.49 -30.56 -2.76
N GLY H 104 -40.39 -31.30 -3.36
CA GLY H 104 -40.04 -32.13 -4.50
C GLY H 104 -39.78 -31.42 -5.79
N THR H 105 -40.12 -30.14 -5.88
CA THR H 105 -39.99 -29.39 -7.13
C THR H 105 -38.54 -29.02 -7.38
N PRO H 106 -37.91 -29.57 -8.41
CA PRO H 106 -36.52 -29.24 -8.67
C PRO H 106 -36.37 -27.86 -9.29
N SER H 107 -35.21 -27.25 -9.06
CA SER H 107 -34.93 -25.96 -9.64
C SER H 107 -34.22 -26.07 -10.98
N ALA H 108 -33.84 -27.27 -11.40
CA ALA H 108 -33.24 -27.48 -12.71
C ALA H 108 -33.44 -28.93 -13.10
N CYS H 109 -33.98 -29.17 -14.30
CA CYS H 109 -34.16 -30.52 -14.81
C CYS H 109 -34.25 -30.47 -16.32
N ASN H 110 -33.84 -31.54 -16.97
CA ASN H 110 -33.99 -31.64 -18.41
C ASN H 110 -35.32 -32.27 -18.79
N ASP H 111 -35.56 -33.49 -18.34
CA ASP H 111 -36.66 -34.33 -18.82
C ASP H 111 -37.94 -33.88 -18.13
N ALA H 112 -38.95 -33.53 -18.93
CA ALA H 112 -40.24 -33.13 -18.36
C ALA H 112 -41.03 -34.31 -17.84
N ALA H 113 -40.88 -35.48 -18.46
CA ALA H 113 -41.59 -36.67 -17.99
C ALA H 113 -41.04 -37.14 -16.65
N TYR H 114 -39.71 -37.11 -16.51
CA TYR H 114 -39.08 -37.40 -15.22
C TYR H 114 -39.52 -36.40 -14.17
N ARG H 115 -39.64 -35.12 -14.53
CA ARG H 115 -40.04 -34.11 -13.58
C ARG H 115 -41.48 -34.31 -13.12
N ASP H 116 -42.36 -34.69 -14.04
CA ASP H 116 -43.75 -34.93 -13.68
C ASP H 116 -43.89 -36.19 -12.83
N LYS H 117 -43.11 -37.22 -13.15
CA LYS H 117 -43.14 -38.44 -12.36
C LYS H 117 -42.61 -38.21 -10.95
N LEU H 118 -41.55 -37.41 -10.82
CA LEU H 118 -41.00 -37.11 -9.51
C LEU H 118 -41.93 -36.25 -8.68
N LEU H 119 -42.59 -35.28 -9.33
CA LEU H 119 -43.57 -34.46 -8.62
C LEU H 119 -44.76 -35.30 -8.17
N GLN H 120 -45.18 -36.26 -9.00
CA GLN H 120 -46.27 -37.14 -8.60
C GLN H 120 -45.87 -38.06 -7.46
N THR H 121 -44.62 -38.52 -7.44
CA THR H 121 -44.15 -39.37 -6.36
C THR H 121 -44.07 -38.62 -5.04
N VAL H 122 -43.59 -37.37 -5.09
CA VAL H 122 -43.48 -36.59 -3.87
C VAL H 122 -44.88 -36.21 -3.36
N ALA H 123 -45.81 -35.90 -4.26
CA ALA H 123 -47.17 -35.63 -3.82
C ALA H 123 -47.86 -36.88 -3.30
N THR H 124 -47.51 -38.05 -3.85
CA THR H 124 -48.00 -39.31 -3.32
C THR H 124 -47.52 -39.54 -1.90
N TYR H 125 -46.25 -39.25 -1.64
CA TYR H 125 -45.72 -39.35 -0.28
C TYR H 125 -46.42 -38.39 0.67
N VAL H 126 -46.57 -37.12 0.25
CA VAL H 126 -47.14 -36.10 1.12
C VAL H 126 -48.61 -36.38 1.40
N ASN H 127 -49.36 -36.87 0.42
CA ASN H 127 -50.76 -37.20 0.66
C ASN H 127 -50.88 -38.48 1.48
N ASP H 128 -49.94 -39.41 1.32
CA ASP H 128 -49.94 -40.62 2.13
C ASP H 128 -49.58 -40.30 3.57
N GLN H 129 -48.37 -39.82 3.80
CA GLN H 129 -47.90 -39.44 5.14
C GLN H 129 -47.18 -38.10 5.04
N GLY H 130 -47.76 -37.07 5.64
CA GLY H 130 -47.24 -35.73 5.50
C GLY H 130 -45.92 -35.56 6.22
N PHE H 131 -45.39 -34.34 6.15
CA PHE H 131 -44.11 -34.06 6.79
C PHE H 131 -44.29 -34.04 8.30
N ALA H 132 -44.41 -35.24 8.87
CA ALA H 132 -44.71 -35.40 10.28
C ALA H 132 -43.61 -36.15 11.02
N GLU H 133 -43.02 -37.16 10.38
CA GLU H 133 -41.86 -37.79 10.99
C GLU H 133 -40.64 -36.89 10.92
N LEU H 134 -40.42 -36.30 9.75
CA LEU H 134 -39.26 -35.44 9.55
C LEU H 134 -39.39 -34.17 10.37
N ALA H 135 -40.61 -33.65 10.51
CA ALA H 135 -40.77 -32.44 11.32
C ALA H 135 -40.59 -32.73 12.79
N ARG H 136 -40.93 -33.94 13.23
CA ARG H 136 -40.66 -34.34 14.60
C ARG H 136 -39.17 -34.44 14.85
N ARG H 137 -38.43 -35.02 13.92
CA ARG H 137 -36.99 -35.15 14.14
C ARG H 137 -36.26 -33.81 14.01
N TYR H 138 -36.70 -32.93 13.11
CA TYR H 138 -36.12 -31.60 13.02
C TYR H 138 -36.43 -30.77 14.25
N ALA H 139 -37.64 -30.93 14.81
CA ALA H 139 -37.94 -30.23 16.04
C ALA H 139 -37.15 -30.78 17.21
N HIS H 140 -36.78 -32.06 17.16
CA HIS H 140 -35.87 -32.60 18.16
C HIS H 140 -34.50 -31.96 18.07
N ASN H 141 -33.93 -31.92 16.86
CA ASN H 141 -32.59 -31.34 16.70
C ASN H 141 -32.58 -29.83 16.91
N LEU H 142 -33.73 -29.18 16.83
CA LEU H 142 -33.81 -27.81 17.33
C LEU H 142 -33.98 -27.78 18.84
N ALA H 143 -34.57 -28.82 19.42
CA ALA H 143 -34.85 -28.79 20.85
C ALA H 143 -33.60 -29.09 21.65
N ASN H 144 -33.04 -30.28 21.50
CA ASN H 144 -31.73 -30.54 22.04
C ASN H 144 -30.72 -29.74 21.24
N ALA H 145 -29.89 -28.97 21.91
CA ALA H 145 -29.02 -28.02 21.22
C ALA H 145 -27.87 -28.77 20.57
N ARG H 146 -28.17 -29.45 19.48
CA ARG H 146 -27.11 -30.13 18.75
C ARG H 146 -26.30 -29.16 17.93
N PHE H 147 -26.83 -27.97 17.65
CA PHE H 147 -26.07 -27.01 16.86
C PHE H 147 -24.94 -26.39 17.66
N LEU H 148 -25.04 -26.36 18.97
CA LEU H 148 -23.88 -26.16 19.82
C LEU H 148 -23.02 -27.40 19.69
N TRP H 149 -21.98 -27.33 18.86
CA TRP H 149 -21.31 -28.55 18.45
C TRP H 149 -20.36 -29.06 19.53
N ARG H 150 -19.32 -28.29 19.83
CA ARG H 150 -18.44 -28.63 20.94
C ARG H 150 -18.73 -27.76 22.15
N ASN H 151 -19.56 -26.74 22.00
CA ASN H 151 -19.93 -25.91 23.14
C ASN H 151 -20.96 -26.57 24.03
N ARG H 152 -21.43 -27.76 23.67
CA ARG H 152 -22.38 -28.53 24.44
C ARG H 152 -21.72 -29.66 25.22
N VAL H 153 -20.50 -30.05 24.83
CA VAL H 153 -19.93 -31.34 25.20
C VAL H 153 -19.65 -31.49 26.69
N GLY H 154 -19.60 -30.39 27.43
CA GLY H 154 -19.38 -30.50 28.86
C GLY H 154 -20.15 -29.46 29.63
N ALA H 155 -21.18 -28.92 29.01
CA ALA H 155 -21.92 -27.82 29.59
C ALA H 155 -22.73 -28.30 30.78
N GLU H 156 -23.02 -27.37 31.70
CA GLU H 156 -23.71 -27.76 32.92
C GLU H 156 -25.22 -27.83 32.70
N ALA H 157 -25.79 -26.83 32.04
CA ALA H 157 -27.23 -26.75 31.85
C ALA H 157 -27.51 -25.93 30.60
N VAL H 158 -28.19 -26.54 29.63
CA VAL H 158 -28.46 -25.94 28.33
C VAL H 158 -29.95 -25.67 28.22
N GLU H 159 -30.31 -24.44 27.83
CA GLU H 159 -31.70 -24.06 27.67
C GLU H 159 -31.88 -23.40 26.32
N VAL H 160 -32.84 -23.90 25.53
CA VAL H 160 -33.06 -23.47 24.16
C VAL H 160 -34.39 -22.74 24.07
N ARG H 161 -34.38 -21.54 23.52
CA ARG H 161 -35.58 -20.74 23.35
C ARG H 161 -35.86 -20.59 21.87
N ILE H 162 -37.02 -21.06 21.42
CA ILE H 162 -37.41 -20.99 20.02
C ILE H 162 -38.67 -20.17 19.92
N ASN H 163 -38.62 -19.07 19.17
CA ASN H 163 -39.77 -18.20 19.01
C ASN H 163 -40.27 -18.28 17.59
N HIS H 164 -41.58 -18.35 17.41
CA HIS H 164 -42.19 -18.24 16.10
C HIS H 164 -42.48 -16.77 15.81
N ILE H 165 -41.87 -16.23 14.77
CA ILE H 165 -41.93 -14.81 14.50
C ILE H 165 -42.96 -14.56 13.41
N ARG H 166 -44.06 -13.91 13.78
CA ARG H 166 -45.05 -13.38 12.85
C ARG H 166 -44.70 -11.94 12.53
N GLN H 167 -45.69 -11.18 12.02
CA GLN H 167 -45.59 -9.93 11.26
C GLN H 167 -44.47 -8.98 11.65
N GLY H 168 -44.23 -8.80 12.94
CA GLY H 168 -42.97 -8.22 13.35
C GLY H 168 -42.46 -8.73 14.66
N GLU H 169 -43.23 -9.61 15.29
CA GLU H 169 -43.00 -9.97 16.69
C GLU H 169 -43.39 -11.43 16.87
N VAL H 170 -43.17 -11.95 18.07
CA VAL H 170 -43.36 -13.38 18.32
C VAL H 170 -44.85 -13.70 18.34
N ALA H 171 -45.18 -14.95 18.06
CA ALA H 171 -46.57 -15.39 18.07
C ALA H 171 -46.79 -16.60 18.95
N ARG H 172 -45.78 -17.46 19.08
CA ARG H 172 -45.84 -18.58 20.00
C ARG H 172 -44.43 -18.90 20.40
N ALA H 173 -44.14 -18.81 21.69
CA ALA H 173 -42.79 -18.99 22.20
C ALA H 173 -42.65 -20.35 22.85
N TRP H 174 -41.55 -21.02 22.57
CA TRP H 174 -41.21 -22.27 23.23
C TRP H 174 -40.05 -22.05 24.19
N ARG H 175 -39.74 -23.10 24.96
CA ARG H 175 -38.58 -23.12 25.85
C ARG H 175 -38.32 -24.57 26.20
N PHE H 176 -37.08 -25.00 26.09
CA PHE H 176 -36.73 -26.39 26.29
C PHE H 176 -35.56 -26.51 27.25
N ASP H 177 -35.28 -27.74 27.65
CA ASP H 177 -34.14 -28.07 28.49
C ASP H 177 -33.33 -29.11 27.74
N ALA H 178 -32.30 -28.66 27.01
CA ALA H 178 -31.68 -29.48 25.99
C ALA H 178 -30.86 -30.63 26.53
N LEU H 179 -30.65 -30.71 27.83
CA LEU H 179 -30.00 -31.87 28.39
C LEU H 179 -30.98 -32.96 28.79
N ALA H 180 -32.23 -32.60 29.06
CA ALA H 180 -33.26 -33.61 29.28
C ALA H 180 -33.56 -34.37 28.00
N ILE H 181 -33.71 -33.66 26.90
CA ILE H 181 -33.90 -34.27 25.59
C ILE H 181 -32.54 -34.79 25.15
N GLY H 182 -32.47 -36.07 24.84
CA GLY H 182 -31.19 -36.68 24.52
C GLY H 182 -30.71 -36.29 23.14
N LEU H 183 -29.45 -36.62 22.88
CA LEU H 183 -28.88 -36.45 21.56
C LEU H 183 -29.05 -37.68 20.69
N ARG H 184 -29.76 -38.70 21.17
CA ARG H 184 -29.90 -39.92 20.38
C ARG H 184 -31.29 -40.52 20.34
N ASP H 185 -32.24 -40.07 21.14
CA ASP H 185 -33.57 -40.66 21.17
C ASP H 185 -34.59 -39.63 20.67
N PHE H 186 -35.53 -40.10 19.86
CA PHE H 186 -36.60 -39.25 19.37
C PHE H 186 -37.89 -39.68 20.08
N LYS H 187 -38.10 -39.10 21.25
CA LYS H 187 -39.28 -39.36 22.07
C LYS H 187 -40.43 -38.49 21.60
N ALA H 188 -41.47 -38.38 22.42
CA ALA H 188 -42.59 -37.50 22.14
C ALA H 188 -42.76 -36.51 23.29
N ASP H 189 -43.45 -35.41 23.03
CA ASP H 189 -43.72 -34.39 24.02
C ASP H 189 -44.92 -33.59 23.55
N ALA H 190 -45.44 -32.74 24.42
CA ALA H 190 -46.51 -31.81 24.06
C ALA H 190 -45.97 -30.60 23.30
N GLU H 191 -44.88 -30.02 23.78
CA GLU H 191 -44.31 -28.85 23.09
C GLU H 191 -43.55 -29.26 21.84
N LEU H 192 -42.89 -30.42 21.86
CA LEU H 192 -42.17 -30.89 20.69
C LEU H 192 -43.13 -31.23 19.56
N ASP H 193 -44.31 -31.72 19.89
CA ASP H 193 -45.28 -32.00 18.83
C ASP H 193 -45.91 -30.71 18.32
N ALA H 194 -45.99 -29.67 19.13
CA ALA H 194 -46.46 -28.38 18.62
C ALA H 194 -45.43 -27.75 17.69
N LEU H 195 -44.16 -27.80 18.07
CA LEU H 195 -43.11 -27.30 17.18
C LEU H 195 -43.01 -28.14 15.91
N ALA H 196 -43.25 -29.45 16.03
CA ALA H 196 -43.26 -30.30 14.85
C ALA H 196 -44.46 -30.00 13.98
N GLU H 197 -45.57 -29.56 14.57
CA GLU H 197 -46.70 -29.12 13.75
C GLU H 197 -46.39 -27.82 13.02
N LEU H 198 -45.66 -26.91 13.65
CA LEU H 198 -45.31 -25.66 12.99
C LEU H 198 -44.34 -25.90 11.84
N ILE H 199 -43.33 -26.74 12.08
CA ILE H 199 -42.39 -27.09 11.02
C ILE H 199 -43.09 -27.92 9.94
N ALA H 200 -44.11 -28.69 10.32
CA ALA H 200 -44.89 -29.45 9.36
C ALA H 200 -45.70 -28.54 8.45
N SER H 201 -46.28 -27.48 9.02
CA SER H 201 -47.00 -26.52 8.20
C SER H 201 -46.06 -25.74 7.30
N GLY H 202 -44.82 -25.53 7.76
CA GLY H 202 -43.85 -24.84 6.93
C GLY H 202 -43.40 -25.67 5.75
N LEU H 203 -43.02 -26.92 6.00
CA LEU H 203 -42.47 -27.76 4.95
C LEU H 203 -43.50 -28.16 3.91
N SER H 204 -44.78 -28.17 4.29
CA SER H 204 -45.83 -28.56 3.38
C SER H 204 -46.29 -27.41 2.48
N GLY H 205 -45.77 -26.22 2.68
CA GLY H 205 -46.19 -25.09 1.88
C GLY H 205 -47.50 -24.50 2.30
N SER H 206 -47.91 -24.68 3.55
CA SER H 206 -49.18 -24.17 4.04
C SER H 206 -49.03 -22.87 4.83
N GLY H 207 -47.88 -22.21 4.77
CA GLY H 207 -47.71 -20.98 5.51
C GLY H 207 -46.27 -20.53 5.60
N HIS H 208 -46.05 -19.34 6.12
CA HIS H 208 -44.71 -18.80 6.28
C HIS H 208 -44.27 -18.95 7.73
N VAL H 209 -43.08 -19.49 7.94
CA VAL H 209 -42.56 -19.73 9.28
C VAL H 209 -41.14 -19.18 9.37
N LEU H 210 -40.85 -18.50 10.46
CA LEU H 210 -39.52 -17.97 10.71
C LEU H 210 -39.22 -18.12 12.19
N LEU H 211 -38.35 -19.07 12.52
CA LEU H 211 -38.03 -19.38 13.90
C LEU H 211 -36.75 -18.67 14.29
N GLU H 212 -36.78 -17.97 15.40
CA GLU H 212 -35.58 -17.41 16.01
C GLU H 212 -35.14 -18.36 17.11
N VAL H 213 -33.96 -18.93 16.97
CA VAL H 213 -33.46 -19.93 17.90
C VAL H 213 -32.35 -19.31 18.73
N VAL H 214 -32.52 -19.33 20.05
CA VAL H 214 -31.51 -18.85 20.99
C VAL H 214 -31.14 -20.01 21.88
N ALA H 215 -29.85 -20.21 22.14
CA ALA H 215 -29.42 -21.30 22.99
C ALA H 215 -28.35 -20.85 23.94
N PHE H 216 -28.55 -21.11 25.23
CA PHE H 216 -27.61 -20.76 26.28
C PHE H 216 -26.92 -22.01 26.78
N ALA H 217 -25.67 -21.88 27.21
CA ALA H 217 -24.94 -23.02 27.76
C ALA H 217 -24.13 -22.58 28.96
N ARG H 218 -24.39 -23.19 30.11
CA ARG H 218 -23.56 -22.96 31.29
C ARG H 218 -22.22 -23.63 31.06
N ILE H 219 -21.20 -22.83 30.82
CA ILE H 219 -19.85 -23.35 30.65
C ILE H 219 -18.99 -23.04 31.87
N GLY H 220 -18.97 -21.79 32.31
CA GLY H 220 -18.12 -21.39 33.39
C GLY H 220 -17.47 -20.06 33.10
N ASP H 221 -16.84 -19.44 34.08
CA ASP H 221 -16.26 -18.13 33.89
C ASP H 221 -14.98 -18.25 33.07
N GLY H 222 -14.91 -17.52 31.97
CA GLY H 222 -13.68 -17.41 31.22
C GLY H 222 -13.26 -18.63 30.45
N GLN H 223 -14.14 -19.61 30.29
CA GLN H 223 -13.78 -20.83 29.60
C GLN H 223 -13.73 -20.60 28.09
N GLU H 224 -13.47 -21.68 27.35
CA GLU H 224 -13.25 -21.57 25.92
C GLU H 224 -14.48 -22.01 25.14
N VAL H 225 -14.96 -21.14 24.26
CA VAL H 225 -16.02 -21.47 23.34
C VAL H 225 -15.39 -21.73 21.97
N PHE H 226 -16.16 -22.34 21.08
CA PHE H 226 -15.61 -22.84 19.81
C PHE H 226 -16.44 -22.38 18.63
N PRO H 227 -16.02 -21.33 17.94
CA PRO H 227 -16.67 -20.95 16.68
C PRO H 227 -16.13 -21.79 15.54
N SER H 228 -16.59 -21.48 14.33
CA SER H 228 -16.16 -22.19 13.15
C SER H 228 -14.81 -21.69 12.68
N GLN H 229 -14.02 -22.57 12.09
CA GLN H 229 -12.64 -22.26 11.75
C GLN H 229 -12.44 -22.19 10.24
N GLU H 230 -11.80 -21.12 9.78
CA GLU H 230 -11.64 -20.80 8.37
C GLU H 230 -10.42 -21.47 7.76
N LEU H 231 -10.10 -21.06 6.54
CA LEU H 231 -8.91 -21.49 5.82
C LEU H 231 -7.85 -20.41 5.88
N ILE H 232 -6.61 -20.81 5.63
CA ILE H 232 -5.48 -19.95 5.81
C ILE H 232 -5.01 -19.45 4.46
N LEU H 233 -3.97 -18.60 4.47
CA LEU H 233 -3.54 -17.91 3.27
C LEU H 233 -2.17 -18.36 2.76
N ASP H 234 -1.45 -19.13 3.61
CA ASP H 234 -0.11 -19.73 3.36
C ASP H 234 0.76 -18.87 2.43
N LYS H 235 1.04 -17.63 2.84
CA LYS H 235 1.84 -16.71 2.03
C LYS H 235 2.96 -16.03 2.81
N GLY H 236 2.80 -15.78 4.10
CA GLY H 236 3.73 -14.92 4.82
C GLY H 236 4.75 -15.62 5.69
N ASP H 237 5.41 -14.88 6.57
CA ASP H 237 6.41 -15.44 7.48
C ASP H 237 5.72 -16.24 8.59
N LYS H 238 6.47 -17.19 9.16
CA LYS H 238 5.93 -18.19 10.05
C LYS H 238 6.00 -17.81 11.53
N LYS H 239 6.46 -16.60 11.86
CA LYS H 239 6.12 -16.04 13.16
C LYS H 239 4.81 -15.28 13.10
N GLY H 240 4.31 -15.04 11.90
CA GLY H 240 3.03 -14.39 11.63
C GLY H 240 2.01 -15.44 11.26
N GLN H 241 2.02 -16.52 12.06
CA GLN H 241 1.35 -17.80 11.76
C GLN H 241 -0.12 -17.66 11.34
N LYS H 242 -0.99 -17.20 12.25
CA LYS H 242 -2.44 -17.34 12.10
C LYS H 242 -2.83 -18.77 11.70
N SER H 243 -2.65 -19.69 12.64
CA SER H 243 -2.94 -21.09 12.35
C SER H 243 -4.42 -21.36 12.29
N LYS H 244 -5.09 -21.25 13.42
CA LYS H 244 -6.53 -21.28 13.41
C LYS H 244 -6.96 -19.87 13.08
N THR H 245 -7.84 -19.74 12.10
CA THR H 245 -8.54 -18.49 11.88
C THR H 245 -10.01 -18.73 12.09
N LEU H 246 -10.54 -18.21 13.18
CA LEU H 246 -11.91 -18.48 13.52
C LEU H 246 -12.83 -17.52 12.79
N TYR H 247 -13.98 -18.04 12.38
CA TYR H 247 -14.96 -17.24 11.66
C TYR H 247 -15.54 -16.18 12.57
N SER H 248 -15.86 -15.03 12.00
CA SER H 248 -16.40 -13.89 12.75
C SER H 248 -17.06 -12.95 11.77
N VAL H 249 -18.33 -12.63 12.01
CA VAL H 249 -19.07 -11.87 11.01
C VAL H 249 -18.68 -10.40 11.05
N ARG H 250 -18.80 -9.74 12.19
CA ARG H 250 -18.24 -8.40 12.36
C ARG H 250 -17.75 -8.28 13.79
N ASP H 251 -16.48 -8.68 13.98
CA ASP H 251 -15.80 -8.66 15.28
C ASP H 251 -16.60 -9.40 16.35
N ALA H 252 -17.14 -10.55 15.97
CA ALA H 252 -18.04 -11.31 16.83
C ALA H 252 -18.03 -12.74 16.31
N ALA H 253 -17.58 -13.69 17.12
CA ALA H 253 -17.37 -15.04 16.65
C ALA H 253 -18.69 -15.68 16.26
N ALA H 254 -18.62 -16.63 15.33
CA ALA H 254 -19.85 -17.14 14.76
C ALA H 254 -19.60 -18.51 14.19
N ILE H 255 -20.61 -19.34 14.23
CA ILE H 255 -20.59 -20.64 13.60
C ILE H 255 -21.15 -20.49 12.20
N HIS H 256 -20.60 -21.25 11.25
CA HIS H 256 -21.03 -21.18 9.87
C HIS H 256 -22.47 -21.66 9.75
N SER H 257 -23.15 -21.22 8.69
CA SER H 257 -24.53 -21.63 8.52
C SER H 257 -24.62 -23.08 8.09
N GLN H 258 -23.62 -23.60 7.38
CA GLN H 258 -23.71 -24.99 7.00
C GLN H 258 -23.40 -25.92 8.15
N LYS H 259 -22.74 -25.44 9.20
CA LYS H 259 -22.56 -26.28 10.38
C LYS H 259 -23.85 -26.39 11.18
N ILE H 260 -24.58 -25.29 11.31
CA ILE H 260 -25.92 -25.32 11.90
C ILE H 260 -26.83 -26.21 11.08
N GLY H 261 -26.71 -26.14 9.76
CA GLY H 261 -27.49 -26.99 8.89
C GLY H 261 -27.15 -28.45 9.01
N ASN H 262 -25.88 -28.78 9.18
CA ASN H 262 -25.51 -30.17 9.35
C ASN H 262 -25.92 -30.69 10.71
N ALA H 263 -26.06 -29.82 11.68
CA ALA H 263 -26.63 -30.27 12.94
C ALA H 263 -28.12 -30.52 12.80
N LEU H 264 -28.82 -29.66 12.07
CA LEU H 264 -30.27 -29.80 11.98
C LEU H 264 -30.68 -30.99 11.12
N ARG H 265 -29.83 -31.41 10.18
CA ARG H 265 -30.16 -32.55 9.35
C ARG H 265 -29.73 -33.87 9.97
N THR H 266 -29.27 -33.88 11.22
CA THR H 266 -28.84 -35.11 11.86
C THR H 266 -30.06 -35.85 12.40
N ILE H 267 -30.75 -36.54 11.48
CA ILE H 267 -31.97 -37.27 11.80
C ILE H 267 -31.92 -38.72 11.36
N ASP H 268 -30.90 -39.14 10.63
CA ASP H 268 -30.91 -40.42 9.92
C ASP H 268 -30.59 -41.57 10.87
N THR H 269 -31.63 -42.22 11.39
CA THR H 269 -31.46 -43.42 12.19
C THR H 269 -31.76 -44.68 11.41
N TRP H 270 -31.75 -44.64 10.09
CA TRP H 270 -32.22 -45.75 9.27
C TRP H 270 -31.12 -46.41 8.46
N TYR H 271 -29.88 -46.09 8.75
CA TYR H 271 -28.80 -46.68 7.97
C TYR H 271 -28.60 -48.13 8.38
N PRO H 272 -28.25 -49.01 7.44
CA PRO H 272 -28.34 -50.45 7.69
C PRO H 272 -27.30 -51.00 8.66
N ASP H 273 -26.36 -50.19 9.12
CA ASP H 273 -25.44 -50.63 10.15
C ASP H 273 -26.08 -50.35 11.52
N GLU H 274 -25.26 -50.42 12.57
CA GLU H 274 -25.77 -50.39 13.93
C GLU H 274 -26.32 -49.00 14.26
N ASP H 275 -27.55 -48.97 14.76
CA ASP H 275 -28.19 -47.73 15.15
C ASP H 275 -27.94 -47.38 16.61
N GLY H 276 -27.15 -48.17 17.32
CA GLY H 276 -26.63 -47.73 18.61
C GLY H 276 -25.59 -46.64 18.51
N LEU H 277 -25.07 -46.41 17.32
CA LEU H 277 -24.16 -45.31 17.05
C LEU H 277 -24.87 -43.98 16.95
N GLY H 278 -26.20 -43.98 16.89
CA GLY H 278 -26.95 -42.76 16.91
C GLY H 278 -27.23 -42.23 15.52
N PRO H 279 -27.99 -41.14 15.42
CA PRO H 279 -28.33 -40.59 14.13
C PRO H 279 -27.17 -39.85 13.48
N ILE H 280 -27.11 -39.96 12.17
CA ILE H 280 -26.15 -39.19 11.37
C ILE H 280 -26.95 -38.21 10.52
N ALA H 281 -26.22 -37.40 9.77
CA ALA H 281 -26.85 -36.41 8.91
C ALA H 281 -27.24 -37.03 7.58
N VAL H 282 -28.37 -36.60 7.04
CA VAL H 282 -28.91 -37.20 5.83
C VAL H 282 -28.09 -36.73 4.63
N GLU H 283 -27.30 -37.65 4.08
CA GLU H 283 -26.53 -37.37 2.89
C GLU H 283 -26.69 -38.50 1.89
N PRO H 284 -26.57 -38.21 0.61
CA PRO H 284 -26.43 -39.29 -0.37
C PRO H 284 -25.08 -39.94 -0.15
N TYR H 285 -25.09 -41.27 -0.10
CA TYR H 285 -24.01 -42.10 0.45
C TYR H 285 -23.65 -41.60 1.84
N GLY H 286 -24.60 -41.77 2.75
CA GLY H 286 -24.60 -41.11 4.04
C GLY H 286 -23.38 -41.35 4.89
N SER H 287 -22.52 -40.34 4.93
CA SER H 287 -21.14 -40.52 5.36
C SER H 287 -20.82 -39.57 6.49
N VAL H 288 -19.96 -40.02 7.40
CA VAL H 288 -19.38 -39.16 8.42
C VAL H 288 -17.89 -39.09 8.15
N THR H 289 -17.40 -37.93 7.73
CA THR H 289 -16.00 -37.81 7.38
C THR H 289 -15.09 -37.79 8.60
N SER H 290 -15.63 -37.47 9.78
CA SER H 290 -14.84 -37.61 11.00
C SER H 290 -14.58 -39.08 11.29
N GLN H 291 -15.62 -39.89 11.24
CA GLN H 291 -15.48 -41.33 11.40
C GLN H 291 -14.94 -42.01 10.15
N GLY H 292 -14.81 -41.28 9.04
CA GLY H 292 -14.16 -41.81 7.86
C GLY H 292 -14.89 -42.90 7.13
N LYS H 293 -16.13 -43.18 7.51
CA LYS H 293 -16.88 -44.31 6.99
C LYS H 293 -17.96 -43.79 6.05
N ALA H 294 -18.53 -44.71 5.29
CA ALA H 294 -19.66 -44.39 4.42
C ALA H 294 -20.74 -45.42 4.69
N TYR H 295 -21.66 -45.11 5.59
CA TYR H 295 -22.89 -45.87 5.64
C TYR H 295 -23.68 -45.59 4.37
N ARG H 296 -24.59 -46.52 4.06
CA ARG H 296 -25.31 -46.55 2.79
C ARG H 296 -24.35 -46.52 1.60
N GLN H 297 -23.54 -47.56 1.51
CA GLN H 297 -22.72 -47.76 0.33
C GLN H 297 -23.60 -48.14 -0.85
N PRO H 298 -23.13 -47.92 -2.09
CA PRO H 298 -23.93 -48.34 -3.25
C PRO H 298 -23.88 -49.83 -3.52
N LYS H 299 -23.09 -50.60 -2.77
CA LYS H 299 -23.14 -52.03 -2.93
C LYS H 299 -24.43 -52.59 -2.35
N GLN H 300 -24.73 -52.24 -1.11
CA GLN H 300 -26.08 -52.43 -0.63
C GLN H 300 -27.00 -51.43 -1.32
N LYS H 301 -28.27 -51.75 -1.40
CA LYS H 301 -29.19 -50.89 -2.13
C LYS H 301 -29.85 -49.88 -1.21
N LEU H 302 -29.05 -49.09 -0.47
CA LEU H 302 -29.65 -48.11 0.43
C LEU H 302 -29.04 -46.72 0.34
N ASP H 303 -28.32 -46.40 -0.73
CA ASP H 303 -27.90 -45.01 -0.93
C ASP H 303 -29.08 -44.20 -1.45
N PHE H 304 -28.86 -42.91 -1.68
CA PHE H 304 -29.96 -42.07 -2.10
C PHE H 304 -30.32 -42.30 -3.55
N TYR H 305 -29.33 -42.57 -4.38
CA TYR H 305 -29.55 -42.55 -5.82
C TYR H 305 -30.30 -43.78 -6.31
N THR H 306 -29.90 -44.97 -5.85
CA THR H 306 -30.59 -46.18 -6.28
C THR H 306 -31.99 -46.26 -5.69
N LEU H 307 -32.18 -45.73 -4.49
CA LEU H 307 -33.51 -45.67 -3.91
C LEU H 307 -34.42 -44.73 -4.69
N LEU H 308 -33.89 -43.57 -5.11
CA LEU H 308 -34.71 -42.66 -5.89
C LEU H 308 -35.00 -43.22 -7.28
N ASP H 309 -34.02 -43.90 -7.88
CA ASP H 309 -34.22 -44.48 -9.18
C ASP H 309 -35.15 -45.68 -9.16
N ASN H 310 -35.28 -46.37 -8.03
CA ASN H 310 -36.28 -47.41 -7.94
C ASN H 310 -37.62 -46.88 -7.48
N TRP H 311 -37.66 -45.72 -6.86
CA TRP H 311 -38.94 -45.15 -6.44
C TRP H 311 -39.60 -44.36 -7.57
N VAL H 312 -38.82 -43.90 -8.53
CA VAL H 312 -39.36 -43.02 -9.57
C VAL H 312 -39.50 -43.75 -10.90
N LEU H 313 -38.44 -44.43 -11.34
CA LEU H 313 -38.48 -45.04 -12.67
C LEU H 313 -39.33 -46.31 -12.69
N ARG H 314 -38.91 -47.32 -11.95
CA ARG H 314 -39.56 -48.62 -11.98
C ARG H 314 -40.59 -48.80 -10.88
N ASP H 315 -40.88 -47.73 -10.13
CA ASP H 315 -42.04 -47.62 -9.25
C ASP H 315 -42.01 -48.64 -8.10
N GLU H 316 -40.82 -49.09 -7.71
CA GLU H 316 -40.69 -49.94 -6.53
C GLU H 316 -40.52 -49.04 -5.32
N ALA H 317 -41.60 -48.84 -4.59
CA ALA H 317 -41.56 -47.97 -3.42
C ALA H 317 -40.77 -48.65 -2.31
N PRO H 318 -39.88 -47.93 -1.64
CA PRO H 318 -39.11 -48.54 -0.55
C PRO H 318 -39.93 -48.62 0.73
N ALA H 319 -39.29 -49.02 1.82
CA ALA H 319 -39.96 -48.96 3.12
C ALA H 319 -40.15 -47.51 3.53
N VAL H 320 -41.02 -47.30 4.52
CA VAL H 320 -41.40 -45.94 4.88
C VAL H 320 -40.26 -45.19 5.54
N GLU H 321 -39.32 -45.91 6.17
CA GLU H 321 -38.15 -45.24 6.71
C GLU H 321 -37.21 -44.79 5.59
N GLN H 322 -37.05 -45.61 4.56
CA GLN H 322 -36.17 -45.19 3.47
C GLN H 322 -36.78 -44.08 2.65
N GLN H 323 -38.10 -44.03 2.53
CA GLN H 323 -38.65 -42.88 1.84
C GLN H 323 -38.71 -41.65 2.72
N HIS H 324 -38.71 -41.82 4.04
CA HIS H 324 -38.40 -40.69 4.92
C HIS H 324 -37.00 -40.15 4.63
N TYR H 325 -36.05 -41.05 4.42
CA TYR H 325 -34.67 -40.63 4.12
C TYR H 325 -34.58 -39.95 2.76
N VAL H 326 -35.35 -40.41 1.79
CA VAL H 326 -35.29 -39.84 0.45
C VAL H 326 -35.92 -38.45 0.43
N ILE H 327 -37.05 -38.28 1.11
CA ILE H 327 -37.63 -36.94 1.19
C ILE H 327 -36.76 -36.03 2.05
N ALA H 328 -36.01 -36.58 3.01
CA ALA H 328 -35.06 -35.76 3.75
C ALA H 328 -33.92 -35.28 2.87
N ASN H 329 -33.45 -36.12 1.95
CA ASN H 329 -32.45 -35.66 0.99
C ASN H 329 -32.99 -34.63 0.03
N LEU H 330 -34.27 -34.73 -0.35
CA LEU H 330 -34.82 -33.70 -1.21
C LEU H 330 -35.04 -32.39 -0.48
N ILE H 331 -35.30 -32.45 0.83
CA ILE H 331 -35.38 -31.24 1.63
C ILE H 331 -33.99 -30.63 1.79
N ARG H 332 -32.97 -31.47 1.90
CA ARG H 332 -31.60 -31.01 2.11
C ARG H 332 -31.06 -30.21 0.93
N GLY H 333 -31.45 -30.56 -0.29
CA GLY H 333 -30.94 -29.90 -1.47
C GLY H 333 -29.78 -30.66 -2.06
N GLY H 334 -29.18 -30.08 -3.09
CA GLY H 334 -27.98 -30.65 -3.66
C GLY H 334 -27.98 -30.59 -5.17
N VAL H 335 -26.90 -31.10 -5.74
CA VAL H 335 -26.75 -31.18 -7.18
C VAL H 335 -26.67 -32.66 -7.56
N PHE H 336 -27.77 -33.20 -8.04
CA PHE H 336 -27.85 -34.61 -8.39
C PHE H 336 -27.87 -34.75 -9.90
N GLY H 337 -27.34 -35.85 -10.39
CA GLY H 337 -27.32 -36.06 -11.83
C GLY H 337 -25.91 -36.11 -12.34
N GLU H 338 -25.71 -36.93 -13.35
CA GLU H 338 -24.40 -37.15 -13.94
C GLU H 338 -24.05 -36.00 -14.87
N ALA H 339 -22.84 -36.00 -15.40
CA ALA H 339 -22.43 -35.00 -16.38
C ALA H 339 -22.29 -35.62 -17.77
N ILE I 5 -38.81 -9.31 -54.92
CA ILE I 5 -38.69 -10.65 -54.36
C ILE I 5 -38.62 -10.51 -52.85
N LEU I 6 -37.85 -9.51 -52.42
CA LEU I 6 -37.80 -9.03 -51.03
C LEU I 6 -37.35 -10.12 -50.07
N SER I 7 -36.09 -10.49 -50.19
CA SER I 7 -35.47 -11.34 -49.17
C SER I 7 -35.18 -10.55 -47.91
N THR I 8 -34.87 -11.27 -46.84
CA THR I 8 -34.50 -10.62 -45.58
C THR I 8 -33.14 -9.97 -45.70
N ALA I 9 -32.90 -8.99 -44.84
CA ALA I 9 -31.66 -8.23 -44.89
C ALA I 9 -30.50 -9.08 -44.39
N SER I 10 -29.29 -8.64 -44.71
CA SER I 10 -28.12 -9.41 -44.30
C SER I 10 -27.60 -8.97 -42.94
N VAL I 11 -27.93 -7.75 -42.49
CA VAL I 11 -27.80 -7.37 -41.10
C VAL I 11 -29.13 -6.84 -40.61
N LEU I 12 -29.41 -7.06 -39.33
CA LEU I 12 -30.53 -6.44 -38.64
C LEU I 12 -30.13 -6.32 -37.18
N ALA I 13 -30.09 -5.11 -36.66
CA ALA I 13 -29.63 -4.88 -35.32
C ALA I 13 -30.62 -3.97 -34.62
N PHE I 14 -31.31 -4.49 -33.62
CA PHE I 14 -32.29 -3.73 -32.88
C PHE I 14 -31.71 -3.32 -31.55
N GLU I 15 -31.79 -2.04 -31.23
CA GLU I 15 -31.40 -1.56 -29.92
C GLU I 15 -32.37 -2.10 -28.87
N ARG I 16 -31.85 -2.29 -27.67
CA ARG I 16 -32.68 -2.79 -26.58
C ARG I 16 -33.56 -1.67 -26.04
N LYS I 17 -34.85 -1.94 -25.94
CA LYS I 17 -35.75 -1.05 -25.22
C LYS I 17 -35.97 -1.60 -23.83
N LEU I 18 -36.52 -0.75 -22.96
CA LEU I 18 -36.59 -0.97 -21.50
C LEU I 18 -35.21 -1.26 -20.92
N ASP I 19 -34.39 -0.23 -20.89
CA ASP I 19 -33.07 -0.29 -20.28
C ASP I 19 -33.17 -0.26 -18.75
N PRO I 20 -32.77 -1.32 -18.05
CA PRO I 20 -32.67 -1.23 -16.60
C PRO I 20 -31.25 -0.90 -16.17
N SER I 21 -31.08 -0.70 -14.87
CA SER I 21 -29.78 -0.46 -14.31
C SER I 21 -29.34 -1.66 -13.51
N ASP I 22 -28.21 -1.53 -12.82
CA ASP I 22 -27.79 -2.58 -11.91
C ASP I 22 -28.54 -2.41 -10.60
N ALA I 23 -29.29 -3.44 -10.21
CA ALA I 23 -30.17 -3.33 -9.07
C ALA I 23 -29.35 -3.49 -7.79
N LEU I 24 -29.10 -2.37 -7.11
CA LEU I 24 -28.34 -2.38 -5.88
C LEU I 24 -29.17 -2.95 -4.74
N MET I 25 -28.55 -3.71 -3.85
CA MET I 25 -29.27 -4.24 -2.70
C MET I 25 -28.63 -3.74 -1.41
N SER I 26 -29.44 -3.06 -0.60
CA SER I 26 -29.08 -2.66 0.75
C SER I 26 -30.02 -3.33 1.72
N ALA I 27 -29.92 -2.98 3.01
CA ALA I 27 -30.65 -3.72 4.02
C ALA I 27 -31.09 -2.82 5.16
N GLY I 28 -32.20 -3.16 5.77
CA GLY I 28 -32.72 -2.40 6.87
C GLY I 28 -33.86 -3.11 7.55
N ALA I 29 -34.61 -2.36 8.33
CA ALA I 29 -35.72 -2.90 9.10
C ALA I 29 -37.04 -2.53 8.46
N TRP I 30 -37.97 -3.48 8.43
CA TRP I 30 -39.34 -3.22 8.01
C TRP I 30 -40.00 -2.27 8.98
N ALA I 31 -41.04 -1.60 8.51
CA ALA I 31 -41.82 -0.56 9.18
C ALA I 31 -40.98 0.68 9.49
N GLN I 32 -39.87 0.87 8.80
CA GLN I 32 -39.33 2.19 8.55
C GLN I 32 -38.81 2.27 7.13
N ARG I 33 -39.59 1.68 6.20
CA ARG I 33 -39.24 1.70 4.79
C ARG I 33 -39.33 3.09 4.18
N ASP I 34 -40.13 3.98 4.77
CA ASP I 34 -40.34 5.29 4.16
C ASP I 34 -39.11 6.17 4.31
N ALA I 35 -38.19 5.83 5.20
CA ALA I 35 -36.96 6.57 5.39
C ALA I 35 -35.76 5.75 4.97
N SER I 36 -35.92 4.93 3.93
CA SER I 36 -34.86 4.03 3.48
C SER I 36 -34.03 4.64 2.37
N GLN I 37 -33.52 5.85 2.58
CA GLN I 37 -32.53 6.40 1.68
C GLN I 37 -31.12 6.27 2.24
N GLU I 38 -30.99 6.00 3.53
CA GLU I 38 -29.69 5.88 4.19
C GLU I 38 -29.44 4.49 4.72
N TRP I 39 -30.03 3.49 4.09
CA TRP I 39 -29.86 2.13 4.54
C TRP I 39 -28.49 1.63 4.10
N PRO I 40 -27.73 0.97 4.97
CA PRO I 40 -26.39 0.54 4.60
C PRO I 40 -26.46 -0.66 3.68
N ALA I 41 -25.43 -0.83 2.87
CA ALA I 41 -25.50 -1.79 1.79
C ALA I 41 -25.18 -3.20 2.26
N VAL I 42 -25.62 -4.18 1.48
CA VAL I 42 -25.30 -5.57 1.74
C VAL I 42 -23.94 -5.86 1.14
N THR I 43 -23.03 -6.37 1.96
CA THR I 43 -21.64 -6.54 1.58
C THR I 43 -21.34 -8.00 1.31
N VAL I 44 -20.75 -8.26 0.14
CA VAL I 44 -20.28 -9.59 -0.21
C VAL I 44 -19.03 -9.89 0.58
N ARG I 45 -19.06 -10.94 1.38
CA ARG I 45 -17.91 -11.35 2.15
C ARG I 45 -17.59 -12.81 1.85
N GLU I 46 -16.48 -13.30 2.36
CA GLU I 46 -16.00 -14.63 2.04
C GLU I 46 -16.12 -15.53 3.26
N LYS I 47 -16.48 -16.78 3.02
CA LYS I 47 -16.53 -17.76 4.08
C LYS I 47 -16.08 -19.09 3.48
N SER I 48 -15.60 -19.99 4.33
CA SER I 48 -15.09 -21.25 3.83
C SER I 48 -16.09 -22.36 4.03
N VAL I 49 -16.18 -23.25 3.06
CA VAL I 49 -17.08 -24.39 3.13
C VAL I 49 -16.28 -25.66 2.87
N ARG I 50 -16.73 -26.75 3.44
CA ARG I 50 -16.16 -28.07 3.19
C ARG I 50 -17.29 -29.01 2.85
N GLY I 51 -17.20 -29.67 1.72
CA GLY I 51 -18.30 -30.45 1.20
C GLY I 51 -17.91 -31.90 1.01
N THR I 52 -18.76 -32.80 1.49
CA THR I 52 -18.60 -34.20 1.18
C THR I 52 -19.07 -34.44 -0.24
N ILE I 53 -18.76 -35.61 -0.77
CA ILE I 53 -19.18 -35.97 -2.12
C ILE I 53 -20.67 -36.25 -2.11
N SER I 54 -21.37 -35.69 -3.09
CA SER I 54 -22.81 -35.87 -3.16
C SER I 54 -23.32 -36.21 -4.54
N ASN I 55 -22.49 -36.17 -5.57
CA ASN I 55 -22.94 -36.41 -6.93
C ASN I 55 -23.02 -37.91 -7.20
N ARG I 56 -23.54 -38.26 -8.37
CA ARG I 56 -23.61 -39.66 -8.76
C ARG I 56 -22.23 -40.20 -9.07
N LEU I 57 -22.06 -41.49 -8.91
CA LEU I 57 -20.81 -42.14 -9.24
C LEU I 57 -20.91 -42.80 -10.61
N LYS I 58 -19.77 -42.92 -11.28
CA LYS I 58 -19.70 -43.34 -12.67
C LYS I 58 -19.37 -44.82 -12.78
N THR I 59 -19.99 -45.63 -11.89
CA THR I 59 -19.99 -47.10 -11.73
C THR I 59 -18.61 -47.72 -11.56
N LYS I 60 -17.55 -46.92 -11.50
CA LYS I 60 -16.21 -47.38 -11.17
C LYS I 60 -15.73 -46.84 -9.83
N ASP I 61 -16.34 -45.77 -9.34
CA ASP I 61 -16.06 -45.23 -8.02
C ASP I 61 -16.95 -45.85 -6.96
N ARG I 62 -17.69 -46.91 -7.30
CA ARG I 62 -18.57 -47.59 -6.35
C ARG I 62 -17.83 -48.64 -5.53
N ASP I 63 -16.51 -48.74 -5.68
CA ASP I 63 -15.68 -49.48 -4.75
C ASP I 63 -15.74 -48.79 -3.39
N PRO I 64 -16.05 -49.52 -2.31
CA PRO I 64 -16.07 -48.90 -0.99
C PRO I 64 -14.74 -48.34 -0.53
N ALA I 65 -13.63 -48.91 -1.00
CA ALA I 65 -12.32 -48.38 -0.62
C ALA I 65 -12.08 -47.00 -1.20
N LYS I 66 -12.35 -46.83 -2.50
CA LYS I 66 -12.17 -45.52 -3.12
C LYS I 66 -13.20 -44.52 -2.61
N LEU I 67 -14.40 -45.00 -2.27
CA LEU I 67 -15.43 -44.15 -1.72
C LEU I 67 -15.03 -43.61 -0.34
N ASP I 68 -14.52 -44.49 0.52
CA ASP I 68 -14.05 -44.04 1.83
C ASP I 68 -12.79 -43.19 1.74
N ALA I 69 -11.94 -43.46 0.74
CA ALA I 69 -10.77 -42.62 0.55
C ALA I 69 -11.16 -41.22 0.10
N SER I 70 -12.19 -41.11 -0.73
CA SER I 70 -12.67 -39.79 -1.13
C SER I 70 -13.41 -39.09 -0.01
N ILE I 71 -14.07 -39.85 0.87
CA ILE I 71 -14.84 -39.24 1.95
C ILE I 71 -13.92 -38.79 3.08
N GLN I 72 -12.80 -39.49 3.27
CA GLN I 72 -11.83 -39.09 4.29
C GLN I 72 -11.19 -37.74 3.99
N SER I 73 -10.94 -37.44 2.74
CA SER I 73 -10.26 -36.20 2.40
C SER I 73 -11.12 -35.36 1.47
N PRO I 74 -12.07 -34.59 2.01
CA PRO I 74 -12.97 -33.83 1.15
C PRO I 74 -12.31 -32.53 0.70
N ASN I 75 -12.94 -31.89 -0.27
CA ASN I 75 -12.41 -30.67 -0.85
C ASN I 75 -12.72 -29.47 0.03
N LEU I 76 -11.84 -28.49 0.02
CA LEU I 76 -12.07 -27.24 0.70
C LEU I 76 -12.32 -26.15 -0.33
N GLN I 77 -13.14 -25.17 0.03
CA GLN I 77 -13.48 -24.09 -0.87
C GLN I 77 -13.56 -22.80 -0.08
N THR I 78 -13.79 -21.71 -0.80
CA THR I 78 -13.97 -20.41 -0.18
C THR I 78 -15.04 -19.69 -0.98
N VAL I 79 -16.29 -19.87 -0.61
CA VAL I 79 -17.37 -19.28 -1.35
C VAL I 79 -17.55 -17.84 -0.91
N ASP I 80 -18.32 -17.10 -1.70
CA ASP I 80 -18.76 -15.77 -1.31
C ASP I 80 -20.20 -15.85 -0.88
N VAL I 81 -20.48 -15.37 0.32
CA VAL I 81 -21.82 -15.36 0.84
C VAL I 81 -22.21 -13.90 1.01
N ALA I 82 -23.50 -13.62 1.01
CA ALA I 82 -24.01 -12.28 1.25
C ALA I 82 -25.23 -12.39 2.15
N ASN I 83 -25.13 -11.90 3.37
CA ASN I 83 -26.17 -12.06 4.35
C ASN I 83 -26.67 -10.70 4.80
N LEU I 84 -27.91 -10.66 5.26
CA LEU I 84 -28.42 -9.49 5.92
C LEU I 84 -27.71 -9.31 7.26
N PRO I 85 -27.69 -8.11 7.82
CA PRO I 85 -27.18 -7.95 9.18
C PRO I 85 -28.08 -8.63 10.19
N SER I 86 -27.54 -8.82 11.38
CA SER I 86 -28.27 -9.55 12.41
C SER I 86 -29.42 -8.76 13.00
N ASP I 87 -29.50 -7.47 12.74
CA ASP I 87 -30.57 -6.63 13.27
C ASP I 87 -31.40 -6.00 12.16
N ALA I 88 -31.55 -6.69 11.03
CA ALA I 88 -32.27 -6.16 9.90
C ALA I 88 -32.98 -7.30 9.19
N ASP I 89 -34.21 -7.07 8.78
CA ASP I 89 -35.01 -8.11 8.15
C ASP I 89 -35.69 -7.65 6.87
N THR I 90 -35.09 -6.72 6.14
CA THR I 90 -35.68 -6.23 4.91
C THR I 90 -34.60 -5.97 3.88
N LEU I 91 -34.73 -6.59 2.72
CA LEU I 91 -33.83 -6.38 1.60
C LEU I 91 -34.42 -5.34 0.66
N LYS I 92 -33.72 -4.22 0.49
CA LYS I 92 -34.17 -3.17 -0.43
C LYS I 92 -33.38 -3.29 -1.72
N VAL I 93 -34.06 -3.58 -2.81
CA VAL I 93 -33.44 -3.73 -4.12
C VAL I 93 -33.92 -2.59 -5.00
N ARG I 94 -33.03 -1.68 -5.38
CA ARG I 94 -33.40 -0.45 -6.04
C ARG I 94 -32.75 -0.37 -7.40
N PHE I 95 -33.53 -0.04 -8.42
CA PHE I 95 -32.98 0.19 -9.75
C PHE I 95 -33.87 1.18 -10.47
N THR I 96 -33.36 1.71 -11.58
CA THR I 96 -34.10 2.63 -12.42
C THR I 96 -34.30 2.01 -13.80
N LEU I 97 -35.44 2.32 -14.40
CA LEU I 97 -35.81 1.71 -15.67
C LEU I 97 -36.12 2.82 -16.66
N ARG I 98 -35.55 2.74 -17.85
CA ARG I 98 -35.69 3.78 -18.86
C ARG I 98 -36.34 3.18 -20.09
N VAL I 99 -37.56 3.62 -20.40
CA VAL I 99 -38.32 3.14 -21.54
C VAL I 99 -38.02 4.06 -22.73
N LEU I 100 -37.59 3.48 -23.84
CA LEU I 100 -37.07 4.31 -24.93
C LEU I 100 -38.12 4.61 -25.99
N GLY I 101 -38.64 3.59 -26.65
CA GLY I 101 -39.64 3.83 -27.67
C GLY I 101 -39.02 3.95 -29.05
N GLY I 102 -39.84 3.70 -30.06
CA GLY I 102 -39.35 3.55 -31.41
C GLY I 102 -39.01 2.10 -31.67
N ALA I 103 -39.98 1.23 -31.45
CA ALA I 103 -39.70 -0.19 -31.27
C ALA I 103 -39.47 -0.89 -32.61
N GLY I 104 -39.83 -0.25 -33.72
CA GLY I 104 -39.69 -0.93 -35.00
C GLY I 104 -38.42 -0.60 -35.75
N THR I 105 -37.89 0.59 -35.55
CA THR I 105 -36.76 1.05 -36.34
C THR I 105 -35.48 0.33 -35.94
N PRO I 106 -34.87 -0.44 -36.83
CA PRO I 106 -33.60 -1.08 -36.50
C PRO I 106 -32.47 -0.06 -36.50
N SER I 107 -31.44 -0.36 -35.71
CA SER I 107 -30.26 0.46 -35.68
C SER I 107 -29.30 0.18 -36.82
N ALA I 108 -29.45 -0.94 -37.52
CA ALA I 108 -28.63 -1.24 -38.67
C ALA I 108 -29.43 -2.10 -39.63
N CYS I 109 -29.27 -1.86 -40.92
CA CYS I 109 -29.95 -2.64 -41.95
C CYS I 109 -29.20 -2.48 -43.27
N ASN I 110 -29.04 -3.58 -44.00
CA ASN I 110 -28.44 -3.49 -45.32
C ASN I 110 -29.44 -3.03 -46.36
N ASP I 111 -30.50 -3.82 -46.57
CA ASP I 111 -31.49 -3.52 -47.58
C ASP I 111 -32.35 -2.35 -47.11
N ALA I 112 -32.75 -1.51 -48.06
CA ALA I 112 -33.62 -0.39 -47.70
C ALA I 112 -35.09 -0.77 -47.80
N ALA I 113 -35.48 -1.48 -48.87
CA ALA I 113 -36.89 -1.79 -49.09
C ALA I 113 -37.42 -2.77 -48.05
N TYR I 114 -36.55 -3.67 -47.57
CA TYR I 114 -36.92 -4.51 -46.44
C TYR I 114 -37.17 -3.67 -45.19
N ARG I 115 -36.38 -2.61 -45.01
CA ARG I 115 -36.57 -1.76 -43.85
C ARG I 115 -37.86 -0.97 -43.95
N ASP I 116 -38.25 -0.54 -45.18
CA ASP I 116 -39.51 0.14 -45.33
C ASP I 116 -40.70 -0.79 -45.10
N LYS I 117 -40.58 -2.04 -45.56
CA LYS I 117 -41.65 -3.00 -45.34
C LYS I 117 -41.80 -3.32 -43.86
N LEU I 118 -40.67 -3.45 -43.15
CA LEU I 118 -40.72 -3.70 -41.71
C LEU I 118 -41.29 -2.51 -40.96
N LEU I 119 -40.94 -1.30 -41.37
CA LEU I 119 -41.48 -0.13 -40.72
C LEU I 119 -42.98 0.01 -40.97
N GLN I 120 -43.45 -0.35 -42.16
CA GLN I 120 -44.88 -0.31 -42.43
C GLN I 120 -45.62 -1.38 -41.63
N THR I 121 -45.01 -2.55 -41.48
CA THR I 121 -45.62 -3.64 -40.70
C THR I 121 -45.79 -3.22 -39.24
N VAL I 122 -44.72 -2.66 -38.66
CA VAL I 122 -44.79 -2.21 -37.27
C VAL I 122 -45.77 -1.04 -37.12
N ALA I 123 -45.85 -0.18 -38.13
CA ALA I 123 -46.78 0.96 -38.05
C ALA I 123 -48.24 0.51 -38.10
N THR I 124 -48.56 -0.47 -38.94
CA THR I 124 -49.92 -0.99 -38.92
C THR I 124 -50.20 -1.80 -37.66
N TYR I 125 -49.17 -2.40 -37.06
CA TYR I 125 -49.36 -3.03 -35.75
C TYR I 125 -49.78 -2.01 -34.71
N VAL I 126 -49.03 -0.91 -34.62
CA VAL I 126 -49.33 0.13 -33.63
C VAL I 126 -50.67 0.79 -33.94
N ASN I 127 -51.05 0.87 -35.22
CA ASN I 127 -52.32 1.49 -35.56
C ASN I 127 -53.50 0.58 -35.23
N ASP I 128 -53.36 -0.74 -35.42
CA ASP I 128 -54.43 -1.66 -35.06
C ASP I 128 -54.62 -1.71 -33.55
N GLN I 129 -53.53 -1.78 -32.81
CA GLN I 129 -53.59 -1.89 -31.36
C GLN I 129 -52.29 -1.30 -30.82
N GLY I 130 -52.40 -0.39 -29.88
CA GLY I 130 -51.22 0.24 -29.33
C GLY I 130 -50.43 -0.74 -28.48
N PHE I 131 -49.34 -0.25 -27.92
CA PHE I 131 -48.57 -1.06 -26.97
C PHE I 131 -49.36 -1.16 -25.67
N ALA I 132 -50.43 -1.94 -25.71
CA ALA I 132 -51.38 -2.00 -24.62
C ALA I 132 -51.43 -3.35 -23.97
N GLU I 133 -51.23 -4.42 -24.72
CA GLU I 133 -51.08 -5.72 -24.09
C GLU I 133 -49.66 -5.88 -23.58
N LEU I 134 -48.68 -5.32 -24.28
CA LEU I 134 -47.29 -5.48 -23.87
C LEU I 134 -46.98 -4.63 -22.65
N ALA I 135 -47.45 -3.39 -22.63
CA ALA I 135 -47.16 -2.53 -21.49
C ALA I 135 -47.92 -2.97 -20.26
N ARG I 136 -49.06 -3.61 -20.43
CA ARG I 136 -49.78 -4.15 -19.28
C ARG I 136 -49.00 -5.27 -18.63
N ARG I 137 -48.42 -6.16 -19.42
CA ARG I 137 -47.68 -7.27 -18.83
C ARG I 137 -46.31 -6.82 -18.33
N TYR I 138 -45.71 -5.81 -18.95
CA TYR I 138 -44.47 -5.27 -18.41
C TYR I 138 -44.71 -4.56 -17.08
N ALA I 139 -45.83 -3.85 -16.96
CA ALA I 139 -46.18 -3.25 -15.68
C ALA I 139 -46.59 -4.31 -14.67
N HIS I 140 -47.04 -5.47 -15.13
CA HIS I 140 -47.26 -6.58 -14.22
C HIS I 140 -45.96 -7.11 -13.67
N ASN I 141 -44.96 -7.30 -14.53
CA ASN I 141 -43.67 -7.80 -14.06
C ASN I 141 -42.90 -6.76 -13.24
N LEU I 142 -43.23 -5.49 -13.39
CA LEU I 142 -42.76 -4.52 -12.41
C LEU I 142 -43.59 -4.56 -11.14
N ALA I 143 -44.85 -4.97 -11.25
CA ALA I 143 -45.74 -4.92 -10.10
C ALA I 143 -45.39 -5.99 -9.08
N ASN I 144 -45.48 -7.27 -9.46
CA ASN I 144 -44.93 -8.29 -8.58
C ASN I 144 -43.43 -8.29 -8.75
N ALA I 145 -42.69 -8.43 -7.66
CA ALA I 145 -41.25 -8.27 -7.71
C ALA I 145 -40.62 -9.55 -8.26
N ARG I 146 -40.83 -9.78 -9.56
CA ARG I 146 -40.22 -10.94 -10.18
C ARG I 146 -38.73 -10.74 -10.38
N PHE I 147 -38.26 -9.50 -10.37
CA PHE I 147 -36.83 -9.24 -10.53
C PHE I 147 -36.03 -9.61 -9.29
N LEU I 148 -36.68 -9.70 -8.14
CA LEU I 148 -36.14 -10.40 -6.99
C LEU I 148 -36.26 -11.88 -7.31
N TRP I 149 -35.18 -12.49 -7.79
CA TRP I 149 -35.32 -13.81 -8.40
C TRP I 149 -35.49 -14.91 -7.37
N ARG I 150 -34.47 -15.13 -6.55
CA ARG I 150 -34.56 -16.09 -5.46
C ARG I 150 -34.78 -15.41 -4.13
N ASN I 151 -34.79 -14.09 -4.10
CA ASN I 151 -35.07 -13.38 -2.87
C ASN I 151 -36.55 -13.31 -2.57
N ARG I 152 -37.39 -13.75 -3.49
CA ARG I 152 -38.83 -13.68 -3.39
C ARG I 152 -39.46 -14.97 -2.88
N VAL I 153 -38.73 -16.09 -2.94
CA VAL I 153 -39.36 -17.40 -2.80
C VAL I 153 -39.83 -17.70 -1.39
N GLY I 154 -39.42 -16.96 -0.39
CA GLY I 154 -39.86 -17.28 0.94
C GLY I 154 -40.14 -16.05 1.74
N ALA I 155 -40.33 -14.93 1.06
CA ALA I 155 -40.50 -13.67 1.75
C ALA I 155 -41.86 -13.63 2.44
N GLU I 156 -41.91 -12.91 3.56
CA GLU I 156 -43.16 -12.79 4.27
C GLU I 156 -44.09 -11.81 3.58
N ALA I 157 -43.57 -10.64 3.22
CA ALA I 157 -44.36 -9.63 2.53
C ALA I 157 -43.42 -8.80 1.68
N VAL I 158 -43.72 -8.71 0.39
CA VAL I 158 -42.94 -7.93 -0.56
C VAL I 158 -43.72 -6.67 -0.86
N GLU I 159 -43.03 -5.55 -1.05
CA GLU I 159 -43.66 -4.28 -1.39
C GLU I 159 -42.79 -3.59 -2.44
N VAL I 160 -43.40 -3.15 -3.53
CA VAL I 160 -42.69 -2.53 -4.64
C VAL I 160 -43.16 -1.10 -4.79
N ARG I 161 -42.24 -0.15 -4.75
CA ARG I 161 -42.56 1.26 -4.87
C ARG I 161 -41.99 1.80 -6.16
N ILE I 162 -42.86 2.12 -7.11
CA ILE I 162 -42.45 2.64 -8.41
C ILE I 162 -42.79 4.12 -8.45
N ASN I 163 -41.79 4.95 -8.66
CA ASN I 163 -41.99 6.38 -8.85
C ASN I 163 -41.71 6.75 -10.29
N HIS I 164 -42.64 7.47 -10.91
CA HIS I 164 -42.36 8.06 -12.20
C HIS I 164 -41.56 9.33 -11.96
N ILE I 165 -40.44 9.47 -12.65
CA ILE I 165 -39.52 10.56 -12.41
C ILE I 165 -39.60 11.53 -13.58
N ARG I 166 -40.02 12.76 -13.30
CA ARG I 166 -40.01 13.90 -14.19
C ARG I 166 -38.60 14.48 -14.24
N GLN I 167 -38.47 15.79 -14.45
CA GLN I 167 -37.20 16.51 -14.48
C GLN I 167 -36.21 16.08 -13.40
N GLY I 168 -36.56 16.26 -12.14
CA GLY I 168 -35.67 15.81 -11.10
C GLY I 168 -36.40 15.25 -9.90
N GLU I 169 -37.70 15.05 -10.06
CA GLU I 169 -38.58 14.76 -8.95
C GLU I 169 -39.62 13.75 -9.39
N VAL I 170 -40.44 13.30 -8.45
CA VAL I 170 -41.50 12.36 -8.76
C VAL I 170 -42.65 13.12 -9.42
N ALA I 171 -43.33 12.44 -10.34
CA ALA I 171 -44.53 13.01 -10.94
C ALA I 171 -45.76 12.23 -10.56
N ARG I 172 -45.64 10.90 -10.46
CA ARG I 172 -46.73 10.04 -10.05
C ARG I 172 -46.15 8.81 -9.40
N ALA I 173 -46.53 8.56 -8.15
CA ALA I 173 -45.96 7.48 -7.36
C ALA I 173 -46.94 6.33 -7.29
N TRP I 174 -46.42 5.11 -7.26
CA TRP I 174 -47.21 3.92 -7.06
C TRP I 174 -46.67 3.14 -5.87
N ARG I 175 -47.46 2.16 -5.43
CA ARG I 175 -47.06 1.29 -4.34
C ARG I 175 -47.92 0.03 -4.43
N PHE I 176 -47.30 -1.12 -4.52
CA PHE I 176 -48.03 -2.36 -4.71
C PHE I 176 -47.68 -3.36 -3.62
N ASP I 177 -48.50 -4.41 -3.55
CA ASP I 177 -48.20 -5.59 -2.76
C ASP I 177 -47.86 -6.70 -3.74
N ALA I 178 -46.59 -7.08 -3.76
CA ALA I 178 -46.11 -7.97 -4.81
C ALA I 178 -46.51 -9.41 -4.62
N LEU I 179 -47.03 -9.78 -3.45
CA LEU I 179 -47.48 -11.15 -3.24
C LEU I 179 -48.96 -11.34 -3.55
N ALA I 180 -49.73 -10.26 -3.50
CA ALA I 180 -51.12 -10.34 -3.94
C ALA I 180 -51.21 -10.51 -5.44
N ILE I 181 -50.44 -9.73 -6.19
CA ILE I 181 -50.35 -9.87 -7.64
C ILE I 181 -49.50 -11.09 -7.92
N GLY I 182 -50.11 -12.14 -8.46
CA GLY I 182 -49.45 -13.42 -8.57
C GLY I 182 -48.38 -13.44 -9.65
N LEU I 183 -47.68 -14.56 -9.71
CA LEU I 183 -46.64 -14.74 -10.69
C LEU I 183 -47.14 -15.30 -12.01
N ARG I 184 -48.43 -15.58 -12.14
CA ARG I 184 -48.93 -16.25 -13.33
C ARG I 184 -50.28 -15.77 -13.83
N ASP I 185 -50.84 -14.70 -13.27
CA ASP I 185 -52.12 -14.17 -13.70
C ASP I 185 -51.97 -12.71 -14.06
N PHE I 186 -52.36 -12.35 -15.27
CA PHE I 186 -52.27 -10.97 -15.74
C PHE I 186 -53.66 -10.36 -15.64
N LYS I 187 -54.01 -9.93 -14.43
CA LYS I 187 -55.35 -9.45 -14.14
C LYS I 187 -55.41 -7.94 -14.35
N ALA I 188 -56.45 -7.30 -13.83
CA ALA I 188 -56.66 -5.87 -14.00
C ALA I 188 -56.62 -5.16 -12.67
N ASP I 189 -56.19 -3.90 -12.69
CA ASP I 189 -56.22 -3.02 -11.53
C ASP I 189 -56.14 -1.59 -12.02
N ALA I 190 -56.56 -0.65 -11.16
CA ALA I 190 -56.53 0.75 -11.55
C ALA I 190 -55.11 1.28 -11.64
N GLU I 191 -54.31 1.03 -10.59
CA GLU I 191 -52.92 1.49 -10.58
C GLU I 191 -52.09 0.75 -11.61
N LEU I 192 -52.39 -0.52 -11.85
CA LEU I 192 -51.69 -1.27 -12.89
C LEU I 192 -52.01 -0.71 -14.27
N ASP I 193 -53.26 -0.29 -14.51
CA ASP I 193 -53.56 0.29 -15.81
C ASP I 193 -53.00 1.69 -15.96
N ALA I 194 -52.86 2.44 -14.86
CA ALA I 194 -52.18 3.74 -14.96
C ALA I 194 -50.71 3.58 -15.28
N LEU I 195 -50.03 2.64 -14.61
CA LEU I 195 -48.64 2.34 -14.92
C LEU I 195 -48.49 1.78 -16.32
N ALA I 196 -49.47 0.99 -16.76
CA ALA I 196 -49.41 0.43 -18.10
C ALA I 196 -49.59 1.51 -19.15
N GLU I 197 -50.41 2.51 -18.87
CA GLU I 197 -50.57 3.61 -19.82
C GLU I 197 -49.33 4.48 -19.85
N LEU I 198 -48.63 4.61 -18.72
CA LEU I 198 -47.37 5.34 -18.73
C LEU I 198 -46.31 4.61 -19.56
N ILE I 199 -46.20 3.30 -19.38
CA ILE I 199 -45.24 2.52 -20.17
C ILE I 199 -45.66 2.48 -21.63
N ALA I 200 -46.96 2.48 -21.91
CA ALA I 200 -47.45 2.53 -23.27
C ALA I 200 -47.11 3.85 -23.95
N SER I 201 -47.22 4.94 -23.20
CA SER I 201 -46.83 6.24 -23.73
C SER I 201 -45.34 6.31 -23.96
N GLY I 202 -44.56 5.63 -23.12
CA GLY I 202 -43.12 5.60 -23.33
C GLY I 202 -42.72 4.80 -24.55
N LEU I 203 -43.33 3.63 -24.72
CA LEU I 203 -42.96 2.73 -25.81
C LEU I 203 -43.41 3.23 -27.16
N SER I 204 -44.49 4.00 -27.22
CA SER I 204 -44.95 4.55 -28.49
C SER I 204 -44.25 5.85 -28.85
N GLY I 205 -43.44 6.40 -27.95
CA GLY I 205 -42.69 7.59 -28.26
C GLY I 205 -43.38 8.89 -27.92
N SER I 206 -44.47 8.85 -27.15
CA SER I 206 -45.22 10.05 -26.83
C SER I 206 -44.74 10.73 -25.55
N GLY I 207 -43.50 10.51 -25.16
CA GLY I 207 -42.99 11.14 -23.95
C GLY I 207 -41.84 10.34 -23.40
N HIS I 208 -41.03 11.03 -22.59
CA HIS I 208 -39.87 10.43 -21.96
C HIS I 208 -40.28 9.83 -20.63
N VAL I 209 -39.98 8.55 -20.44
CA VAL I 209 -40.41 7.80 -19.27
C VAL I 209 -39.17 7.27 -18.56
N LEU I 210 -39.00 7.67 -17.31
CA LEU I 210 -37.97 7.13 -16.44
C LEU I 210 -38.60 6.73 -15.12
N LEU I 211 -38.52 5.46 -14.79
CA LEU I 211 -39.10 4.92 -13.57
C LEU I 211 -38.01 4.58 -12.59
N GLU I 212 -38.30 4.76 -11.31
CA GLU I 212 -37.42 4.32 -10.23
C GLU I 212 -38.16 3.24 -9.46
N VAL I 213 -37.61 2.03 -9.44
CA VAL I 213 -38.29 0.88 -8.87
C VAL I 213 -37.54 0.44 -7.63
N VAL I 214 -38.22 0.46 -6.49
CA VAL I 214 -37.67 0.03 -5.21
C VAL I 214 -38.48 -1.17 -4.74
N ALA I 215 -37.80 -2.22 -4.31
CA ALA I 215 -38.51 -3.41 -3.84
C ALA I 215 -38.00 -3.79 -2.46
N PHE I 216 -38.87 -3.76 -1.48
CA PHE I 216 -38.56 -4.23 -0.15
C PHE I 216 -39.07 -5.66 0.01
N ALA I 217 -38.22 -6.55 0.50
CA ALA I 217 -38.60 -7.93 0.73
C ALA I 217 -38.31 -8.27 2.19
N ARG I 218 -39.33 -8.69 2.92
CA ARG I 218 -39.15 -9.01 4.33
C ARG I 218 -38.74 -10.46 4.43
N ILE I 219 -37.44 -10.69 4.53
CA ILE I 219 -36.93 -12.05 4.62
C ILE I 219 -36.82 -12.50 6.06
N GLY I 220 -36.00 -11.83 6.85
CA GLY I 220 -35.75 -12.24 8.21
C GLY I 220 -34.44 -11.69 8.69
N ASP I 221 -34.20 -11.83 9.99
CA ASP I 221 -32.99 -11.29 10.60
C ASP I 221 -31.80 -12.14 10.20
N GLY I 222 -30.82 -11.53 9.55
CA GLY I 222 -29.57 -12.19 9.27
C GLY I 222 -29.63 -13.29 8.24
N GLN I 223 -30.70 -13.37 7.46
CA GLN I 223 -30.86 -14.42 6.47
C GLN I 223 -29.97 -14.17 5.26
N GLU I 224 -30.07 -15.05 4.28
CA GLU I 224 -29.19 -15.00 3.13
C GLU I 224 -29.91 -14.42 1.93
N VAL I 225 -29.35 -13.37 1.35
CA VAL I 225 -29.86 -12.79 0.12
C VAL I 225 -29.04 -13.32 -1.02
N PHE I 226 -29.53 -13.12 -2.24
CA PHE I 226 -28.93 -13.72 -3.42
C PHE I 226 -28.71 -12.67 -4.49
N PRO I 227 -27.52 -12.13 -4.59
CA PRO I 227 -27.21 -11.25 -5.71
C PRO I 227 -26.72 -12.05 -6.90
N SER I 228 -26.29 -11.39 -7.96
CA SER I 228 -25.84 -12.09 -9.14
C SER I 228 -24.49 -12.74 -8.91
N GLN I 229 -24.14 -13.67 -9.77
CA GLN I 229 -22.96 -14.50 -9.58
C GLN I 229 -22.05 -14.40 -10.79
N GLU I 230 -20.80 -14.07 -10.58
CA GLU I 230 -19.82 -13.96 -11.65
C GLU I 230 -19.35 -15.34 -12.06
N LEU I 231 -18.53 -15.33 -13.12
CA LEU I 231 -17.85 -16.52 -13.68
C LEU I 231 -16.43 -16.53 -13.09
N ILE I 232 -15.89 -17.73 -12.81
CA ILE I 232 -14.57 -17.86 -12.18
C ILE I 232 -13.53 -18.21 -13.23
N LEU I 233 -12.29 -17.82 -12.97
CA LEU I 233 -11.18 -18.16 -13.83
C LEU I 233 -10.54 -19.46 -13.35
N LYS I 239 -7.23 -25.58 -2.58
CA LYS I 239 -7.74 -25.38 -1.23
C LYS I 239 -8.60 -24.13 -1.16
N GLY I 240 -8.02 -23.00 -1.51
CA GLY I 240 -8.80 -21.80 -1.72
C GLY I 240 -9.21 -21.73 -3.16
N GLN I 241 -10.05 -22.68 -3.59
CA GLN I 241 -10.43 -22.81 -4.99
C GLN I 241 -11.26 -21.64 -5.48
N LYS I 242 -11.96 -20.94 -4.57
CA LYS I 242 -12.82 -19.79 -4.87
C LYS I 242 -13.90 -20.18 -5.88
N SER I 243 -14.79 -21.05 -5.41
CA SER I 243 -15.76 -21.64 -6.31
C SER I 243 -16.97 -20.77 -6.56
N LYS I 244 -17.13 -19.67 -5.84
CA LYS I 244 -18.30 -18.82 -6.02
C LYS I 244 -17.89 -17.37 -5.86
N THR I 245 -18.24 -16.55 -6.84
CA THR I 245 -17.95 -15.13 -6.83
C THR I 245 -19.23 -14.38 -7.10
N LEU I 246 -19.49 -13.33 -6.34
CA LEU I 246 -20.72 -12.57 -6.48
C LEU I 246 -20.43 -11.20 -7.11
N TYR I 247 -21.48 -10.57 -7.59
CA TYR I 247 -21.35 -9.29 -8.28
C TYR I 247 -21.57 -8.15 -7.29
N SER I 248 -20.74 -7.12 -7.40
CA SER I 248 -20.85 -5.98 -6.52
C SER I 248 -20.24 -4.78 -7.22
N VAL I 249 -20.95 -3.66 -7.20
CA VAL I 249 -20.50 -2.50 -7.97
C VAL I 249 -19.41 -1.74 -7.24
N ARG I 250 -19.64 -1.38 -5.98
CA ARG I 250 -18.60 -0.80 -5.14
C ARG I 250 -18.89 -1.21 -3.70
N ASP I 251 -18.34 -2.37 -3.31
CA ASP I 251 -18.50 -2.95 -1.97
C ASP I 251 -19.97 -3.07 -1.56
N ALA I 252 -20.81 -3.43 -2.52
CA ALA I 252 -22.25 -3.44 -2.32
C ALA I 252 -22.83 -4.38 -3.35
N ALA I 253 -23.51 -5.44 -2.90
CA ALA I 253 -23.96 -6.48 -3.81
C ALA I 253 -25.02 -5.94 -4.75
N ALA I 254 -25.17 -6.60 -5.89
CA ALA I 254 -26.07 -6.09 -6.91
C ALA I 254 -26.45 -7.22 -7.84
N ILE I 255 -27.61 -7.07 -8.46
CA ILE I 255 -28.08 -7.98 -9.49
C ILE I 255 -27.69 -7.37 -10.82
N HIS I 256 -27.31 -8.22 -11.78
CA HIS I 256 -26.93 -7.77 -13.11
C HIS I 256 -28.09 -7.07 -13.80
N SER I 257 -27.77 -6.26 -14.80
CA SER I 257 -28.81 -5.59 -15.56
C SER I 257 -29.59 -6.55 -16.42
N GLN I 258 -28.91 -7.54 -17.02
CA GLN I 258 -29.63 -8.45 -17.88
C GLN I 258 -30.46 -9.45 -17.10
N LYS I 259 -30.22 -9.62 -15.81
CA LYS I 259 -31.11 -10.46 -15.01
C LYS I 259 -32.43 -9.76 -14.72
N ILE I 260 -32.37 -8.46 -14.40
CA ILE I 260 -33.57 -7.66 -14.28
C ILE I 260 -34.30 -7.60 -15.60
N GLY I 261 -33.55 -7.51 -16.70
CA GLY I 261 -34.16 -7.53 -18.01
C GLY I 261 -34.80 -8.86 -18.37
N ASN I 262 -34.23 -9.95 -17.87
CA ASN I 262 -34.85 -11.25 -18.11
C ASN I 262 -36.12 -11.40 -17.30
N ALA I 263 -36.17 -10.78 -16.13
CA ALA I 263 -37.39 -10.88 -15.35
C ALA I 263 -38.49 -10.00 -15.92
N LEU I 264 -38.13 -8.88 -16.54
CA LEU I 264 -39.16 -8.03 -17.11
C LEU I 264 -39.73 -8.60 -18.41
N ARG I 265 -38.96 -9.40 -19.12
CA ARG I 265 -39.42 -10.00 -20.37
C ARG I 265 -40.16 -11.30 -20.16
N THR I 266 -40.57 -11.63 -18.94
CA THR I 266 -41.33 -12.85 -18.70
C THR I 266 -42.81 -12.51 -18.83
N ILE I 267 -43.25 -12.45 -20.09
CA ILE I 267 -44.64 -12.16 -20.42
C ILE I 267 -45.22 -13.18 -21.39
N ASP I 268 -44.42 -14.06 -21.95
CA ASP I 268 -44.82 -14.90 -23.07
C ASP I 268 -45.71 -16.03 -22.57
N THR I 269 -47.02 -15.83 -22.64
CA THR I 269 -47.99 -16.85 -22.27
C THR I 269 -48.63 -17.51 -23.46
N TRP I 270 -47.98 -17.50 -24.62
CA TRP I 270 -48.62 -17.92 -25.87
C TRP I 270 -47.88 -19.07 -26.55
N TYR I 271 -47.00 -19.74 -25.85
CA TYR I 271 -46.22 -20.80 -26.45
C TYR I 271 -47.10 -22.04 -26.64
N PRO I 272 -46.84 -22.85 -27.68
CA PRO I 272 -47.83 -23.86 -28.10
C PRO I 272 -48.08 -24.97 -27.12
N ASP I 273 -47.18 -25.21 -26.17
CA ASP I 273 -47.40 -26.27 -25.19
C ASP I 273 -48.34 -25.77 -24.10
N GLU I 274 -48.40 -26.54 -23.01
CA GLU I 274 -49.32 -26.28 -21.92
C GLU I 274 -49.00 -24.96 -21.23
N ASP I 275 -50.03 -24.35 -20.65
CA ASP I 275 -49.85 -23.19 -19.81
C ASP I 275 -49.93 -23.54 -18.33
N GLY I 276 -49.64 -24.80 -17.98
CA GLY I 276 -49.43 -25.14 -16.59
C GLY I 276 -48.11 -24.64 -16.05
N LEU I 277 -47.18 -24.24 -16.93
CA LEU I 277 -45.92 -23.69 -16.48
C LEU I 277 -46.03 -22.22 -16.11
N GLY I 278 -46.74 -21.43 -16.90
CA GLY I 278 -46.84 -20.01 -16.67
C GLY I 278 -46.09 -19.24 -17.73
N PRO I 279 -45.90 -17.94 -17.52
CA PRO I 279 -45.20 -17.13 -18.51
C PRO I 279 -43.72 -17.42 -18.53
N ILE I 280 -43.13 -17.36 -19.72
CA ILE I 280 -41.69 -17.51 -19.87
C ILE I 280 -41.13 -16.26 -20.51
N ALA I 281 -39.81 -16.22 -20.62
CA ALA I 281 -39.13 -15.08 -21.21
C ALA I 281 -39.31 -15.06 -22.71
N VAL I 282 -39.43 -13.85 -23.26
CA VAL I 282 -39.61 -13.68 -24.70
C VAL I 282 -38.25 -13.89 -25.35
N GLU I 283 -38.07 -15.04 -25.97
CA GLU I 283 -36.85 -15.33 -26.70
C GLU I 283 -37.19 -16.00 -28.01
N PRO I 284 -36.39 -15.80 -29.04
CA PRO I 284 -36.52 -16.61 -30.25
C PRO I 284 -36.11 -18.03 -29.94
N TYR I 285 -36.88 -18.98 -30.47
CA TYR I 285 -36.91 -20.37 -30.00
C TYR I 285 -37.11 -20.39 -28.49
N GLY I 286 -38.31 -19.99 -28.07
CA GLY I 286 -38.58 -19.59 -26.70
C GLY I 286 -38.25 -20.61 -25.63
N SER I 287 -37.14 -20.37 -24.97
CA SER I 287 -36.43 -21.37 -24.20
C SER I 287 -36.26 -20.92 -22.78
N VAL I 288 -36.13 -21.87 -21.88
CA VAL I 288 -35.88 -21.62 -20.48
C VAL I 288 -34.66 -22.43 -20.05
N THR I 289 -33.69 -21.76 -19.44
CA THR I 289 -32.46 -22.42 -19.03
C THR I 289 -32.69 -23.39 -17.87
N SER I 290 -33.59 -23.03 -16.96
CA SER I 290 -33.82 -23.85 -15.78
C SER I 290 -34.58 -25.12 -16.11
N GLN I 291 -35.15 -25.22 -17.29
CA GLN I 291 -35.88 -26.42 -17.66
C GLN I 291 -35.27 -27.11 -18.89
N GLY I 292 -34.32 -26.46 -19.56
CA GLY I 292 -33.61 -27.10 -20.65
C GLY I 292 -34.45 -27.45 -21.85
N LYS I 293 -35.65 -26.88 -21.97
CA LYS I 293 -36.59 -27.18 -23.02
C LYS I 293 -36.87 -25.94 -23.82
N ALA I 294 -37.10 -26.12 -25.11
CA ALA I 294 -37.32 -25.00 -26.02
C ALA I 294 -38.72 -25.09 -26.57
N TYR I 295 -39.65 -24.36 -25.98
CA TYR I 295 -40.92 -24.13 -26.63
C TYR I 295 -40.70 -23.22 -27.85
N ARG I 296 -41.69 -23.22 -28.75
CA ARG I 296 -41.59 -22.58 -30.07
C ARG I 296 -40.39 -23.11 -30.84
N GLN I 297 -40.37 -24.42 -31.05
CA GLN I 297 -39.36 -24.99 -31.91
C GLN I 297 -39.66 -24.64 -33.37
N PRO I 298 -38.64 -24.60 -34.22
CA PRO I 298 -38.89 -24.32 -35.64
C PRO I 298 -39.50 -25.48 -36.40
N LYS I 299 -39.58 -26.68 -35.83
CA LYS I 299 -40.30 -27.76 -36.50
C LYS I 299 -41.79 -27.49 -36.52
N GLN I 300 -42.29 -26.78 -35.51
CA GLN I 300 -43.58 -26.13 -35.63
C GLN I 300 -43.38 -24.70 -36.12
N LYS I 301 -44.47 -24.09 -36.58
CA LYS I 301 -44.34 -22.80 -37.24
C LYS I 301 -44.62 -21.65 -36.27
N LEU I 302 -43.92 -21.61 -35.13
CA LEU I 302 -44.33 -20.66 -34.11
C LEU I 302 -43.18 -19.94 -33.41
N ASP I 303 -41.94 -20.05 -33.88
CA ASP I 303 -40.87 -19.30 -33.26
C ASP I 303 -40.85 -17.88 -33.80
N PHE I 304 -39.81 -17.12 -33.46
CA PHE I 304 -39.78 -15.72 -33.86
C PHE I 304 -39.44 -15.55 -35.33
N TYR I 305 -38.50 -16.33 -35.85
CA TYR I 305 -37.93 -16.08 -37.16
C TYR I 305 -38.92 -16.37 -38.28
N THR I 306 -39.58 -17.53 -38.22
CA THR I 306 -40.57 -17.85 -39.24
C THR I 306 -41.78 -16.95 -39.14
N LEU I 307 -42.13 -16.52 -37.92
CA LEU I 307 -43.27 -15.62 -37.78
C LEU I 307 -42.97 -14.25 -38.36
N LEU I 308 -41.77 -13.74 -38.14
CA LEU I 308 -41.41 -12.43 -38.71
C LEU I 308 -41.25 -12.50 -40.22
N ASP I 309 -40.59 -13.55 -40.71
CA ASP I 309 -40.40 -13.69 -42.15
C ASP I 309 -41.68 -14.08 -42.88
N ASN I 310 -42.70 -14.56 -42.19
CA ASN I 310 -43.98 -14.72 -42.85
C ASN I 310 -44.85 -13.49 -42.69
N TRP I 311 -44.59 -12.68 -41.66
CA TRP I 311 -45.37 -11.47 -41.48
C TRP I 311 -44.94 -10.37 -42.43
N VAL I 312 -43.64 -10.22 -42.65
CA VAL I 312 -43.13 -9.05 -43.33
C VAL I 312 -42.79 -9.32 -44.79
N LEU I 313 -42.52 -10.57 -45.15
CA LEU I 313 -42.21 -10.84 -46.55
C LEU I 313 -43.46 -11.15 -47.35
N ARG I 314 -44.19 -12.19 -46.95
CA ARG I 314 -45.34 -12.64 -47.71
C ARG I 314 -46.65 -12.36 -46.99
N ASP I 315 -46.62 -11.54 -45.95
CA ASP I 315 -47.78 -10.87 -45.37
C ASP I 315 -48.79 -11.83 -44.74
N GLU I 316 -48.36 -13.03 -44.37
CA GLU I 316 -49.21 -13.91 -43.56
C GLU I 316 -49.21 -13.33 -42.16
N ALA I 317 -50.17 -12.47 -41.88
CA ALA I 317 -50.25 -11.85 -40.57
C ALA I 317 -50.70 -12.88 -39.55
N PRO I 318 -49.94 -13.08 -38.49
CA PRO I 318 -50.27 -14.16 -37.54
C PRO I 318 -51.40 -13.78 -36.61
N ALA I 319 -51.66 -14.61 -35.61
CA ALA I 319 -52.66 -14.29 -34.59
C ALA I 319 -52.21 -13.08 -33.78
N VAL I 320 -53.15 -12.53 -33.03
CA VAL I 320 -52.91 -11.30 -32.27
C VAL I 320 -51.87 -11.52 -31.19
N GLU I 321 -51.91 -12.68 -30.54
CA GLU I 321 -50.91 -12.98 -29.52
C GLU I 321 -49.54 -13.29 -30.14
N GLN I 322 -49.52 -13.86 -31.34
CA GLN I 322 -48.23 -14.12 -31.97
C GLN I 322 -47.57 -12.83 -32.42
N GLN I 323 -48.33 -11.86 -32.93
CA GLN I 323 -47.69 -10.59 -33.23
C GLN I 323 -47.39 -9.80 -31.98
N HIS I 324 -48.11 -10.04 -30.89
CA HIS I 324 -47.68 -9.52 -29.59
C HIS I 324 -46.30 -10.03 -29.23
N TYR I 325 -46.07 -11.34 -29.42
CA TYR I 325 -44.78 -11.93 -29.09
C TYR I 325 -43.69 -11.42 -30.03
N VAL I 326 -44.03 -11.17 -31.30
CA VAL I 326 -43.03 -10.71 -32.26
C VAL I 326 -42.61 -9.28 -31.95
N ILE I 327 -43.57 -8.41 -31.64
CA ILE I 327 -43.21 -7.05 -31.25
C ILE I 327 -42.50 -7.03 -29.90
N ALA I 328 -42.79 -8.01 -29.03
CA ALA I 328 -42.01 -8.12 -27.80
C ALA I 328 -40.57 -8.52 -28.06
N ASN I 329 -40.34 -9.38 -29.05
CA ASN I 329 -38.97 -9.66 -29.48
C ASN I 329 -38.27 -8.44 -30.05
N LEU I 330 -38.99 -7.62 -30.81
CA LEU I 330 -38.36 -6.43 -31.36
C LEU I 330 -38.13 -5.37 -30.28
N ILE I 331 -38.92 -5.41 -29.21
CA ILE I 331 -38.63 -4.57 -28.06
C ILE I 331 -37.40 -5.06 -27.32
N ARG I 332 -37.25 -6.38 -27.25
CA ARG I 332 -36.13 -6.99 -26.53
C ARG I 332 -34.79 -6.67 -27.16
N GLY I 333 -34.73 -6.64 -28.49
CA GLY I 333 -33.47 -6.37 -29.16
C GLY I 333 -32.88 -7.61 -29.75
N GLY I 334 -31.67 -7.49 -30.24
CA GLY I 334 -30.92 -8.62 -30.72
C GLY I 334 -30.29 -8.35 -32.06
N VAL I 335 -29.63 -9.37 -32.59
CA VAL I 335 -29.09 -9.34 -33.93
C VAL I 335 -29.82 -10.40 -34.75
N PHE I 336 -30.47 -9.97 -35.82
CA PHE I 336 -31.19 -10.84 -36.73
C PHE I 336 -30.60 -10.70 -38.13
N GLY I 337 -30.98 -11.58 -39.02
CA GLY I 337 -30.45 -11.53 -40.36
C GLY I 337 -29.38 -12.57 -40.55
N GLU I 338 -29.31 -13.12 -41.75
CA GLU I 338 -28.47 -14.25 -42.07
C GLU I 338 -27.10 -13.77 -42.55
N ALA I 339 -26.36 -14.65 -43.21
CA ALA I 339 -25.12 -14.26 -43.85
C ALA I 339 -25.23 -14.52 -45.35
N ILE J 5 -1.44 19.38 -70.86
CA ILE J 5 -2.72 18.70 -70.92
C ILE J 5 -3.37 18.76 -69.54
N LEU J 6 -2.58 19.16 -68.54
CA LEU J 6 -2.97 19.20 -67.13
C LEU J 6 -3.46 17.84 -66.66
N SER J 7 -2.53 16.89 -66.66
CA SER J 7 -2.82 15.58 -66.10
C SER J 7 -2.93 15.66 -64.58
N THR J 8 -3.59 14.68 -64.00
CA THR J 8 -3.77 14.66 -62.55
C THR J 8 -2.44 14.35 -61.86
N ALA J 9 -2.33 14.82 -60.62
CA ALA J 9 -1.14 14.52 -59.84
C ALA J 9 -1.15 13.06 -59.44
N SER J 10 0.04 12.47 -59.35
CA SER J 10 0.13 11.08 -58.95
C SER J 10 0.09 10.92 -57.44
N VAL J 11 0.39 11.99 -56.71
CA VAL J 11 0.33 12.01 -55.26
C VAL J 11 -0.49 13.22 -54.84
N LEU J 12 -1.59 12.96 -54.13
CA LEU J 12 -2.43 14.02 -53.58
C LEU J 12 -2.71 13.70 -52.13
N ALA J 13 -2.71 14.71 -51.28
CA ALA J 13 -2.85 14.48 -49.84
C ALA J 13 -3.29 15.77 -49.19
N PHE J 14 -4.27 15.71 -48.31
CA PHE J 14 -4.74 16.88 -47.57
C PHE J 14 -4.73 16.58 -46.09
N GLU J 15 -4.27 17.54 -45.30
CA GLU J 15 -4.28 17.41 -43.86
C GLU J 15 -5.70 17.53 -43.32
N ARG J 16 -5.99 16.78 -42.28
CA ARG J 16 -7.32 16.80 -41.67
C ARG J 16 -7.51 18.11 -40.93
N LYS J 17 -8.37 18.96 -41.45
CA LYS J 17 -8.87 20.07 -40.66
C LYS J 17 -10.04 19.57 -39.82
N LEU J 18 -10.51 20.42 -38.91
CA LEU J 18 -11.54 20.08 -37.91
C LEU J 18 -11.10 18.88 -37.07
N ASP J 19 -10.06 19.10 -36.28
CA ASP J 19 -9.40 18.02 -35.56
C ASP J 19 -9.92 17.96 -34.13
N PRO J 20 -10.65 16.91 -33.74
CA PRO J 20 -11.10 16.79 -32.37
C PRO J 20 -10.20 15.89 -31.54
N SER J 21 -10.37 15.98 -30.24
CA SER J 21 -9.60 15.17 -29.30
C SER J 21 -10.46 14.01 -28.82
N ASP J 22 -9.88 13.19 -27.95
CA ASP J 22 -10.64 12.09 -27.37
C ASP J 22 -11.65 12.63 -26.38
N ALA J 23 -12.91 12.30 -26.59
CA ALA J 23 -13.98 12.86 -25.78
C ALA J 23 -14.08 12.08 -24.48
N LEU J 24 -13.49 12.63 -23.44
CA LEU J 24 -13.64 12.10 -22.09
C LEU J 24 -15.08 12.20 -21.65
N MET J 25 -15.55 11.27 -20.83
CA MET J 25 -16.87 11.37 -20.24
C MET J 25 -16.78 11.28 -18.74
N SER J 26 -17.61 12.05 -18.05
CA SER J 26 -17.68 12.08 -16.61
C SER J 26 -19.15 12.04 -16.19
N ALA J 27 -19.40 12.16 -14.90
CA ALA J 27 -20.75 12.00 -14.39
C ALA J 27 -21.03 12.90 -13.21
N GLY J 28 -22.30 13.18 -13.01
CA GLY J 28 -22.70 14.06 -11.93
C GLY J 28 -24.19 14.31 -11.97
N ALA J 29 -24.63 15.28 -11.19
CA ALA J 29 -26.04 15.62 -11.08
C ALA J 29 -26.35 16.84 -11.93
N TRP J 30 -27.51 16.81 -12.57
CA TRP J 30 -28.02 17.97 -13.27
C TRP J 30 -28.36 19.07 -12.27
N ALA J 31 -28.42 20.31 -12.77
CA ALA J 31 -28.68 21.54 -12.03
C ALA J 31 -27.61 21.84 -10.99
N GLN J 32 -26.44 21.25 -11.11
CA GLN J 32 -25.20 21.84 -10.62
C GLN J 32 -24.13 21.61 -11.66
N ARG J 33 -24.55 21.56 -12.92
CA ARG J 33 -23.65 21.37 -14.05
C ARG J 33 -22.83 22.61 -14.35
N ASP J 34 -23.15 23.74 -13.73
CA ASP J 34 -22.35 24.94 -13.89
C ASP J 34 -21.00 24.82 -13.21
N ALA J 35 -20.94 24.11 -12.08
CA ALA J 35 -19.69 23.87 -11.36
C ALA J 35 -19.11 22.50 -11.69
N SER J 36 -19.26 22.07 -12.93
CA SER J 36 -18.85 20.72 -13.33
C SER J 36 -17.41 20.69 -13.81
N GLN J 37 -16.49 21.17 -12.98
CA GLN J 37 -15.08 21.04 -13.27
C GLN J 37 -14.40 19.96 -12.46
N GLU J 38 -15.03 19.49 -11.39
CA GLU J 38 -14.45 18.48 -10.53
C GLU J 38 -15.37 17.28 -10.41
N TRP J 39 -16.10 16.99 -11.47
CA TRP J 39 -16.93 15.80 -11.50
C TRP J 39 -16.06 14.56 -11.68
N PRO J 40 -16.36 13.48 -10.99
CA PRO J 40 -15.55 12.27 -11.12
C PRO J 40 -15.83 11.59 -12.45
N ALA J 41 -14.93 10.72 -12.85
CA ALA J 41 -15.02 10.13 -14.17
C ALA J 41 -15.83 8.85 -14.15
N VAL J 42 -16.32 8.47 -15.33
CA VAL J 42 -17.00 7.20 -15.50
C VAL J 42 -15.97 6.12 -15.79
N THR J 43 -15.92 5.10 -14.96
CA THR J 43 -14.90 4.07 -15.06
C THR J 43 -15.43 2.81 -15.70
N VAL J 44 -14.59 2.18 -16.49
CA VAL J 44 -14.92 0.96 -17.22
C VAL J 44 -14.60 -0.23 -16.34
N ARG J 45 -15.60 -1.05 -16.06
CA ARG J 45 -15.45 -2.24 -15.25
C ARG J 45 -15.99 -3.45 -16.00
N GLU J 46 -15.64 -4.63 -15.53
CA GLU J 46 -16.08 -5.88 -16.13
C GLU J 46 -17.35 -6.35 -15.47
N LYS J 47 -18.16 -7.08 -16.23
CA LYS J 47 -19.26 -7.85 -15.67
C LYS J 47 -19.43 -9.08 -16.54
N SER J 48 -19.98 -10.12 -15.96
CA SER J 48 -20.06 -11.43 -16.61
C SER J 48 -21.48 -11.69 -17.05
N VAL J 49 -21.66 -11.97 -18.33
CA VAL J 49 -22.98 -12.18 -18.90
C VAL J 49 -23.03 -13.57 -19.51
N ARG J 50 -24.22 -14.15 -19.56
CA ARG J 50 -24.46 -15.40 -20.27
C ARG J 50 -25.86 -15.38 -20.84
N GLY J 51 -26.13 -16.29 -21.76
CA GLY J 51 -27.45 -16.42 -22.33
C GLY J 51 -27.40 -17.56 -23.30
N THR J 52 -28.56 -17.88 -23.87
CA THR J 52 -28.61 -18.99 -24.79
C THR J 52 -28.25 -18.51 -26.19
N ILE J 53 -28.50 -19.37 -27.17
CA ILE J 53 -28.21 -19.02 -28.55
C ILE J 53 -29.49 -18.55 -29.24
N SER J 54 -29.43 -17.37 -29.82
CA SER J 54 -30.63 -16.78 -30.41
C SER J 54 -30.66 -16.75 -31.92
N ASN J 55 -29.52 -16.85 -32.62
CA ASN J 55 -29.54 -16.59 -34.05
C ASN J 55 -30.10 -17.79 -34.82
N ARG J 56 -30.20 -17.63 -36.13
CA ARG J 56 -30.94 -18.57 -36.95
C ARG J 56 -30.15 -19.86 -37.18
N LEU J 57 -30.89 -20.96 -37.31
CA LEU J 57 -30.29 -22.25 -37.58
C LEU J 57 -29.85 -22.33 -39.03
N LYS J 58 -28.85 -23.18 -39.30
CA LYS J 58 -28.34 -23.36 -40.66
C LYS J 58 -29.10 -24.46 -41.39
N THR J 59 -30.36 -24.67 -41.00
CA THR J 59 -31.44 -25.28 -41.78
C THR J 59 -31.27 -26.80 -41.96
N LYS J 60 -30.06 -27.32 -41.72
CA LYS J 60 -29.81 -28.75 -41.82
C LYS J 60 -29.70 -29.39 -40.45
N ASP J 61 -29.64 -28.59 -39.39
CA ASP J 61 -29.56 -29.09 -38.02
C ASP J 61 -30.75 -28.62 -37.18
N ARG J 62 -31.96 -28.65 -37.73
CA ARG J 62 -33.13 -28.09 -37.08
C ARG J 62 -33.79 -29.04 -36.09
N ASP J 63 -33.17 -30.18 -35.80
CA ASP J 63 -33.82 -31.22 -35.02
C ASP J 63 -33.90 -30.83 -33.55
N PRO J 64 -34.92 -31.31 -32.82
CA PRO J 64 -35.07 -30.89 -31.40
C PRO J 64 -33.98 -31.41 -30.49
N ALA J 65 -33.30 -32.47 -30.87
CA ALA J 65 -32.26 -33.06 -30.02
C ALA J 65 -31.10 -32.10 -29.81
N LYS J 66 -30.48 -31.63 -30.90
CA LYS J 66 -29.35 -30.73 -30.73
C LYS J 66 -29.80 -29.30 -30.39
N LEU J 67 -31.07 -28.99 -30.63
CA LEU J 67 -31.60 -27.71 -30.15
C LEU J 67 -31.65 -27.69 -28.62
N ASP J 68 -32.24 -28.72 -28.02
CA ASP J 68 -32.27 -28.77 -26.56
C ASP J 68 -30.90 -29.05 -25.98
N ALA J 69 -30.04 -29.76 -26.71
CA ALA J 69 -28.67 -29.95 -26.26
C ALA J 69 -27.85 -28.67 -26.38
N SER J 70 -28.27 -27.72 -27.21
CA SER J 70 -27.60 -26.44 -27.31
C SER J 70 -28.09 -25.46 -26.27
N ILE J 71 -29.38 -25.51 -25.91
CA ILE J 71 -29.82 -24.59 -24.87
C ILE J 71 -29.52 -25.11 -23.48
N GLN J 72 -28.92 -26.29 -23.36
CA GLN J 72 -28.33 -26.70 -22.10
C GLN J 72 -26.83 -26.43 -22.03
N SER J 73 -26.29 -25.68 -22.98
CA SER J 73 -24.89 -25.25 -22.93
C SER J 73 -24.85 -23.78 -23.29
N PRO J 74 -25.15 -22.89 -22.34
CA PRO J 74 -25.12 -21.46 -22.65
C PRO J 74 -23.70 -20.97 -22.81
N ASN J 75 -23.56 -19.88 -23.54
CA ASN J 75 -22.23 -19.30 -23.75
C ASN J 75 -21.93 -18.35 -22.60
N LEU J 76 -20.66 -18.23 -22.26
CA LEU J 76 -20.22 -17.50 -21.08
C LEU J 76 -19.26 -16.40 -21.51
N GLN J 77 -19.53 -15.17 -21.08
CA GLN J 77 -18.75 -14.04 -21.51
C GLN J 77 -18.30 -13.20 -20.33
N THR J 78 -17.36 -12.32 -20.61
CA THR J 78 -16.95 -11.28 -19.67
C THR J 78 -16.88 -9.99 -20.46
N VAL J 79 -17.85 -9.12 -20.28
CA VAL J 79 -17.95 -7.90 -21.07
C VAL J 79 -17.62 -6.72 -20.20
N ASP J 80 -17.28 -5.60 -20.84
CA ASP J 80 -17.09 -4.37 -20.13
C ASP J 80 -18.34 -3.51 -20.22
N VAL J 81 -18.66 -2.84 -19.14
CA VAL J 81 -19.75 -1.89 -19.14
C VAL J 81 -19.24 -0.61 -18.53
N ALA J 82 -19.86 0.50 -18.88
CA ALA J 82 -19.61 1.77 -18.24
C ALA J 82 -20.94 2.30 -17.76
N ASN J 83 -21.16 2.27 -16.45
CA ASN J 83 -22.41 2.73 -15.90
C ASN J 83 -22.18 4.06 -15.20
N LEU J 84 -23.21 4.90 -15.21
CA LEU J 84 -23.23 6.04 -14.34
C LEU J 84 -23.30 5.58 -12.89
N PRO J 85 -22.86 6.41 -11.95
CA PRO J 85 -23.05 6.08 -10.54
C PRO J 85 -24.54 6.09 -10.18
N SER J 86 -24.84 5.51 -9.03
CA SER J 86 -26.24 5.36 -8.65
C SER J 86 -26.82 6.62 -8.03
N ASP J 87 -26.06 7.71 -7.97
CA ASP J 87 -26.51 8.97 -7.40
C ASP J 87 -26.26 10.13 -8.35
N ALA J 88 -26.33 9.86 -9.66
CA ALA J 88 -26.02 10.85 -10.68
C ALA J 88 -26.83 10.53 -11.91
N ASP J 89 -27.45 11.55 -12.51
CA ASP J 89 -28.25 11.33 -13.69
C ASP J 89 -27.81 12.15 -14.88
N THR J 90 -26.55 12.54 -14.97
CA THR J 90 -26.07 13.37 -16.06
C THR J 90 -24.74 12.83 -16.55
N LEU J 91 -24.58 12.77 -17.86
CA LEU J 91 -23.34 12.35 -18.49
C LEU J 91 -22.69 13.57 -19.12
N LYS J 92 -21.47 13.88 -18.72
CA LYS J 92 -20.78 15.08 -19.19
C LYS J 92 -19.64 14.67 -20.10
N VAL J 93 -19.79 14.94 -21.40
CA VAL J 93 -18.80 14.58 -22.40
C VAL J 93 -18.12 15.87 -22.85
N ARG J 94 -16.80 15.90 -22.81
CA ARG J 94 -16.06 17.11 -23.04
C ARG J 94 -14.83 16.83 -23.90
N PHE J 95 -14.67 17.59 -24.98
CA PHE J 95 -13.53 17.43 -25.85
C PHE J 95 -13.17 18.78 -26.45
N THR J 96 -11.97 18.84 -27.03
CA THR J 96 -11.41 20.07 -27.56
C THR J 96 -11.37 19.96 -29.08
N LEU J 97 -11.62 21.07 -29.76
CA LEU J 97 -11.71 21.06 -31.21
C LEU J 97 -10.81 22.15 -31.77
N ARG J 98 -10.02 21.80 -32.77
CA ARG J 98 -9.18 22.74 -33.48
C ARG J 98 -9.67 22.87 -34.92
N VAL J 99 -9.94 24.09 -35.35
CA VAL J 99 -10.23 24.38 -36.74
C VAL J 99 -8.94 24.97 -37.30
N LEU J 100 -8.30 24.25 -38.22
CA LEU J 100 -6.92 24.57 -38.54
C LEU J 100 -6.81 25.72 -39.54
N GLY J 101 -7.31 25.52 -40.74
CA GLY J 101 -7.25 26.62 -41.69
C GLY J 101 -6.24 26.39 -42.79
N GLY J 102 -6.50 26.99 -43.94
CA GLY J 102 -5.74 26.68 -45.14
C GLY J 102 -6.31 25.43 -45.77
N ALA J 103 -7.61 25.43 -45.98
CA ALA J 103 -8.31 24.19 -46.29
C ALA J 103 -8.32 23.85 -47.76
N GLY J 104 -7.39 24.40 -48.54
CA GLY J 104 -7.37 24.06 -49.94
C GLY J 104 -6.06 23.49 -50.40
N THR J 105 -4.98 23.88 -49.72
CA THR J 105 -3.65 23.54 -50.16
C THR J 105 -3.33 22.09 -49.85
N PRO J 106 -2.86 21.32 -50.81
CA PRO J 106 -2.52 19.93 -50.53
C PRO J 106 -1.20 19.82 -49.78
N SER J 107 -1.11 18.79 -48.95
CA SER J 107 0.13 18.56 -48.24
C SER J 107 1.18 17.88 -49.10
N ALA J 108 0.79 17.34 -50.24
CA ALA J 108 1.73 16.75 -51.17
C ALA J 108 1.13 16.78 -52.56
N CYS J 109 1.92 17.20 -53.54
CA CYS J 109 1.48 17.25 -54.92
C CYS J 109 2.69 17.15 -55.82
N ASN J 110 2.61 16.31 -56.85
CA ASN J 110 3.68 16.21 -57.82
C ASN J 110 3.72 17.42 -58.73
N ASP J 111 2.63 17.65 -59.47
CA ASP J 111 2.59 18.69 -60.49
C ASP J 111 2.35 20.04 -59.84
N ALA J 112 3.21 21.01 -60.16
CA ALA J 112 2.95 22.38 -59.75
C ALA J 112 1.81 22.99 -60.55
N ALA J 113 1.60 22.51 -61.77
CA ALA J 113 0.48 23.00 -62.58
C ALA J 113 -0.85 22.55 -62.01
N TYR J 114 -0.94 21.31 -61.57
CA TYR J 114 -2.10 20.85 -60.82
C TYR J 114 -2.25 21.62 -59.52
N ARG J 115 -1.13 21.97 -58.88
CA ARG J 115 -1.18 22.63 -57.59
C ARG J 115 -1.74 24.04 -57.70
N ASP J 116 -1.24 24.85 -58.64
CA ASP J 116 -1.77 26.22 -58.68
C ASP J 116 -3.13 26.28 -59.39
N LYS J 117 -3.43 25.31 -60.27
CA LYS J 117 -4.77 25.24 -60.81
C LYS J 117 -5.80 24.90 -59.73
N LEU J 118 -5.45 23.95 -58.86
CA LEU J 118 -6.34 23.58 -57.77
C LEU J 118 -6.45 24.70 -56.75
N LEU J 119 -5.35 25.41 -56.49
CA LEU J 119 -5.39 26.51 -55.54
C LEU J 119 -6.21 27.67 -56.09
N GLN J 120 -6.11 27.92 -57.40
CA GLN J 120 -6.95 28.91 -58.05
C GLN J 120 -8.42 28.52 -57.99
N THR J 121 -8.71 27.23 -58.14
CA THR J 121 -10.10 26.77 -58.09
C THR J 121 -10.69 26.90 -56.69
N VAL J 122 -9.89 26.56 -55.66
CA VAL J 122 -10.33 26.71 -54.28
C VAL J 122 -10.54 28.17 -53.93
N ALA J 123 -9.64 29.05 -54.40
CA ALA J 123 -9.82 30.48 -54.18
C ALA J 123 -11.04 31.02 -54.91
N THR J 124 -11.33 30.47 -56.11
CA THR J 124 -12.52 30.83 -56.86
C THR J 124 -13.78 30.45 -56.09
N TYR J 125 -13.76 29.28 -55.46
CA TYR J 125 -14.87 28.86 -54.62
C TYR J 125 -15.04 29.78 -53.42
N VAL J 126 -13.94 30.15 -52.77
CA VAL J 126 -14.08 30.84 -51.49
C VAL J 126 -14.41 32.32 -51.70
N ASN J 127 -14.03 32.91 -52.84
CA ASN J 127 -14.46 34.30 -53.02
C ASN J 127 -15.80 34.36 -53.73
N ASP J 128 -16.21 33.27 -54.38
CA ASP J 128 -17.60 33.18 -54.83
C ASP J 128 -18.52 33.08 -53.63
N GLN J 129 -18.33 32.07 -52.78
CA GLN J 129 -19.10 31.91 -51.56
C GLN J 129 -18.20 31.25 -50.53
N GLY J 130 -17.98 31.93 -49.42
CA GLY J 130 -17.06 31.44 -48.41
C GLY J 130 -17.58 30.20 -47.71
N PHE J 131 -16.81 29.77 -46.72
CA PHE J 131 -17.24 28.61 -45.95
C PHE J 131 -18.39 29.01 -45.05
N ALA J 132 -19.59 29.12 -45.62
CA ALA J 132 -20.77 29.53 -44.88
C ALA J 132 -21.92 28.56 -45.05
N GLU J 133 -21.84 27.66 -46.01
CA GLU J 133 -22.74 26.52 -46.01
C GLU J 133 -22.12 25.34 -45.29
N LEU J 134 -20.81 25.16 -45.42
CA LEU J 134 -20.15 24.06 -44.73
C LEU J 134 -20.03 24.37 -43.24
N ALA J 135 -19.64 25.58 -42.89
CA ALA J 135 -19.46 25.91 -41.48
C ALA J 135 -20.79 26.01 -40.75
N ARG J 136 -21.86 26.29 -41.49
CA ARG J 136 -23.20 26.23 -40.89
C ARG J 136 -23.54 24.83 -40.47
N ARG J 137 -23.23 23.84 -41.29
CA ARG J 137 -23.59 22.48 -40.95
C ARG J 137 -22.63 21.86 -39.94
N TYR J 138 -21.36 22.29 -39.95
CA TYR J 138 -20.44 21.90 -38.88
C TYR J 138 -20.89 22.48 -37.54
N ALA J 139 -21.36 23.73 -37.54
CA ALA J 139 -21.89 24.30 -36.32
C ALA J 139 -23.19 23.64 -35.91
N HIS J 140 -23.95 23.10 -36.86
CA HIS J 140 -25.13 22.32 -36.51
C HIS J 140 -24.73 21.03 -35.81
N ASN J 141 -23.77 20.30 -36.36
CA ASN J 141 -23.35 19.05 -35.74
C ASN J 141 -22.63 19.27 -34.42
N LEU J 142 -22.10 20.45 -34.18
CA LEU J 142 -21.63 20.76 -32.84
C LEU J 142 -22.77 21.24 -31.96
N ALA J 143 -23.84 21.75 -32.57
CA ALA J 143 -24.93 22.30 -31.79
C ALA J 143 -25.85 21.21 -31.28
N ASN J 144 -26.48 20.47 -32.18
CA ASN J 144 -27.13 19.24 -31.79
C ASN J 144 -26.06 18.21 -31.52
N ALA J 145 -26.15 17.52 -30.40
CA ALA J 145 -25.07 16.65 -29.95
C ALA J 145 -25.12 15.34 -30.72
N ARG J 146 -24.68 15.40 -31.98
CA ARG J 146 -24.59 14.19 -32.75
C ARG J 146 -23.36 13.38 -32.40
N PHE J 147 -22.40 13.99 -31.70
CA PHE J 147 -21.22 13.24 -31.29
C PHE J 147 -21.50 12.33 -30.10
N LEU J 148 -22.57 12.59 -29.37
CA LEU J 148 -23.11 11.63 -28.41
C LEU J 148 -23.86 10.59 -29.23
N TRP J 149 -23.24 9.45 -29.50
CA TRP J 149 -23.77 8.58 -30.55
C TRP J 149 -24.99 7.78 -30.08
N ARG J 150 -24.80 6.88 -29.12
CA ARG J 150 -25.91 6.16 -28.53
C ARG J 150 -26.29 6.76 -27.19
N ASN J 151 -25.49 7.67 -26.67
CA ASN J 151 -25.78 8.36 -25.43
C ASN J 151 -26.86 9.42 -25.58
N ARG J 152 -27.34 9.65 -26.79
CA ARG J 152 -28.33 10.66 -27.09
C ARG J 152 -29.74 10.10 -27.18
N VAL J 153 -29.90 8.81 -27.51
CA VAL J 153 -31.16 8.30 -28.03
C VAL J 153 -32.29 8.21 -27.03
N GLY J 154 -32.05 8.51 -25.76
CA GLY J 154 -33.15 8.47 -24.83
C GLY J 154 -33.09 9.53 -23.76
N ALA J 155 -32.28 10.56 -23.98
CA ALA J 155 -32.01 11.53 -22.93
C ALA J 155 -33.19 12.46 -22.73
N GLU J 156 -33.39 12.86 -21.47
CA GLU J 156 -34.47 13.79 -21.17
C GLU J 156 -34.15 15.19 -21.66
N ALA J 157 -32.90 15.62 -21.50
CA ALA J 157 -32.53 16.97 -21.93
C ALA J 157 -31.04 16.99 -22.18
N VAL J 158 -30.65 17.37 -23.38
CA VAL J 158 -29.24 17.53 -23.73
C VAL J 158 -28.96 19.01 -23.86
N GLU J 159 -27.87 19.46 -23.25
CA GLU J 159 -27.46 20.85 -23.37
C GLU J 159 -25.99 20.87 -23.75
N VAL J 160 -25.66 21.61 -24.81
CA VAL J 160 -24.30 21.67 -25.33
C VAL J 160 -23.75 23.08 -25.08
N ARG J 161 -22.55 23.16 -24.52
CA ARG J 161 -21.88 24.42 -24.28
C ARG J 161 -20.59 24.43 -25.08
N ILE J 162 -20.41 25.44 -25.92
CA ILE J 162 -19.19 25.60 -26.70
C ILE J 162 -18.55 26.92 -26.34
N ASN J 163 -17.32 26.89 -25.85
CA ASN J 163 -16.60 28.09 -25.46
C ASN J 163 -15.36 28.24 -26.32
N HIS J 164 -15.32 29.32 -27.10
CA HIS J 164 -14.13 29.62 -27.90
C HIS J 164 -13.03 30.12 -26.97
N ILE J 165 -11.91 29.43 -26.97
CA ILE J 165 -10.79 29.76 -26.10
C ILE J 165 -9.85 30.68 -26.85
N ARG J 166 -9.48 31.78 -26.22
CA ARG J 166 -8.44 32.69 -26.68
C ARG J 166 -7.08 32.12 -26.22
N GLN J 167 -6.04 32.95 -26.13
CA GLN J 167 -4.72 32.52 -25.69
C GLN J 167 -4.74 31.85 -24.32
N GLY J 168 -5.61 32.29 -23.43
CA GLY J 168 -5.68 31.64 -22.13
C GLY J 168 -7.04 31.55 -21.48
N GLU J 169 -8.09 32.02 -22.13
CA GLU J 169 -9.36 32.20 -21.43
C GLU J 169 -10.49 32.21 -22.44
N VAL J 170 -11.73 32.23 -21.92
CA VAL J 170 -12.90 32.02 -22.76
C VAL J 170 -13.24 33.31 -23.49
N ALA J 171 -13.15 33.26 -24.82
CA ALA J 171 -13.36 34.48 -25.60
C ALA J 171 -14.82 34.74 -25.89
N ARG J 172 -15.62 33.68 -25.98
CA ARG J 172 -17.05 33.82 -26.30
C ARG J 172 -17.75 32.52 -25.94
N ALA J 173 -18.85 32.63 -25.19
CA ALA J 173 -19.57 31.48 -24.69
C ALA J 173 -20.86 31.28 -25.45
N TRP J 174 -21.10 30.05 -25.89
CA TRP J 174 -22.38 29.65 -26.47
C TRP J 174 -23.08 28.67 -25.53
N ARG J 175 -24.37 28.47 -25.77
CA ARG J 175 -25.13 27.49 -25.02
C ARG J 175 -26.34 27.10 -25.86
N PHE J 176 -26.51 25.80 -26.08
CA PHE J 176 -27.55 25.30 -26.97
C PHE J 176 -28.41 24.27 -26.24
N ASP J 177 -29.55 23.96 -26.84
CA ASP J 177 -30.39 22.85 -26.41
C ASP J 177 -30.48 21.88 -27.58
N ALA J 178 -29.77 20.76 -27.47
CA ALA J 178 -29.56 19.88 -28.60
C ALA J 178 -30.78 19.07 -28.99
N LEU J 179 -31.83 19.08 -28.18
CA LEU J 179 -33.05 18.39 -28.56
C LEU J 179 -33.99 19.30 -29.32
N ALA J 180 -33.87 20.62 -29.16
CA ALA J 180 -34.65 21.54 -29.96
C ALA J 180 -34.14 21.59 -31.39
N ILE J 181 -32.84 21.40 -31.57
CA ILE J 181 -32.24 21.34 -32.90
C ILE J 181 -32.26 19.89 -33.37
N GLY J 182 -32.94 19.64 -34.47
CA GLY J 182 -33.11 18.28 -34.95
C GLY J 182 -31.86 17.70 -35.56
N LEU J 183 -31.94 16.41 -35.87
CA LEU J 183 -30.82 15.69 -36.46
C LEU J 183 -30.89 15.61 -37.97
N ARG J 184 -31.83 16.31 -38.61
CA ARG J 184 -31.95 16.22 -40.05
C ARG J 184 -32.25 17.54 -40.76
N ASP J 185 -32.26 18.67 -40.08
CA ASP J 185 -32.58 19.95 -40.68
C ASP J 185 -31.51 20.96 -40.30
N PHE J 186 -31.08 21.76 -41.28
CA PHE J 186 -30.06 22.77 -41.05
C PHE J 186 -30.70 24.15 -41.23
N LYS J 187 -31.27 24.65 -40.13
CA LYS J 187 -31.99 25.92 -40.17
C LYS J 187 -31.05 27.08 -39.86
N ALA J 188 -31.62 28.23 -39.53
CA ALA J 188 -30.83 29.42 -39.25
C ALA J 188 -31.18 29.97 -37.87
N ASP J 189 -30.15 30.10 -37.02
CA ASP J 189 -30.26 30.70 -35.70
C ASP J 189 -29.21 31.79 -35.62
N ALA J 190 -29.36 32.66 -34.61
CA ALA J 190 -28.38 33.74 -34.45
C ALA J 190 -27.05 33.20 -33.93
N GLU J 191 -27.09 32.42 -32.85
CA GLU J 191 -25.87 31.87 -32.27
C GLU J 191 -25.25 30.83 -33.18
N LEU J 192 -26.09 30.11 -33.95
CA LEU J 192 -25.57 29.18 -34.93
C LEU J 192 -24.81 29.91 -36.02
N ASP J 193 -25.31 31.07 -36.44
CA ASP J 193 -24.59 31.83 -37.45
C ASP J 193 -23.32 32.46 -36.90
N ALA J 194 -23.32 32.85 -35.61
CA ALA J 194 -22.10 33.37 -35.02
C ALA J 194 -21.03 32.29 -34.90
N LEU J 195 -21.43 31.08 -34.48
CA LEU J 195 -20.50 29.96 -34.40
C LEU J 195 -20.02 29.56 -35.79
N ALA J 196 -20.90 29.62 -36.78
CA ALA J 196 -20.52 29.27 -38.14
C ALA J 196 -19.56 30.30 -38.71
N GLU J 197 -19.70 31.57 -38.34
CA GLU J 197 -18.74 32.56 -38.79
C GLU J 197 -17.40 32.40 -38.09
N LEU J 198 -17.41 31.93 -36.84
CA LEU J 198 -16.13 31.63 -36.18
C LEU J 198 -15.42 30.46 -36.85
N ILE J 199 -16.16 29.40 -37.18
CA ILE J 199 -15.56 28.28 -37.92
C ILE J 199 -15.13 28.70 -39.32
N ALA J 200 -15.85 29.66 -39.93
CA ALA J 200 -15.46 30.17 -41.23
C ALA J 200 -14.15 30.94 -41.17
N SER J 201 -14.03 31.82 -40.17
CA SER J 201 -12.79 32.56 -39.96
C SER J 201 -11.64 31.63 -39.59
N GLY J 202 -11.93 30.51 -38.96
CA GLY J 202 -10.90 29.52 -38.72
C GLY J 202 -10.46 28.83 -39.99
N LEU J 203 -11.41 28.35 -40.79
CA LEU J 203 -11.09 27.61 -41.99
C LEU J 203 -10.44 28.46 -43.07
N SER J 204 -10.71 29.76 -43.08
CA SER J 204 -10.13 30.61 -44.11
C SER J 204 -8.74 31.11 -43.74
N GLY J 205 -8.52 31.47 -42.48
CA GLY J 205 -7.26 32.07 -42.06
C GLY J 205 -6.11 31.08 -42.01
N SER J 206 -5.01 31.53 -41.42
CA SER J 206 -3.84 30.68 -41.30
C SER J 206 -3.64 30.15 -39.89
N GLY J 207 -4.08 30.88 -38.87
CA GLY J 207 -3.98 30.42 -37.50
C GLY J 207 -5.09 29.44 -37.18
N HIS J 208 -4.86 28.67 -36.13
CA HIS J 208 -5.84 27.71 -35.67
C HIS J 208 -6.86 28.37 -34.76
N VAL J 209 -8.06 27.82 -34.72
CA VAL J 209 -9.10 28.26 -33.80
C VAL J 209 -9.47 27.10 -32.90
N LEU J 210 -9.38 27.33 -31.60
CA LEU J 210 -9.60 26.30 -30.59
C LEU J 210 -10.98 26.46 -30.00
N LEU J 211 -11.73 25.37 -29.92
CA LEU J 211 -13.05 25.34 -29.30
C LEU J 211 -13.08 24.24 -28.25
N GLU J 212 -13.76 24.50 -27.15
CA GLU J 212 -14.04 23.51 -26.13
C GLU J 212 -15.52 23.19 -26.18
N VAL J 213 -15.85 21.92 -26.33
CA VAL J 213 -17.25 21.49 -26.42
C VAL J 213 -17.57 20.65 -25.22
N VAL J 214 -18.63 21.01 -24.50
CA VAL J 214 -19.14 20.23 -23.38
C VAL J 214 -20.56 19.82 -23.72
N ALA J 215 -20.93 18.59 -23.40
CA ALA J 215 -22.27 18.08 -23.70
C ALA J 215 -22.79 17.35 -22.49
N PHE J 216 -23.82 17.89 -21.86
CA PHE J 216 -24.49 17.24 -20.76
C PHE J 216 -25.69 16.50 -21.29
N ALA J 217 -25.86 15.24 -20.87
CA ALA J 217 -27.01 14.45 -21.27
C ALA J 217 -27.65 13.88 -20.01
N ARG J 218 -28.89 14.27 -19.75
CA ARG J 218 -29.60 13.80 -18.56
C ARG J 218 -30.25 12.47 -18.89
N ILE J 219 -29.56 11.38 -18.55
CA ILE J 219 -30.08 10.05 -18.84
C ILE J 219 -30.91 9.55 -17.68
N GLY J 220 -30.29 9.37 -16.54
CA GLY J 220 -30.95 8.78 -15.39
C GLY J 220 -29.94 8.21 -14.43
N ASP J 221 -30.42 7.82 -13.26
CA ASP J 221 -29.55 7.31 -12.22
C ASP J 221 -29.06 5.92 -12.58
N GLY J 222 -27.75 5.76 -12.64
CA GLY J 222 -27.17 4.44 -12.79
C GLY J 222 -27.37 3.77 -14.13
N GLN J 223 -27.82 4.50 -15.14
CA GLN J 223 -28.04 3.90 -16.45
C GLN J 223 -26.70 3.69 -17.15
N GLU J 224 -26.78 3.12 -18.35
CA GLU J 224 -25.58 2.76 -19.08
C GLU J 224 -25.21 3.83 -20.09
N VAL J 225 -23.94 4.21 -20.11
CA VAL J 225 -23.41 5.05 -21.15
C VAL J 225 -22.57 4.20 -22.08
N PHE J 226 -22.23 4.74 -23.25
CA PHE J 226 -21.67 3.95 -24.34
C PHE J 226 -20.44 4.63 -24.90
N PRO J 227 -19.25 4.33 -24.38
CA PRO J 227 -18.03 4.84 -24.99
C PRO J 227 -17.65 4.01 -26.19
N SER J 228 -16.56 4.39 -26.84
CA SER J 228 -16.09 3.64 -28.00
C SER J 228 -15.55 2.29 -27.58
N GLN J 229 -15.67 1.34 -28.49
CA GLN J 229 -15.28 -0.03 -28.24
C GLN J 229 -14.04 -0.32 -29.08
N GLU J 230 -13.02 -0.87 -28.46
CA GLU J 230 -11.73 -0.93 -29.10
C GLU J 230 -11.65 -2.08 -30.09
N LEU J 231 -11.21 -1.77 -31.30
CA LEU J 231 -11.03 -2.78 -32.34
C LEU J 231 -9.70 -3.46 -32.09
N ILE J 232 -9.77 -4.71 -31.62
CA ILE J 232 -8.61 -5.54 -31.35
C ILE J 232 -8.80 -6.81 -32.15
N LEU J 233 -7.72 -7.31 -32.77
CA LEU J 233 -7.70 -8.66 -33.28
C LEU J 233 -6.61 -9.46 -32.58
N ASP J 234 -6.62 -10.79 -32.82
CA ASP J 234 -5.74 -11.78 -32.16
C ASP J 234 -5.94 -11.73 -30.64
N LYS J 235 -7.11 -12.21 -30.22
CA LYS J 235 -7.61 -11.90 -28.89
C LYS J 235 -7.02 -12.83 -27.81
N GLY J 236 -6.75 -14.10 -28.13
CA GLY J 236 -6.01 -14.94 -27.20
C GLY J 236 -6.58 -16.29 -26.81
N ASP J 237 -6.78 -16.52 -25.50
CA ASP J 237 -7.32 -17.79 -25.00
C ASP J 237 -8.56 -17.58 -24.12
N LYS J 238 -9.58 -18.42 -24.38
CA LYS J 238 -10.95 -18.30 -23.89
C LYS J 238 -11.13 -18.39 -22.39
N LYS J 239 -10.10 -18.74 -21.63
CA LYS J 239 -10.30 -18.73 -20.20
C LYS J 239 -10.14 -17.31 -19.68
N GLY J 240 -9.30 -16.50 -20.31
CA GLY J 240 -9.07 -15.16 -19.80
C GLY J 240 -9.52 -14.04 -20.71
N GLN J 241 -9.93 -14.40 -21.92
CA GLN J 241 -10.24 -13.43 -22.95
C GLN J 241 -11.48 -12.62 -22.59
N LYS J 242 -11.45 -11.34 -22.91
CA LYS J 242 -12.58 -10.45 -22.71
C LYS J 242 -13.28 -10.30 -24.05
N SER J 243 -14.61 -10.23 -24.02
CA SER J 243 -15.35 -10.26 -25.27
C SER J 243 -15.55 -8.88 -25.87
N LYS J 244 -15.64 -7.86 -25.03
CA LYS J 244 -15.97 -6.52 -25.50
C LYS J 244 -15.20 -5.52 -24.65
N THR J 245 -14.27 -4.80 -25.27
CA THR J 245 -13.37 -3.91 -24.56
C THR J 245 -13.75 -2.48 -24.88
N LEU J 246 -13.96 -1.68 -23.85
CA LEU J 246 -14.30 -0.29 -24.02
C LEU J 246 -13.03 0.55 -23.99
N TYR J 247 -13.11 1.74 -24.57
CA TYR J 247 -11.97 2.64 -24.62
C TYR J 247 -11.83 3.37 -23.31
N SER J 248 -10.59 3.57 -22.88
CA SER J 248 -10.34 4.27 -21.63
C SER J 248 -8.99 4.94 -21.71
N VAL J 249 -8.96 6.27 -21.66
CA VAL J 249 -7.71 6.99 -21.85
C VAL J 249 -6.82 6.90 -20.61
N ARG J 250 -7.27 7.45 -19.49
CA ARG J 250 -6.52 7.28 -18.24
C ARG J 250 -7.52 6.91 -17.13
N ASP J 251 -7.86 5.63 -17.08
CA ASP J 251 -8.85 5.07 -16.14
C ASP J 251 -10.17 5.83 -16.18
N ALA J 252 -10.59 6.21 -17.38
CA ALA J 252 -11.81 6.99 -17.57
C ALA J 252 -12.29 6.67 -18.97
N ALA J 253 -13.58 6.34 -19.10
CA ALA J 253 -14.12 5.97 -20.40
C ALA J 253 -14.10 7.15 -21.34
N ALA J 254 -14.06 6.87 -22.63
CA ALA J 254 -13.90 7.93 -23.59
C ALA J 254 -14.40 7.47 -24.94
N ILE J 255 -14.93 8.40 -25.69
CA ILE J 255 -15.23 8.17 -27.10
C ILE J 255 -13.96 8.46 -27.88
N HIS J 256 -13.71 7.65 -28.91
CA HIS J 256 -12.55 7.85 -29.76
C HIS J 256 -12.62 9.19 -30.47
N SER J 257 -11.46 9.69 -30.91
CA SER J 257 -11.43 10.96 -31.61
C SER J 257 -12.07 10.85 -32.99
N GLN J 258 -11.82 9.75 -33.69
CA GLN J 258 -12.34 9.64 -35.04
C GLN J 258 -13.84 9.39 -35.05
N LYS J 259 -14.40 8.91 -33.94
CA LYS J 259 -15.85 8.81 -33.86
C LYS J 259 -16.49 10.19 -33.76
N ILE J 260 -15.86 11.08 -33.00
CA ILE J 260 -16.31 12.47 -32.94
C ILE J 260 -16.13 13.13 -34.29
N GLY J 261 -15.04 12.80 -34.99
CA GLY J 261 -14.82 13.35 -36.31
C GLY J 261 -15.84 12.87 -37.32
N ASN J 262 -16.21 11.59 -37.24
CA ASN J 262 -17.21 11.06 -38.15
C ASN J 262 -18.59 11.60 -37.81
N ALA J 263 -18.80 12.02 -36.57
CA ALA J 263 -20.06 12.68 -36.26
C ALA J 263 -20.10 14.09 -36.81
N LEU J 264 -18.97 14.80 -36.76
CA LEU J 264 -18.97 16.19 -37.21
C LEU J 264 -19.05 16.31 -38.72
N ARG J 265 -18.63 15.28 -39.46
CA ARG J 265 -18.72 15.34 -40.91
C ARG J 265 -20.06 14.87 -41.45
N THR J 266 -21.06 14.69 -40.60
CA THR J 266 -22.38 14.28 -41.08
C THR J 266 -23.10 15.55 -41.53
N ILE J 267 -22.77 15.98 -42.76
CA ILE J 267 -23.33 17.19 -43.33
C ILE J 267 -23.81 16.87 -44.74
N ASP J 268 -23.44 15.70 -45.25
CA ASP J 268 -23.65 15.36 -46.65
C ASP J 268 -25.10 14.96 -46.87
N THR J 269 -25.91 15.93 -47.32
CA THR J 269 -27.29 15.67 -47.68
C THR J 269 -27.51 15.75 -49.19
N TRP J 270 -26.44 15.89 -49.97
CA TRP J 270 -26.55 16.09 -51.40
C TRP J 270 -26.29 14.84 -52.22
N TYR J 271 -26.26 13.69 -51.61
CA TYR J 271 -26.09 12.45 -52.34
C TYR J 271 -27.37 12.15 -53.13
N PRO J 272 -27.25 11.48 -54.29
CA PRO J 272 -28.41 11.41 -55.21
C PRO J 272 -29.56 10.55 -54.73
N ASP J 273 -29.32 9.62 -53.80
CA ASP J 273 -30.42 8.81 -53.31
C ASP J 273 -31.30 9.64 -52.38
N GLU J 274 -32.50 9.12 -52.11
CA GLU J 274 -33.45 9.82 -51.26
C GLU J 274 -32.94 9.88 -49.82
N ASP J 275 -33.24 10.99 -49.16
CA ASP J 275 -32.73 11.22 -47.81
C ASP J 275 -33.73 10.69 -46.76
N GLY J 276 -33.97 9.39 -46.84
CA GLY J 276 -34.56 8.70 -45.70
C GLY J 276 -33.62 8.69 -44.53
N LEU J 277 -32.32 8.69 -44.80
CA LEU J 277 -31.33 8.88 -43.76
C LEU J 277 -31.27 10.33 -43.31
N GLY J 278 -31.34 11.26 -44.24
CA GLY J 278 -30.94 12.62 -43.97
C GLY J 278 -29.50 12.79 -44.35
N PRO J 279 -28.74 13.51 -43.54
CA PRO J 279 -27.32 13.70 -43.84
C PRO J 279 -26.52 12.45 -43.51
N ILE J 280 -25.49 12.19 -44.31
CA ILE J 280 -24.51 11.15 -44.01
C ILE J 280 -23.15 11.81 -43.89
N ALA J 281 -22.15 11.01 -43.55
CA ALA J 281 -20.80 11.50 -43.43
C ALA J 281 -20.22 11.78 -44.82
N VAL J 282 -19.17 12.58 -44.84
CA VAL J 282 -18.50 12.96 -46.08
C VAL J 282 -17.38 11.96 -46.35
N GLU J 283 -17.54 11.16 -47.39
CA GLU J 283 -16.48 10.29 -47.88
C GLU J 283 -16.46 10.32 -49.39
N PRO J 284 -15.29 10.17 -50.00
CA PRO J 284 -15.24 9.81 -51.42
C PRO J 284 -15.85 8.43 -51.59
N TYR J 285 -16.75 8.32 -52.56
CA TYR J 285 -17.68 7.21 -52.71
C TYR J 285 -18.47 7.02 -51.42
N GLY J 286 -19.31 8.01 -51.13
CA GLY J 286 -19.90 8.21 -49.82
C GLY J 286 -20.66 7.04 -49.27
N SER J 287 -20.03 6.36 -48.31
CA SER J 287 -20.45 5.05 -47.85
C SER J 287 -20.82 5.12 -46.38
N VAL J 288 -21.93 4.51 -46.03
CA VAL J 288 -22.40 4.48 -44.67
C VAL J 288 -22.18 3.07 -44.13
N THR J 289 -21.23 2.92 -43.21
CA THR J 289 -20.86 1.59 -42.77
C THR J 289 -21.89 0.96 -41.84
N SER J 290 -22.81 1.76 -41.30
CA SER J 290 -23.98 1.19 -40.66
C SER J 290 -24.99 0.69 -41.68
N GLN J 291 -25.05 1.34 -42.84
CA GLN J 291 -25.94 0.90 -43.90
C GLN J 291 -25.30 -0.16 -44.77
N GLY J 292 -23.97 -0.23 -44.81
CA GLY J 292 -23.28 -1.20 -45.62
C GLY J 292 -23.37 -0.95 -47.11
N LYS J 293 -23.80 0.24 -47.53
CA LYS J 293 -24.07 0.55 -48.91
C LYS J 293 -23.36 1.83 -49.31
N ALA J 294 -22.59 1.77 -50.38
CA ALA J 294 -21.77 2.90 -50.82
C ALA J 294 -22.55 3.73 -51.83
N TYR J 295 -23.12 4.84 -51.34
CA TYR J 295 -23.69 5.83 -52.23
C TYR J 295 -22.57 6.62 -52.91
N ARG J 296 -22.97 7.44 -53.88
CA ARG J 296 -22.06 8.15 -54.79
C ARG J 296 -21.11 7.17 -55.47
N GLN J 297 -21.69 6.21 -56.16
CA GLN J 297 -20.91 5.22 -56.89
C GLN J 297 -20.24 5.87 -58.09
N PRO J 298 -19.13 5.31 -58.60
CA PRO J 298 -18.48 5.95 -59.75
C PRO J 298 -19.24 5.80 -61.06
N LYS J 299 -20.25 4.93 -61.14
CA LYS J 299 -20.98 4.81 -62.39
C LYS J 299 -21.86 6.02 -62.64
N GLN J 300 -22.46 6.56 -61.60
CA GLN J 300 -22.96 7.91 -61.70
C GLN J 300 -21.78 8.85 -61.55
N LYS J 301 -21.91 10.03 -62.12
CA LYS J 301 -20.82 11.01 -62.04
C LYS J 301 -20.98 11.90 -60.81
N LEU J 302 -20.99 11.29 -59.62
CA LEU J 302 -21.24 12.08 -58.42
C LEU J 302 -20.35 11.66 -57.26
N ASP J 303 -19.23 11.01 -57.54
CA ASP J 303 -18.27 10.74 -56.48
C ASP J 303 -17.32 11.92 -56.37
N PHE J 304 -16.34 11.82 -55.47
CA PHE J 304 -15.44 12.95 -55.24
C PHE J 304 -14.41 13.09 -56.34
N TYR J 305 -13.85 11.98 -56.82
CA TYR J 305 -12.72 12.03 -57.73
C TYR J 305 -13.08 12.67 -59.05
N THR J 306 -14.13 12.17 -59.70
CA THR J 306 -14.53 12.68 -61.00
C THR J 306 -15.04 14.12 -60.90
N LEU J 307 -15.69 14.46 -59.78
CA LEU J 307 -16.10 15.84 -59.59
C LEU J 307 -14.90 16.76 -59.46
N LEU J 308 -13.83 16.31 -58.79
CA LEU J 308 -12.65 17.16 -58.68
C LEU J 308 -11.90 17.29 -60.00
N ASP J 309 -11.81 16.20 -60.78
CA ASP J 309 -11.17 16.33 -62.09
C ASP J 309 -11.98 17.19 -63.04
N ASN J 310 -13.30 17.14 -62.96
CA ASN J 310 -14.09 18.02 -63.81
C ASN J 310 -14.05 19.46 -63.31
N TRP J 311 -13.80 19.65 -62.02
CA TRP J 311 -13.75 21.02 -61.51
C TRP J 311 -12.40 21.67 -61.75
N VAL J 312 -11.34 20.87 -61.83
CA VAL J 312 -10.00 21.46 -61.96
C VAL J 312 -9.43 21.29 -63.37
N LEU J 313 -9.52 20.08 -63.93
CA LEU J 313 -8.87 19.81 -65.20
C LEU J 313 -9.65 20.43 -66.36
N ARG J 314 -10.88 19.97 -66.57
CA ARG J 314 -11.67 20.42 -67.71
C ARG J 314 -12.69 21.49 -67.31
N ASP J 315 -12.61 21.99 -66.08
CA ASP J 315 -13.25 23.24 -65.64
C ASP J 315 -14.77 23.19 -65.70
N GLU J 316 -15.36 22.00 -65.73
CA GLU J 316 -16.81 21.88 -65.62
C GLU J 316 -17.15 22.04 -64.15
N ALA J 317 -17.47 23.27 -63.77
CA ALA J 317 -17.89 23.52 -62.41
C ALA J 317 -19.27 22.91 -62.19
N PRO J 318 -19.42 21.96 -61.27
CA PRO J 318 -20.72 21.33 -61.06
C PRO J 318 -21.67 22.21 -60.27
N ALA J 319 -22.82 21.67 -59.88
CA ALA J 319 -23.78 22.37 -59.05
C ALA J 319 -23.13 22.79 -57.73
N VAL J 320 -23.69 23.84 -57.11
CA VAL J 320 -23.07 24.44 -55.94
C VAL J 320 -23.11 23.49 -54.74
N GLU J 321 -24.10 22.61 -54.72
CA GLU J 321 -24.14 21.57 -53.68
C GLU J 321 -22.99 20.60 -53.87
N GLN J 322 -22.68 20.24 -55.11
CA GLN J 322 -21.62 19.27 -55.31
C GLN J 322 -20.25 19.87 -55.06
N GLN J 323 -20.07 21.16 -55.31
CA GLN J 323 -18.81 21.73 -54.90
C GLN J 323 -18.74 22.03 -53.42
N HIS J 324 -19.89 22.19 -52.75
CA HIS J 324 -19.91 22.14 -51.29
C HIS J 324 -19.40 20.80 -50.78
N TYR J 325 -19.85 19.71 -51.41
CA TYR J 325 -19.39 18.38 -51.02
C TYR J 325 -17.91 18.18 -51.31
N VAL J 326 -17.42 18.75 -52.42
CA VAL J 326 -16.02 18.61 -52.80
C VAL J 326 -15.12 19.33 -51.81
N ILE J 327 -15.50 20.55 -51.43
CA ILE J 327 -14.72 21.28 -50.44
C ILE J 327 -14.85 20.63 -49.06
N ALA J 328 -15.99 19.97 -48.79
CA ALA J 328 -16.10 19.20 -47.55
C ALA J 328 -15.14 18.02 -47.53
N ASN J 329 -14.96 17.34 -48.67
CA ASN J 329 -13.91 16.33 -48.76
C ASN J 329 -12.53 16.91 -48.55
N LEU J 330 -12.30 18.13 -49.03
CA LEU J 330 -10.98 18.72 -48.85
C LEU J 330 -10.72 19.13 -47.41
N ILE J 331 -11.76 19.52 -46.68
CA ILE J 331 -11.61 19.77 -45.24
C ILE J 331 -11.48 18.46 -44.48
N ARG J 332 -12.09 17.40 -45.00
CA ARG J 332 -11.98 16.08 -44.37
C ARG J 332 -10.56 15.54 -44.46
N GLY J 333 -9.82 15.88 -45.50
CA GLY J 333 -8.51 15.30 -45.71
C GLY J 333 -8.62 14.02 -46.48
N GLY J 334 -7.48 13.39 -46.71
CA GLY J 334 -7.45 12.13 -47.43
C GLY J 334 -6.16 11.93 -48.18
N VAL J 335 -5.97 10.72 -48.68
CA VAL J 335 -4.82 10.35 -49.49
C VAL J 335 -5.35 9.84 -50.82
N PHE J 336 -5.16 10.63 -51.87
CA PHE J 336 -5.64 10.28 -53.20
C PHE J 336 -4.45 10.14 -54.14
N GLY J 337 -4.60 9.27 -55.13
CA GLY J 337 -3.55 9.16 -56.13
C GLY J 337 -3.53 7.79 -56.77
N GLU J 338 -3.32 7.79 -58.08
CA GLU J 338 -3.21 6.56 -58.84
C GLU J 338 -1.75 6.10 -58.82
N ALA J 339 -1.41 5.13 -59.67
CA ALA J 339 -0.03 4.70 -59.77
C ALA J 339 0.73 5.62 -60.72
N MET K 1 27.94 -23.37 -6.86
CA MET K 1 27.07 -24.53 -6.96
C MET K 1 26.70 -25.10 -5.58
N LYS K 2 27.67 -25.11 -4.65
CA LYS K 2 27.41 -25.65 -3.32
C LYS K 2 26.73 -24.59 -2.48
N ALA K 3 25.44 -24.42 -2.70
CA ALA K 3 24.66 -23.40 -2.00
C ALA K 3 24.13 -23.95 -0.68
N ALA K 4 24.01 -23.06 0.30
CA ALA K 4 23.55 -23.44 1.62
C ALA K 4 22.05 -23.22 1.75
N TYR K 5 21.37 -24.18 2.37
CA TYR K 5 19.92 -24.15 2.53
C TYR K 5 19.57 -24.46 3.97
N ILE K 6 18.42 -23.96 4.41
CA ILE K 6 17.89 -24.21 5.76
C ILE K 6 16.67 -25.10 5.61
N ILE K 7 16.61 -26.18 6.40
CA ILE K 7 15.51 -27.14 6.32
C ILE K 7 14.81 -27.17 7.67
N LYS K 8 13.58 -26.65 7.71
CA LYS K 8 12.76 -26.69 8.91
C LYS K 8 11.66 -27.69 8.70
N GLU K 9 11.36 -28.49 9.73
CA GLU K 9 10.22 -29.38 9.69
C GLU K 9 9.31 -29.03 10.86
N VAL K 10 8.17 -28.44 10.54
CA VAL K 10 7.32 -27.75 11.50
C VAL K 10 5.93 -28.34 11.45
N GLN K 11 5.05 -27.88 12.35
CA GLN K 11 3.79 -28.57 12.56
C GLN K 11 2.79 -28.32 11.45
N ASN K 12 2.54 -27.07 11.10
CA ASN K 12 1.68 -26.75 9.97
C ASN K 12 2.47 -25.85 9.04
N ILE K 13 1.78 -25.20 8.11
CA ILE K 13 2.48 -24.48 7.05
C ILE K 13 3.12 -23.20 7.60
N ASN K 14 2.61 -22.69 8.73
CA ASN K 14 3.00 -21.36 9.18
C ASN K 14 3.71 -21.36 10.53
N SER K 15 4.31 -22.47 10.95
CA SER K 15 4.96 -22.53 12.26
C SER K 15 6.46 -22.41 12.13
N GLU K 16 7.11 -21.78 13.10
CA GLU K 16 8.55 -21.53 13.00
C GLU K 16 9.34 -22.22 14.10
N ARG K 17 10.33 -23.01 13.69
CA ARG K 17 11.38 -23.50 14.59
C ARG K 17 12.71 -22.96 14.10
N GLU K 18 13.79 -23.45 14.70
CA GLU K 18 15.05 -23.52 13.97
C GLU K 18 15.15 -24.83 13.21
N GLY K 19 15.68 -24.73 12.00
CA GLY K 19 15.92 -25.90 11.20
C GLY K 19 17.39 -26.05 10.92
N THR K 20 17.80 -27.28 10.63
CA THR K 20 19.18 -27.57 10.34
C THR K 20 19.58 -27.00 8.99
N GLN K 21 20.88 -26.82 8.82
CA GLN K 21 21.45 -26.28 7.59
C GLN K 21 22.09 -27.41 6.81
N ILE K 22 21.82 -27.46 5.51
CA ILE K 22 22.53 -28.37 4.62
C ILE K 22 23.33 -27.53 3.64
N GLU K 23 24.03 -28.22 2.75
CA GLU K 23 24.69 -27.61 1.60
C GLU K 23 24.43 -28.51 0.40
N ALA K 24 23.75 -27.97 -0.61
CA ALA K 24 23.31 -28.80 -1.72
C ALA K 24 23.66 -28.13 -3.04
N THR K 25 23.64 -28.94 -4.10
CA THR K 25 23.93 -28.43 -5.43
C THR K 25 22.75 -27.65 -5.99
N SER K 26 21.56 -28.25 -5.99
CA SER K 26 20.39 -27.64 -6.58
C SER K 26 19.22 -27.73 -5.61
N LEU K 27 18.18 -26.97 -5.91
CA LEU K 27 16.98 -27.01 -5.07
C LEU K 27 16.27 -28.35 -5.18
N SER K 28 16.34 -28.99 -6.34
CA SER K 28 15.84 -30.35 -6.47
C SER K 28 16.67 -31.35 -5.69
N GLN K 29 17.92 -31.02 -5.38
CA GLN K 29 18.68 -31.85 -4.45
C GLN K 29 18.25 -31.61 -3.02
N ALA K 30 17.95 -30.36 -2.67
CA ALA K 30 17.49 -30.04 -1.32
C ALA K 30 16.08 -30.55 -1.06
N LYS K 31 15.27 -30.69 -2.10
CA LYS K 31 13.97 -31.34 -1.92
C LYS K 31 14.15 -32.82 -1.62
N ARG K 32 15.26 -33.39 -2.05
CA ARG K 32 15.47 -34.83 -1.89
C ARG K 32 16.18 -35.11 -0.57
N ILE K 33 16.97 -34.16 -0.08
CA ILE K 33 17.59 -34.31 1.23
C ILE K 33 16.57 -34.12 2.33
N ALA K 34 15.67 -33.15 2.17
CA ALA K 34 14.72 -32.81 3.22
C ALA K 34 13.67 -33.89 3.39
N SER K 35 13.30 -34.58 2.30
CA SER K 35 12.36 -35.68 2.43
C SER K 35 12.95 -36.87 3.15
N LYS K 36 14.28 -37.03 3.10
CA LYS K 36 14.93 -38.04 3.92
C LYS K 36 14.99 -37.64 5.38
N GLU K 37 15.24 -36.37 5.68
CA GLU K 37 15.39 -35.92 7.07
C GLU K 37 14.07 -35.39 7.61
N GLN K 38 13.03 -36.20 7.52
CA GLN K 38 11.76 -35.89 8.16
C GLN K 38 11.56 -36.86 9.30
N CYS K 39 11.57 -36.35 10.53
CA CYS K 39 11.51 -37.22 11.69
C CYS K 39 10.10 -37.75 11.92
N PHE K 40 9.10 -36.87 11.85
CA PHE K 40 7.77 -37.21 12.31
C PHE K 40 6.81 -37.32 11.14
N HIS K 41 5.58 -37.77 11.44
CA HIS K 41 4.63 -38.05 10.37
C HIS K 41 3.88 -36.81 9.92
N GLY K 42 3.10 -36.20 10.81
CA GLY K 42 2.24 -35.11 10.38
C GLY K 42 2.88 -33.74 10.43
N THR K 43 4.05 -33.60 9.84
CA THR K 43 4.77 -32.33 9.81
C THR K 43 4.90 -31.84 8.38
N VAL K 44 5.36 -30.60 8.25
CA VAL K 44 5.47 -29.91 6.98
C VAL K 44 6.88 -29.38 6.84
N MET K 45 7.60 -29.84 5.81
CA MET K 45 8.94 -29.35 5.53
C MET K 45 8.89 -27.95 4.95
N ARG K 46 10.03 -27.27 4.97
CA ARG K 46 10.19 -26.02 4.25
C ARG K 46 11.67 -25.77 4.02
N ILE K 47 11.99 -25.17 2.88
CA ILE K 47 13.36 -24.88 2.48
C ILE K 47 13.55 -23.37 2.44
N GLU K 48 14.62 -22.90 3.06
CA GLU K 48 14.91 -21.48 3.20
C GLU K 48 16.31 -21.13 2.69
N THR K 49 16.49 -19.85 2.39
CA THR K 49 17.82 -19.28 2.28
C THR K 49 18.35 -18.98 3.68
N VAL K 50 19.51 -18.35 3.75
CA VAL K 50 20.10 -18.07 5.06
C VAL K 50 19.54 -16.78 5.64
N ASN K 51 18.85 -15.99 4.84
CA ASN K 51 18.31 -14.73 5.33
C ASN K 51 16.85 -14.84 5.75
N GLY K 52 16.14 -15.85 5.28
CA GLY K 52 14.75 -16.03 5.63
C GLY K 52 13.80 -16.11 4.44
N LEU K 53 14.28 -15.94 3.22
CA LEU K 53 13.40 -16.00 2.07
C LEU K 53 13.00 -17.45 1.80
N TRP K 54 11.74 -17.66 1.43
CA TRP K 54 11.24 -19.01 1.24
C TRP K 54 11.74 -19.59 -0.06
N LEU K 55 11.75 -20.91 -0.15
CA LEU K 55 11.95 -21.58 -1.43
C LEU K 55 10.83 -22.53 -1.78
N ALA K 56 10.48 -23.47 -0.90
CA ALA K 56 9.42 -24.43 -1.18
C ALA K 56 8.99 -25.05 0.15
N TYR K 57 7.79 -25.60 0.18
CA TYR K 57 7.34 -26.38 1.32
C TYR K 57 6.56 -27.59 0.80
N LYS K 58 6.24 -28.51 1.69
CA LYS K 58 5.57 -29.74 1.31
C LYS K 58 4.83 -30.29 2.50
N GLU K 59 3.50 -30.32 2.42
CA GLU K 59 2.71 -30.98 3.44
C GLU K 59 2.86 -32.49 3.29
N ASP K 60 2.49 -33.21 4.34
CA ASP K 60 2.60 -34.67 4.29
C ASP K 60 1.48 -35.23 3.44
N GLY K 61 1.84 -36.10 2.50
CA GLY K 61 0.88 -36.72 1.61
C GLY K 61 0.63 -35.97 0.33
N LYS K 62 1.04 -34.72 0.24
CA LYS K 62 0.89 -33.92 -0.96
C LYS K 62 2.27 -33.75 -1.60
N ARG K 63 2.32 -32.99 -2.70
CA ARG K 63 3.60 -32.76 -3.34
C ARG K 63 4.07 -31.33 -3.11
N TRP K 64 5.27 -31.04 -3.61
CA TRP K 64 6.00 -29.84 -3.24
C TRP K 64 5.35 -28.60 -3.84
N VAL K 65 4.77 -27.76 -2.99
CA VAL K 65 4.32 -26.44 -3.39
C VAL K 65 5.53 -25.54 -3.45
N ASP K 66 5.70 -24.83 -4.57
CA ASP K 66 6.90 -24.08 -4.86
C ASP K 66 6.59 -22.59 -5.02
N CYS K 67 6.84 -21.81 -3.98
CA CYS K 67 6.79 -20.36 -4.04
C CYS K 67 8.18 -19.81 -3.78
N GLN K 68 8.71 -19.03 -4.73
CA GLN K 68 10.15 -18.76 -4.86
C GLN K 68 11.00 -20.02 -4.78
N MET L 1 -3.37 -42.50 -33.79
CA MET L 1 -4.02 -41.80 -34.89
C MET L 1 -5.44 -41.35 -34.52
N LYS L 2 -6.18 -42.16 -33.78
CA LYS L 2 -7.54 -41.81 -33.40
C LYS L 2 -7.51 -40.90 -32.19
N ALA L 3 -7.20 -39.63 -32.42
CA ALA L 3 -7.07 -38.65 -31.37
C ALA L 3 -8.43 -38.03 -31.05
N ALA L 4 -8.62 -37.67 -29.79
CA ALA L 4 -9.88 -37.09 -29.34
C ALA L 4 -9.80 -35.58 -29.36
N TYR L 5 -10.88 -34.95 -29.82
CA TYR L 5 -10.96 -33.51 -29.95
C TYR L 5 -12.27 -33.01 -29.36
N ILE L 6 -12.26 -31.76 -28.90
CA ILE L 6 -13.45 -31.11 -28.36
C ILE L 6 -13.88 -30.04 -29.35
N ILE L 7 -15.17 -30.01 -29.68
CA ILE L 7 -15.70 -29.06 -30.66
C ILE L 7 -16.75 -28.19 -29.97
N LYS L 8 -16.43 -26.92 -29.77
CA LYS L 8 -17.36 -25.96 -29.19
C LYS L 8 -17.82 -25.02 -30.28
N GLU L 9 -19.11 -24.71 -30.30
CA GLU L 9 -19.62 -23.70 -31.21
C GLU L 9 -20.30 -22.61 -30.38
N VAL L 10 -19.65 -21.46 -30.33
CA VAL L 10 -19.93 -20.42 -29.36
C VAL L 10 -20.25 -19.12 -30.10
N GLN L 11 -20.63 -18.10 -29.34
CA GLN L 11 -21.21 -16.91 -29.96
C GLN L 11 -20.18 -16.03 -30.65
N ASN L 12 -19.11 -15.67 -29.96
CA ASN L 12 -18.02 -14.93 -30.58
C ASN L 12 -16.74 -15.72 -30.33
N ILE L 13 -15.59 -15.08 -30.54
CA ILE L 13 -14.33 -15.81 -30.53
C ILE L 13 -13.95 -16.21 -29.10
N ASN L 14 -14.48 -15.51 -28.10
CA ASN L 14 -14.00 -15.66 -26.73
C ASN L 14 -15.06 -16.17 -25.76
N SER L 15 -16.09 -16.86 -26.23
CA SER L 15 -17.14 -17.33 -25.34
C SER L 15 -17.00 -18.81 -25.07
N GLU L 16 -17.36 -19.24 -23.86
CA GLU L 16 -17.14 -20.64 -23.47
C GLU L 16 -18.45 -21.35 -23.17
N ARG L 17 -18.66 -22.49 -23.84
CA ARG L 17 -19.68 -23.46 -23.47
C ARG L 17 -18.98 -24.77 -23.13
N GLU L 18 -19.77 -25.82 -22.93
CA GLU L 18 -19.28 -27.16 -23.21
C GLU L 18 -19.53 -27.53 -24.66
N GLY L 19 -18.55 -28.19 -25.25
CA GLY L 19 -18.68 -28.68 -26.59
C GLY L 19 -18.59 -30.18 -26.61
N THR L 20 -19.15 -30.76 -27.66
CA THR L 20 -19.14 -32.20 -27.81
C THR L 20 -17.75 -32.70 -28.15
N GLN L 21 -17.52 -33.97 -27.89
CA GLN L 21 -16.25 -34.63 -28.14
C GLN L 21 -16.37 -35.50 -29.38
N ILE L 22 -15.41 -35.41 -30.28
CA ILE L 22 -15.31 -36.34 -31.40
C ILE L 22 -14.03 -37.15 -31.22
N GLU L 23 -13.80 -38.04 -32.17
CA GLU L 23 -12.54 -38.75 -32.31
C GLU L 23 -12.18 -38.77 -33.78
N ALA L 24 -11.05 -38.16 -34.13
CA ALA L 24 -10.71 -37.97 -35.54
C ALA L 24 -9.27 -38.40 -35.79
N THR L 25 -8.98 -38.62 -37.07
CA THR L 25 -7.63 -39.01 -37.46
C THR L 25 -6.68 -37.83 -37.44
N SER L 26 -7.05 -36.74 -38.10
CA SER L 26 -6.17 -35.58 -38.22
C SER L 26 -6.96 -34.32 -37.88
N LEU L 27 -6.23 -33.23 -37.69
CA LEU L 27 -6.88 -31.95 -37.41
C LEU L 27 -7.64 -31.45 -38.63
N SER L 28 -7.14 -31.74 -39.82
CA SER L 28 -7.90 -31.43 -41.02
C SER L 28 -9.15 -32.28 -41.15
N GLN L 29 -9.21 -33.42 -40.48
CA GLN L 29 -10.46 -34.16 -40.40
C GLN L 29 -11.41 -33.52 -39.39
N ALA L 30 -10.87 -33.03 -38.27
CA ALA L 30 -11.71 -32.37 -37.28
C ALA L 30 -12.20 -31.02 -37.75
N LYS L 31 -11.48 -30.35 -38.66
CA LYS L 31 -12.01 -29.15 -39.27
C LYS L 31 -13.18 -29.46 -40.18
N ARG L 32 -13.23 -30.68 -40.70
CA ARG L 32 -14.28 -31.05 -41.63
C ARG L 32 -15.49 -31.62 -40.90
N ILE L 33 -15.27 -32.21 -39.73
CA ILE L 33 -16.38 -32.68 -38.90
C ILE L 33 -17.10 -31.50 -38.26
N ALA L 34 -16.33 -30.51 -37.79
CA ALA L 34 -16.91 -29.40 -37.05
C ALA L 34 -17.72 -28.48 -37.95
N SER L 35 -17.31 -28.35 -39.21
CA SER L 35 -18.09 -27.54 -40.15
C SER L 35 -19.41 -28.20 -40.50
N LYS L 36 -19.50 -29.52 -40.40
CA LYS L 36 -20.79 -30.19 -40.55
C LYS L 36 -21.66 -30.01 -39.31
N GLU L 37 -21.09 -30.05 -38.12
CA GLU L 37 -21.87 -29.95 -36.89
C GLU L 37 -21.93 -28.52 -36.38
N GLN L 38 -22.36 -27.61 -37.24
CA GLN L 38 -22.62 -26.24 -36.84
C GLN L 38 -24.12 -26.02 -36.90
N CYS L 39 -24.74 -25.82 -35.74
CA CYS L 39 -26.19 -25.72 -35.69
C CYS L 39 -26.68 -24.37 -36.19
N PHE L 40 -26.06 -23.28 -35.76
CA PHE L 40 -26.60 -21.96 -35.96
C PHE L 40 -25.74 -21.17 -36.95
N HIS L 41 -26.24 -19.99 -37.33
CA HIS L 41 -25.58 -19.22 -38.38
C HIS L 41 -24.42 -18.39 -37.85
N GLY L 42 -24.70 -17.43 -36.98
CA GLY L 42 -23.67 -16.50 -36.57
C GLY L 42 -22.84 -16.95 -35.39
N THR L 43 -22.33 -18.16 -35.43
CA THR L 43 -21.51 -18.70 -34.36
C THR L 43 -20.10 -18.95 -34.85
N VAL L 44 -19.22 -19.27 -33.91
CA VAL L 44 -17.79 -19.44 -34.16
C VAL L 44 -17.37 -20.80 -33.59
N MET L 45 -16.88 -21.69 -34.45
CA MET L 45 -16.39 -22.97 -34.01
C MET L 45 -15.05 -22.82 -33.32
N ARG L 46 -14.64 -23.85 -32.59
CA ARG L 46 -13.29 -23.95 -32.06
C ARG L 46 -12.99 -25.40 -31.74
N ILE L 47 -11.73 -25.79 -31.94
CA ILE L 47 -11.26 -27.16 -31.72
C ILE L 47 -10.28 -27.16 -30.57
N GLU L 48 -10.48 -28.07 -29.63
CA GLU L 48 -9.68 -28.16 -28.41
C GLU L 48 -9.10 -29.55 -28.21
N THR L 49 -8.05 -29.59 -27.40
CA THR L 49 -7.63 -30.84 -26.79
C THR L 49 -8.52 -31.14 -25.59
N VAL L 50 -8.20 -32.20 -24.86
CA VAL L 50 -9.03 -32.58 -23.73
C VAL L 50 -8.66 -31.79 -22.48
N ASN L 51 -7.52 -31.11 -22.51
CA ASN L 51 -7.08 -30.36 -21.34
C ASN L 51 -7.46 -28.89 -21.42
N GLY L 52 -7.73 -28.38 -22.62
CA GLY L 52 -8.08 -26.98 -22.78
C GLY L 52 -7.20 -26.22 -23.76
N LEU L 53 -6.16 -26.82 -24.30
CA LEU L 53 -5.29 -26.11 -25.23
C LEU L 53 -5.99 -25.94 -26.57
N TRP L 54 -5.82 -24.78 -27.18
CA TRP L 54 -6.53 -24.47 -28.42
C TRP L 54 -5.91 -25.21 -29.58
N LEU L 55 -6.69 -25.40 -30.64
CA LEU L 55 -6.12 -25.84 -31.91
C LEU L 55 -6.43 -24.91 -33.06
N ALA L 56 -7.71 -24.58 -33.28
CA ALA L 56 -8.10 -23.69 -34.38
C ALA L 56 -9.49 -23.18 -34.10
N TYR L 57 -9.85 -22.06 -34.72
CA TYR L 57 -11.22 -21.57 -34.68
C TYR L 57 -11.57 -21.03 -36.05
N LYS L 58 -12.84 -20.72 -36.25
CA LYS L 58 -13.32 -20.26 -37.56
C LYS L 58 -14.57 -19.44 -37.37
N GLU L 59 -14.50 -18.15 -37.67
CA GLU L 59 -15.69 -17.33 -37.69
C GLU L 59 -16.55 -17.68 -38.90
N ASP L 60 -17.81 -17.29 -38.86
CA ASP L 60 -18.70 -17.58 -39.97
C ASP L 60 -18.39 -16.66 -41.14
N GLY L 61 -18.22 -17.25 -42.32
CA GLY L 61 -17.92 -16.50 -43.51
C GLY L 61 -16.44 -16.32 -43.80
N LYS L 62 -15.58 -16.57 -42.82
CA LYS L 62 -14.14 -16.48 -42.98
C LYS L 62 -13.57 -17.89 -43.01
N ARG L 63 -12.25 -17.99 -43.12
CA ARG L 63 -11.63 -19.30 -43.11
C ARG L 63 -10.90 -19.56 -41.79
N TRP L 64 -10.36 -20.76 -41.67
CA TRP L 64 -9.88 -21.29 -40.39
C TRP L 64 -8.62 -20.56 -39.94
N VAL L 65 -8.73 -19.77 -38.88
CA VAL L 65 -7.56 -19.21 -38.21
C VAL L 65 -6.96 -20.29 -37.33
N ASP L 66 -5.67 -20.51 -37.47
CA ASP L 66 -4.98 -21.65 -36.86
C ASP L 66 -3.90 -21.18 -35.89
N CYS L 67 -4.22 -21.18 -34.61
CA CYS L 67 -3.24 -20.95 -33.54
C CYS L 67 -3.12 -22.21 -32.70
N GLN L 68 -1.89 -22.75 -32.63
CA GLN L 68 -1.65 -24.15 -32.24
C GLN L 68 -2.54 -25.15 -32.99
#